data_7EZJ
#
_entry.id   7EZJ
#
_cell.length_a   139.697
_cell.length_b   105.496
_cell.length_c   155.504
_cell.angle_alpha   90.000
_cell.angle_beta   112.360
_cell.angle_gamma   90.000
#
_symmetry.space_group_name_H-M   'P 1 21 1'
#
loop_
_entity.id
_entity.type
_entity.pdbx_description
1 polymer 'Tumor protein p73'
2 polymer '12-mer DNA'
3 non-polymer 'ZINC ION'
4 water water
#
loop_
_entity_poly.entity_id
_entity_poly.type
_entity_poly.pdbx_seq_one_letter_code
_entity_poly.pdbx_strand_id
1 'polypeptide(L)'
;MGHHHHHHHHEFIPSNTDYPGPHHFEVTFQQSSTAKSATWTYSPLLKKLYCQIAKTCPIQIKVSTPPPPGTAIRAMPVYK
KAEHVTDVVKRCPNHELGRDFNEGQSAPASHLIRVEGNNLSQYVDDPVTGRQSVVVPYEPPQVGTEFTTILYNFMCNSSC
VGGMNRRPILIIITLEMRDGQVLGRRSFEGRICACPGRDRKADEDHYREQ
;
A,B,C,D,I,J,K,L,a,b,c,d,i,j,k,l
2 'polydeoxyribonucleotide' (DC)(DA)(DG)(DG)(DC)(DA)(DT)(DG)(DC)(DC)(DT)(DG) E,F,G,H,M,N,O,P,e,f,g,h,m,n,o,p
#
loop_
_chem_comp.id
_chem_comp.type
_chem_comp.name
_chem_comp.formula
DA DNA linking 2'-DEOXYADENOSINE-5'-MONOPHOSPHATE 'C10 H14 N5 O6 P'
DC DNA linking 2'-DEOXYCYTIDINE-5'-MONOPHOSPHATE 'C9 H14 N3 O7 P'
DG DNA linking 2'-DEOXYGUANOSINE-5'-MONOPHOSPHATE 'C10 H14 N5 O7 P'
DT DNA linking THYMIDINE-5'-MONOPHOSPHATE 'C10 H15 N2 O8 P'
ZN non-polymer 'ZINC ION' 'Zn 2'
#
# COMPACT_ATOMS: atom_id res chain seq x y z
N HIS A 9 -17.18 -28.56 33.52
CA HIS A 9 -17.32 -27.49 32.55
C HIS A 9 -18.32 -26.44 33.00
N HIS A 10 -18.33 -25.29 32.32
CA HIS A 10 -19.25 -24.21 32.69
C HIS A 10 -20.18 -23.87 31.54
N GLU A 11 -21.47 -23.79 31.81
CA GLU A 11 -22.43 -23.42 30.77
C GLU A 11 -23.15 -22.16 31.18
N PHE A 12 -23.22 -21.18 30.28
CA PHE A 12 -23.89 -19.92 30.60
C PHE A 12 -25.37 -19.97 30.30
N ILE A 13 -25.78 -20.76 29.31
CA ILE A 13 -27.20 -20.91 29.00
C ILE A 13 -27.65 -22.35 29.38
N PRO A 14 -28.12 -22.57 30.64
CA PRO A 14 -28.45 -23.97 30.96
C PRO A 14 -29.66 -24.42 30.16
N SER A 15 -29.50 -25.47 29.37
CA SER A 15 -30.62 -25.93 28.54
C SER A 15 -31.65 -26.63 29.41
N ASN A 16 -32.92 -26.35 29.14
CA ASN A 16 -34.00 -27.01 29.84
C ASN A 16 -34.65 -28.10 29.00
N THR A 17 -33.92 -28.68 28.04
CA THR A 17 -34.50 -29.63 27.10
C THR A 17 -34.59 -30.97 27.81
N ASP A 18 -35.81 -31.52 27.93
CA ASP A 18 -36.02 -32.77 28.67
C ASP A 18 -35.17 -33.88 28.09
N TYR A 19 -34.49 -34.61 28.96
CA TYR A 19 -33.62 -35.69 28.50
C TYR A 19 -33.61 -36.82 29.52
N PRO A 20 -34.26 -37.96 29.22
CA PRO A 20 -34.33 -39.02 30.23
C PRO A 20 -33.00 -39.71 30.47
N GLY A 21 -32.29 -40.02 29.39
CA GLY A 21 -30.98 -40.63 29.51
C GLY A 21 -31.06 -42.12 29.68
N PRO A 22 -29.90 -42.72 29.95
CA PRO A 22 -29.83 -44.19 30.02
C PRO A 22 -30.52 -44.73 31.23
N HIS A 23 -30.77 -43.90 32.24
CA HIS A 23 -31.41 -44.33 33.47
C HIS A 23 -32.89 -43.96 33.52
N HIS A 24 -33.45 -43.46 32.41
CA HIS A 24 -34.88 -43.17 32.30
C HIS A 24 -35.34 -42.23 33.41
N PHE A 25 -34.62 -41.13 33.53
CA PHE A 25 -34.83 -40.16 34.58
C PHE A 25 -36.20 -39.48 34.44
N GLU A 26 -37.02 -39.58 35.50
CA GLU A 26 -38.38 -39.05 35.50
C GLU A 26 -38.61 -38.24 36.77
N VAL A 27 -39.33 -37.13 36.63
CA VAL A 27 -39.58 -36.20 37.73
C VAL A 27 -41.06 -35.95 37.76
N THR A 28 -41.71 -36.37 38.84
CA THR A 28 -43.16 -36.34 38.94
C THR A 28 -43.52 -35.72 40.27
N PHE A 29 -44.81 -35.44 40.46
CA PHE A 29 -45.29 -34.84 41.69
C PHE A 29 -46.44 -35.65 42.25
N GLN A 30 -46.46 -35.76 43.58
CA GLN A 30 -47.53 -36.47 44.25
C GLN A 30 -48.83 -35.66 44.19
N GLN A 31 -49.90 -36.28 44.70
CA GLN A 31 -51.19 -35.60 44.75
C GLN A 31 -51.12 -34.39 45.65
N SER A 32 -51.71 -33.29 45.18
CA SER A 32 -51.67 -32.01 45.88
C SER A 32 -53.07 -31.53 46.23
N SER A 33 -53.16 -30.81 47.34
CA SER A 33 -54.43 -30.22 47.72
C SER A 33 -54.84 -29.17 46.70
N THR A 34 -56.14 -29.09 46.45
CA THR A 34 -56.67 -28.12 45.51
C THR A 34 -57.09 -26.82 46.19
N ALA A 35 -56.84 -26.71 47.50
CA ALA A 35 -57.17 -25.52 48.28
C ALA A 35 -56.53 -24.25 47.70
N LYS A 36 -57.28 -23.15 47.77
CA LYS A 36 -56.88 -21.89 47.15
C LYS A 36 -55.45 -21.51 47.52
N SER A 37 -55.18 -21.48 48.82
CA SER A 37 -53.91 -20.99 49.37
C SER A 37 -53.12 -22.13 50.00
N ALA A 38 -53.15 -23.29 49.34
CA ALA A 38 -52.41 -24.49 49.72
C ALA A 38 -50.90 -24.29 49.58
N THR A 39 -50.11 -25.12 50.28
CA THR A 39 -48.67 -24.87 50.33
C THR A 39 -48.00 -25.15 49.00
N TRP A 40 -48.62 -26.03 48.22
CA TRP A 40 -48.16 -26.29 46.91
C TRP A 40 -49.09 -27.14 46.09
N THR A 41 -49.20 -26.83 44.81
CA THR A 41 -49.96 -27.66 43.90
C THR A 41 -49.17 -27.76 42.61
N TYR A 42 -49.42 -28.84 41.85
CA TYR A 42 -48.72 -29.08 40.60
C TYR A 42 -49.75 -29.29 39.51
N SER A 43 -49.55 -28.60 38.39
CA SER A 43 -50.42 -28.75 37.23
C SER A 43 -49.71 -29.56 36.14
N PRO A 44 -49.97 -30.87 36.04
CA PRO A 44 -49.38 -31.63 34.93
C PRO A 44 -49.89 -31.20 33.58
N LEU A 45 -51.12 -30.66 33.47
CA LEU A 45 -51.59 -30.07 32.22
C LEU A 45 -50.64 -29.00 31.69
N LEU A 46 -49.93 -28.32 32.57
CA LEU A 46 -49.11 -27.19 32.20
C LEU A 46 -47.66 -27.42 32.55
N LYS A 47 -47.34 -28.55 33.17
CA LYS A 47 -46.02 -28.83 33.73
C LYS A 47 -45.52 -27.61 34.52
N LYS A 48 -46.37 -27.14 35.44
CA LYS A 48 -46.14 -25.92 36.21
C LYS A 48 -46.34 -26.21 37.69
N LEU A 49 -45.33 -25.88 38.48
CA LEU A 49 -45.35 -26.07 39.92
C LEU A 49 -45.69 -24.76 40.60
N TYR A 50 -46.73 -24.80 41.41
CA TYR A 50 -47.19 -23.67 42.18
C TYR A 50 -46.83 -23.91 43.64
N CYS A 51 -46.04 -23.03 44.22
CA CYS A 51 -45.74 -23.26 45.63
C CYS A 51 -45.54 -21.94 46.37
N GLN A 52 -45.70 -22.02 47.68
CA GLN A 52 -45.57 -20.84 48.51
C GLN A 52 -44.12 -20.67 48.94
N ILE A 53 -43.81 -19.43 49.30
CA ILE A 53 -42.45 -19.12 49.71
C ILE A 53 -42.08 -19.88 50.97
N ALA A 54 -40.90 -20.50 50.94
CA ALA A 54 -40.28 -21.15 52.09
C ALA A 54 -41.08 -22.32 52.63
N LYS A 55 -41.95 -22.92 51.83
CA LYS A 55 -42.66 -24.11 52.29
C LYS A 55 -42.06 -25.37 51.67
N THR A 56 -42.34 -26.46 52.32
CA THR A 56 -41.73 -27.72 51.97
C THR A 56 -42.40 -28.25 50.67
N CYS A 57 -41.61 -28.40 49.58
CA CYS A 57 -42.13 -28.91 48.32
C CYS A 57 -41.49 -30.21 47.94
N PRO A 58 -42.18 -31.33 48.13
CA PRO A 58 -41.57 -32.64 47.75
C PRO A 58 -41.47 -32.79 46.23
N ILE A 59 -40.34 -33.26 45.77
CA ILE A 59 -40.12 -33.64 44.40
C ILE A 59 -39.90 -35.15 44.34
N GLN A 60 -40.37 -35.83 43.25
CA GLN A 60 -40.23 -37.26 43.07
C GLN A 60 -39.20 -37.59 41.99
N ILE A 61 -38.15 -38.31 42.38
CA ILE A 61 -37.11 -38.82 41.49
C ILE A 61 -37.34 -40.29 41.20
N LYS A 62 -37.30 -40.66 39.92
CA LYS A 62 -37.49 -42.05 39.54
C LYS A 62 -36.55 -42.43 38.40
N VAL A 63 -36.00 -43.65 38.49
CA VAL A 63 -35.11 -44.21 37.48
C VAL A 63 -35.33 -45.71 37.37
N SER A 64 -35.19 -46.19 36.14
CA SER A 64 -35.36 -47.60 35.82
C SER A 64 -34.12 -48.41 36.13
N THR A 65 -32.95 -47.77 36.19
CA THR A 65 -31.74 -48.50 36.46
C THR A 65 -31.02 -47.69 37.53
N PRO A 66 -30.48 -48.31 38.58
CA PRO A 66 -29.65 -47.55 39.55
C PRO A 66 -28.51 -46.83 38.85
N PRO A 67 -28.23 -45.59 39.23
CA PRO A 67 -27.13 -44.83 38.58
C PRO A 67 -25.78 -45.10 39.22
N PRO A 68 -24.70 -44.73 38.53
CA PRO A 68 -23.32 -45.01 39.00
C PRO A 68 -23.05 -44.40 40.37
N PRO A 69 -21.92 -44.67 40.98
CA PRO A 69 -21.59 -44.03 42.27
C PRO A 69 -21.19 -42.59 42.05
N GLY A 70 -21.26 -41.82 43.13
CA GLY A 70 -20.93 -40.41 43.08
C GLY A 70 -21.87 -39.60 42.23
N THR A 71 -22.97 -40.21 41.81
CA THR A 71 -23.97 -39.51 41.01
C THR A 71 -24.71 -38.57 41.95
N ALA A 72 -25.12 -37.40 41.44
CA ALA A 72 -25.93 -36.49 42.23
C ALA A 72 -27.06 -35.90 41.38
N ILE A 73 -27.96 -35.17 42.06
CA ILE A 73 -29.01 -34.43 41.37
C ILE A 73 -28.86 -32.96 41.73
N ARG A 74 -28.81 -32.13 40.71
CA ARG A 74 -28.62 -30.70 40.84
C ARG A 74 -29.93 -29.98 40.47
N ALA A 75 -30.20 -28.90 41.20
CA ALA A 75 -31.42 -28.11 41.09
C ALA A 75 -30.99 -26.66 40.97
N MET A 76 -31.23 -26.06 39.78
CA MET A 76 -30.95 -24.67 39.40
C MET A 76 -32.13 -24.00 38.72
N PRO A 77 -32.46 -22.76 39.08
CA PRO A 77 -33.50 -22.02 38.38
C PRO A 77 -32.96 -21.22 37.21
N VAL A 78 -33.82 -21.04 36.23
CA VAL A 78 -33.52 -20.18 35.08
C VAL A 78 -34.82 -19.49 34.68
N TYR A 79 -34.67 -18.27 34.18
CA TYR A 79 -35.82 -17.56 33.64
C TYR A 79 -36.33 -18.26 32.39
N LYS A 80 -37.65 -18.37 32.29
CA LYS A 80 -38.20 -19.13 31.17
C LYS A 80 -37.99 -18.37 29.87
N LYS A 81 -38.18 -17.06 29.88
CA LYS A 81 -38.24 -16.30 28.64
C LYS A 81 -36.82 -15.86 28.24
N ALA A 82 -36.50 -16.02 26.95
CA ALA A 82 -35.13 -15.76 26.50
C ALA A 82 -34.71 -14.33 26.77
N GLU A 83 -35.65 -13.42 26.81
CA GLU A 83 -35.27 -12.08 27.03
C GLU A 83 -34.57 -11.89 28.33
N HIS A 84 -34.70 -12.85 29.24
CA HIS A 84 -34.10 -12.72 30.56
C HIS A 84 -33.28 -13.94 30.91
N VAL A 85 -33.10 -14.84 29.95
CA VAL A 85 -32.39 -16.09 30.25
C VAL A 85 -30.98 -15.86 30.81
N THR A 86 -30.32 -14.78 30.39
CA THR A 86 -28.97 -14.53 30.86
C THR A 86 -28.90 -14.14 32.34
N ASP A 87 -29.99 -13.61 32.89
CA ASP A 87 -29.94 -13.14 34.28
C ASP A 87 -29.92 -14.33 35.24
N VAL A 88 -28.93 -14.33 36.14
CA VAL A 88 -28.81 -15.40 37.13
C VAL A 88 -29.98 -15.27 38.08
N VAL A 89 -30.69 -16.35 38.35
CA VAL A 89 -31.83 -16.24 39.28
C VAL A 89 -31.30 -16.26 40.71
N LYS A 90 -31.66 -15.23 41.48
CA LYS A 90 -31.22 -15.09 42.87
C LYS A 90 -32.41 -14.59 43.68
N ARG A 91 -32.17 -14.34 44.95
CA ARG A 91 -33.19 -13.75 45.80
C ARG A 91 -33.25 -12.23 45.64
N CYS A 92 -34.42 -11.68 45.95
CA CYS A 92 -34.55 -10.24 45.99
C CYS A 92 -33.79 -9.69 47.19
N PRO A 93 -33.27 -8.48 47.06
CA PRO A 93 -32.55 -7.86 48.18
C PRO A 93 -33.31 -7.86 49.50
N ASN A 94 -34.61 -7.52 49.53
CA ASN A 94 -35.41 -7.68 50.76
C ASN A 94 -35.17 -9.01 51.46
N HIS A 95 -35.47 -10.13 50.79
CA HIS A 95 -35.42 -11.39 51.51
C HIS A 95 -33.99 -11.82 51.81
N GLU A 96 -33.04 -11.48 50.93
CA GLU A 96 -31.64 -11.85 51.16
C GLU A 96 -31.12 -11.32 52.49
N LEU A 97 -31.38 -10.04 52.75
CA LEU A 97 -30.95 -9.42 54.00
C LEU A 97 -32.06 -9.38 55.04
N GLY A 98 -33.17 -10.04 54.78
CA GLY A 98 -34.24 -10.08 55.73
C GLY A 98 -33.86 -10.85 56.98
N ARG A 99 -34.79 -10.85 57.92
CA ARG A 99 -34.63 -11.58 59.17
C ARG A 99 -35.30 -12.96 59.13
N ASP A 100 -36.14 -13.22 58.12
CA ASP A 100 -36.89 -14.47 58.01
C ASP A 100 -36.12 -15.51 57.20
N PHE A 101 -36.08 -16.74 57.71
CA PHE A 101 -35.45 -17.92 57.07
C PHE A 101 -34.00 -17.61 56.67
N ASN A 102 -33.29 -16.87 57.51
CA ASN A 102 -31.87 -16.54 57.21
C ASN A 102 -31.05 -16.60 58.49
N GLU A 103 -31.73 -16.71 59.64
CA GLU A 103 -31.02 -16.77 60.93
C GLU A 103 -30.38 -18.14 61.12
N GLY A 104 -29.06 -18.22 61.02
CA GLY A 104 -28.36 -19.46 61.27
C GLY A 104 -28.49 -20.48 60.16
N GLN A 105 -28.59 -20.06 58.88
CA GLN A 105 -28.90 -21.00 57.81
C GLN A 105 -27.63 -21.37 57.06
N SER A 106 -27.34 -22.67 57.00
CA SER A 106 -26.13 -23.18 56.30
C SER A 106 -26.18 -22.75 54.84
N ALA A 107 -27.37 -22.36 54.38
CA ALA A 107 -27.57 -21.90 53.01
C ALA A 107 -27.19 -20.44 52.88
N PRO A 108 -26.55 -20.06 51.78
CA PRO A 108 -26.45 -18.64 51.46
C PRO A 108 -27.84 -18.03 51.31
N ALA A 109 -28.01 -16.88 51.95
CA ALA A 109 -29.23 -16.08 51.83
C ALA A 109 -29.58 -15.75 50.39
N SER A 110 -28.62 -15.83 49.48
CA SER A 110 -28.83 -15.31 48.13
C SER A 110 -29.46 -16.34 47.21
N HIS A 111 -29.37 -17.62 47.57
CA HIS A 111 -29.94 -18.70 46.76
C HIS A 111 -31.45 -18.71 46.87
N LEU A 112 -32.12 -18.95 45.74
CA LEU A 112 -33.57 -19.12 45.74
C LEU A 112 -33.98 -20.52 46.14
N ILE A 113 -33.31 -21.54 45.59
CA ILE A 113 -33.65 -22.93 45.93
C ILE A 113 -32.81 -23.39 47.12
N ARG A 114 -33.45 -24.12 48.03
CA ARG A 114 -32.78 -24.82 49.11
C ARG A 114 -33.29 -26.26 49.18
N VAL A 115 -32.51 -27.09 49.87
CA VAL A 115 -32.89 -28.45 50.19
C VAL A 115 -33.22 -28.48 51.67
N GLU A 116 -34.26 -29.24 52.03
CA GLU A 116 -34.65 -29.40 53.43
C GLU A 116 -34.31 -30.81 53.89
N GLY A 117 -33.77 -30.90 55.11
CA GLY A 117 -33.52 -32.15 55.80
C GLY A 117 -32.49 -33.06 55.16
N ASN A 118 -31.44 -32.48 54.60
CA ASN A 118 -30.34 -33.25 54.03
C ASN A 118 -29.07 -32.48 54.36
N ASN A 119 -28.26 -33.05 55.25
CA ASN A 119 -27.01 -32.40 55.65
C ASN A 119 -25.88 -32.62 54.65
N LEU A 120 -26.11 -33.39 53.59
CA LEU A 120 -25.18 -33.50 52.46
C LEU A 120 -25.51 -32.55 51.32
N SER A 121 -26.39 -31.58 51.53
CA SER A 121 -26.74 -30.62 50.49
C SER A 121 -25.73 -29.48 50.50
N GLN A 122 -24.94 -29.36 49.42
CA GLN A 122 -24.02 -28.26 49.23
C GLN A 122 -24.54 -27.30 48.17
N TYR A 123 -24.20 -26.01 48.33
CA TYR A 123 -24.68 -24.94 47.48
C TYR A 123 -23.52 -24.43 46.65
N VAL A 124 -23.63 -24.49 45.35
CA VAL A 124 -22.57 -24.06 44.47
C VAL A 124 -22.73 -22.63 43.99
N ASP A 125 -21.59 -22.00 43.75
CA ASP A 125 -21.55 -20.66 43.26
C ASP A 125 -20.51 -20.66 42.20
N ASP A 126 -20.89 -21.23 41.09
CA ASP A 126 -19.97 -21.30 39.95
C ASP A 126 -19.37 -19.92 39.75
N PRO A 127 -18.06 -19.74 39.93
CA PRO A 127 -17.48 -18.39 39.80
C PRO A 127 -17.30 -17.96 38.35
N VAL A 128 -17.35 -18.90 37.41
CA VAL A 128 -17.30 -18.54 36.00
C VAL A 128 -18.68 -18.04 35.52
N THR A 129 -19.74 -18.78 35.78
CA THR A 129 -21.06 -18.38 35.34
C THR A 129 -21.80 -17.54 36.38
N GLY A 130 -21.32 -17.59 37.61
CA GLY A 130 -21.96 -16.87 38.72
C GLY A 130 -23.28 -17.50 39.08
N ARG A 131 -23.64 -18.59 38.41
CA ARG A 131 -24.94 -19.26 38.63
C ARG A 131 -24.98 -19.91 40.01
N GLN A 132 -26.17 -20.02 40.60
CA GLN A 132 -26.33 -20.65 41.92
C GLN A 132 -27.18 -21.91 41.74
N SER A 133 -26.71 -23.05 42.26
CA SER A 133 -27.40 -24.32 42.19
C SER A 133 -27.28 -25.00 43.54
N VAL A 134 -28.06 -26.07 43.70
CA VAL A 134 -28.05 -26.88 44.91
C VAL A 134 -27.84 -28.32 44.51
N VAL A 135 -26.90 -29.00 45.16
CA VAL A 135 -26.55 -30.36 44.80
C VAL A 135 -26.74 -31.27 46.00
N VAL A 136 -27.38 -32.41 45.79
CA VAL A 136 -27.51 -33.43 46.81
C VAL A 136 -27.11 -34.77 46.19
N PRO A 137 -26.42 -35.66 46.96
CA PRO A 137 -26.05 -36.89 46.26
C PRO A 137 -27.23 -37.82 46.07
N TYR A 138 -27.12 -38.76 45.13
CA TYR A 138 -28.25 -39.61 44.86
C TYR A 138 -28.47 -40.68 45.89
N GLU A 139 -29.46 -40.48 46.76
CA GLU A 139 -29.82 -41.54 47.69
C GLU A 139 -30.93 -42.40 47.04
N PRO A 140 -30.96 -43.71 47.26
CA PRO A 140 -31.97 -44.55 46.59
C PRO A 140 -33.35 -44.23 47.12
N PRO A 141 -34.40 -44.93 46.59
CA PRO A 141 -35.69 -44.68 47.25
C PRO A 141 -35.73 -45.45 48.55
N GLN A 142 -36.52 -44.99 49.51
CA GLN A 142 -36.66 -45.72 50.77
C GLN A 142 -37.32 -47.06 50.47
N VAL A 143 -36.88 -48.11 51.18
CA VAL A 143 -37.42 -49.49 50.98
C VAL A 143 -38.94 -49.44 51.03
N GLY A 144 -39.59 -49.85 49.95
CA GLY A 144 -41.06 -49.82 49.89
C GLY A 144 -41.57 -48.54 49.26
N THR A 145 -40.69 -47.53 49.13
CA THR A 145 -41.10 -46.32 48.36
C THR A 145 -40.56 -46.62 46.98
N GLU A 146 -41.20 -46.07 45.94
CA GLU A 146 -40.73 -46.51 44.64
C GLU A 146 -39.89 -45.40 44.06
N PHE A 147 -39.86 -44.26 44.75
CA PHE A 147 -39.14 -43.11 44.22
C PHE A 147 -38.34 -42.35 45.27
N THR A 148 -37.34 -41.58 44.83
CA THR A 148 -36.60 -40.76 45.78
C THR A 148 -37.29 -39.41 45.94
N THR A 149 -37.59 -39.06 47.19
CA THR A 149 -38.25 -37.81 47.51
C THR A 149 -37.23 -36.78 48.00
N ILE A 150 -37.23 -35.61 47.36
CA ILE A 150 -36.30 -34.54 47.69
C ILE A 150 -37.10 -33.31 48.06
N LEU A 151 -36.79 -32.76 49.22
CA LEU A 151 -37.50 -31.62 49.78
C LEU A 151 -36.85 -30.34 49.27
N TYR A 152 -37.59 -29.54 48.53
CA TYR A 152 -37.11 -28.26 48.06
C TYR A 152 -37.89 -27.15 48.73
N ASN A 153 -37.24 -26.02 48.90
CA ASN A 153 -37.90 -24.86 49.44
C ASN A 153 -37.55 -23.76 48.48
N PHE A 154 -38.46 -22.82 48.26
CA PHE A 154 -38.17 -21.70 47.38
C PHE A 154 -38.37 -20.41 48.16
N MET A 155 -37.28 -19.67 48.35
CA MET A 155 -37.31 -18.51 49.28
C MET A 155 -37.52 -17.14 48.65
N CYS A 156 -38.29 -17.03 47.57
CA CYS A 156 -38.58 -15.70 47.02
C CYS A 156 -39.74 -15.80 46.04
N ASN A 157 -40.79 -15.02 46.25
CA ASN A 157 -41.96 -15.12 45.39
C ASN A 157 -41.61 -14.76 43.95
N SER A 158 -42.39 -15.29 43.02
CA SER A 158 -42.18 -14.94 41.62
C SER A 158 -42.35 -13.45 41.37
N SER A 159 -43.11 -12.75 42.21
CA SER A 159 -43.46 -11.35 41.95
C SER A 159 -42.54 -10.36 42.64
N CYS A 160 -41.71 -10.82 43.59
CA CYS A 160 -40.78 -9.99 44.36
C CYS A 160 -40.05 -9.01 43.46
N VAL A 161 -40.27 -7.71 43.71
CA VAL A 161 -39.52 -6.72 42.97
C VAL A 161 -38.07 -6.78 43.44
N GLY A 162 -37.15 -6.38 42.57
CA GLY A 162 -35.75 -6.46 42.90
C GLY A 162 -35.10 -7.79 42.59
N GLY A 163 -35.90 -8.82 42.44
CA GLY A 163 -35.37 -10.13 42.01
C GLY A 163 -36.08 -10.62 40.76
N MET A 164 -36.94 -11.62 40.88
CA MET A 164 -37.64 -12.22 39.72
C MET A 164 -38.59 -11.21 39.06
N ASN A 165 -39.27 -10.37 39.83
CA ASN A 165 -40.12 -9.29 39.27
C ASN A 165 -41.16 -9.82 38.27
N ARG A 166 -41.90 -10.86 38.63
CA ARG A 166 -43.03 -11.33 37.79
C ARG A 166 -42.51 -12.02 36.54
N ARG A 167 -41.23 -12.38 36.55
CA ARG A 167 -40.67 -13.10 35.39
C ARG A 167 -40.83 -14.60 35.61
N PRO A 168 -41.50 -15.38 34.73
CA PRO A 168 -41.54 -16.84 34.91
C PRO A 168 -40.14 -17.42 35.00
N ILE A 169 -40.04 -18.55 35.72
CA ILE A 169 -38.81 -19.32 35.80
C ILE A 169 -39.10 -20.78 35.49
N LEU A 170 -38.05 -21.49 35.11
CA LEU A 170 -38.06 -22.93 34.98
C LEU A 170 -37.16 -23.48 36.05
N ILE A 171 -37.47 -24.68 36.54
CA ILE A 171 -36.62 -25.33 37.51
C ILE A 171 -35.97 -26.51 36.80
N ILE A 172 -34.65 -26.49 36.58
CA ILE A 172 -34.00 -27.62 35.89
C ILE A 172 -33.45 -28.58 36.93
N ILE A 173 -33.94 -29.81 36.92
CA ILE A 173 -33.40 -30.90 37.70
C ILE A 173 -32.56 -31.74 36.77
N THR A 174 -31.34 -32.01 37.18
CA THR A 174 -30.32 -32.62 36.34
C THR A 174 -29.66 -33.77 37.08
N LEU A 175 -29.59 -34.91 36.40
CA LEU A 175 -28.95 -36.10 36.94
C LEU A 175 -27.56 -36.18 36.34
N GLU A 176 -26.55 -36.08 37.19
CA GLU A 176 -25.17 -35.95 36.72
C GLU A 176 -24.22 -36.74 37.63
N MET A 177 -23.02 -37.03 37.10
CA MET A 177 -21.99 -37.71 37.87
C MET A 177 -21.17 -36.73 38.70
N ARG A 178 -20.22 -37.31 39.44
CA ARG A 178 -19.41 -36.54 40.37
C ARG A 178 -18.62 -35.42 39.67
N ASP A 179 -18.25 -35.63 38.40
CA ASP A 179 -17.52 -34.58 37.66
C ASP A 179 -18.46 -33.55 37.05
N GLY A 180 -19.69 -33.94 36.76
CA GLY A 180 -20.66 -33.02 36.19
C GLY A 180 -21.20 -33.43 34.83
N GLN A 181 -20.84 -34.59 34.28
CA GLN A 181 -21.43 -35.02 33.02
C GLN A 181 -22.90 -35.34 33.27
N VAL A 182 -23.80 -34.64 32.56
CA VAL A 182 -25.23 -34.78 32.82
C VAL A 182 -25.70 -36.11 32.25
N LEU A 183 -26.44 -36.88 33.07
CA LEU A 183 -27.03 -38.12 32.55
C LEU A 183 -28.49 -37.98 32.16
N GLY A 184 -29.19 -37.00 32.71
CA GLY A 184 -30.61 -36.90 32.52
C GLY A 184 -31.12 -35.59 33.06
N ARG A 185 -32.21 -35.08 32.49
CA ARG A 185 -32.68 -33.74 32.83
C ARG A 185 -34.17 -33.63 32.57
N ARG A 186 -34.90 -33.16 33.59
CA ARG A 186 -36.30 -32.75 33.44
C ARG A 186 -36.48 -31.32 33.94
N SER A 187 -37.35 -30.56 33.27
CA SER A 187 -37.61 -29.18 33.65
C SER A 187 -39.11 -29.00 33.83
N PHE A 188 -39.46 -27.99 34.63
CA PHE A 188 -40.86 -27.63 34.80
C PHE A 188 -40.95 -26.18 35.24
N GLU A 189 -42.06 -25.53 34.88
CA GLU A 189 -42.24 -24.14 35.25
C GLU A 189 -42.46 -24.02 36.75
N GLY A 190 -41.94 -22.97 37.34
CA GLY A 190 -42.08 -22.75 38.76
C GLY A 190 -42.71 -21.39 38.97
N ARG A 191 -43.66 -21.33 39.88
CA ARG A 191 -44.28 -20.08 40.28
C ARG A 191 -44.37 -20.08 41.80
N ILE A 192 -43.67 -19.16 42.42
CA ILE A 192 -43.66 -19.03 43.87
C ILE A 192 -44.62 -17.91 44.17
N CYS A 193 -45.81 -18.26 44.62
CA CYS A 193 -46.83 -17.25 44.85
C CYS A 193 -47.44 -17.42 46.23
N ALA A 194 -48.62 -16.83 46.41
CA ALA A 194 -49.32 -16.89 47.67
C ALA A 194 -50.60 -17.73 47.63
N CYS A 195 -51.34 -17.76 46.53
CA CYS A 195 -52.58 -18.55 46.49
C CYS A 195 -52.43 -19.57 45.36
N PRO A 196 -51.59 -20.58 45.58
CA PRO A 196 -51.22 -21.46 44.45
C PRO A 196 -52.41 -22.13 43.83
N GLY A 197 -53.42 -22.49 44.62
CA GLY A 197 -54.61 -23.10 44.07
C GLY A 197 -55.39 -22.16 43.18
N ARG A 198 -55.56 -20.90 43.60
CA ARG A 198 -56.23 -19.91 42.74
C ARG A 198 -55.50 -19.75 41.42
N ASP A 199 -54.18 -19.54 41.50
CA ASP A 199 -53.38 -19.23 40.32
C ASP A 199 -53.17 -20.44 39.42
N ARG A 200 -53.23 -21.66 39.98
CA ARG A 200 -53.32 -22.81 39.10
C ARG A 200 -54.69 -22.89 38.45
N LYS A 201 -55.75 -22.56 39.20
CA LYS A 201 -57.07 -22.60 38.58
C LYS A 201 -57.14 -21.56 37.47
N ALA A 202 -56.57 -20.38 37.69
CA ALA A 202 -56.66 -19.32 36.70
C ALA A 202 -55.93 -19.73 35.44
N ASP A 203 -54.70 -20.21 35.59
CA ASP A 203 -53.92 -20.58 34.43
C ASP A 203 -54.61 -21.69 33.67
N GLU A 204 -55.07 -22.70 34.39
CA GLU A 204 -55.60 -23.88 33.72
C GLU A 204 -56.86 -23.55 32.96
N ASP A 205 -57.68 -22.64 33.50
CA ASP A 205 -58.89 -22.26 32.78
C ASP A 205 -58.54 -21.51 31.49
N HIS A 206 -57.47 -20.70 31.56
CA HIS A 206 -57.05 -19.91 30.42
C HIS A 206 -56.54 -20.78 29.29
N TYR A 207 -55.68 -21.75 29.62
CA TYR A 207 -55.20 -22.67 28.58
C TYR A 207 -56.35 -23.45 27.94
N ARG A 208 -57.50 -23.52 28.61
CA ARG A 208 -58.62 -24.33 28.18
C ARG A 208 -59.63 -23.55 27.34
N GLU A 209 -59.44 -22.26 27.14
CA GLU A 209 -60.29 -21.50 26.24
C GLU A 209 -59.76 -21.51 24.80
N GLN A 210 -58.44 -21.35 24.63
CA GLN A 210 -57.75 -21.32 23.34
C GLN A 210 -58.46 -20.42 22.30
N HIS B 10 -33.08 10.43 71.16
CA HIS B 10 -33.47 9.46 70.14
C HIS B 10 -34.75 9.88 69.45
N GLU B 11 -35.86 9.91 70.20
CA GLU B 11 -37.15 10.29 69.62
C GLU B 11 -37.23 11.75 69.21
N PHE B 12 -37.86 12.02 68.07
CA PHE B 12 -38.00 13.41 67.58
C PHE B 12 -39.44 13.86 67.43
N ILE B 13 -40.27 13.11 66.71
CA ILE B 13 -41.64 13.54 66.44
C ILE B 13 -41.68 15.04 66.01
N PRO B 14 -41.10 15.39 64.83
CA PRO B 14 -41.14 16.78 64.38
C PRO B 14 -42.54 17.35 64.15
N SER B 15 -42.71 18.65 64.36
CA SER B 15 -43.98 19.29 64.22
C SER B 15 -44.37 19.51 62.80
N ASN B 16 -45.65 19.35 62.52
CA ASN B 16 -46.14 19.61 61.20
C ASN B 16 -47.13 20.73 61.31
N THR B 17 -47.18 21.38 62.46
CA THR B 17 -48.09 22.53 62.59
C THR B 17 -47.82 23.63 61.55
N ASP B 18 -48.88 24.01 60.85
CA ASP B 18 -48.82 24.99 59.77
C ASP B 18 -48.49 26.35 60.37
N TYR B 19 -47.31 26.88 60.06
CA TYR B 19 -46.80 28.09 60.70
C TYR B 19 -46.12 29.01 59.70
N PRO B 20 -46.82 30.02 59.16
CA PRO B 20 -46.22 30.85 58.11
C PRO B 20 -44.99 31.65 58.54
N GLY B 21 -44.93 32.08 59.81
CA GLY B 21 -43.80 32.87 60.30
C GLY B 21 -43.74 34.24 59.66
N PRO B 22 -42.59 34.92 59.79
CA PRO B 22 -42.54 36.35 59.42
C PRO B 22 -42.54 36.64 57.92
N HIS B 23 -41.80 35.85 57.13
CA HIS B 23 -41.69 36.10 55.70
C HIS B 23 -42.88 35.56 54.90
N HIS B 24 -43.93 35.10 55.58
CA HIS B 24 -45.17 34.62 54.98
C HIS B 24 -44.89 33.48 54.00
N PHE B 25 -44.43 32.38 54.59
CA PHE B 25 -44.01 31.14 53.89
C PHE B 25 -45.21 30.36 53.34
N GLU B 26 -45.35 30.34 52.02
CA GLU B 26 -46.41 29.57 51.37
C GLU B 26 -45.80 28.49 50.49
N VAL B 27 -46.44 27.32 50.48
CA VAL B 27 -46.03 26.17 49.67
C VAL B 27 -47.29 25.77 48.88
N THR B 28 -47.21 25.87 47.54
CA THR B 28 -48.38 25.68 46.69
C THR B 28 -47.96 24.89 45.46
N PHE B 29 -48.94 24.54 44.61
CA PHE B 29 -48.74 23.71 43.44
C PHE B 29 -49.39 24.33 42.21
N GLN B 30 -48.87 23.92 41.07
CA GLN B 30 -49.30 24.46 39.79
C GLN B 30 -50.36 23.54 39.19
N GLN B 31 -50.86 23.92 38.02
CA GLN B 31 -51.86 23.10 37.36
C GLN B 31 -51.24 21.77 36.97
N SER B 32 -51.86 20.69 37.43
CA SER B 32 -51.41 19.34 37.15
C SER B 32 -52.40 18.66 36.21
N SER B 33 -52.04 17.46 35.77
CA SER B 33 -52.85 16.72 34.81
C SER B 33 -53.96 15.96 35.52
N THR B 34 -55.02 15.69 34.76
CA THR B 34 -56.15 14.89 35.22
C THR B 34 -56.04 13.43 34.80
N ALA B 35 -54.99 13.06 34.07
CA ALA B 35 -54.82 11.69 33.60
C ALA B 35 -54.75 10.73 34.77
N LYS B 36 -55.18 9.48 34.53
CA LYS B 36 -55.10 8.46 35.55
C LYS B 36 -53.66 8.24 36.00
N SER B 37 -52.76 8.00 35.05
CA SER B 37 -51.37 7.73 35.37
C SER B 37 -50.50 8.95 35.11
N ALA B 38 -51.03 10.14 35.37
CA ALA B 38 -50.21 11.34 35.35
C ALA B 38 -49.04 11.20 36.33
N THR B 39 -47.95 11.92 36.07
CA THR B 39 -46.79 11.78 36.94
C THR B 39 -47.07 12.30 38.35
N TRP B 40 -47.88 13.35 38.47
CA TRP B 40 -48.16 13.92 39.78
C TRP B 40 -49.41 14.78 39.69
N THR B 41 -50.13 14.89 40.81
CA THR B 41 -51.32 15.72 40.87
C THR B 41 -51.57 16.11 42.32
N TYR B 42 -52.28 17.24 42.50
CA TYR B 42 -52.48 17.80 43.83
C TYR B 42 -53.94 18.15 44.05
N SER B 43 -54.54 17.59 45.12
CA SER B 43 -55.93 17.86 45.48
C SER B 43 -55.99 18.85 46.61
N PRO B 44 -56.19 20.14 46.35
CA PRO B 44 -56.30 21.10 47.45
C PRO B 44 -57.38 20.69 48.44
N LEU B 45 -58.38 19.98 47.95
CA LEU B 45 -59.47 19.53 48.80
C LEU B 45 -58.93 18.74 50.00
N LEU B 46 -58.00 17.82 49.75
CA LEU B 46 -57.43 17.02 50.82
C LEU B 46 -56.07 17.51 51.30
N LYS B 47 -55.53 18.58 50.73
CA LYS B 47 -54.14 18.98 50.98
C LYS B 47 -53.23 17.75 50.84
N LYS B 48 -53.30 17.13 49.66
CA LYS B 48 -52.68 15.83 49.45
C LYS B 48 -52.01 15.82 48.10
N LEU B 49 -50.74 15.42 48.07
CA LEU B 49 -49.98 15.33 46.83
C LEU B 49 -49.92 13.89 46.37
N TYR B 50 -50.37 13.65 45.15
CA TYR B 50 -50.25 12.34 44.53
C TYR B 50 -49.13 12.39 43.53
N CYS B 51 -48.27 11.37 43.52
CA CYS B 51 -47.25 11.38 42.50
C CYS B 51 -46.69 9.98 42.29
N GLN B 52 -45.97 9.84 41.19
CA GLN B 52 -45.34 8.58 40.84
C GLN B 52 -43.92 8.51 41.41
N ILE B 53 -43.39 7.32 41.43
CA ILE B 53 -42.11 7.08 42.07
C ILE B 53 -41.00 7.63 41.19
N ALA B 54 -40.10 8.41 41.79
CA ALA B 54 -38.90 8.99 41.19
C ALA B 54 -39.21 10.03 40.13
N LYS B 55 -40.47 10.40 39.96
CA LYS B 55 -40.85 11.42 38.98
C LYS B 55 -40.63 12.83 39.54
N THR B 56 -40.50 13.79 38.63
CA THR B 56 -40.25 15.17 38.99
C THR B 56 -41.52 15.80 39.57
N CYS B 57 -41.48 16.21 40.84
CA CYS B 57 -42.61 16.92 41.44
C CYS B 57 -42.20 18.36 41.68
N PRO B 58 -42.76 19.32 40.95
CA PRO B 58 -42.38 20.71 41.16
C PRO B 58 -43.16 21.28 42.35
N ILE B 59 -42.44 21.86 43.28
CA ILE B 59 -43.00 22.56 44.43
C ILE B 59 -42.83 24.06 44.21
N GLN B 60 -43.89 24.84 44.47
CA GLN B 60 -43.87 26.30 44.37
C GLN B 60 -43.79 26.92 45.76
N ILE B 61 -42.79 27.77 45.99
CA ILE B 61 -42.54 28.41 47.27
C ILE B 61 -42.60 29.91 47.08
N LYS B 62 -43.59 30.57 47.73
CA LYS B 62 -43.72 32.02 47.77
C LYS B 62 -43.47 32.54 49.18
N VAL B 63 -42.80 33.70 49.24
CA VAL B 63 -42.53 34.44 50.46
C VAL B 63 -42.84 35.91 50.19
N SER B 64 -42.74 36.72 51.26
CA SER B 64 -42.95 38.17 51.15
C SER B 64 -41.61 38.93 51.21
N THR B 65 -40.85 38.78 52.30
CA THR B 65 -39.56 39.43 52.50
C THR B 65 -38.40 38.45 52.32
N PRO B 66 -37.34 38.85 51.64
CA PRO B 66 -36.19 37.97 51.46
C PRO B 66 -35.57 37.60 52.80
N PRO B 67 -35.39 36.31 53.07
CA PRO B 67 -34.87 35.86 54.37
C PRO B 67 -33.40 36.25 54.57
N PRO B 68 -32.85 36.02 55.77
CA PRO B 68 -31.41 36.25 55.99
C PRO B 68 -30.56 35.35 55.10
N PRO B 69 -29.24 35.55 55.05
CA PRO B 69 -28.42 34.64 54.27
C PRO B 69 -28.19 33.34 55.02
N GLY B 70 -27.84 32.31 54.26
CA GLY B 70 -27.75 30.97 54.80
C GLY B 70 -29.07 30.29 55.07
N THR B 71 -30.20 30.98 54.93
CA THR B 71 -31.51 30.36 55.11
C THR B 71 -31.73 29.30 54.04
N ALA B 72 -32.18 28.13 54.46
CA ALA B 72 -32.28 26.98 53.59
C ALA B 72 -33.63 26.30 53.82
N ILE B 73 -33.96 25.34 52.95
CA ILE B 73 -35.30 24.73 52.91
C ILE B 73 -35.16 23.22 53.05
N ARG B 74 -35.73 22.68 54.12
CA ARG B 74 -35.59 21.23 54.42
C ARG B 74 -36.94 20.51 54.24
N ALA B 75 -36.92 19.45 53.43
CA ALA B 75 -38.05 18.58 53.17
C ALA B 75 -37.82 17.30 53.95
N MET B 76 -38.72 16.99 54.88
CA MET B 76 -38.56 15.85 55.73
C MET B 76 -39.87 15.09 55.75
N PRO B 77 -39.86 13.75 55.64
CA PRO B 77 -41.10 13.02 55.65
C PRO B 77 -41.37 12.36 57.00
N VAL B 78 -42.63 12.38 57.43
CA VAL B 78 -43.07 11.74 58.67
C VAL B 78 -44.43 11.09 58.46
N TYR B 79 -44.72 10.09 59.29
CA TYR B 79 -45.94 9.30 59.14
C TYR B 79 -47.13 10.03 59.75
N LYS B 80 -48.31 9.85 59.16
CA LYS B 80 -49.48 10.57 59.63
C LYS B 80 -50.08 10.02 60.91
N LYS B 81 -50.57 8.78 60.87
CA LYS B 81 -51.21 8.18 62.04
C LYS B 81 -50.29 8.18 63.26
N ALA B 82 -50.81 8.63 64.40
CA ALA B 82 -49.99 8.70 65.62
C ALA B 82 -49.17 7.46 65.96
N GLU B 83 -49.75 6.27 65.77
CA GLU B 83 -49.04 5.05 66.16
C GLU B 83 -47.76 4.84 65.37
N HIS B 84 -47.48 5.65 64.37
CA HIS B 84 -46.31 5.45 63.53
C HIS B 84 -45.37 6.62 63.51
N VAL B 85 -45.66 7.72 64.21
CA VAL B 85 -44.88 8.91 63.90
C VAL B 85 -43.46 8.76 64.47
N THR B 86 -43.31 7.89 65.49
CA THR B 86 -42.01 7.54 66.05
C THR B 86 -41.07 6.85 65.05
N ASP B 87 -41.61 6.24 63.98
CA ASP B 87 -40.82 5.52 62.96
C ASP B 87 -40.24 6.50 61.95
N VAL B 88 -39.01 6.25 61.55
CA VAL B 88 -38.33 7.10 60.59
C VAL B 88 -38.71 6.67 59.17
N VAL B 89 -39.03 7.65 58.32
CA VAL B 89 -39.49 7.33 56.97
C VAL B 89 -38.25 7.12 56.10
N LYS B 90 -38.02 5.88 55.70
CA LYS B 90 -36.88 5.53 54.87
C LYS B 90 -37.34 4.84 53.58
N ARG B 91 -36.37 4.48 52.76
CA ARG B 91 -36.66 3.66 51.60
C ARG B 91 -36.72 2.20 51.99
N CYS B 92 -37.62 1.46 51.30
CA CYS B 92 -37.69 0.02 51.45
C CYS B 92 -36.36 -0.61 51.04
N PRO B 93 -36.03 -1.78 51.59
CA PRO B 93 -34.77 -2.42 51.20
C PRO B 93 -34.68 -2.75 49.71
N ASN B 94 -35.82 -2.94 49.04
CA ASN B 94 -35.77 -3.28 47.63
C ASN B 94 -35.25 -2.10 46.83
N HIS B 95 -35.88 -0.94 46.97
CA HIS B 95 -35.42 0.20 46.19
C HIS B 95 -34.07 0.70 46.68
N GLU B 96 -33.80 0.63 47.99
CA GLU B 96 -32.51 1.10 48.48
C GLU B 96 -31.36 0.25 47.93
N LEU B 97 -31.49 -1.07 48.00
CA LEU B 97 -30.39 -1.90 47.53
C LEU B 97 -30.43 -2.10 46.03
N GLY B 98 -31.56 -1.80 45.41
CA GLY B 98 -31.68 -1.99 43.98
C GLY B 98 -30.77 -1.10 43.19
N ARG B 99 -30.77 -1.32 41.88
CA ARG B 99 -29.93 -0.52 41.01
C ARG B 99 -30.71 0.66 40.49
N ASP B 100 -32.03 0.51 40.38
CA ASP B 100 -32.83 1.58 39.80
C ASP B 100 -32.71 2.91 40.56
N PHE B 101 -32.40 3.96 39.82
CA PHE B 101 -32.24 5.32 40.35
C PHE B 101 -31.17 5.39 41.43
N ASN B 102 -30.15 4.55 41.34
CA ASN B 102 -29.09 4.55 42.32
C ASN B 102 -27.70 4.62 41.74
N GLU B 103 -27.59 4.39 40.44
CA GLU B 103 -26.30 4.42 39.77
C GLU B 103 -25.91 5.84 39.45
N GLY B 104 -24.68 6.21 39.76
CA GLY B 104 -24.19 7.53 39.41
C GLY B 104 -24.95 8.73 39.92
N GLN B 105 -25.40 8.71 41.16
CA GLN B 105 -26.07 9.88 41.71
C GLN B 105 -25.45 10.42 42.99
N SER B 106 -26.00 11.49 43.56
CA SER B 106 -25.39 12.11 44.73
C SER B 106 -26.11 11.79 46.02
N ALA B 107 -27.40 11.49 45.95
CA ALA B 107 -28.24 11.20 47.10
C ALA B 107 -27.93 9.82 47.70
N PRO B 108 -27.99 9.69 49.02
CA PRO B 108 -27.91 8.36 49.62
C PRO B 108 -29.03 7.45 49.10
N ALA B 109 -28.67 6.20 48.81
CA ALA B 109 -29.67 5.25 48.36
C ALA B 109 -30.86 5.13 49.31
N SER B 110 -30.67 5.46 50.60
CA SER B 110 -31.67 5.15 51.63
C SER B 110 -32.69 6.27 51.84
N HIS B 111 -32.43 7.49 51.37
CA HIS B 111 -33.40 8.55 51.54
C HIS B 111 -34.65 8.30 50.71
N LEU B 112 -35.76 8.88 51.16
CA LEU B 112 -37.03 8.90 50.44
C LEU B 112 -37.05 10.03 49.44
N ILE B 113 -36.79 11.23 49.95
CA ILE B 113 -36.99 12.48 49.22
C ILE B 113 -35.66 12.95 48.68
N ARG B 114 -35.64 13.27 47.40
CA ARG B 114 -34.44 13.80 46.83
C ARG B 114 -34.75 15.05 46.10
N VAL B 115 -33.77 15.91 45.94
CA VAL B 115 -33.91 17.09 45.12
C VAL B 115 -33.31 16.78 43.77
N GLU B 116 -34.06 17.10 42.70
CA GLU B 116 -33.59 16.96 41.33
C GLU B 116 -33.15 18.33 40.84
N GLY B 117 -31.98 18.38 40.19
CA GLY B 117 -31.48 19.58 39.56
C GLY B 117 -30.95 20.61 40.52
N ASN B 118 -30.11 20.19 41.47
CA ASN B 118 -29.41 21.11 42.37
C ASN B 118 -28.27 20.41 43.12
N ASN B 119 -27.04 20.84 42.88
CA ASN B 119 -25.89 20.21 43.48
C ASN B 119 -25.54 20.78 44.86
N LEU B 120 -26.24 21.83 45.32
CA LEU B 120 -26.01 22.38 46.64
C LEU B 120 -26.85 21.72 47.75
N SER B 121 -27.69 20.79 47.34
CA SER B 121 -28.57 20.10 48.25
C SER B 121 -27.79 19.27 49.18
N GLN B 122 -28.21 19.23 50.44
CA GLN B 122 -27.45 18.48 51.47
C GLN B 122 -28.37 17.46 52.10
N TYR B 123 -28.03 16.19 51.98
CA TYR B 123 -28.83 15.15 52.56
C TYR B 123 -28.34 14.99 53.97
N VAL B 124 -29.26 15.02 54.91
CA VAL B 124 -28.89 15.01 56.31
C VAL B 124 -29.28 13.70 56.95
N ASP B 125 -28.33 13.11 57.68
CA ASP B 125 -28.55 11.93 58.52
C ASP B 125 -28.40 12.37 59.97
N ASP B 126 -29.50 12.82 60.57
CA ASP B 126 -29.51 13.39 61.91
C ASP B 126 -28.95 12.41 62.94
N PRO B 127 -27.73 12.62 63.43
CA PRO B 127 -27.11 11.60 64.29
C PRO B 127 -27.87 11.36 65.58
N VAL B 128 -28.68 12.30 66.00
CA VAL B 128 -29.47 12.11 67.18
C VAL B 128 -30.79 11.47 66.83
N THR B 129 -31.64 12.24 66.20
CA THR B 129 -32.97 11.83 65.81
C THR B 129 -33.14 10.74 64.80
N GLY B 130 -32.04 10.27 64.22
CA GLY B 130 -32.14 9.32 63.14
C GLY B 130 -32.91 9.83 61.96
N ARG B 131 -33.52 11.01 62.03
CA ARG B 131 -34.36 11.47 60.92
C ARG B 131 -33.50 11.84 59.71
N GLN B 132 -34.04 11.48 58.54
CA GLN B 132 -33.44 11.77 57.22
C GLN B 132 -34.26 12.88 56.56
N SER B 133 -33.54 13.84 55.99
CA SER B 133 -34.06 15.04 55.37
C SER B 133 -33.05 15.54 54.33
N VAL B 134 -33.55 16.30 53.36
CA VAL B 134 -32.73 16.93 52.32
C VAL B 134 -32.93 18.44 52.36
N VAL B 135 -31.81 19.16 52.44
CA VAL B 135 -31.84 20.59 52.67
C VAL B 135 -31.23 21.23 51.45
N VAL B 136 -31.93 22.24 50.91
CA VAL B 136 -31.35 23.07 49.85
C VAL B 136 -31.26 24.50 50.36
N PRO B 137 -30.31 25.25 49.84
CA PRO B 137 -30.19 26.63 50.23
C PRO B 137 -31.36 27.33 49.63
N TYR B 138 -31.71 28.47 50.18
CA TYR B 138 -32.83 29.20 49.66
C TYR B 138 -32.39 30.16 48.59
N GLU B 139 -32.87 29.97 47.38
CA GLU B 139 -32.58 30.98 46.37
C GLU B 139 -33.84 31.76 46.02
N PRO B 140 -33.76 33.07 45.84
CA PRO B 140 -34.97 33.85 45.55
C PRO B 140 -35.47 33.60 44.13
N PRO B 141 -36.74 33.89 43.85
CA PRO B 141 -37.25 33.75 42.49
C PRO B 141 -36.42 34.55 41.53
N GLN B 142 -36.46 34.21 40.26
CA GLN B 142 -35.75 35.03 39.31
C GLN B 142 -36.56 36.28 38.99
N VAL B 143 -35.87 37.22 38.36
CA VAL B 143 -36.47 38.48 37.92
C VAL B 143 -37.74 38.17 37.12
N GLY B 144 -38.89 38.62 37.63
CA GLY B 144 -40.14 38.44 36.94
C GLY B 144 -40.98 37.25 37.35
N THR B 145 -40.46 36.33 38.17
CA THR B 145 -41.22 35.16 38.59
C THR B 145 -41.73 35.34 40.02
N GLU B 146 -42.78 34.60 40.34
CA GLU B 146 -43.53 34.71 41.60
C GLU B 146 -42.95 33.80 42.68
N PHE B 147 -42.61 32.59 42.26
CA PHE B 147 -42.18 31.59 43.25
C PHE B 147 -40.81 31.04 42.96
N THR B 148 -40.28 30.28 43.91
CA THR B 148 -39.03 29.62 43.77
C THR B 148 -39.53 28.25 43.59
N THR B 149 -39.15 27.61 42.51
CA THR B 149 -39.56 26.25 42.17
C THR B 149 -38.50 25.27 42.64
N ILE B 150 -38.89 24.33 43.49
CA ILE B 150 -38.02 23.23 43.89
C ILE B 150 -38.54 21.94 43.29
N LEU B 151 -37.64 21.08 42.86
CA LEU B 151 -37.96 19.84 42.14
C LEU B 151 -37.65 18.65 43.03
N TYR B 152 -38.70 17.93 43.41
CA TYR B 152 -38.61 16.86 44.37
C TYR B 152 -38.87 15.50 43.70
N ASN B 153 -38.13 14.51 44.14
CA ASN B 153 -38.35 13.11 43.80
C ASN B 153 -38.68 12.34 45.06
N PHE B 154 -39.63 11.43 44.94
CA PHE B 154 -40.03 10.59 46.05
C PHE B 154 -39.66 9.19 45.64
N MET B 155 -38.74 8.55 46.36
CA MET B 155 -38.10 7.27 45.90
C MET B 155 -38.89 5.95 46.06
N CYS B 156 -39.93 5.88 46.88
CA CYS B 156 -40.67 4.63 47.09
C CYS B 156 -42.14 4.88 46.85
N ASN B 157 -42.90 3.83 46.54
CA ASN B 157 -44.34 4.01 46.56
C ASN B 157 -44.82 4.03 48.00
N SER B 158 -45.96 4.67 48.24
CA SER B 158 -46.53 4.59 49.58
C SER B 158 -46.86 3.17 49.99
N SER B 159 -47.08 2.27 49.05
CA SER B 159 -47.50 0.90 49.35
C SER B 159 -46.35 -0.08 49.48
N CYS B 160 -45.13 0.43 49.33
CA CYS B 160 -43.96 -0.47 49.43
C CYS B 160 -43.98 -1.21 50.77
N VAL B 161 -44.00 -2.56 50.71
CA VAL B 161 -43.82 -3.36 51.92
C VAL B 161 -42.32 -3.28 52.18
N GLY B 162 -41.93 -3.44 53.44
CA GLY B 162 -40.57 -3.20 53.84
C GLY B 162 -40.22 -1.75 54.06
N GLY B 163 -41.17 -0.86 53.80
CA GLY B 163 -40.95 0.54 54.01
C GLY B 163 -42.18 1.24 54.52
N MET B 164 -42.69 2.19 53.76
CA MET B 164 -43.88 2.91 54.19
C MET B 164 -44.95 1.90 54.46
N ASN B 165 -45.19 1.00 53.52
CA ASN B 165 -46.11 -0.10 53.78
C ASN B 165 -47.55 0.38 53.96
N ARG B 166 -48.03 1.08 52.93
CA ARG B 166 -49.40 1.60 52.86
C ARG B 166 -49.68 2.70 53.88
N ARG B 167 -48.83 2.87 54.88
CA ARG B 167 -49.04 3.95 55.86
C ARG B 167 -48.90 5.31 55.19
N PRO B 168 -49.91 6.18 55.31
CA PRO B 168 -49.78 7.55 54.78
C PRO B 168 -48.70 8.36 55.48
N ILE B 169 -48.09 9.28 54.73
CA ILE B 169 -47.06 10.17 55.25
C ILE B 169 -47.40 11.62 54.95
N LEU B 170 -46.85 12.49 55.78
CA LEU B 170 -46.85 13.93 55.59
C LEU B 170 -45.43 14.36 55.24
N ILE B 171 -45.33 15.30 54.32
CA ILE B 171 -44.03 15.87 53.98
C ILE B 171 -43.96 17.27 54.59
N ILE B 172 -42.88 17.52 55.33
CA ILE B 172 -42.67 18.75 56.12
C ILE B 172 -41.68 19.60 55.36
N ILE B 173 -42.17 20.69 54.77
CA ILE B 173 -41.32 21.69 54.15
C ILE B 173 -41.07 22.79 55.16
N THR B 174 -39.80 22.96 55.53
CA THR B 174 -39.39 23.88 56.57
C THR B 174 -38.41 24.90 56.03
N LEU B 175 -38.78 26.15 56.11
CA LEU B 175 -37.84 27.23 55.85
C LEU B 175 -37.05 27.51 57.14
N GLU B 176 -35.72 27.44 57.07
CA GLU B 176 -34.98 27.50 58.32
C GLU B 176 -33.63 28.19 58.14
N MET B 177 -33.15 28.79 59.24
CA MET B 177 -31.90 29.58 59.28
C MET B 177 -30.68 28.68 59.29
N ARG B 178 -29.50 29.26 59.06
CA ARG B 178 -28.26 28.48 59.07
C ARG B 178 -28.02 27.84 60.43
N ASP B 179 -28.48 28.49 61.50
CA ASP B 179 -28.39 27.87 62.83
C ASP B 179 -29.42 26.75 62.99
N GLY B 180 -30.51 26.79 62.22
CA GLY B 180 -31.56 25.81 62.33
C GLY B 180 -32.87 26.40 62.82
N GLN B 181 -32.88 27.68 63.16
CA GLN B 181 -34.11 28.34 63.60
C GLN B 181 -35.18 28.29 62.53
N VAL B 182 -36.38 27.86 62.92
CA VAL B 182 -37.49 27.63 62.00
C VAL B 182 -38.20 28.95 61.68
N LEU B 183 -38.23 29.33 60.41
CA LEU B 183 -38.85 30.63 60.04
C LEU B 183 -40.25 30.43 59.49
N GLY B 184 -40.61 29.19 59.19
CA GLY B 184 -41.94 28.92 58.71
C GLY B 184 -42.13 27.47 58.32
N ARG B 185 -43.35 26.97 58.39
CA ARG B 185 -43.49 25.53 58.11
C ARG B 185 -44.81 25.31 57.39
N ARG B 186 -44.81 24.36 56.48
CA ARG B 186 -46.00 23.97 55.75
C ARG B 186 -46.05 22.46 55.61
N SER B 187 -47.24 21.92 55.44
CA SER B 187 -47.32 20.48 55.30
C SER B 187 -48.53 20.06 54.50
N PHE B 188 -48.44 18.84 53.98
CA PHE B 188 -49.48 18.24 53.17
C PHE B 188 -49.25 16.73 53.12
N GLU B 189 -50.34 15.98 52.94
CA GLU B 189 -50.21 14.55 52.79
C GLU B 189 -49.44 14.21 51.52
N GLY B 190 -48.68 13.11 51.59
CA GLY B 190 -48.05 12.57 50.40
C GLY B 190 -48.49 11.15 50.09
N ARG B 191 -48.80 10.88 48.83
CA ARG B 191 -49.09 9.53 48.37
C ARG B 191 -48.26 9.24 47.12
N ILE B 192 -47.43 8.23 47.18
CA ILE B 192 -46.66 7.83 46.03
C ILE B 192 -47.29 6.56 45.50
N CYS B 193 -47.91 6.65 44.34
CA CYS B 193 -48.67 5.54 43.79
C CYS B 193 -48.44 5.46 42.29
N ALA B 194 -48.95 4.39 41.69
CA ALA B 194 -48.76 4.17 40.26
C ALA B 194 -49.75 4.93 39.41
N CYS B 195 -50.89 5.32 39.96
CA CYS B 195 -51.97 5.93 39.19
C CYS B 195 -52.50 7.06 40.03
N PRO B 196 -51.77 8.17 40.06
CA PRO B 196 -52.20 9.30 40.90
C PRO B 196 -53.58 9.84 40.55
N GLY B 197 -53.97 9.80 39.27
CA GLY B 197 -55.28 10.31 38.89
C GLY B 197 -56.41 9.44 39.39
N ARG B 198 -56.28 8.13 39.21
CA ARG B 198 -57.29 7.23 39.76
C ARG B 198 -57.44 7.43 41.26
N ASP B 199 -56.32 7.44 41.99
CA ASP B 199 -56.40 7.44 43.45
C ASP B 199 -56.84 8.79 43.98
N ARG B 200 -56.45 9.88 43.33
CA ARG B 200 -56.97 11.17 43.73
C ARG B 200 -58.47 11.26 43.45
N LYS B 201 -58.89 10.89 42.24
CA LYS B 201 -60.32 10.87 41.92
C LYS B 201 -61.08 10.00 42.91
N ALA B 202 -60.52 8.82 43.24
CA ALA B 202 -61.16 7.98 44.22
C ALA B 202 -61.14 8.63 45.60
N ASP B 203 -60.07 9.34 45.94
CA ASP B 203 -59.99 9.92 47.28
C ASP B 203 -60.95 11.08 47.44
N GLU B 204 -61.10 11.92 46.41
CA GLU B 204 -62.02 13.05 46.50
C GLU B 204 -63.47 12.58 46.47
N ASP B 205 -63.74 11.58 45.65
CA ASP B 205 -65.11 11.09 45.53
C ASP B 205 -65.61 10.59 46.85
N HIS B 206 -64.84 9.75 47.52
CA HIS B 206 -65.30 9.17 48.76
C HIS B 206 -65.56 10.23 49.80
N TYR B 207 -64.65 11.20 49.89
CA TYR B 207 -64.80 12.25 50.89
C TYR B 207 -66.07 13.03 50.62
N ARG B 208 -66.32 13.35 49.36
CA ARG B 208 -67.51 14.12 49.00
C ARG B 208 -68.76 13.33 49.33
N GLU B 209 -68.76 12.03 49.06
CA GLU B 209 -69.93 11.19 49.33
C GLU B 209 -70.17 11.04 50.84
N GLN B 210 -69.12 11.08 51.65
CA GLN B 210 -69.28 11.02 53.09
C GLN B 210 -69.35 12.42 53.66
N HIS C 10 -25.08 29.89 38.03
CA HIS C 10 -26.23 30.84 37.91
C HIS C 10 -27.53 30.08 38.21
N GLU C 11 -28.53 30.22 37.32
CA GLU C 11 -29.84 29.60 37.45
C GLU C 11 -29.89 28.31 36.63
N PHE C 12 -30.04 27.18 37.32
CA PHE C 12 -30.08 25.90 36.62
C PHE C 12 -31.43 25.64 35.95
N ILE C 13 -32.53 26.12 36.53
CA ILE C 13 -33.81 26.01 35.83
C ILE C 13 -34.19 27.41 35.33
N PRO C 14 -33.94 27.73 34.06
CA PRO C 14 -34.26 29.06 33.55
C PRO C 14 -35.76 29.38 33.60
N SER C 15 -36.09 30.58 34.07
CA SER C 15 -37.47 30.99 34.11
C SER C 15 -38.00 31.27 32.71
N ASN C 16 -39.31 31.06 32.55
CA ASN C 16 -40.00 31.21 31.28
C ASN C 16 -41.19 32.13 31.43
N THR C 17 -41.44 32.62 32.64
CA THR C 17 -42.60 33.47 32.89
C THR C 17 -42.41 34.82 32.20
N ASP C 18 -43.49 35.36 31.61
CA ASP C 18 -43.35 36.61 30.89
C ASP C 18 -43.12 37.78 31.86
N TYR C 19 -42.21 38.70 31.47
CA TYR C 19 -41.88 39.87 32.29
C TYR C 19 -41.59 41.03 31.36
N PRO C 20 -42.54 41.97 31.20
CA PRO C 20 -42.28 43.13 30.32
C PRO C 20 -41.18 44.03 30.85
N GLY C 21 -41.16 44.30 32.15
CA GLY C 21 -40.08 45.06 32.73
C GLY C 21 -40.15 46.53 32.39
N PRO C 22 -39.10 47.28 32.75
CA PRO C 22 -39.16 48.74 32.61
C PRO C 22 -39.39 49.21 31.18
N HIS C 23 -39.00 48.43 30.18
CA HIS C 23 -39.03 48.88 28.80
C HIS C 23 -40.15 48.22 27.99
N HIS C 24 -41.10 47.57 28.64
CA HIS C 24 -42.19 46.86 27.97
C HIS C 24 -41.66 46.00 26.81
N PHE C 25 -40.83 45.05 27.18
CA PHE C 25 -40.22 44.16 26.20
C PHE C 25 -41.31 43.31 25.56
N GLU C 26 -41.44 43.39 24.24
CA GLU C 26 -42.48 42.66 23.53
C GLU C 26 -41.86 41.80 22.42
N VAL C 27 -42.44 40.60 22.22
CA VAL C 27 -41.96 39.66 21.21
C VAL C 27 -43.12 39.23 20.32
N THR C 28 -43.05 39.56 19.03
CA THR C 28 -44.15 39.31 18.10
C THR C 28 -43.66 38.56 16.87
N PHE C 29 -44.64 38.06 16.10
CA PHE C 29 -44.42 37.38 14.84
C PHE C 29 -45.25 38.03 13.74
N GLN C 30 -44.62 38.27 12.60
CA GLN C 30 -45.32 38.82 11.45
C GLN C 30 -46.30 37.80 10.86
N GLN C 31 -46.97 38.21 9.79
CA GLN C 31 -47.86 37.33 9.07
C GLN C 31 -47.05 36.20 8.42
N SER C 32 -47.57 34.98 8.54
CA SER C 32 -46.90 33.81 7.99
C SER C 32 -47.83 33.11 6.98
N SER C 33 -47.20 32.36 6.07
CA SER C 33 -47.93 31.57 5.09
C SER C 33 -48.75 30.47 5.74
N THR C 34 -49.81 30.07 5.05
CA THR C 34 -50.70 29.02 5.51
C THR C 34 -50.40 27.67 4.87
N ALA C 35 -49.25 27.56 4.19
CA ALA C 35 -48.89 26.33 3.49
C ALA C 35 -48.63 25.20 4.47
N LYS C 36 -48.91 23.97 4.01
CA LYS C 36 -48.60 22.79 4.81
C LYS C 36 -47.12 22.72 5.16
N SER C 37 -46.26 22.95 4.18
CA SER C 37 -44.80 22.89 4.37
C SER C 37 -44.16 24.28 4.27
N ALA C 38 -44.79 25.23 4.96
CA ALA C 38 -44.32 26.63 5.04
C ALA C 38 -43.07 26.65 5.91
N THR C 39 -42.13 27.54 5.66
CA THR C 39 -40.90 27.51 6.46
C THR C 39 -41.18 27.78 7.92
N TRP C 40 -42.18 28.62 8.22
CA TRP C 40 -42.55 28.83 9.60
C TRP C 40 -43.96 29.42 9.69
N THR C 41 -44.64 29.11 10.78
CA THR C 41 -45.90 29.77 11.10
C THR C 41 -46.05 29.85 12.62
N TYR C 42 -46.81 30.85 13.05
CA TYR C 42 -47.04 31.12 14.46
C TYR C 42 -48.52 31.00 14.78
N SER C 43 -48.84 30.39 15.92
CA SER C 43 -50.22 30.26 16.41
C SER C 43 -50.43 31.11 17.65
N PRO C 44 -50.96 32.32 17.51
CA PRO C 44 -51.22 33.14 18.70
C PRO C 44 -52.21 32.51 19.65
N LEU C 45 -53.03 31.57 19.18
CA LEU C 45 -53.96 30.88 20.07
C LEU C 45 -53.23 29.96 21.03
N LEU C 46 -52.22 29.25 20.53
CA LEU C 46 -51.50 28.27 21.38
C LEU C 46 -50.16 28.82 21.85
N LYS C 47 -49.84 30.07 21.51
CA LYS C 47 -48.54 30.65 21.82
C LYS C 47 -47.41 29.68 21.49
N LYS C 48 -47.51 29.08 20.30
CA LYS C 48 -46.55 28.10 19.79
C LYS C 48 -46.00 28.60 18.47
N LEU C 49 -44.72 28.35 18.24
CA LEU C 49 -44.08 28.63 16.97
C LEU C 49 -43.81 27.31 16.23
N TYR C 50 -44.06 27.33 14.92
CA TYR C 50 -43.78 26.19 14.05
C TYR C 50 -42.72 26.61 13.04
N CYS C 51 -41.66 25.81 12.92
CA CYS C 51 -40.55 26.19 12.05
C CYS C 51 -39.92 24.96 11.44
N GLN C 52 -39.11 25.17 10.42
CA GLN C 52 -38.42 24.05 9.75
C GLN C 52 -36.97 24.02 10.21
N ILE C 53 -36.31 22.88 10.03
CA ILE C 53 -34.88 22.77 10.46
C ILE C 53 -34.03 23.66 9.57
N ALA C 54 -33.24 24.54 10.21
CA ALA C 54 -32.27 25.47 9.59
C ALA C 54 -32.93 26.49 8.66
N LYS C 55 -34.20 26.81 8.87
CA LYS C 55 -34.82 27.77 7.93
C LYS C 55 -34.89 29.14 8.59
N THR C 56 -34.68 30.22 7.89
CA THR C 56 -34.75 31.49 8.55
C THR C 56 -36.09 31.74 9.24
N CYS C 57 -36.09 31.96 10.55
CA CYS C 57 -37.32 32.26 11.27
C CYS C 57 -37.23 33.65 11.83
N PRO C 58 -38.08 34.61 11.31
CA PRO C 58 -37.91 35.96 11.88
C PRO C 58 -38.76 36.31 13.08
N ILE C 59 -38.12 36.72 14.15
CA ILE C 59 -38.79 37.10 15.36
C ILE C 59 -38.65 38.59 15.43
N GLN C 60 -39.63 39.27 15.99
CA GLN C 60 -39.67 40.73 16.05
C GLN C 60 -39.68 41.22 17.49
N ILE C 61 -38.83 42.18 17.79
CA ILE C 61 -38.60 42.67 19.15
C ILE C 61 -39.03 44.13 19.20
N LYS C 62 -39.76 44.49 20.24
CA LYS C 62 -40.20 45.87 20.41
C LYS C 62 -40.05 46.26 21.87
N VAL C 63 -39.58 47.49 22.07
CA VAL C 63 -39.54 48.12 23.38
C VAL C 63 -40.05 49.54 23.24
N SER C 64 -40.65 50.05 24.32
CA SER C 64 -41.22 51.39 24.33
C SER C 64 -40.15 52.45 24.49
N THR C 65 -39.18 52.21 25.36
CA THR C 65 -38.12 53.17 25.66
C THR C 65 -36.75 52.50 25.53
N PRO C 66 -35.81 53.10 24.78
CA PRO C 66 -34.50 52.51 24.58
C PRO C 66 -33.87 52.03 25.87
N PRO C 67 -33.41 50.78 25.88
CA PRO C 67 -32.69 50.24 27.06
C PRO C 67 -31.30 50.82 27.17
N PRO C 68 -30.60 50.58 28.26
CA PRO C 68 -29.28 51.20 28.45
C PRO C 68 -28.28 50.64 27.47
N PRO C 69 -27.08 51.21 27.38
CA PRO C 69 -26.08 50.63 26.49
C PRO C 69 -25.58 49.29 27.01
N GLY C 70 -24.92 48.56 26.12
CA GLY C 70 -24.49 47.21 26.42
C GLY C 70 -25.58 46.20 26.64
N THR C 71 -26.85 46.58 26.47
CA THR C 71 -27.95 45.63 26.54
C THR C 71 -27.83 44.56 25.45
N ALA C 72 -28.41 43.39 25.70
CA ALA C 72 -28.32 42.26 24.77
C ALA C 72 -29.69 41.55 24.65
N ILE C 73 -29.76 40.63 23.68
CA ILE C 73 -30.88 39.71 23.50
C ILE C 73 -30.36 38.29 23.56
N ARG C 74 -30.85 37.52 24.52
CA ARG C 74 -30.45 36.13 24.69
C ARG C 74 -31.60 35.24 24.26
N ALA C 75 -31.28 34.22 23.49
CA ALA C 75 -32.22 33.20 23.09
C ALA C 75 -31.70 31.90 23.68
N MET C 76 -32.55 31.28 24.51
CA MET C 76 -32.27 30.02 25.17
C MET C 76 -33.47 29.08 25.04
N PRO C 77 -33.25 27.83 24.71
CA PRO C 77 -34.33 26.85 24.77
C PRO C 77 -34.32 26.06 26.08
N VAL C 78 -35.50 25.56 26.43
CA VAL C 78 -35.64 24.74 27.62
C VAL C 78 -36.88 23.87 27.44
N TYR C 79 -36.85 22.68 28.04
CA TYR C 79 -37.96 21.76 27.89
C TYR C 79 -39.20 22.27 28.64
N LYS C 80 -40.38 21.92 28.13
CA LYS C 80 -41.60 22.51 28.69
C LYS C 80 -42.08 21.71 29.93
N LYS C 81 -42.12 20.37 29.82
CA LYS C 81 -42.53 19.51 30.93
C LYS C 81 -41.48 19.49 32.05
N ALA C 82 -41.97 19.43 33.29
CA ALA C 82 -41.06 19.48 34.44
C ALA C 82 -40.15 18.26 34.51
N GLU C 83 -40.62 17.09 34.04
CA GLU C 83 -39.79 15.87 34.08
C GLU C 83 -38.53 15.98 33.22
N HIS C 84 -38.45 16.97 32.34
CA HIS C 84 -37.31 17.11 31.44
C HIS C 84 -36.57 18.44 31.60
N VAL C 85 -37.11 19.38 32.38
CA VAL C 85 -36.60 20.75 32.36
C VAL C 85 -35.13 20.79 32.72
N THR C 86 -34.66 19.89 33.61
CA THR C 86 -33.27 19.91 34.04
C THR C 86 -32.27 19.51 32.94
N ASP C 87 -32.71 18.84 31.88
CA ASP C 87 -31.79 18.52 30.79
C ASP C 87 -31.55 19.74 29.91
N VAL C 88 -30.30 19.92 29.51
CA VAL C 88 -29.94 20.98 28.59
C VAL C 88 -30.44 20.62 27.19
N VAL C 89 -30.97 21.60 26.47
CA VAL C 89 -31.47 21.34 25.12
C VAL C 89 -30.34 21.54 24.13
N LYS C 90 -29.98 20.48 23.41
CA LYS C 90 -28.82 20.49 22.55
C LYS C 90 -29.15 19.71 21.30
N ARG C 91 -28.35 19.91 20.24
CA ARG C 91 -28.51 19.12 19.04
C ARG C 91 -28.38 17.62 19.31
N CYS C 92 -29.09 16.82 18.47
CA CYS C 92 -28.93 15.38 18.47
C CYS C 92 -27.52 15.02 17.96
N PRO C 93 -26.97 13.88 18.37
CA PRO C 93 -25.67 13.49 17.83
C PRO C 93 -25.63 13.53 16.30
N ASN C 94 -26.74 13.14 15.64
CA ASN C 94 -26.72 12.99 14.19
C ASN C 94 -26.50 14.32 13.50
N HIS C 95 -27.22 15.34 13.94
CA HIS C 95 -27.04 16.65 13.33
C HIS C 95 -25.71 17.26 13.76
N GLU C 96 -25.33 17.04 15.03
CA GLU C 96 -24.09 17.63 15.54
C GLU C 96 -22.89 17.16 14.75
N LEU C 97 -22.74 15.86 14.55
CA LEU C 97 -21.54 15.38 13.88
C LEU C 97 -21.65 15.42 12.37
N GLY C 98 -22.80 15.83 11.83
CA GLY C 98 -22.98 15.86 10.38
C GLY C 98 -22.15 16.95 9.71
N ARG C 99 -21.83 16.75 8.43
CA ARG C 99 -21.11 17.76 7.68
C ARG C 99 -22.00 18.99 7.45
N ASP C 100 -23.31 18.82 7.42
CA ASP C 100 -24.26 19.90 7.12
C ASP C 100 -24.27 21.00 8.18
N PHE C 101 -24.10 22.24 7.71
CA PHE C 101 -24.23 23.44 8.52
C PHE C 101 -23.18 23.53 9.64
N ASN C 102 -22.11 22.75 9.51
CA ASN C 102 -21.16 22.57 10.62
C ASN C 102 -19.74 23.01 10.28
N GLU C 103 -19.16 22.48 9.22
CA GLU C 103 -17.85 22.94 8.81
C GLU C 103 -17.98 24.32 8.18
N GLY C 104 -17.08 25.23 8.57
CA GLY C 104 -17.15 26.61 8.09
C GLY C 104 -18.18 27.45 8.77
N GLN C 105 -18.51 27.14 10.02
CA GLN C 105 -19.50 27.87 10.79
C GLN C 105 -18.91 28.24 12.14
N SER C 106 -19.19 29.47 12.60
CA SER C 106 -18.71 29.93 13.91
C SER C 106 -19.60 29.47 15.07
N ALA C 107 -20.81 28.95 14.79
CA ALA C 107 -21.60 28.38 15.88
C ALA C 107 -21.06 27.00 16.25
N PRO C 108 -20.92 26.72 17.54
CA PRO C 108 -20.75 25.34 17.99
C PRO C 108 -21.79 24.39 17.40
N ALA C 109 -21.31 23.24 16.95
CA ALA C 109 -22.19 22.25 16.35
C ALA C 109 -23.19 21.68 17.32
N SER C 110 -23.09 21.96 18.61
CA SER C 110 -24.08 21.41 19.52
C SER C 110 -25.25 22.37 19.77
N HIS C 111 -25.03 23.69 19.77
CA HIS C 111 -26.11 24.65 20.01
C HIS C 111 -27.27 24.41 19.06
N LEU C 112 -28.49 24.44 19.62
CA LEU C 112 -29.72 24.27 18.85
C LEU C 112 -30.11 25.56 18.14
N ILE C 113 -30.04 26.69 18.85
CA ILE C 113 -30.48 27.98 18.32
C ILE C 113 -29.27 28.71 17.74
N ARG C 114 -29.39 29.13 16.49
CA ARG C 114 -28.38 29.98 15.86
C ARG C 114 -29.00 31.31 15.50
N VAL C 115 -28.14 32.32 15.34
CA VAL C 115 -28.57 33.60 14.82
C VAL C 115 -28.06 33.71 13.40
N GLU C 116 -28.96 34.03 12.46
CA GLU C 116 -28.59 34.21 11.07
C GLU C 116 -28.23 35.66 10.75
N GLY C 117 -27.14 35.84 10.00
CA GLY C 117 -26.81 37.16 9.48
C GLY C 117 -26.30 38.20 10.47
N ASN C 118 -25.62 37.79 11.54
CA ASN C 118 -25.12 38.77 12.50
C ASN C 118 -23.83 38.22 13.12
N ASN C 119 -22.67 38.67 12.63
CA ASN C 119 -21.38 38.16 13.11
C ASN C 119 -20.99 38.70 14.50
N LEU C 120 -21.79 39.56 15.11
CA LEU C 120 -21.58 39.98 16.50
C LEU C 120 -22.21 39.02 17.49
N SER C 121 -22.84 37.94 17.03
CA SER C 121 -23.55 37.06 17.95
C SER C 121 -22.54 36.17 18.69
N GLN C 122 -22.77 36.00 19.97
CA GLN C 122 -21.91 35.19 20.81
C GLN C 122 -22.66 33.94 21.29
N TYR C 123 -22.03 32.77 21.14
CA TYR C 123 -22.59 31.51 21.61
C TYR C 123 -22.01 31.22 22.98
N VAL C 124 -22.88 31.00 23.96
CA VAL C 124 -22.47 30.88 25.35
C VAL C 124 -22.69 29.44 25.79
N ASP C 125 -21.68 28.88 26.45
CA ASP C 125 -21.75 27.61 27.15
C ASP C 125 -21.45 27.96 28.59
N ASP C 126 -22.47 28.04 29.45
CA ASP C 126 -22.24 28.43 30.86
C ASP C 126 -21.45 27.38 31.62
N PRO C 127 -20.25 27.69 32.12
CA PRO C 127 -19.41 26.63 32.70
C PRO C 127 -20.00 26.00 33.94
N VAL C 128 -20.88 26.71 34.64
CA VAL C 128 -21.49 26.19 35.85
C VAL C 128 -22.80 25.47 35.54
N THR C 129 -23.65 26.00 34.64
CA THR C 129 -24.94 25.37 34.45
C THR C 129 -25.03 24.53 33.18
N GLY C 130 -24.01 24.56 32.31
CA GLY C 130 -24.06 23.88 31.03
C GLY C 130 -25.04 24.39 29.97
N ARG C 131 -26.00 25.23 30.38
CA ARG C 131 -26.98 25.74 29.43
C ARG C 131 -26.31 26.43 28.25
N GLN C 132 -26.84 26.18 27.05
CA GLN C 132 -26.38 26.83 25.83
C GLN C 132 -27.41 27.86 25.40
N SER C 133 -26.89 28.97 24.87
CA SER C 133 -27.71 30.11 24.44
C SER C 133 -26.96 30.82 23.33
N VAL C 134 -27.66 31.76 22.67
CA VAL C 134 -27.02 32.69 21.74
C VAL C 134 -27.45 34.11 22.07
N VAL C 135 -26.47 35.03 22.08
CA VAL C 135 -26.65 36.41 22.52
C VAL C 135 -26.28 37.33 21.36
N VAL C 136 -27.09 38.37 21.12
CA VAL C 136 -26.74 39.43 20.17
C VAL C 136 -26.87 40.77 20.88
N PRO C 137 -26.04 41.76 20.51
CA PRO C 137 -26.25 43.11 21.03
C PRO C 137 -27.59 43.67 20.55
N TYR C 138 -28.25 44.40 21.43
CA TYR C 138 -29.51 45.01 21.10
C TYR C 138 -29.27 46.11 20.11
N GLU C 139 -30.14 46.18 19.12
CA GLU C 139 -30.07 47.22 18.12
C GLU C 139 -31.44 47.83 17.94
N PRO C 140 -31.48 49.22 17.97
CA PRO C 140 -32.81 49.79 17.78
C PRO C 140 -33.29 49.55 16.38
N PRO C 141 -34.58 49.52 16.20
CA PRO C 141 -35.12 49.26 14.86
C PRO C 141 -34.52 50.26 13.89
N GLN C 142 -34.39 49.86 12.62
CA GLN C 142 -33.93 50.84 11.64
C GLN C 142 -34.87 52.03 11.66
N VAL C 143 -34.43 53.10 11.01
CA VAL C 143 -35.14 54.36 11.12
C VAL C 143 -36.52 54.18 10.50
N GLY C 144 -37.56 54.60 11.22
CA GLY C 144 -38.90 54.44 10.72
C GLY C 144 -39.46 53.04 10.83
N THR C 145 -38.68 52.07 11.27
CA THR C 145 -39.20 50.72 11.41
C THR C 145 -39.84 50.57 12.78
N GLU C 146 -40.75 49.60 12.88
CA GLU C 146 -41.45 49.41 14.13
C GLU C 146 -40.77 48.39 15.03
N PHE C 147 -40.23 47.31 14.49
CA PHE C 147 -39.62 46.35 15.46
C PHE C 147 -38.20 45.98 15.06
N THR C 148 -37.42 45.59 16.08
CA THR C 148 -36.12 45.01 15.82
C THR C 148 -36.33 43.54 15.50
N THR C 149 -35.96 43.14 14.30
CA THR C 149 -36.09 41.76 13.88
C THR C 149 -34.77 41.00 14.02
N ILE C 150 -34.85 39.81 14.61
CA ILE C 150 -33.72 38.92 14.82
C ILE C 150 -33.98 37.63 14.04
N LEU C 151 -33.04 37.25 13.17
CA LEU C 151 -33.19 36.06 12.32
C LEU C 151 -32.62 34.83 13.02
N TYR C 152 -33.50 34.00 13.57
CA TYR C 152 -33.06 32.80 14.25
C TYR C 152 -33.08 31.57 13.34
N ASN C 153 -32.27 30.59 13.73
CA ASN C 153 -32.22 29.29 13.01
C ASN C 153 -32.28 28.23 14.11
N PHE C 154 -32.98 27.12 13.90
CA PHE C 154 -33.14 26.05 14.86
C PHE C 154 -32.55 24.85 14.16
N MET C 155 -31.60 24.14 14.78
CA MET C 155 -30.83 23.12 14.02
C MET C 155 -31.21 21.65 14.24
N CYS C 156 -32.27 21.36 15.00
CA CYS C 156 -32.78 19.99 15.12
C CYS C 156 -34.29 19.98 15.05
N ASN C 157 -34.85 18.97 14.40
CA ASN C 157 -36.29 18.76 14.50
C ASN C 157 -36.62 18.36 15.92
N SER C 158 -37.79 18.81 16.39
CA SER C 158 -38.22 18.55 17.77
C SER C 158 -38.32 17.07 18.09
N SER C 159 -38.27 16.21 17.09
CA SER C 159 -38.42 14.78 17.25
C SER C 159 -37.11 14.03 17.12
N CYS C 160 -35.99 14.73 16.82
CA CYS C 160 -34.69 14.09 16.64
C CYS C 160 -34.37 13.13 17.77
N VAL C 161 -34.26 11.85 17.43
CA VAL C 161 -33.81 10.89 18.43
C VAL C 161 -32.38 11.25 18.85
N GLY C 162 -32.12 11.18 20.15
CA GLY C 162 -30.82 11.49 20.71
C GLY C 162 -30.67 12.92 21.16
N GLY C 163 -31.61 13.77 20.79
CA GLY C 163 -31.64 15.15 21.19
C GLY C 163 -32.99 15.44 21.80
N MET C 164 -33.73 16.40 21.23
CA MET C 164 -35.00 16.79 21.83
C MET C 164 -35.92 15.57 22.02
N ASN C 165 -35.94 14.65 21.05
CA ASN C 165 -36.64 13.37 21.14
C ASN C 165 -38.16 13.52 21.42
N ARG C 166 -38.82 14.27 20.54
CA ARG C 166 -40.25 14.62 20.65
C ARG C 166 -40.60 15.37 21.94
N ARG C 167 -39.58 15.83 22.73
CA ARG C 167 -39.94 16.59 23.95
C ARG C 167 -40.16 18.07 23.62
N PRO C 168 -41.32 18.63 24.01
CA PRO C 168 -41.60 20.05 23.73
C PRO C 168 -40.61 20.99 24.41
N ILE C 169 -40.20 22.02 23.67
CA ILE C 169 -39.36 23.06 24.23
C ILE C 169 -40.10 24.38 24.22
N LEU C 170 -39.65 25.29 25.07
CA LEU C 170 -40.00 26.71 25.02
C LEU C 170 -38.74 27.48 24.64
N ILE C 171 -38.86 28.48 23.78
CA ILE C 171 -37.75 29.41 23.52
C ILE C 171 -37.93 30.66 24.34
N ILE C 172 -36.87 31.05 25.04
CA ILE C 172 -36.92 32.13 25.99
C ILE C 172 -36.07 33.27 25.44
N ILE C 173 -36.72 34.37 25.07
CA ILE C 173 -36.05 35.61 24.66
C ILE C 173 -35.93 36.51 25.88
N THR C 174 -34.68 36.82 26.25
CA THR C 174 -34.39 37.62 27.43
C THR C 174 -33.69 38.92 27.01
N LEU C 175 -34.29 40.05 27.38
CA LEU C 175 -33.63 41.35 27.32
C LEU C 175 -32.80 41.53 28.58
N GLU C 176 -31.47 41.67 28.43
CA GLU C 176 -30.57 41.76 29.57
C GLU C 176 -29.39 42.69 29.26
N MET C 177 -28.76 43.22 30.31
CA MET C 177 -27.65 44.17 30.19
C MET C 177 -26.31 43.44 30.16
N ARG C 178 -25.23 44.21 30.02
CA ARG C 178 -23.83 43.71 29.96
C ARG C 178 -23.58 42.66 31.04
N ASP C 179 -23.82 43.01 32.30
CA ASP C 179 -23.67 42.07 33.40
C ASP C 179 -24.60 40.86 33.34
N GLY C 180 -25.78 40.96 32.73
CA GLY C 180 -26.72 39.85 32.73
C GLY C 180 -28.01 40.10 33.49
N GLN C 181 -28.23 41.26 34.12
CA GLN C 181 -29.49 41.50 34.82
C GLN C 181 -30.64 41.45 33.84
N VAL C 182 -31.74 40.84 34.27
CA VAL C 182 -32.89 40.61 33.41
C VAL C 182 -33.71 41.89 33.33
N LEU C 183 -33.85 42.43 32.11
CA LEU C 183 -34.69 43.59 31.88
C LEU C 183 -36.06 43.20 31.40
N GLY C 184 -36.17 41.98 30.90
CA GLY C 184 -37.43 41.49 30.40
C GLY C 184 -37.29 40.08 29.89
N ARG C 185 -38.44 39.47 29.64
CA ARG C 185 -38.47 38.07 29.25
C ARG C 185 -39.80 37.79 28.59
N ARG C 186 -39.75 37.16 27.42
CA ARG C 186 -40.94 36.59 26.83
C ARG C 186 -40.62 35.16 26.40
N SER C 187 -41.63 34.30 26.43
CA SER C 187 -41.39 32.92 26.04
C SER C 187 -42.59 32.40 25.27
N PHE C 188 -42.35 31.31 24.57
CA PHE C 188 -43.36 30.69 23.74
C PHE C 188 -42.87 29.27 23.42
N GLU C 189 -43.84 28.36 23.27
CA GLU C 189 -43.53 26.97 22.96
C GLU C 189 -42.92 26.87 21.56
N GLY C 190 -41.92 26.01 21.44
CA GLY C 190 -41.25 25.79 20.16
C GLY C 190 -41.49 24.38 19.66
N ARG C 191 -41.63 24.28 18.34
CA ARG C 191 -41.77 22.97 17.71
C ARG C 191 -41.08 23.04 16.35
N ILE C 192 -40.03 22.27 16.21
CA ILE C 192 -39.36 22.12 14.93
C ILE C 192 -39.93 20.89 14.27
N CYS C 193 -40.20 21.00 12.97
CA CYS C 193 -40.81 19.91 12.23
C CYS C 193 -40.64 20.16 10.74
N ALA C 194 -41.25 19.28 9.95
CA ALA C 194 -41.15 19.35 8.50
C ALA C 194 -42.38 19.94 7.84
N CYS C 195 -43.55 19.86 8.46
CA CYS C 195 -44.78 20.44 7.91
C CYS C 195 -45.43 21.32 8.96
N PRO C 196 -44.95 22.57 9.11
CA PRO C 196 -45.50 23.42 10.18
C PRO C 196 -46.98 23.77 10.01
N GLY C 197 -47.45 24.08 8.80
CA GLY C 197 -48.87 24.30 8.63
C GLY C 197 -49.72 23.10 9.06
N ARG C 198 -49.29 21.90 8.68
CA ARG C 198 -50.04 20.71 9.07
C ARG C 198 -50.15 20.61 10.58
N ASP C 199 -49.01 20.59 11.26
CA ASP C 199 -48.98 20.39 12.71
C ASP C 199 -49.65 21.55 13.47
N ARG C 200 -49.66 22.76 12.91
CA ARG C 200 -50.37 23.85 13.56
C ARG C 200 -51.88 23.67 13.42
N LYS C 201 -52.37 23.48 12.20
CA LYS C 201 -53.80 23.20 12.02
C LYS C 201 -54.24 22.03 12.88
N ALA C 202 -53.37 21.04 13.08
CA ALA C 202 -53.75 19.89 13.88
C ALA C 202 -53.87 20.24 15.36
N ASP C 203 -52.92 21.04 15.88
CA ASP C 203 -53.01 21.46 17.29
C ASP C 203 -54.11 22.48 17.54
N GLU C 204 -54.38 23.36 16.58
CA GLU C 204 -55.49 24.29 16.74
C GLU C 204 -56.83 23.57 16.64
N ASP C 205 -56.90 22.49 15.86
CA ASP C 205 -58.13 21.70 15.83
C ASP C 205 -58.34 20.96 17.14
N HIS C 206 -57.28 20.36 17.71
CA HIS C 206 -57.46 19.67 18.98
C HIS C 206 -57.64 20.62 20.15
N TYR C 207 -57.39 21.92 19.98
CA TYR C 207 -57.72 22.90 20.99
C TYR C 207 -59.22 23.03 21.20
N ARG C 208 -60.01 22.64 20.20
CA ARG C 208 -61.46 22.67 20.28
C ARG C 208 -61.94 21.22 20.35
N GLU C 209 -61.69 20.59 21.50
CA GLU C 209 -61.85 19.16 21.71
C GLU C 209 -62.92 18.94 22.75
N GLN C 210 -63.90 18.11 22.42
CA GLN C 210 -65.00 17.76 23.36
C GLN C 210 -65.58 19.06 23.92
N GLU D 11 -12.31 -9.40 0.94
CA GLU D 11 -13.65 -9.56 0.38
C GLU D 11 -14.50 -8.29 0.58
N PHE D 12 -14.44 -7.36 -0.38
CA PHE D 12 -15.22 -6.13 -0.27
C PHE D 12 -16.71 -6.42 -0.20
N ILE D 13 -17.16 -7.43 -0.93
CA ILE D 13 -18.56 -7.86 -0.91
C ILE D 13 -18.61 -9.33 -0.49
N PRO D 14 -18.98 -9.63 0.74
CA PRO D 14 -19.01 -11.03 1.19
C PRO D 14 -20.19 -11.78 0.59
N SER D 15 -19.96 -13.05 0.31
CA SER D 15 -20.99 -13.86 -0.33
C SER D 15 -22.11 -14.18 0.66
N ASN D 16 -23.33 -14.27 0.12
CA ASN D 16 -24.48 -14.65 0.91
C ASN D 16 -25.07 -15.97 0.44
N THR D 17 -24.35 -16.73 -0.39
CA THR D 17 -24.88 -17.98 -0.90
C THR D 17 -24.99 -19.04 0.20
N ASP D 18 -26.12 -19.72 0.23
CA ASP D 18 -26.24 -20.87 1.12
C ASP D 18 -25.20 -21.91 0.77
N TYR D 19 -24.56 -22.44 1.81
CA TYR D 19 -23.54 -23.47 1.67
C TYR D 19 -23.61 -24.32 2.94
N PRO D 20 -24.25 -25.49 2.86
CA PRO D 20 -24.27 -26.36 4.05
C PRO D 20 -22.91 -26.97 4.40
N GLY D 21 -22.13 -27.39 3.41
CA GLY D 21 -20.77 -27.80 3.66
C GLY D 21 -20.60 -29.16 4.32
N PRO D 22 -19.38 -29.43 4.81
CA PRO D 22 -19.07 -30.77 5.36
C PRO D 22 -19.79 -31.10 6.66
N HIS D 23 -20.35 -30.11 7.35
CA HIS D 23 -21.04 -30.40 8.59
C HIS D 23 -22.53 -30.10 8.51
N HIS D 24 -23.03 -29.74 7.33
CA HIS D 24 -24.46 -29.45 7.15
C HIS D 24 -24.93 -28.38 8.13
N PHE D 25 -24.43 -27.16 7.95
CA PHE D 25 -24.76 -26.03 8.82
C PHE D 25 -26.15 -25.56 8.49
N GLU D 26 -27.05 -25.57 9.46
CA GLU D 26 -28.41 -25.08 9.24
C GLU D 26 -28.77 -24.04 10.29
N VAL D 27 -29.40 -22.95 9.84
CA VAL D 27 -29.86 -21.90 10.73
C VAL D 27 -31.39 -21.92 10.71
N THR D 28 -31.98 -22.00 11.90
CA THR D 28 -33.42 -22.14 12.10
C THR D 28 -33.86 -21.25 13.24
N PHE D 29 -35.15 -20.98 13.30
CA PHE D 29 -35.69 -20.16 14.37
C PHE D 29 -36.76 -20.93 15.12
N GLN D 30 -36.80 -20.73 16.44
CA GLN D 30 -37.83 -21.37 17.26
C GLN D 30 -39.20 -20.70 17.01
N GLN D 31 -40.21 -21.29 17.59
CA GLN D 31 -41.54 -20.73 17.48
C GLN D 31 -41.58 -19.43 18.28
N SER D 32 -42.11 -18.36 17.68
CA SER D 32 -42.08 -17.03 18.25
C SER D 32 -43.49 -16.50 18.47
N SER D 33 -43.54 -15.31 19.05
CA SER D 33 -44.80 -14.68 19.37
C SER D 33 -45.39 -14.03 18.12
N THR D 34 -46.70 -14.19 17.96
CA THR D 34 -47.51 -13.53 16.96
C THR D 34 -47.97 -12.13 17.41
N ALA D 35 -47.72 -11.76 18.66
CA ALA D 35 -48.03 -10.43 19.16
C ALA D 35 -47.52 -9.34 18.22
N LYS D 36 -48.30 -8.25 18.10
CA LYS D 36 -47.91 -7.12 17.27
C LYS D 36 -46.51 -6.58 17.62
N SER D 37 -46.25 -6.30 18.90
CA SER D 37 -44.90 -5.83 19.24
C SER D 37 -44.13 -6.85 20.10
N ALA D 38 -44.18 -8.13 19.72
CA ALA D 38 -43.32 -9.13 20.34
C ALA D 38 -41.85 -8.73 20.19
N THR D 39 -40.99 -9.32 21.03
CA THR D 39 -39.59 -8.94 20.95
C THR D 39 -39.02 -9.34 19.60
N TRP D 40 -39.38 -10.52 19.10
CA TRP D 40 -38.91 -10.92 17.78
C TRP D 40 -39.87 -11.95 17.20
N THR D 41 -39.95 -11.99 15.87
CA THR D 41 -40.67 -13.04 15.19
C THR D 41 -39.94 -13.39 13.90
N TYR D 42 -40.14 -14.61 13.43
CA TYR D 42 -39.55 -15.03 12.18
C TYR D 42 -40.67 -15.45 11.23
N SER D 43 -40.54 -15.02 9.98
CA SER D 43 -41.45 -15.38 8.89
C SER D 43 -40.75 -16.39 7.99
N PRO D 44 -41.04 -17.68 8.13
CA PRO D 44 -40.47 -18.65 7.18
C PRO D 44 -40.74 -18.30 5.73
N LEU D 45 -41.98 -17.90 5.40
CA LEU D 45 -42.31 -17.50 4.04
C LEU D 45 -41.34 -16.46 3.49
N LEU D 46 -41.01 -15.44 4.28
CA LEU D 46 -40.19 -14.37 3.74
C LEU D 46 -38.71 -14.59 3.98
N LYS D 47 -38.33 -15.65 4.70
CA LYS D 47 -36.94 -15.86 5.14
C LYS D 47 -36.39 -14.58 5.78
N LYS D 48 -37.20 -13.98 6.64
CA LYS D 48 -36.99 -12.63 7.15
C LYS D 48 -37.14 -12.65 8.67
N LEU D 49 -36.08 -12.24 9.37
CA LEU D 49 -36.13 -12.07 10.81
C LEU D 49 -36.60 -10.66 11.15
N TYR D 50 -37.57 -10.58 12.03
CA TYR D 50 -38.00 -9.34 12.64
C TYR D 50 -37.57 -9.34 14.10
N CYS D 51 -37.13 -8.20 14.61
CA CYS D 51 -36.89 -8.10 16.05
C CYS D 51 -36.82 -6.63 16.42
N GLN D 52 -36.85 -6.40 17.72
CA GLN D 52 -36.79 -5.05 18.26
C GLN D 52 -35.37 -4.74 18.66
N ILE D 53 -35.06 -3.45 18.72
CA ILE D 53 -33.71 -3.02 19.06
C ILE D 53 -33.33 -3.53 20.46
N ALA D 54 -32.14 -4.11 20.57
CA ALA D 54 -31.52 -4.46 21.84
C ALA D 54 -32.21 -5.60 22.59
N LYS D 55 -33.18 -6.27 21.98
CA LYS D 55 -33.78 -7.42 22.62
C LYS D 55 -32.98 -8.68 22.26
N THR D 56 -33.13 -9.68 23.10
CA THR D 56 -32.47 -10.97 22.90
C THR D 56 -33.13 -11.71 21.72
N CYS D 57 -32.36 -11.96 20.64
CA CYS D 57 -32.80 -12.83 19.55
C CYS D 57 -32.12 -14.18 19.63
N PRO D 58 -32.82 -15.27 19.96
CA PRO D 58 -32.14 -16.58 19.97
C PRO D 58 -32.12 -17.16 18.56
N ILE D 59 -30.93 -17.52 18.10
CA ILE D 59 -30.80 -18.18 16.80
C ILE D 59 -30.33 -19.61 17.03
N GLN D 60 -30.79 -20.47 16.15
CA GLN D 60 -30.54 -21.91 16.23
C GLN D 60 -29.69 -22.40 15.07
N ILE D 61 -28.52 -22.93 15.42
CA ILE D 61 -27.64 -23.59 14.47
C ILE D 61 -27.76 -25.08 14.64
N LYS D 62 -27.52 -25.79 13.53
CA LYS D 62 -27.37 -27.24 13.58
C LYS D 62 -26.17 -27.65 12.75
N VAL D 63 -25.41 -28.67 13.20
CA VAL D 63 -24.31 -29.32 12.42
C VAL D 63 -24.49 -30.84 12.53
N SER D 64 -24.30 -31.55 11.42
CA SER D 64 -24.44 -33.03 11.37
C SER D 64 -23.28 -33.67 12.15
N THR D 65 -22.06 -33.40 11.68
CA THR D 65 -20.80 -33.86 12.33
C THR D 65 -20.14 -32.61 12.89
N PRO D 66 -19.57 -32.64 14.10
CA PRO D 66 -18.96 -31.43 14.68
C PRO D 66 -17.78 -30.91 13.85
N PRO D 67 -17.60 -29.57 13.73
CA PRO D 67 -16.46 -28.98 13.03
C PRO D 67 -15.24 -29.07 13.98
N PRO D 68 -13.84 -28.88 13.50
CA PRO D 68 -12.50 -29.01 14.09
C PRO D 68 -12.29 -28.08 15.30
N PRO D 69 -11.37 -28.43 16.24
CA PRO D 69 -11.08 -27.59 17.43
C PRO D 69 -10.72 -26.15 17.00
N GLY D 70 -11.19 -25.14 17.75
CA GLY D 70 -10.98 -23.79 17.30
C GLY D 70 -11.95 -23.31 16.27
N THR D 71 -13.01 -24.09 15.97
CA THR D 71 -14.02 -23.63 14.97
C THR D 71 -14.93 -22.60 15.68
N ALA D 72 -15.56 -21.75 14.89
CA ALA D 72 -16.28 -20.61 15.44
C ALA D 72 -17.43 -20.16 14.53
N ILE D 73 -18.30 -19.31 15.09
CA ILE D 73 -19.48 -18.78 14.42
C ILE D 73 -19.29 -17.28 14.23
N ARG D 74 -19.56 -16.81 13.02
CA ARG D 74 -19.43 -15.39 12.71
C ARG D 74 -20.77 -14.84 12.19
N ALA D 75 -21.06 -13.61 12.62
CA ALA D 75 -22.26 -12.90 12.22
C ALA D 75 -21.84 -11.53 11.70
N MET D 76 -22.10 -11.29 10.42
CA MET D 76 -21.85 -10.05 9.73
C MET D 76 -23.12 -9.55 9.07
N PRO D 77 -23.50 -8.29 9.28
CA PRO D 77 -24.61 -7.72 8.52
C PRO D 77 -24.17 -7.18 7.17
N VAL D 78 -25.07 -7.28 6.20
CA VAL D 78 -24.83 -6.73 4.86
C VAL D 78 -26.15 -6.21 4.32
N TYR D 79 -26.07 -5.11 3.57
CA TYR D 79 -27.25 -4.52 2.95
C TYR D 79 -27.75 -5.37 1.79
N LYS D 80 -29.08 -5.36 1.60
CA LYS D 80 -29.71 -6.23 0.62
C LYS D 80 -29.47 -5.72 -0.79
N LYS D 81 -29.96 -4.52 -1.07
CA LYS D 81 -29.94 -3.96 -2.42
C LYS D 81 -28.53 -3.90 -2.97
N ALA D 82 -28.39 -4.25 -4.25
CA ALA D 82 -27.08 -4.19 -4.91
C ALA D 82 -26.49 -2.79 -4.86
N GLU D 83 -27.33 -1.75 -4.86
CA GLU D 83 -26.83 -0.38 -4.86
C GLU D 83 -26.11 -0.03 -3.57
N HIS D 84 -26.42 -0.70 -2.46
CA HIS D 84 -25.86 -0.31 -1.17
C HIS D 84 -24.97 -1.39 -0.55
N VAL D 85 -24.61 -2.44 -1.31
CA VAL D 85 -23.85 -3.56 -0.72
C VAL D 85 -22.45 -3.15 -0.30
N THR D 86 -21.90 -2.11 -0.91
CA THR D 86 -20.51 -1.74 -0.71
C THR D 86 -20.27 -0.95 0.56
N ASP D 87 -21.33 -0.64 1.32
CA ASP D 87 -21.25 0.13 2.56
C ASP D 87 -21.22 -0.82 3.75
N VAL D 88 -20.31 -0.55 4.70
CA VAL D 88 -20.24 -1.31 5.95
C VAL D 88 -21.43 -0.96 6.82
N VAL D 89 -22.06 -1.96 7.42
CA VAL D 89 -23.23 -1.71 8.28
C VAL D 89 -22.79 -1.49 9.72
N LYS D 90 -23.12 -0.30 10.26
CA LYS D 90 -22.79 0.12 11.61
C LYS D 90 -24.03 0.75 12.26
N ARG D 91 -23.94 1.01 13.57
CA ARG D 91 -24.95 1.80 14.29
C ARG D 91 -24.96 3.25 13.83
N CYS D 92 -26.14 3.85 13.85
CA CYS D 92 -26.21 5.27 13.53
C CYS D 92 -25.53 6.08 14.65
N PRO D 93 -25.16 7.32 14.36
CA PRO D 93 -24.51 8.13 15.41
C PRO D 93 -25.29 8.22 16.70
N ASN D 94 -26.61 8.44 16.63
CA ASN D 94 -27.45 8.60 17.82
C ASN D 94 -27.31 7.42 18.79
N HIS D 95 -27.41 6.18 18.30
CA HIS D 95 -27.29 5.02 19.20
C HIS D 95 -25.85 4.73 19.58
N GLU D 96 -24.90 5.12 18.72
CA GLU D 96 -23.49 4.88 19.05
C GLU D 96 -23.02 5.76 20.19
N LEU D 97 -23.31 7.06 20.10
CA LEU D 97 -22.87 7.99 21.15
C LEU D 97 -23.82 8.05 22.34
N GLY D 98 -25.08 7.65 22.16
CA GLY D 98 -26.05 7.77 23.24
C GLY D 98 -25.76 6.82 24.37
N ARG D 99 -26.23 7.17 25.57
CA ARG D 99 -25.86 6.40 26.76
C ARG D 99 -26.59 5.05 26.83
N ASP D 100 -27.66 4.85 26.07
CA ASP D 100 -28.42 3.61 26.13
C ASP D 100 -27.60 2.42 25.61
N PHE D 101 -27.53 1.37 26.45
CA PHE D 101 -26.84 0.11 26.15
C PHE D 101 -25.35 0.32 25.86
N ASN D 102 -24.73 1.32 26.49
CA ASN D 102 -23.32 1.58 26.22
C ASN D 102 -22.47 1.73 27.47
N GLU D 103 -23.07 2.08 28.62
CA GLU D 103 -22.33 2.14 29.88
C GLU D 103 -21.86 0.74 30.25
N GLY D 104 -20.55 0.59 30.41
CA GLY D 104 -19.99 -0.69 30.81
C GLY D 104 -20.26 -1.82 29.85
N GLN D 105 -19.98 -1.63 28.57
CA GLN D 105 -20.08 -2.72 27.62
C GLN D 105 -18.75 -2.99 26.93
N SER D 106 -18.41 -4.28 26.84
CA SER D 106 -17.24 -4.75 26.11
C SER D 106 -17.41 -4.54 24.62
N ALA D 107 -18.62 -4.72 24.11
CA ALA D 107 -18.86 -4.57 22.68
C ALA D 107 -18.56 -3.14 22.24
N PRO D 108 -17.89 -2.94 21.11
CA PRO D 108 -17.70 -1.58 20.61
C PRO D 108 -19.04 -0.93 20.27
N ALA D 109 -19.18 0.33 20.66
CA ALA D 109 -20.46 0.98 20.50
C ALA D 109 -20.88 1.11 19.05
N SER D 110 -20.08 0.63 18.10
CA SER D 110 -20.35 0.83 16.69
C SER D 110 -20.96 -0.38 15.99
N HIS D 111 -20.78 -1.59 16.52
CA HIS D 111 -21.23 -2.78 15.81
C HIS D 111 -22.75 -2.90 15.86
N LEU D 112 -23.35 -3.28 14.73
CA LEU D 112 -24.81 -3.45 14.74
C LEU D 112 -25.21 -4.68 15.55
N ILE D 113 -24.42 -5.74 15.47
CA ILE D 113 -24.75 -7.04 16.03
C ILE D 113 -23.87 -7.27 17.26
N ARG D 114 -24.50 -7.70 18.35
CA ARG D 114 -23.77 -8.09 19.54
C ARG D 114 -24.13 -9.53 19.89
N VAL D 115 -23.27 -10.16 20.65
CA VAL D 115 -23.65 -11.42 21.26
C VAL D 115 -24.01 -11.18 22.72
N GLU D 116 -25.08 -11.84 23.17
CA GLU D 116 -25.46 -11.82 24.57
C GLU D 116 -25.02 -13.11 25.28
N GLY D 117 -24.52 -12.97 26.50
CA GLY D 117 -24.31 -14.09 27.39
C GLY D 117 -23.12 -14.95 27.06
N ASN D 118 -21.99 -14.32 26.73
CA ASN D 118 -20.80 -15.05 26.33
C ASN D 118 -19.61 -14.14 26.57
N ASN D 119 -18.74 -14.52 27.51
CA ASN D 119 -17.52 -13.76 27.81
C ASN D 119 -16.52 -13.85 26.66
N LEU D 120 -16.58 -14.94 25.91
CA LEU D 120 -15.65 -15.31 24.86
C LEU D 120 -16.05 -14.73 23.49
N SER D 121 -16.98 -13.79 23.48
CA SER D 121 -17.29 -13.09 22.23
C SER D 121 -16.15 -12.13 21.90
N GLN D 122 -15.68 -12.18 20.65
CA GLN D 122 -14.66 -11.27 20.14
C GLN D 122 -15.26 -10.45 19.01
N TYR D 123 -15.03 -9.13 19.03
CA TYR D 123 -15.57 -8.23 18.02
C TYR D 123 -14.48 -7.82 17.03
N VAL D 124 -14.72 -8.10 15.76
CA VAL D 124 -13.72 -7.99 14.71
C VAL D 124 -14.01 -6.73 13.93
N ASP D 125 -12.94 -5.94 13.74
CA ASP D 125 -12.92 -4.75 12.84
C ASP D 125 -11.89 -5.06 11.76
N ASP D 126 -12.33 -5.39 10.53
CA ASP D 126 -11.41 -5.80 9.47
C ASP D 126 -10.54 -4.64 9.00
N PRO D 127 -9.21 -4.74 9.10
CA PRO D 127 -8.34 -3.64 8.63
C PRO D 127 -8.43 -3.39 7.13
N VAL D 128 -8.57 -4.45 6.32
CA VAL D 128 -8.74 -4.34 4.86
C VAL D 128 -10.14 -3.86 4.51
N THR D 129 -11.16 -4.69 4.77
CA THR D 129 -12.51 -4.40 4.30
C THR D 129 -13.23 -3.36 5.16
N GLY D 130 -12.81 -3.19 6.41
CA GLY D 130 -13.55 -2.37 7.35
C GLY D 130 -14.77 -3.04 7.95
N ARG D 131 -15.11 -4.26 7.52
CA ARG D 131 -16.34 -4.87 7.99
C ARG D 131 -16.29 -5.12 9.50
N GLN D 132 -17.45 -4.99 10.13
CA GLN D 132 -17.59 -5.34 11.53
C GLN D 132 -18.40 -6.62 11.63
N SER D 133 -17.97 -7.49 12.55
CA SER D 133 -18.64 -8.76 12.74
C SER D 133 -18.31 -9.24 14.15
N VAL D 134 -19.13 -10.14 14.66
CA VAL D 134 -18.96 -10.64 16.01
C VAL D 134 -18.82 -12.15 15.92
N VAL D 135 -17.84 -12.69 16.64
CA VAL D 135 -17.49 -14.09 16.53
C VAL D 135 -17.50 -14.74 17.92
N VAL D 136 -18.01 -15.96 17.97
CA VAL D 136 -17.92 -16.76 19.18
C VAL D 136 -17.39 -18.13 18.83
N PRO D 137 -16.54 -18.70 19.67
CA PRO D 137 -16.10 -20.08 19.46
C PRO D 137 -17.31 -21.02 19.46
N TYR D 138 -17.26 -21.99 18.56
CA TYR D 138 -18.32 -23.00 18.51
C TYR D 138 -18.38 -23.77 19.81
N GLU D 139 -19.60 -24.00 20.27
CA GLU D 139 -19.88 -24.89 21.38
C GLU D 139 -20.83 -25.99 20.91
N PRO D 140 -20.52 -27.26 21.13
CA PRO D 140 -21.50 -28.32 20.81
C PRO D 140 -22.74 -28.20 21.67
N PRO D 141 -23.91 -28.56 21.12
CA PRO D 141 -25.14 -28.57 21.95
C PRO D 141 -24.91 -29.37 23.22
N GLN D 142 -25.57 -28.94 24.29
CA GLN D 142 -25.47 -29.70 25.53
C GLN D 142 -26.25 -31.01 25.37
N VAL D 143 -25.79 -32.06 26.07
CA VAL D 143 -26.43 -33.37 26.04
C VAL D 143 -27.94 -33.29 26.05
N GLY D 144 -28.58 -34.05 25.17
CA GLY D 144 -30.01 -34.02 25.03
C GLY D 144 -30.52 -32.93 24.13
N THR D 145 -29.74 -31.87 23.94
CA THR D 145 -30.21 -30.75 23.15
C THR D 145 -29.87 -31.00 21.68
N GLU D 146 -30.63 -30.39 20.78
CA GLU D 146 -30.41 -30.65 19.37
C GLU D 146 -29.63 -29.53 18.70
N PHE D 147 -29.83 -28.31 19.17
CA PHE D 147 -29.26 -27.11 18.59
C PHE D 147 -28.29 -26.48 19.57
N THR D 148 -27.43 -25.63 19.02
CA THR D 148 -26.65 -24.71 19.83
C THR D 148 -27.29 -23.35 19.63
N THR D 149 -27.41 -22.59 20.72
CA THR D 149 -28.16 -21.35 20.65
C THR D 149 -27.21 -20.19 20.92
N ILE D 150 -27.14 -19.27 19.97
CA ILE D 150 -26.37 -18.04 20.10
C ILE D 150 -27.38 -16.92 20.33
N LEU D 151 -27.14 -16.10 21.35
CA LEU D 151 -28.00 -14.98 21.66
C LEU D 151 -27.49 -13.74 20.95
N TYR D 152 -28.30 -13.22 20.02
CA TYR D 152 -27.92 -12.06 19.22
C TYR D 152 -28.76 -10.83 19.57
N ASN D 153 -28.13 -9.68 19.56
CA ASN D 153 -28.79 -8.42 19.76
C ASN D 153 -28.50 -7.59 18.57
N PHE D 154 -29.42 -6.74 18.19
CA PHE D 154 -29.24 -5.85 17.07
C PHE D 154 -29.45 -4.47 17.64
N MET D 155 -28.45 -3.62 17.57
CA MET D 155 -28.48 -2.29 18.19
C MET D 155 -29.10 -1.10 17.51
N CYS D 156 -29.48 -1.23 16.27
CA CYS D 156 -30.13 -0.10 15.63
C CYS D 156 -31.40 -0.57 14.96
N ASN D 157 -32.33 0.36 14.76
CA ASN D 157 -33.47 0.04 13.93
C ASN D 157 -33.06 0.11 12.47
N SER D 158 -33.68 -0.77 11.69
CA SER D 158 -33.54 -0.71 10.24
C SER D 158 -33.89 0.67 9.70
N SER D 159 -34.77 1.38 10.40
CA SER D 159 -35.21 2.69 9.92
C SER D 159 -34.37 3.85 10.42
N CYS D 160 -33.27 3.57 11.11
CA CYS D 160 -32.48 4.66 11.68
C CYS D 160 -31.88 5.53 10.61
N VAL D 161 -32.08 6.83 10.71
CA VAL D 161 -31.48 7.74 9.75
C VAL D 161 -30.01 7.94 10.12
N GLY D 162 -29.15 7.99 9.11
CA GLY D 162 -27.74 8.17 9.39
C GLY D 162 -27.09 6.81 9.53
N GLY D 163 -27.91 5.76 9.66
CA GLY D 163 -27.38 4.42 9.75
C GLY D 163 -27.89 3.61 8.59
N MET D 164 -28.70 2.61 8.92
CA MET D 164 -29.27 1.77 7.88
C MET D 164 -30.29 2.54 7.04
N ASN D 165 -31.01 3.48 7.63
CA ASN D 165 -31.84 4.41 6.86
C ASN D 165 -32.82 3.68 5.94
N ARG D 166 -33.71 2.92 6.56
CA ARG D 166 -34.78 2.12 5.95
C ARG D 166 -34.28 1.15 4.88
N ARG D 167 -32.96 0.93 4.79
CA ARG D 167 -32.42 -0.03 3.81
C ARG D 167 -32.37 -1.45 4.39
N PRO D 168 -33.10 -2.41 3.82
CA PRO D 168 -33.01 -3.79 4.32
C PRO D 168 -31.59 -4.34 4.28
N ILE D 169 -31.32 -5.23 5.23
CA ILE D 169 -30.05 -5.95 5.32
C ILE D 169 -30.28 -7.44 5.39
N LEU D 170 -29.17 -8.15 5.27
CA LEU D 170 -29.18 -9.59 5.41
C LEU D 170 -28.12 -9.92 6.47
N ILE D 171 -28.34 -10.92 7.29
CA ILE D 171 -27.47 -11.38 8.37
C ILE D 171 -26.76 -12.61 7.85
N ILE D 172 -25.42 -12.56 7.75
CA ILE D 172 -24.64 -13.72 7.36
C ILE D 172 -24.06 -14.40 8.58
N ILE D 173 -24.52 -15.63 8.83
CA ILE D 173 -23.93 -16.52 9.82
C ILE D 173 -22.97 -17.44 9.09
N THR D 174 -21.75 -17.51 9.59
CA THR D 174 -20.69 -18.26 8.94
C THR D 174 -19.99 -19.18 9.92
N LEU D 175 -19.92 -20.45 9.55
CA LEU D 175 -19.16 -21.46 10.28
C LEU D 175 -17.75 -21.46 9.71
N GLU D 176 -16.77 -21.05 10.53
CA GLU D 176 -15.39 -20.90 10.08
C GLU D 176 -14.44 -21.77 10.89
N MET D 177 -13.31 -22.10 10.23
CA MET D 177 -12.16 -22.71 10.85
C MET D 177 -11.24 -21.62 11.40
N ARG D 178 -10.59 -21.91 12.53
CA ARG D 178 -9.73 -21.00 13.30
C ARG D 178 -8.85 -20.14 12.40
N ASP D 179 -8.39 -20.69 11.26
CA ASP D 179 -7.63 -19.88 10.31
C ASP D 179 -8.50 -18.86 9.59
N GLY D 180 -9.81 -19.11 9.47
CA GLY D 180 -10.71 -18.32 8.64
C GLY D 180 -11.46 -19.14 7.59
N GLN D 181 -11.18 -20.43 7.45
CA GLN D 181 -11.74 -21.24 6.38
C GLN D 181 -13.23 -21.47 6.60
N VAL D 182 -14.05 -20.95 5.68
CA VAL D 182 -15.50 -21.16 5.78
C VAL D 182 -15.84 -22.63 5.64
N LEU D 183 -16.59 -23.15 6.62
CA LEU D 183 -17.13 -24.51 6.60
C LEU D 183 -18.60 -24.56 6.23
N GLY D 184 -19.28 -23.43 6.26
CA GLY D 184 -20.70 -23.36 6.01
C GLY D 184 -21.18 -21.92 6.21
N ARG D 185 -22.33 -21.62 5.59
CA ARG D 185 -22.83 -20.26 5.52
C ARG D 185 -24.34 -20.25 5.33
N ARG D 186 -25.01 -19.43 6.13
CA ARG D 186 -26.45 -19.20 6.01
C ARG D 186 -26.73 -17.72 6.14
N SER D 187 -27.66 -17.21 5.34
CA SER D 187 -28.04 -15.81 5.43
C SER D 187 -29.55 -15.71 5.45
N PHE D 188 -30.05 -14.68 6.14
CA PHE D 188 -31.49 -14.38 6.15
C PHE D 188 -31.69 -12.87 6.20
N GLU D 189 -32.89 -12.42 5.79
CA GLU D 189 -33.19 -11.00 5.85
C GLU D 189 -33.40 -10.59 7.30
N GLY D 190 -32.86 -9.42 7.65
CA GLY D 190 -33.03 -8.92 9.00
C GLY D 190 -33.72 -7.58 9.00
N ARG D 191 -34.74 -7.40 9.83
CA ARG D 191 -35.42 -6.12 9.96
C ARG D 191 -35.57 -5.79 11.44
N ILE D 192 -34.89 -4.75 11.89
CA ILE D 192 -35.10 -4.28 13.25
C ILE D 192 -36.17 -3.19 13.21
N CYS D 193 -37.24 -3.40 13.95
CA CYS D 193 -38.34 -2.45 14.01
C CYS D 193 -38.94 -2.46 15.40
N ALA D 194 -39.85 -1.50 15.63
CA ALA D 194 -40.53 -1.41 16.92
C ALA D 194 -41.60 -2.49 17.10
N CYS D 195 -42.32 -2.85 16.05
CA CYS D 195 -43.54 -3.65 16.16
C CYS D 195 -43.46 -4.85 15.20
N PRO D 196 -42.71 -5.88 15.59
CA PRO D 196 -42.40 -6.97 14.63
C PRO D 196 -43.63 -7.69 14.09
N GLY D 197 -44.52 -8.13 14.99
CA GLY D 197 -45.77 -8.75 14.56
C GLY D 197 -46.47 -7.96 13.48
N ARG D 198 -46.52 -6.63 13.62
CA ARG D 198 -47.18 -5.78 12.63
C ARG D 198 -46.47 -5.82 11.29
N ASP D 199 -45.17 -5.55 11.28
CA ASP D 199 -44.38 -5.44 10.06
C ASP D 199 -44.19 -6.78 9.36
N ARG D 200 -44.37 -7.89 10.09
CA ARG D 200 -44.41 -9.20 9.44
C ARG D 200 -45.74 -9.41 8.74
N LYS D 201 -46.85 -9.16 9.43
CA LYS D 201 -48.14 -9.38 8.82
C LYS D 201 -48.31 -8.46 7.60
N ALA D 202 -47.85 -7.21 7.69
CA ALA D 202 -47.92 -6.33 6.54
C ALA D 202 -47.12 -6.87 5.37
N ASP D 203 -45.91 -7.35 5.65
CA ASP D 203 -45.04 -7.86 4.59
C ASP D 203 -45.66 -9.09 3.91
N GLU D 204 -46.22 -10.01 4.69
CA GLU D 204 -46.76 -11.24 4.12
C GLU D 204 -48.05 -10.98 3.34
N ASP D 205 -48.91 -10.13 3.90
CA ASP D 205 -50.20 -9.81 3.23
C ASP D 205 -49.86 -9.23 1.87
N HIS D 206 -48.71 -8.56 1.78
CA HIS D 206 -48.33 -7.91 0.50
C HIS D 206 -47.42 -8.85 -0.29
N TYR D 207 -47.18 -10.05 0.22
CA TYR D 207 -46.42 -11.04 -0.57
C TYR D 207 -47.45 -11.89 -1.31
N ARG D 208 -48.71 -11.43 -1.29
CA ARG D 208 -49.75 -12.14 -2.08
C ARG D 208 -49.29 -12.10 -3.53
N GLU D 209 -48.70 -10.99 -3.96
CA GLU D 209 -48.15 -10.91 -5.34
C GLU D 209 -46.72 -11.46 -5.33
N GLU E 11 -5.36 4.31 34.46
CA GLU E 11 -5.42 5.75 34.22
C GLU E 11 -4.12 6.44 34.66
N PHE E 12 -3.82 7.57 34.02
CA PHE E 12 -2.61 8.34 34.38
C PHE E 12 -2.91 9.29 35.53
N ILE E 13 -3.79 10.26 35.30
CA ILE E 13 -4.16 11.21 36.35
C ILE E 13 -5.26 10.60 37.21
N PRO E 14 -5.12 10.64 38.54
CA PRO E 14 -6.16 10.10 39.44
C PRO E 14 -7.58 10.60 39.14
N SER E 15 -8.51 9.67 38.92
CA SER E 15 -9.90 10.09 38.72
C SER E 15 -10.52 10.57 40.02
N ASN E 16 -11.35 11.58 39.89
CA ASN E 16 -11.96 12.24 41.02
C ASN E 16 -13.47 12.24 40.91
N THR E 17 -14.03 11.51 39.95
CA THR E 17 -15.48 11.43 39.79
C THR E 17 -16.09 10.53 40.86
N ASP E 18 -17.10 11.02 41.56
CA ASP E 18 -17.81 10.16 42.51
C ASP E 18 -18.42 8.92 41.84
N TYR E 19 -18.27 7.77 42.52
CA TYR E 19 -18.77 6.49 42.01
C TYR E 19 -19.31 5.64 43.13
N PRO E 20 -20.65 5.47 43.20
CA PRO E 20 -21.25 4.65 44.26
C PRO E 20 -20.93 3.17 44.17
N GLY E 21 -20.95 2.63 42.95
CA GLY E 21 -20.68 1.24 42.75
C GLY E 21 -21.74 0.35 43.35
N PRO E 22 -21.58 -0.95 43.12
CA PRO E 22 -22.59 -1.91 43.55
C PRO E 22 -22.97 -1.79 45.02
N HIS E 23 -22.13 -1.19 45.84
CA HIS E 23 -22.37 -1.19 47.27
C HIS E 23 -22.80 0.17 47.80
N HIS E 24 -23.10 1.10 46.90
CA HIS E 24 -23.54 2.45 47.28
C HIS E 24 -22.59 3.09 48.27
N PHE E 25 -21.38 3.40 47.82
CA PHE E 25 -20.39 3.95 48.72
C PHE E 25 -20.71 5.42 48.96
N GLU E 26 -20.97 5.77 50.22
CA GLU E 26 -21.37 7.12 50.61
C GLU E 26 -20.39 7.64 51.65
N VAL E 27 -19.79 8.78 51.38
CA VAL E 27 -18.91 9.44 52.33
C VAL E 27 -19.60 10.70 52.83
N THR E 28 -19.76 10.79 54.14
CA THR E 28 -20.49 11.86 54.79
C THR E 28 -19.75 12.34 56.05
N PHE E 29 -20.30 13.41 56.65
CA PHE E 29 -19.79 14.08 57.83
C PHE E 29 -20.92 14.28 58.82
N GLN E 30 -20.69 13.96 60.09
CA GLN E 30 -21.75 13.95 61.09
C GLN E 30 -22.29 15.34 61.38
N GLN E 31 -21.46 16.18 61.99
CA GLN E 31 -21.83 17.53 62.41
C GLN E 31 -20.61 18.22 62.98
N SER E 32 -20.56 19.54 62.83
CA SER E 32 -19.46 20.32 63.35
C SER E 32 -19.96 21.70 63.74
N SER E 33 -19.49 22.16 64.90
CA SER E 33 -19.83 23.52 65.38
C SER E 33 -19.08 24.52 64.50
N THR E 34 -19.68 25.70 64.33
CA THR E 34 -19.14 26.77 63.47
C THR E 34 -18.19 27.69 64.24
N ALA E 35 -17.45 27.15 65.21
CA ALA E 35 -16.51 27.96 66.00
C ALA E 35 -15.37 28.44 65.12
N LYS E 36 -14.91 29.68 65.29
CA LYS E 36 -13.83 30.26 64.46
C LYS E 36 -12.63 29.31 64.35
N SER E 37 -12.15 28.83 65.49
CA SER E 37 -10.98 27.92 65.51
C SER E 37 -11.43 26.49 65.80
N ALA E 38 -12.64 26.12 65.39
CA ALA E 38 -13.14 24.74 65.51
C ALA E 38 -12.17 23.77 64.86
N THR E 39 -11.94 22.64 65.52
CA THR E 39 -10.97 21.68 65.01
C THR E 39 -11.17 21.44 63.53
N TRP E 40 -12.42 21.34 63.09
CA TRP E 40 -12.72 21.07 61.69
C TRP E 40 -14.19 21.34 61.46
N THR E 41 -14.52 21.73 60.23
CA THR E 41 -15.92 21.85 59.83
C THR E 41 -16.02 21.53 58.34
N TYR E 42 -17.22 21.09 57.94
CA TYR E 42 -17.53 20.72 56.56
C TYR E 42 -18.56 21.71 55.99
N SER E 43 -18.31 22.19 54.77
CA SER E 43 -19.28 23.03 54.05
C SER E 43 -19.99 22.24 52.96
N PRO E 44 -21.23 21.82 53.18
CA PRO E 44 -21.99 21.20 52.07
C PRO E 44 -22.20 22.14 50.90
N LEU E 45 -22.29 23.45 51.17
CA LEU E 45 -22.45 24.41 50.09
C LEU E 45 -21.27 24.33 49.13
N LEU E 46 -20.09 24.37 49.71
CA LEU E 46 -18.89 24.29 48.93
C LEU E 46 -18.43 22.87 48.71
N LYS E 47 -18.90 21.93 49.52
CA LYS E 47 -18.48 20.55 49.36
C LYS E 47 -17.01 20.59 49.68
N LYS E 48 -16.72 21.26 50.77
CA LYS E 48 -15.38 21.49 51.21
C LYS E 48 -15.20 21.24 52.66
N LEU E 49 -14.17 20.49 52.99
CA LEU E 49 -13.78 20.16 54.36
C LEU E 49 -12.71 21.14 54.81
N TYR E 50 -12.99 21.89 55.87
CA TYR E 50 -11.96 22.68 56.53
C TYR E 50 -11.49 21.93 57.76
N CYS E 51 -10.17 21.90 57.94
CA CYS E 51 -9.54 20.99 58.89
C CYS E 51 -8.29 21.67 59.38
N GLN E 52 -7.89 21.32 60.58
CA GLN E 52 -6.79 22.00 61.22
C GLN E 52 -5.61 21.05 61.28
N ILE E 53 -4.40 21.64 61.25
CA ILE E 53 -3.19 20.84 61.08
C ILE E 53 -3.09 19.78 62.17
N ALA E 54 -2.90 18.52 61.75
CA ALA E 54 -2.70 17.42 62.72
C ALA E 54 -3.82 17.39 63.74
N LYS E 55 -5.07 17.40 63.29
CA LYS E 55 -6.21 17.29 64.23
C LYS E 55 -7.10 16.15 63.77
N THR E 56 -7.81 15.52 64.71
CA THR E 56 -8.68 14.37 64.39
C THR E 56 -9.86 14.80 63.54
N CYS E 57 -9.85 14.46 62.25
CA CYS E 57 -11.04 14.70 61.44
C CYS E 57 -11.74 13.39 61.14
N PRO E 58 -12.93 13.17 61.70
CA PRO E 58 -13.66 11.92 61.41
C PRO E 58 -14.48 11.97 60.14
N ILE E 59 -14.20 11.03 59.24
CA ILE E 59 -14.99 10.80 58.03
C ILE E 59 -15.86 9.59 58.30
N GLN E 60 -17.12 9.65 57.86
CA GLN E 60 -18.09 8.57 58.05
C GLN E 60 -18.30 7.86 56.72
N ILE E 61 -18.12 6.53 56.72
CA ILE E 61 -18.27 5.67 55.55
C ILE E 61 -19.59 4.95 55.67
N LYS E 62 -20.32 4.83 54.55
CA LYS E 62 -21.55 4.08 54.54
C LYS E 62 -21.59 3.26 53.27
N VAL E 63 -22.20 2.09 53.38
CA VAL E 63 -22.52 1.23 52.25
C VAL E 63 -23.88 0.60 52.50
N SER E 64 -24.48 0.07 51.45
CA SER E 64 -25.79 -0.52 51.58
C SER E 64 -25.76 -2.04 51.63
N THR E 65 -24.84 -2.67 50.92
CA THR E 65 -24.51 -4.08 51.00
C THR E 65 -23.03 -4.24 51.35
N PRO E 66 -22.68 -5.15 52.25
CA PRO E 66 -21.28 -5.25 52.70
C PRO E 66 -20.34 -5.64 51.57
N PRO E 67 -19.17 -5.04 51.48
CA PRO E 67 -18.21 -5.39 50.41
C PRO E 67 -17.53 -6.72 50.67
N PRO E 68 -16.93 -7.32 49.63
CA PRO E 68 -16.20 -8.60 49.82
C PRO E 68 -15.07 -8.45 50.83
N PRO E 69 -14.59 -9.54 51.41
CA PRO E 69 -13.44 -9.44 52.32
C PRO E 69 -12.18 -9.03 51.58
N GLY E 70 -11.21 -8.53 52.35
CA GLY E 70 -9.98 -7.96 51.82
C GLY E 70 -10.13 -6.56 51.25
N THR E 71 -11.32 -5.99 51.32
CA THR E 71 -11.58 -4.68 50.77
C THR E 71 -10.92 -3.61 51.65
N ALA E 72 -10.49 -2.52 51.02
CA ALA E 72 -9.79 -1.47 51.74
C ALA E 72 -10.31 -0.09 51.35
N ILE E 73 -9.92 0.90 52.16
CA ILE E 73 -10.22 2.30 51.91
C ILE E 73 -8.90 3.07 51.86
N ARG E 74 -8.73 3.80 50.78
CA ARG E 74 -7.49 4.57 50.59
C ARG E 74 -7.82 6.05 50.39
N ALA E 75 -7.10 6.87 51.14
CA ALA E 75 -7.18 8.31 51.04
C ALA E 75 -5.91 8.77 50.35
N MET E 76 -6.08 9.50 49.26
CA MET E 76 -5.01 10.20 48.56
C MET E 76 -5.43 11.63 48.28
N PRO E 77 -4.56 12.59 48.54
CA PRO E 77 -4.81 13.96 48.08
C PRO E 77 -4.36 14.15 46.63
N VAL E 78 -5.03 15.08 45.97
CA VAL E 78 -4.80 15.47 44.58
C VAL E 78 -5.02 16.97 44.45
N TYR E 79 -4.15 17.64 43.70
CA TYR E 79 -4.41 19.06 43.43
C TYR E 79 -5.63 19.21 42.53
N LYS E 80 -6.42 20.27 42.79
CA LYS E 80 -7.72 20.49 42.18
C LYS E 80 -7.61 21.12 40.79
N LYS E 81 -6.66 22.04 40.60
CA LYS E 81 -6.50 22.80 39.36
C LYS E 81 -5.65 22.02 38.36
N ALA E 82 -6.05 22.14 37.07
CA ALA E 82 -5.44 21.36 36.02
C ALA E 82 -3.98 21.72 35.86
N GLU E 83 -3.60 22.93 36.29
CA GLU E 83 -2.17 23.30 36.12
C GLU E 83 -1.29 22.46 37.03
N HIS E 84 -1.84 22.00 38.15
CA HIS E 84 -1.02 21.32 39.16
C HIS E 84 -1.39 19.86 39.39
N VAL E 85 -2.27 19.31 38.55
CA VAL E 85 -2.79 17.99 38.81
C VAL E 85 -1.69 16.95 38.69
N THR E 86 -0.63 17.22 37.94
CA THR E 86 0.45 16.24 37.79
C THR E 86 1.41 16.21 38.98
N ASP E 87 1.49 17.30 39.77
CA ASP E 87 2.41 17.40 40.91
C ASP E 87 1.90 16.52 42.05
N VAL E 88 2.76 15.63 42.55
CA VAL E 88 2.39 14.78 43.68
C VAL E 88 2.23 15.64 44.93
N VAL E 89 1.15 15.38 45.68
CA VAL E 89 0.88 16.15 46.91
C VAL E 89 1.75 15.57 48.01
N LYS E 90 2.81 16.27 48.38
CA LYS E 90 3.68 15.84 49.46
C LYS E 90 3.64 16.87 50.58
N ARG E 91 4.34 16.57 51.67
CA ARG E 91 4.48 17.54 52.75
C ARG E 91 5.58 18.54 52.42
N CYS E 92 5.47 19.73 53.01
CA CYS E 92 6.51 20.72 52.86
C CYS E 92 7.78 20.31 53.60
N PRO E 93 8.92 20.83 53.19
CA PRO E 93 10.18 20.50 53.89
C PRO E 93 10.21 20.93 55.35
N ASN E 94 9.49 21.99 55.73
CA ASN E 94 9.46 22.37 57.14
C ASN E 94 8.78 21.31 57.99
N HIS E 95 7.65 20.78 57.50
CA HIS E 95 6.95 19.75 58.27
C HIS E 95 7.59 18.38 58.09
N GLU E 96 8.04 18.06 56.87
CA GLU E 96 8.70 16.78 56.62
C GLU E 96 9.86 16.57 57.59
N LEU E 97 10.82 17.51 57.59
CA LEU E 97 12.05 17.39 58.37
C LEU E 97 12.01 18.14 59.70
N GLY E 98 10.82 18.48 60.20
CA GLY E 98 10.68 19.36 61.34
C GLY E 98 10.69 18.63 62.66
N ARG E 99 10.13 19.30 63.68
CA ARG E 99 10.16 18.74 65.03
C ARG E 99 8.82 18.14 65.45
N ASP E 100 7.78 18.96 65.63
CA ASP E 100 6.50 18.47 66.11
C ASP E 100 5.90 17.45 65.14
N PHE E 101 5.22 16.44 65.69
CA PHE E 101 4.49 15.42 64.90
C PHE E 101 5.41 14.66 63.95
N ASN E 102 6.66 14.52 64.34
CA ASN E 102 7.68 13.90 63.52
C ASN E 102 8.49 12.84 64.25
N GLU E 103 8.26 12.66 65.53
CA GLU E 103 9.06 11.75 66.34
C GLU E 103 8.14 10.65 66.85
N GLY E 104 8.24 9.45 66.26
CA GLY E 104 7.61 8.26 66.82
C GLY E 104 6.57 7.59 65.95
N GLN E 105 5.78 8.43 65.29
CA GLN E 105 4.67 8.04 64.40
C GLN E 105 5.11 7.05 63.33
N SER E 106 4.15 6.26 62.89
CA SER E 106 4.45 5.20 61.97
C SER E 106 4.17 5.60 60.53
N ALA E 107 4.15 6.90 60.25
CA ALA E 107 3.94 7.44 58.92
C ALA E 107 5.19 8.12 58.40
N PRO E 108 5.56 7.86 57.13
CA PRO E 108 6.69 8.58 56.54
C PRO E 108 6.45 10.08 56.57
N ALA E 109 7.55 10.82 56.63
CA ALA E 109 7.45 12.27 56.73
C ALA E 109 6.96 12.90 55.44
N SER E 110 7.06 12.18 54.32
CA SER E 110 6.64 12.74 53.04
C SER E 110 5.12 12.85 52.92
N HIS E 111 4.39 11.92 53.52
CA HIS E 111 2.95 11.76 53.28
C HIS E 111 2.10 12.84 53.97
N LEU E 112 1.08 13.32 53.27
CA LEU E 112 0.21 14.36 53.80
C LEU E 112 -0.90 13.81 54.68
N ILE E 113 -1.57 12.75 54.23
CA ILE E 113 -2.77 12.22 54.91
C ILE E 113 -2.34 11.07 55.82
N ARG E 114 -2.70 11.16 57.10
CA ARG E 114 -2.39 10.11 58.07
C ARG E 114 -3.67 9.59 58.68
N VAL E 115 -3.57 8.38 59.24
CA VAL E 115 -4.68 7.77 59.97
C VAL E 115 -4.32 7.68 61.44
N GLU E 116 -5.21 8.18 62.28
CA GLU E 116 -5.07 8.14 63.73
C GLU E 116 -5.88 6.97 64.29
N GLY E 117 -5.26 6.17 65.13
CA GLY E 117 -6.02 5.11 65.77
C GLY E 117 -6.25 3.88 64.92
N ASN E 118 -5.32 3.58 64.01
CA ASN E 118 -5.43 2.31 63.26
C ASN E 118 -4.02 1.81 62.95
N ASN E 119 -3.59 0.74 63.63
CA ASN E 119 -2.20 0.24 63.45
C ASN E 119 -2.11 -0.60 62.18
N LEU E 120 -3.26 -0.94 61.59
CA LEU E 120 -3.25 -1.82 60.41
C LEU E 120 -3.10 -0.95 59.17
N SER E 121 -2.70 0.31 59.35
CA SER E 121 -2.64 1.21 58.23
C SER E 121 -1.34 1.03 57.48
N GLN E 122 -1.35 1.45 56.21
CA GLN E 122 -0.26 1.25 55.27
C GLN E 122 -0.13 2.49 54.38
N TYR E 123 1.08 3.05 54.34
CA TYR E 123 1.38 4.26 53.59
C TYR E 123 2.08 3.85 52.29
N VAL E 124 1.53 4.28 51.15
CA VAL E 124 1.89 3.72 49.84
C VAL E 124 2.59 4.76 48.96
N ASP E 125 3.73 4.38 48.41
CA ASP E 125 4.59 5.11 47.47
C ASP E 125 4.65 4.37 46.14
N ASP E 126 3.67 4.62 45.30
CA ASP E 126 3.58 4.02 43.97
C ASP E 126 4.87 4.25 43.18
N PRO E 127 5.58 3.19 42.75
CA PRO E 127 6.86 3.42 42.08
C PRO E 127 6.71 4.01 40.70
N VAL E 128 5.58 3.73 40.05
CA VAL E 128 5.28 4.29 38.75
C VAL E 128 4.80 5.73 38.88
N THR E 129 3.65 5.93 39.53
CA THR E 129 3.04 7.25 39.60
C THR E 129 3.58 8.11 40.74
N GLY E 130 4.43 7.58 41.60
CA GLY E 130 4.98 8.37 42.70
C GLY E 130 3.98 8.87 43.73
N ARG E 131 2.68 8.72 43.46
CA ARG E 131 1.61 9.17 44.34
C ARG E 131 1.79 8.63 45.76
N GLN E 132 1.37 9.43 46.74
CA GLN E 132 1.42 9.03 48.13
C GLN E 132 0.01 8.96 48.68
N SER E 133 -0.34 7.82 49.28
CA SER E 133 -1.68 7.60 49.84
C SER E 133 -1.54 6.73 51.08
N VAL E 134 -2.63 6.67 51.85
CA VAL E 134 -2.70 5.86 53.06
C VAL E 134 -3.94 4.99 53.00
N VAL E 135 -3.79 3.72 53.37
CA VAL E 135 -4.83 2.73 53.14
C VAL E 135 -5.14 1.99 54.44
N VAL E 136 -6.42 1.63 54.63
CA VAL E 136 -6.86 0.85 55.78
C VAL E 136 -7.80 -0.28 55.34
N PRO E 137 -7.75 -1.45 55.99
CA PRO E 137 -8.73 -2.50 55.64
C PRO E 137 -10.15 -2.06 56.01
N TYR E 138 -11.13 -2.41 55.17
CA TYR E 138 -12.49 -1.95 55.41
C TYR E 138 -13.14 -2.76 56.52
N GLU E 139 -13.81 -2.02 57.40
CA GLU E 139 -14.43 -2.60 58.60
C GLU E 139 -15.91 -2.23 58.59
N PRO E 140 -16.84 -3.16 58.76
CA PRO E 140 -18.26 -2.80 58.76
C PRO E 140 -18.60 -2.00 60.01
N PRO E 141 -19.74 -1.30 60.03
CA PRO E 141 -20.03 -0.41 61.15
C PRO E 141 -20.08 -1.18 62.46
N GLN E 142 -19.93 -0.42 63.55
CA GLN E 142 -20.07 -1.04 64.86
C GLN E 142 -21.54 -1.36 65.11
N VAL E 143 -21.77 -2.43 65.88
CA VAL E 143 -23.13 -2.91 66.15
C VAL E 143 -23.90 -1.81 66.89
N GLY E 144 -24.88 -1.20 66.20
CA GLY E 144 -25.62 -0.09 66.74
C GLY E 144 -25.50 1.18 65.95
N THR E 145 -24.33 1.42 65.37
CA THR E 145 -24.19 2.54 64.46
C THR E 145 -24.44 2.08 63.02
N GLU E 146 -24.55 3.07 62.14
CA GLU E 146 -24.94 2.94 60.74
C GLU E 146 -23.75 3.17 59.82
N PHE E 147 -22.68 3.78 60.35
CA PHE E 147 -21.55 4.31 59.60
C PHE E 147 -20.26 3.76 60.18
N THR E 148 -19.31 3.50 59.31
CA THR E 148 -17.93 3.24 59.71
C THR E 148 -17.19 4.57 59.79
N THR E 149 -16.58 4.86 60.92
CA THR E 149 -15.82 6.10 61.07
C THR E 149 -14.34 5.83 60.88
N ILE E 150 -13.70 6.68 60.09
CA ILE E 150 -12.27 6.65 59.91
C ILE E 150 -11.75 7.98 60.39
N LEU E 151 -10.66 7.96 61.15
CA LEU E 151 -10.04 9.18 61.71
C LEU E 151 -8.81 9.54 60.89
N TYR E 152 -8.86 10.70 60.21
CA TYR E 152 -7.76 11.20 59.41
C TYR E 152 -7.07 12.40 60.08
N ASN E 153 -5.82 12.61 59.68
CA ASN E 153 -4.97 13.68 60.19
C ASN E 153 -4.21 14.31 59.03
N PHE E 154 -4.29 15.63 58.90
CA PHE E 154 -3.68 16.31 57.78
C PHE E 154 -2.53 17.13 58.31
N MET E 155 -1.33 16.91 57.78
CA MET E 155 -0.12 17.46 58.40
C MET E 155 0.34 18.78 57.78
N CYS E 156 0.43 18.89 56.47
CA CYS E 156 0.79 20.17 55.89
C CYS E 156 -0.44 21.06 55.89
N ASN E 157 -0.24 22.37 56.07
CA ASN E 157 -1.29 23.35 55.79
C ASN E 157 -1.33 23.70 54.31
N SER E 158 -2.54 23.80 53.76
CA SER E 158 -2.71 24.31 52.40
C SER E 158 -1.73 25.43 52.08
N SER E 159 -1.60 26.40 52.98
CA SER E 159 -0.79 27.56 52.65
C SER E 159 0.70 27.31 52.70
N CYS E 160 1.14 26.22 53.36
CA CYS E 160 2.57 25.93 53.55
C CYS E 160 3.27 26.21 52.23
N VAL E 161 4.26 27.11 52.21
CA VAL E 161 5.05 27.30 51.00
C VAL E 161 6.00 26.10 50.95
N GLY E 162 6.45 25.78 49.75
CA GLY E 162 7.32 24.64 49.57
C GLY E 162 6.60 23.34 49.51
N GLY E 163 5.32 23.31 49.89
CA GLY E 163 4.48 22.15 49.77
C GLY E 163 3.25 22.54 48.99
N MET E 164 2.06 22.29 49.53
CA MET E 164 0.83 22.66 48.82
C MET E 164 0.83 24.11 48.36
N ASN E 165 1.47 25.01 49.12
CA ASN E 165 1.69 26.41 48.68
C ASN E 165 0.45 27.12 48.11
N ARG E 166 -0.67 27.09 48.84
CA ARG E 166 -1.96 27.75 48.61
C ARG E 166 -2.78 27.08 47.51
N ARG E 167 -2.25 26.09 46.80
CA ARG E 167 -3.04 25.42 45.78
C ARG E 167 -4.10 24.54 46.45
N PRO E 168 -5.36 24.59 46.02
CA PRO E 168 -6.39 23.72 46.61
C PRO E 168 -6.17 22.28 46.22
N ILE E 169 -6.78 21.35 46.95
CA ILE E 169 -6.65 19.92 46.67
C ILE E 169 -7.93 19.21 46.96
N LEU E 170 -8.02 17.96 46.54
CA LEU E 170 -9.19 17.16 46.79
C LEU E 170 -8.70 16.01 47.58
N ILE E 171 -9.54 15.41 48.39
CA ILE E 171 -9.14 14.24 49.12
C ILE E 171 -9.99 13.21 48.45
N ILE E 172 -9.36 12.15 47.98
CA ILE E 172 -10.02 11.11 47.20
C ILE E 172 -10.15 9.89 48.10
N ILE E 173 -11.36 9.65 48.58
CA ILE E 173 -11.69 8.44 49.31
C ILE E 173 -12.08 7.36 48.30
N THR E 174 -11.38 6.23 48.32
CA THR E 174 -11.58 5.12 47.40
C THR E 174 -11.71 3.78 48.14
N LEU E 175 -12.79 3.07 47.82
CA LEU E 175 -13.09 1.73 48.33
C LEU E 175 -12.74 0.71 47.26
N GLU E 176 -11.82 -0.20 47.54
CA GLU E 176 -11.27 -1.01 46.46
C GLU E 176 -10.93 -2.41 46.99
N MET E 177 -10.76 -3.38 46.08
CA MET E 177 -10.39 -4.75 46.42
C MET E 177 -8.88 -4.85 46.63
N ARG E 178 -8.39 -6.00 47.08
CA ARG E 178 -6.95 -6.19 47.26
C ARG E 178 -6.25 -5.92 45.95
N ASP E 179 -6.71 -6.56 44.88
CA ASP E 179 -6.16 -6.32 43.55
C ASP E 179 -6.11 -4.84 43.22
N GLY E 180 -6.84 -4.01 43.96
CA GLY E 180 -6.93 -2.60 43.74
C GLY E 180 -8.12 -2.15 42.92
N GLN E 181 -8.94 -3.07 42.42
CA GLN E 181 -10.02 -2.67 41.53
C GLN E 181 -11.00 -1.80 42.30
N VAL E 182 -11.47 -0.74 41.64
CA VAL E 182 -12.23 0.31 42.32
C VAL E 182 -13.67 -0.15 42.49
N LEU E 183 -14.08 -0.30 43.76
CA LEU E 183 -15.45 -0.63 44.12
C LEU E 183 -16.30 0.60 44.35
N GLY E 184 -15.75 1.62 44.96
CA GLY E 184 -16.44 2.89 45.09
C GLY E 184 -15.44 4.01 45.28
N ARG E 185 -15.88 5.21 44.94
CA ARG E 185 -15.00 6.36 45.05
C ARG E 185 -15.86 7.57 45.41
N ARG E 186 -15.31 8.46 46.23
CA ARG E 186 -15.95 9.71 46.61
C ARG E 186 -14.86 10.72 46.83
N SER E 187 -15.15 11.96 46.48
CA SER E 187 -14.18 13.03 46.59
C SER E 187 -14.83 14.22 47.27
N PHE E 188 -13.99 15.16 47.67
CA PHE E 188 -14.39 16.43 48.28
C PHE E 188 -13.14 17.28 48.48
N GLU E 189 -13.27 18.59 48.27
CA GLU E 189 -12.15 19.51 48.44
C GLU E 189 -11.80 19.67 49.91
N GLY E 190 -10.51 19.80 50.18
CA GLY E 190 -10.03 19.96 51.55
C GLY E 190 -9.18 21.20 51.69
N ARG E 191 -9.29 21.84 52.85
CA ARG E 191 -8.43 22.95 53.20
C ARG E 191 -7.91 22.80 54.63
N ILE E 192 -6.59 22.73 54.78
CA ILE E 192 -5.94 22.59 56.08
C ILE E 192 -5.40 23.94 56.48
N CYS E 193 -5.84 24.44 57.62
CA CYS E 193 -5.61 25.82 57.99
C CYS E 193 -5.85 25.95 59.49
N ALA E 194 -5.66 27.16 60.00
CA ALA E 194 -5.66 27.38 61.42
C ALA E 194 -7.00 27.77 61.97
N CYS E 195 -7.92 28.21 61.12
CA CYS E 195 -9.23 28.71 61.56
C CYS E 195 -10.30 28.24 60.59
N PRO E 196 -10.64 26.95 60.65
CA PRO E 196 -11.65 26.43 59.73
C PRO E 196 -12.98 27.18 59.78
N GLY E 197 -13.48 27.51 60.97
CA GLY E 197 -14.77 28.17 61.04
C GLY E 197 -14.78 29.51 60.35
N ARG E 198 -13.69 30.28 60.54
CA ARG E 198 -13.57 31.57 59.90
C ARG E 198 -13.49 31.43 58.40
N ASP E 199 -12.67 30.51 57.93
CA ASP E 199 -12.39 30.41 56.51
C ASP E 199 -13.55 29.81 55.75
N ARG E 200 -14.35 28.97 56.41
CA ARG E 200 -15.58 28.49 55.79
C ARG E 200 -16.61 29.61 55.70
N LYS E 201 -16.76 30.38 56.78
CA LYS E 201 -17.68 31.51 56.76
C LYS E 201 -17.26 32.54 55.72
N ALA E 202 -15.95 32.80 55.64
CA ALA E 202 -15.37 33.60 54.57
C ALA E 202 -15.80 33.09 53.20
N ASP E 203 -15.39 31.86 52.90
CA ASP E 203 -15.59 31.28 51.58
C ASP E 203 -17.05 31.26 51.17
N GLU E 204 -17.94 30.88 52.07
CA GLU E 204 -19.36 30.86 51.75
C GLU E 204 -19.85 32.28 51.44
N ASP E 205 -19.48 33.26 52.27
CA ASP E 205 -19.84 34.65 52.00
C ASP E 205 -19.38 35.07 50.61
N HIS E 206 -18.20 34.62 50.19
CA HIS E 206 -17.74 34.93 48.84
C HIS E 206 -18.64 34.26 47.79
N TYR E 207 -19.23 33.10 48.09
CA TYR E 207 -20.03 32.39 47.10
C TYR E 207 -21.27 33.19 46.71
N ARG E 208 -21.97 33.75 47.70
CA ARG E 208 -23.18 34.51 47.41
C ARG E 208 -22.91 35.77 46.60
N GLU E 209 -21.66 36.22 46.57
CA GLU E 209 -21.31 37.51 46.03
C GLU E 209 -20.82 37.38 44.59
N PHE F 12 31.41 29.92 71.23
CA PHE F 12 30.01 29.59 71.58
C PHE F 12 29.10 30.77 71.20
N ILE F 13 29.33 31.93 71.83
CA ILE F 13 28.53 33.14 71.47
C ILE F 13 29.47 34.14 70.79
N PRO F 14 29.24 34.50 69.52
CA PRO F 14 30.04 35.54 68.87
C PRO F 14 29.75 36.89 69.51
N SER F 15 30.77 37.75 69.61
CA SER F 15 30.58 39.05 70.30
C SER F 15 29.69 40.00 69.49
N ASN F 16 28.85 40.76 70.17
CA ASN F 16 27.99 41.76 69.50
C ASN F 16 28.52 43.16 69.85
N THR F 17 29.63 43.22 70.57
CA THR F 17 30.14 44.54 71.03
C THR F 17 30.78 45.30 69.88
N ASP F 18 30.17 46.41 69.43
CA ASP F 18 30.89 47.14 68.37
C ASP F 18 32.25 47.52 68.96
N TYR F 19 33.31 46.93 68.41
CA TYR F 19 34.69 47.15 68.94
C TYR F 19 35.55 47.65 67.78
N PRO F 20 35.52 48.96 67.44
CA PRO F 20 36.32 49.52 66.35
C PRO F 20 37.78 49.02 66.38
N GLY F 21 38.40 49.18 67.54
CA GLY F 21 39.78 48.74 67.79
C GLY F 21 40.81 49.75 67.31
N PRO F 22 41.84 49.32 66.54
CA PRO F 22 42.76 50.38 66.07
C PRO F 22 42.15 51.18 64.93
N HIS F 23 41.93 50.56 63.78
CA HIS F 23 41.32 51.25 62.65
C HIS F 23 39.89 51.58 63.01
N HIS F 24 39.52 52.86 62.84
CA HIS F 24 38.18 53.33 63.25
C HIS F 24 37.15 53.02 62.16
N PHE F 25 36.41 51.91 62.31
CA PHE F 25 35.37 51.51 61.33
C PHE F 25 34.15 52.42 61.44
N GLU F 26 33.36 52.54 60.38
CA GLU F 26 32.12 53.34 60.39
C GLU F 26 31.15 52.78 59.33
N VAL F 27 30.12 52.04 59.75
CA VAL F 27 29.22 51.43 58.79
C VAL F 27 28.01 52.35 58.59
N THR F 28 27.76 52.74 57.35
CA THR F 28 26.63 53.63 57.09
C THR F 28 25.74 53.02 56.01
N PHE F 29 24.60 53.67 55.80
CA PHE F 29 23.62 53.17 54.81
C PHE F 29 23.19 54.35 53.96
N GLN F 30 23.02 54.09 52.67
CA GLN F 30 22.69 55.17 51.72
C GLN F 30 21.26 55.64 51.99
N GLN F 31 20.93 56.84 51.49
CA GLN F 31 19.54 57.33 51.65
C GLN F 31 18.64 56.26 51.05
N SER F 32 17.54 55.94 51.72
CA SER F 32 16.72 54.80 51.24
C SER F 32 15.32 55.25 50.88
N SER F 33 14.72 54.59 49.88
CA SER F 33 13.33 54.90 49.54
C SER F 33 12.40 54.43 50.66
N THR F 34 11.38 55.23 50.97
CA THR F 34 10.48 54.81 52.07
C THR F 34 9.22 54.17 51.49
N ALA F 35 9.28 53.66 50.25
CA ALA F 35 8.12 53.03 49.62
C ALA F 35 7.64 51.83 50.42
N LYS F 36 6.32 51.61 50.41
CA LYS F 36 5.75 50.56 51.24
C LYS F 36 6.44 49.22 51.00
N SER F 37 6.54 48.80 49.74
CA SER F 37 7.23 47.55 49.44
C SER F 37 8.55 47.79 48.72
N ALA F 38 9.38 48.69 49.25
CA ALA F 38 10.71 48.94 48.69
C ALA F 38 11.61 47.72 48.93
N THR F 39 12.75 47.71 48.24
CA THR F 39 13.62 46.55 48.42
C THR F 39 14.35 46.59 49.75
N TRP F 40 14.72 47.78 50.24
CA TRP F 40 15.36 47.89 51.54
C TRP F 40 15.25 49.33 52.02
N THR F 41 15.36 49.51 53.32
CA THR F 41 15.36 50.82 53.96
C THR F 41 16.01 50.69 55.33
N TYR F 42 16.61 51.78 55.79
CA TYR F 42 17.32 51.80 57.06
C TYR F 42 16.69 52.84 57.97
N SER F 43 16.40 52.46 59.22
CA SER F 43 15.91 53.42 60.21
C SER F 43 17.02 53.77 61.18
N PRO F 44 17.66 54.93 61.04
CA PRO F 44 18.66 55.31 62.04
C PRO F 44 18.05 55.44 63.42
N LEU F 45 16.76 55.80 63.49
CA LEU F 45 16.10 55.93 64.79
C LEU F 45 16.09 54.60 65.53
N LEU F 46 15.71 53.53 64.84
CA LEU F 46 15.79 52.23 65.51
C LEU F 46 17.15 51.57 65.38
N LYS F 47 18.07 52.14 64.59
CA LYS F 47 19.25 51.42 64.10
C LYS F 47 18.87 50.02 63.61
N LYS F 48 17.84 49.95 62.75
CA LYS F 48 17.31 48.71 62.21
C LYS F 48 17.38 48.70 60.68
N LEU F 49 17.73 47.55 60.10
CA LEU F 49 17.80 47.38 58.65
C LEU F 49 16.59 46.61 58.17
N TYR F 50 15.79 47.21 57.29
CA TYR F 50 14.68 46.50 56.65
C TYR F 50 15.07 46.12 55.24
N CYS F 51 14.57 44.97 54.78
CA CYS F 51 15.12 44.36 53.56
C CYS F 51 14.28 43.18 53.10
N GLN F 52 13.85 43.16 51.84
CA GLN F 52 13.14 41.97 51.39
C GLN F 52 14.12 40.81 51.19
N ILE F 53 13.54 39.64 50.92
CA ILE F 53 14.32 38.43 50.68
C ILE F 53 14.97 38.50 49.30
N ALA F 54 16.24 38.12 49.23
CA ALA F 54 17.01 37.95 47.99
C ALA F 54 17.23 39.25 47.21
N LYS F 55 17.20 40.40 47.85
CA LYS F 55 17.40 41.66 47.15
C LYS F 55 18.77 42.25 47.44
N THR F 56 19.20 43.18 46.57
CA THR F 56 20.51 43.77 46.69
C THR F 56 20.49 44.79 47.82
N CYS F 57 21.23 44.51 48.89
CA CYS F 57 21.33 45.47 49.98
C CYS F 57 22.76 45.97 50.18
N PRO F 58 23.00 47.26 49.98
CA PRO F 58 24.36 47.81 50.05
C PRO F 58 24.75 48.36 51.42
N ILE F 59 25.97 48.04 51.83
CA ILE F 59 26.50 48.43 53.13
C ILE F 59 27.82 49.19 52.90
N GLN F 60 27.87 50.44 53.38
CA GLN F 60 28.99 51.33 53.14
C GLN F 60 29.95 51.29 54.32
N ILE F 61 31.21 51.07 54.00
CA ILE F 61 32.22 51.05 55.00
C ILE F 61 32.91 52.38 54.82
N LYS F 62 33.62 52.79 55.87
CA LYS F 62 34.50 53.96 55.80
C LYS F 62 35.53 53.91 56.92
N VAL F 63 36.81 53.86 56.53
CA VAL F 63 37.90 53.77 57.50
C VAL F 63 38.83 54.96 57.25
N SER F 64 39.71 55.24 58.22
CA SER F 64 40.75 56.24 58.03
C SER F 64 42.15 55.67 57.98
N THR F 65 42.39 54.49 58.56
CA THR F 65 43.72 53.91 58.65
C THR F 65 43.75 52.58 57.94
N PRO F 66 44.55 52.44 56.84
CA PRO F 66 44.46 51.15 56.11
C PRO F 66 44.95 49.94 56.87
N PRO F 67 44.17 48.85 56.85
CA PRO F 67 44.56 47.60 57.53
C PRO F 67 45.68 46.83 56.83
N PRO F 68 46.41 45.97 57.57
CA PRO F 68 47.50 45.17 57.01
C PRO F 68 47.04 44.10 56.02
N PRO F 69 47.87 43.72 55.06
CA PRO F 69 47.52 42.68 54.07
C PRO F 69 46.92 41.41 54.65
N GLY F 70 46.00 40.78 53.92
CA GLY F 70 45.33 39.58 54.42
C GLY F 70 44.16 39.92 55.32
N THR F 71 43.86 41.22 55.45
CA THR F 71 42.71 41.63 56.26
C THR F 71 41.41 41.34 55.53
N ALA F 72 40.42 40.81 56.25
CA ALA F 72 39.13 40.47 55.64
C ALA F 72 37.98 40.98 56.50
N ILE F 73 36.80 41.06 55.89
CA ILE F 73 35.58 41.50 56.57
C ILE F 73 34.63 40.31 56.70
N ARG F 74 34.11 40.12 57.90
CA ARG F 74 33.22 39.01 58.23
C ARG F 74 31.88 39.59 58.64
N ALA F 75 30.83 39.22 57.91
CA ALA F 75 29.46 39.56 58.29
C ALA F 75 28.79 38.32 58.85
N MET F 76 28.17 38.46 60.03
CA MET F 76 27.59 37.31 60.70
C MET F 76 26.18 37.55 61.28
N PRO F 77 25.20 36.66 61.00
CA PRO F 77 23.88 36.85 61.62
C PRO F 77 23.85 36.23 63.01
N VAL F 78 23.31 36.90 64.03
CA VAL F 78 23.20 36.27 65.34
C VAL F 78 21.92 36.77 66.01
N TYR F 79 21.28 35.89 66.78
CA TYR F 79 19.96 36.22 67.32
C TYR F 79 20.05 37.27 68.40
N LYS F 80 19.06 38.17 68.41
CA LYS F 80 19.05 39.31 69.32
C LYS F 80 18.73 38.91 70.75
N LYS F 81 17.67 38.11 70.92
CA LYS F 81 17.19 37.78 72.27
C LYS F 81 18.04 36.70 72.91
N ALA F 82 18.31 36.87 74.20
CA ALA F 82 19.37 36.08 74.85
C ALA F 82 19.04 34.60 74.90
N GLU F 83 17.77 34.22 74.99
CA GLU F 83 17.43 32.81 75.11
C GLU F 83 17.48 32.07 73.77
N HIS F 84 17.87 32.76 72.70
CA HIS F 84 18.12 32.13 71.42
C HIS F 84 19.52 32.41 70.89
N VAL F 85 20.37 33.11 71.63
CA VAL F 85 21.74 33.38 71.17
C VAL F 85 22.52 32.09 70.96
N THR F 86 22.12 31.01 71.61
CA THR F 86 22.71 29.69 71.42
C THR F 86 22.28 28.98 70.13
N ASP F 87 21.32 29.48 69.35
CA ASP F 87 21.15 28.84 68.06
C ASP F 87 21.94 29.61 67.01
N VAL F 88 22.22 28.92 65.91
CA VAL F 88 22.93 29.49 64.77
C VAL F 88 21.89 29.90 63.74
N VAL F 89 21.94 31.15 63.31
CA VAL F 89 20.99 31.67 62.35
C VAL F 89 21.18 30.92 61.03
N LYS F 90 20.13 30.23 60.60
CA LYS F 90 20.17 29.39 59.42
C LYS F 90 18.94 29.63 58.57
N ARG F 91 19.11 29.51 57.25
CA ARG F 91 17.95 29.42 56.38
C ARG F 91 16.99 28.36 56.88
N CYS F 92 15.70 28.59 56.65
CA CYS F 92 14.69 27.59 56.91
C CYS F 92 14.80 26.46 55.89
N PRO F 93 14.37 25.25 56.25
CA PRO F 93 14.50 24.13 55.33
C PRO F 93 13.72 24.28 54.05
N ASN F 94 12.63 25.06 54.06
CA ASN F 94 11.89 25.26 52.81
C ASN F 94 12.73 26.07 51.83
N HIS F 95 13.23 27.22 52.27
CA HIS F 95 14.09 28.01 51.38
C HIS F 95 15.41 27.29 51.16
N GLU F 96 15.85 26.49 52.13
CA GLU F 96 17.08 25.72 51.96
C GLU F 96 16.96 24.75 50.79
N LEU F 97 15.81 24.09 50.66
CA LEU F 97 15.63 22.99 49.71
C LEU F 97 15.07 23.45 48.37
N GLY F 98 14.23 24.48 48.37
CA GLY F 98 13.65 24.97 47.13
C GLY F 98 14.70 25.32 46.09
N ARG F 99 14.23 25.49 44.87
CA ARG F 99 15.14 25.85 43.80
C ARG F 99 15.39 27.36 43.75
N ASP F 100 14.46 28.15 44.30
CA ASP F 100 14.58 29.59 44.25
C ASP F 100 15.89 30.05 44.85
N PHE F 101 16.68 30.76 44.03
CA PHE F 101 17.96 31.36 44.42
C PHE F 101 18.97 30.32 44.88
N ASN F 102 18.87 29.09 44.37
CA ASN F 102 19.79 28.00 44.73
C ASN F 102 20.47 27.38 43.53
N GLU F 103 20.15 27.87 42.34
CA GLU F 103 20.57 27.33 41.05
C GLU F 103 21.80 28.07 40.54
N GLY F 104 22.86 27.32 40.27
CA GLY F 104 24.14 27.93 39.94
C GLY F 104 24.77 28.74 41.06
N GLN F 105 24.44 28.44 42.31
CA GLN F 105 24.88 29.25 43.43
C GLN F 105 26.19 28.73 43.98
N SER F 106 27.15 29.66 44.15
CA SER F 106 28.41 29.35 44.81
C SER F 106 28.29 29.37 46.34
N ALA F 107 27.15 29.79 46.87
CA ALA F 107 26.67 29.84 48.26
C ALA F 107 25.99 28.53 48.64
N PRO F 108 26.29 27.97 49.82
CA PRO F 108 25.46 26.89 50.34
C PRO F 108 24.04 27.36 50.54
N ALA F 109 23.13 26.43 50.43
CA ALA F 109 21.73 26.77 50.65
C ALA F 109 21.35 26.86 52.12
N SER F 110 22.27 26.60 53.04
CA SER F 110 22.00 26.81 54.47
C SER F 110 22.38 28.20 54.96
N HIS F 111 23.16 28.94 54.20
CA HIS F 111 23.59 30.23 54.70
C HIS F 111 22.50 31.26 54.51
N LEU F 112 22.28 32.09 55.54
CA LEU F 112 21.30 33.15 55.42
C LEU F 112 21.89 34.39 54.77
N ILE F 113 23.15 34.70 55.02
CA ILE F 113 23.76 35.89 54.47
C ILE F 113 24.60 35.51 53.26
N ARG F 114 24.36 36.20 52.16
CA ARG F 114 25.22 36.08 51.01
C ARG F 114 25.96 37.38 50.77
N VAL F 115 26.93 37.30 49.87
CA VAL F 115 27.58 38.48 49.32
C VAL F 115 27.42 38.39 47.81
N GLU F 116 27.14 39.53 47.19
CA GLU F 116 26.80 39.61 45.79
C GLU F 116 27.88 40.36 45.02
N GLY F 117 28.40 39.73 43.96
CA GLY F 117 29.34 40.38 43.08
C GLY F 117 30.75 40.30 43.64
N ASN F 118 31.13 39.10 44.06
CA ASN F 118 32.50 38.86 44.54
C ASN F 118 32.78 37.36 44.60
N ASN F 119 33.40 36.84 43.54
CA ASN F 119 33.84 35.45 43.50
C ASN F 119 34.70 35.08 44.71
N LEU F 120 35.48 36.02 45.25
CA LEU F 120 36.55 35.67 46.18
C LEU F 120 36.09 35.55 47.65
N SER F 121 34.80 35.45 47.92
CA SER F 121 34.31 35.26 49.29
C SER F 121 34.38 33.80 49.72
N GLN F 122 34.62 33.61 51.02
CA GLN F 122 34.63 32.27 51.57
C GLN F 122 33.48 32.13 52.54
N TYR F 123 32.78 31.01 52.48
CA TYR F 123 31.66 30.70 53.36
C TYR F 123 32.16 29.79 54.47
N VAL F 124 32.19 30.30 55.69
CA VAL F 124 32.88 29.66 56.81
C VAL F 124 31.89 28.89 57.66
N ASP F 125 32.05 27.56 57.72
CA ASP F 125 31.36 26.72 58.71
C ASP F 125 32.40 26.24 59.71
N ASP F 126 32.53 27.00 60.80
CA ASP F 126 33.34 26.64 61.95
C ASP F 126 33.04 25.21 62.39
N PRO F 127 34.02 24.31 62.41
CA PRO F 127 33.72 22.93 62.79
C PRO F 127 33.31 22.78 64.24
N VAL F 128 33.95 23.51 65.16
CA VAL F 128 33.72 23.28 66.59
C VAL F 128 32.42 23.95 67.06
N THR F 129 32.26 25.24 66.77
CA THR F 129 31.11 26.01 67.22
C THR F 129 29.88 25.94 66.32
N GLY F 130 30.01 25.52 65.06
CA GLY F 130 28.87 25.37 64.19
C GLY F 130 28.38 26.65 63.56
N ARG F 131 29.07 27.75 63.84
CA ARG F 131 28.69 29.05 63.31
C ARG F 131 29.04 29.24 61.85
N GLN F 132 28.12 29.80 61.07
CA GLN F 132 28.35 30.08 59.67
C GLN F 132 28.32 31.59 59.48
N SER F 133 29.17 32.02 58.56
CA SER F 133 29.26 33.44 58.18
C SER F 133 30.04 33.53 56.87
N VAL F 134 29.95 34.70 56.26
CA VAL F 134 30.70 35.00 55.05
C VAL F 134 31.87 35.90 55.38
N VAL F 135 33.00 35.63 54.75
CA VAL F 135 34.17 36.49 54.82
C VAL F 135 34.53 36.93 53.40
N VAL F 136 34.82 38.21 53.25
CA VAL F 136 35.30 38.72 51.98
C VAL F 136 36.55 39.54 52.28
N PRO F 137 37.59 39.46 51.44
CA PRO F 137 38.82 40.23 51.75
C PRO F 137 38.57 41.73 51.59
N TYR F 138 39.27 42.50 52.42
CA TYR F 138 39.12 43.97 52.44
C TYR F 138 39.71 44.59 51.19
N GLU F 139 38.98 45.52 50.59
CA GLU F 139 39.45 46.27 49.45
C GLU F 139 39.31 47.75 49.80
N PRO F 140 40.39 48.54 49.75
CA PRO F 140 40.26 49.96 50.04
C PRO F 140 39.31 50.64 49.06
N PRO F 141 38.71 51.77 49.45
CA PRO F 141 37.83 52.48 48.51
C PRO F 141 38.54 52.79 47.20
N GLN F 142 37.77 52.79 46.11
CA GLN F 142 38.32 53.28 44.85
C GLN F 142 38.71 54.75 45.00
N VAL F 143 39.73 55.16 44.26
CA VAL F 143 40.25 56.50 44.46
C VAL F 143 39.16 57.52 44.17
N GLY F 144 38.99 58.46 45.09
CA GLY F 144 37.92 59.44 45.02
C GLY F 144 36.65 59.04 45.71
N THR F 145 36.41 57.74 45.87
CA THR F 145 35.20 57.28 46.55
C THR F 145 35.38 57.39 48.06
N GLU F 146 34.27 57.55 48.76
CA GLU F 146 34.34 57.75 50.22
C GLU F 146 34.19 56.40 50.92
N PHE F 147 33.50 55.47 50.27
CA PHE F 147 33.19 54.22 50.99
C PHE F 147 33.56 52.95 50.24
N THR F 148 33.90 51.89 50.97
CA THR F 148 34.11 50.57 50.34
C THR F 148 32.74 49.90 50.43
N THR F 149 32.09 49.60 49.31
CA THR F 149 30.69 49.09 49.40
C THR F 149 30.62 47.59 49.16
N ILE F 150 30.03 46.85 50.10
CA ILE F 150 29.83 45.39 49.94
C ILE F 150 28.33 45.15 49.80
N LEU F 151 27.92 44.38 48.79
CA LEU F 151 26.53 44.05 48.54
C LEU F 151 26.20 42.71 49.17
N TYR F 152 25.19 42.70 50.04
CA TYR F 152 24.72 41.51 50.73
C TYR F 152 23.31 41.12 50.29
N ASN F 153 23.01 39.83 50.41
CA ASN F 153 21.69 39.28 50.19
C ASN F 153 21.29 38.46 51.41
N PHE F 154 20.05 38.61 51.83
CA PHE F 154 19.51 37.89 52.97
C PHE F 154 18.43 36.98 52.44
N MET F 155 18.65 35.69 52.57
CA MET F 155 17.81 34.65 52.02
C MET F 155 16.51 34.23 52.64
N CYS F 156 16.28 34.55 53.90
CA CYS F 156 15.02 34.14 54.52
C CYS F 156 14.31 35.32 55.18
N ASN F 157 12.99 35.27 55.19
CA ASN F 157 12.26 36.25 55.97
C ASN F 157 12.51 36.01 57.46
N SER F 158 12.35 37.07 58.26
CA SER F 158 12.41 36.91 59.69
C SER F 158 11.29 36.01 60.20
N SER F 159 10.19 35.91 59.45
CA SER F 159 9.06 35.10 59.85
C SER F 159 9.12 33.67 59.30
N CYS F 160 10.23 33.27 58.66
CA CYS F 160 10.36 31.93 58.11
C CYS F 160 10.27 30.89 59.21
N VAL F 161 9.31 29.98 59.08
CA VAL F 161 8.95 29.18 60.24
C VAL F 161 10.07 28.18 60.54
N GLY F 162 10.61 27.54 59.50
CA GLY F 162 11.69 26.61 59.75
C GLY F 162 12.99 27.20 60.28
N GLY F 163 13.12 28.52 60.35
CA GLY F 163 14.41 29.10 60.68
C GLY F 163 14.38 30.19 61.74
N MET F 164 14.47 31.45 61.31
CA MET F 164 14.47 32.55 62.27
C MET F 164 13.17 32.59 63.05
N ASN F 165 12.09 32.12 62.43
CA ASN F 165 10.78 32.04 63.12
C ASN F 165 10.48 33.31 63.91
N ARG F 166 10.48 34.46 63.24
CA ARG F 166 10.05 35.71 63.84
C ARG F 166 11.03 36.25 64.88
N ARG F 167 12.15 35.57 65.17
CA ARG F 167 13.13 36.05 66.14
C ARG F 167 14.02 37.14 65.54
N PRO F 168 14.20 38.27 66.21
CA PRO F 168 15.06 39.31 65.65
C PRO F 168 16.52 38.89 65.68
N ILE F 169 17.24 39.31 64.65
CA ILE F 169 18.68 39.12 64.59
C ILE F 169 19.41 40.45 64.64
N LEU F 170 20.69 40.34 64.88
CA LEU F 170 21.66 41.41 64.72
C LEU F 170 22.64 40.98 63.63
N ILE F 171 23.07 41.92 62.81
CA ILE F 171 24.12 41.70 61.83
C ILE F 171 25.44 42.05 62.51
N ILE F 172 26.42 41.16 62.46
CA ILE F 172 27.73 41.45 63.04
C ILE F 172 28.74 41.53 61.89
N ILE F 173 29.23 42.75 61.62
CA ILE F 173 30.33 42.93 60.67
C ILE F 173 31.64 42.95 61.45
N THR F 174 32.54 42.05 61.09
CA THR F 174 33.80 41.86 61.80
C THR F 174 34.98 41.98 60.86
N LEU F 175 35.82 42.98 61.19
CA LEU F 175 37.10 43.20 60.48
C LEU F 175 38.08 42.24 61.15
N GLU F 176 38.92 41.59 60.36
CA GLU F 176 39.83 40.59 60.89
C GLU F 176 41.12 40.45 60.11
N MET F 177 42.12 39.78 60.67
CA MET F 177 43.38 39.51 59.96
C MET F 177 43.34 38.06 59.47
N ARG F 178 44.32 37.65 58.66
CA ARG F 178 44.27 36.30 58.09
C ARG F 178 44.34 35.19 59.12
N ASP F 179 45.20 35.32 60.12
CA ASP F 179 45.33 34.29 61.14
C ASP F 179 43.97 34.09 61.77
N GLY F 180 43.29 35.19 62.07
CA GLY F 180 41.95 35.12 62.68
C GLY F 180 41.81 36.15 63.78
N GLN F 181 42.84 36.94 64.00
CA GLN F 181 42.80 37.94 65.07
C GLN F 181 41.70 38.97 64.81
N VAL F 182 40.97 39.34 65.85
CA VAL F 182 39.87 40.29 65.71
C VAL F 182 40.45 41.71 65.74
N LEU F 183 40.06 42.53 64.76
CA LEU F 183 40.64 43.88 64.67
C LEU F 183 39.56 44.92 64.94
N GLY F 184 38.31 44.62 64.57
CA GLY F 184 37.22 45.60 64.71
C GLY F 184 35.84 44.96 64.73
N ARG F 185 34.76 45.75 64.96
CA ARG F 185 33.39 45.20 64.87
C ARG F 185 32.30 46.28 64.91
N ARG F 186 31.27 46.20 64.05
CA ARG F 186 30.09 47.03 64.16
C ARG F 186 28.85 46.14 64.07
N SER F 187 27.71 46.62 64.53
CA SER F 187 26.52 45.77 64.51
C SER F 187 25.23 46.56 64.42
N PHE F 188 24.20 45.94 63.84
CA PHE F 188 22.88 46.55 63.73
C PHE F 188 21.80 45.48 63.60
N GLU F 189 20.59 45.81 64.05
CA GLU F 189 19.50 44.85 63.99
C GLU F 189 18.99 44.71 62.56
N GLY F 190 18.60 43.49 62.20
CA GLY F 190 18.10 43.25 60.87
C GLY F 190 16.75 42.55 60.80
N ARG F 191 15.83 43.11 60.03
CA ARG F 191 14.55 42.48 59.81
C ARG F 191 14.39 42.27 58.33
N ILE F 192 14.16 41.02 57.92
CA ILE F 192 13.89 40.69 56.53
C ILE F 192 12.40 40.49 56.39
N CYS F 193 11.75 41.27 55.52
CA CYS F 193 10.30 41.24 55.42
C CYS F 193 9.86 41.61 54.01
N ALA F 194 8.56 41.60 53.80
CA ALA F 194 7.98 41.82 52.48
C ALA F 194 7.63 43.26 52.20
N CYS F 195 7.30 44.03 53.23
CA CYS F 195 6.94 45.43 53.09
C CYS F 195 7.82 46.28 53.99
N PRO F 196 9.12 46.40 53.64
CA PRO F 196 10.05 47.20 54.47
C PRO F 196 9.54 48.58 54.83
N GLY F 197 8.96 49.30 53.88
CA GLY F 197 8.48 50.64 54.19
C GLY F 197 7.33 50.63 55.17
N ARG F 198 6.40 49.68 55.02
CA ARG F 198 5.28 49.57 55.94
C ARG F 198 5.75 49.23 57.34
N ASP F 199 6.56 48.17 57.43
CA ASP F 199 7.07 47.74 58.72
C ASP F 199 8.02 48.76 59.31
N ARG F 200 8.67 49.51 58.45
CA ARG F 200 9.57 50.56 58.98
C ARG F 200 8.69 51.71 59.48
N LYS F 201 7.50 51.94 58.91
CA LYS F 201 6.72 53.05 59.46
C LYS F 201 5.99 52.66 60.74
N ALA F 202 5.63 51.39 60.90
CA ALA F 202 4.91 50.97 62.10
C ALA F 202 5.84 50.85 63.31
N ASP F 203 7.06 50.32 63.11
CA ASP F 203 7.96 50.18 64.25
C ASP F 203 8.37 51.54 64.77
N GLU F 204 8.46 52.53 63.87
CA GLU F 204 8.85 53.87 64.30
C GLU F 204 7.71 54.53 65.08
N ASP F 205 6.48 54.42 64.57
CA ASP F 205 5.35 55.02 65.26
C ASP F 205 5.20 54.43 66.66
N HIS F 206 5.20 53.10 66.77
CA HIS F 206 5.13 52.45 68.07
C HIS F 206 6.28 52.86 68.98
N TYR F 207 7.39 53.33 68.44
CA TYR F 207 8.47 53.84 69.30
C TYR F 207 8.12 55.22 69.85
N ARG F 208 7.54 56.05 69.00
CA ARG F 208 7.14 57.40 69.43
C ARG F 208 5.63 57.57 69.22
N HIS G 10 41.19 44.70 41.95
CA HIS G 10 40.09 43.84 42.39
C HIS G 10 38.80 44.63 42.60
N GLU G 11 38.27 45.23 41.54
CA GLU G 11 37.16 46.19 41.60
C GLU G 11 35.91 45.65 40.91
N PHE G 12 35.12 44.88 41.66
CA PHE G 12 33.90 44.29 41.12
C PHE G 12 32.86 45.34 40.72
N ILE G 13 32.79 46.43 41.45
CA ILE G 13 31.85 47.51 41.15
C ILE G 13 32.66 48.74 40.77
N PRO G 14 32.68 49.14 39.50
CA PRO G 14 33.30 50.42 39.11
C PRO G 14 32.57 51.60 39.69
N SER G 15 33.32 52.55 40.25
CA SER G 15 32.70 53.79 40.70
C SER G 15 32.23 54.61 39.52
N ASN G 16 31.11 55.30 39.72
CA ASN G 16 30.68 56.36 38.82
C ASN G 16 30.98 57.73 39.40
N THR G 17 31.89 57.82 40.37
CA THR G 17 32.09 59.06 41.12
C THR G 17 33.11 59.91 40.37
N ASP G 18 32.68 61.06 39.85
CA ASP G 18 33.63 61.94 39.19
C ASP G 18 34.77 62.27 40.12
N TYR G 19 35.97 62.36 39.56
CA TYR G 19 37.22 62.57 40.27
C TYR G 19 38.19 63.28 39.35
N PRO G 20 38.31 64.60 39.45
CA PRO G 20 39.20 65.31 38.51
C PRO G 20 40.66 64.90 38.63
N GLY G 21 41.14 64.58 39.83
CA GLY G 21 42.51 64.17 40.04
C GLY G 21 43.52 65.30 39.91
N PRO G 22 44.80 64.98 40.10
CA PRO G 22 45.83 66.04 40.00
C PRO G 22 45.80 66.81 38.68
N HIS G 23 45.41 66.17 37.57
CA HIS G 23 45.52 66.75 36.25
C HIS G 23 44.18 67.23 35.71
N HIS G 24 43.22 67.52 36.60
CA HIS G 24 41.91 68.07 36.24
C HIS G 24 41.30 67.35 35.05
N PHE G 25 41.16 66.02 35.20
CA PHE G 25 40.53 65.17 34.20
C PHE G 25 39.09 65.63 33.93
N GLU G 26 38.75 65.76 32.65
CA GLU G 26 37.44 66.27 32.25
C GLU G 26 37.03 65.66 30.91
N VAL G 27 35.75 65.32 30.77
CA VAL G 27 35.25 64.72 29.55
C VAL G 27 34.20 65.66 28.94
N THR G 28 34.45 66.08 27.72
CA THR G 28 33.61 67.05 27.01
C THR G 28 33.06 66.42 25.75
N PHE G 29 31.82 66.77 25.41
CA PHE G 29 31.22 66.39 24.15
C PHE G 29 30.92 67.63 23.30
N GLN G 30 31.26 67.56 22.02
CA GLN G 30 31.12 68.69 21.11
C GLN G 30 29.64 68.95 20.82
N GLN G 31 29.37 70.01 20.05
CA GLN G 31 28.00 70.34 19.67
C GLN G 31 27.38 69.16 18.96
N SER G 32 26.29 68.65 19.52
CA SER G 32 25.62 67.48 18.98
C SER G 32 24.57 67.91 17.97
N SER G 33 24.38 67.08 16.95
CA SER G 33 23.29 67.34 16.01
C SER G 33 21.94 67.26 16.73
N THR G 34 20.92 67.82 16.09
CA THR G 34 19.57 67.85 16.65
C THR G 34 18.60 66.95 15.89
N ALA G 35 19.06 66.30 14.82
CA ALA G 35 18.21 65.43 14.02
C ALA G 35 17.65 64.29 14.86
N LYS G 36 16.47 63.78 14.46
CA LYS G 36 15.80 62.75 15.25
C LYS G 36 16.61 61.47 15.30
N SER G 37 16.97 60.94 14.13
CA SER G 37 17.84 59.77 14.03
C SER G 37 19.29 60.18 13.83
N ALA G 38 19.74 61.23 14.51
CA ALA G 38 21.13 61.69 14.41
C ALA G 38 22.07 60.64 15.01
N THR G 39 23.31 60.61 14.50
CA THR G 39 24.29 59.57 14.93
C THR G 39 24.46 59.54 16.45
N TRP G 40 24.75 60.68 17.09
CA TRP G 40 24.91 60.70 18.56
C TRP G 40 24.63 62.10 19.08
N THR G 41 23.91 62.18 20.19
CA THR G 41 23.54 63.50 20.76
C THR G 41 23.77 63.47 22.27
N TYR G 42 24.27 64.56 22.84
CA TYR G 42 24.59 64.59 24.28
C TYR G 42 23.72 65.64 24.97
N SER G 43 23.13 65.28 26.10
CA SER G 43 22.38 66.30 26.87
C SER G 43 23.23 66.68 28.07
N PRO G 44 23.69 67.94 28.27
CA PRO G 44 24.42 68.25 29.50
C PRO G 44 23.46 68.29 30.69
N LEU G 45 22.18 68.54 30.45
CA LEU G 45 21.21 68.65 31.57
C LEU G 45 21.09 67.31 32.28
N LEU G 46 20.97 66.21 31.53
CA LEU G 46 20.75 64.90 32.17
C LEU G 46 22.09 64.16 32.18
N LYS G 47 23.16 64.85 31.77
CA LYS G 47 24.48 64.23 31.71
C LYS G 47 24.39 62.82 31.12
N LYS G 48 23.71 62.72 29.99
CA LYS G 48 23.45 61.45 29.33
C LYS G 48 23.93 61.52 27.88
N LEU G 49 24.41 60.40 27.34
CA LEU G 49 24.87 60.35 25.96
C LEU G 49 23.97 59.44 25.15
N TYR G 50 23.42 59.98 24.06
CA TYR G 50 22.58 59.21 23.15
C TYR G 50 23.38 58.92 21.89
N CYS G 51 23.24 57.71 21.36
CA CYS G 51 23.90 57.37 20.11
C CYS G 51 23.27 56.11 19.54
N GLN G 52 23.55 55.88 18.27
CA GLN G 52 23.06 54.70 17.58
C GLN G 52 24.07 53.56 17.70
N ILE G 53 23.61 52.36 17.35
CA ILE G 53 24.43 51.17 17.52
C ILE G 53 25.56 51.16 16.48
N ALA G 54 26.76 50.78 16.94
CA ALA G 54 27.95 50.69 16.08
C ALA G 54 28.13 51.95 15.25
N LYS G 55 28.10 53.12 15.91
CA LYS G 55 28.36 54.39 15.19
C LYS G 55 29.49 55.08 15.95
N THR G 56 30.23 55.95 15.28
CA THR G 56 31.41 56.59 15.91
C THR G 56 31.00 57.60 16.98
N CYS G 57 31.48 57.45 18.22
CA CYS G 57 31.21 58.37 19.33
C CYS G 57 32.44 59.20 19.69
N PRO G 58 32.62 60.38 19.09
CA PRO G 58 33.78 61.20 19.46
C PRO G 58 33.58 61.73 20.88
N ILE G 59 34.56 61.44 21.72
CA ILE G 59 34.54 61.88 23.11
C ILE G 59 35.83 62.62 23.35
N GLN G 60 35.74 63.76 24.04
CA GLN G 60 36.86 64.67 24.10
C GLN G 60 37.41 64.76 25.52
N ILE G 61 38.71 64.55 25.64
CA ILE G 61 39.43 64.43 26.90
C ILE G 61 40.29 65.67 27.07
N LYS G 62 40.19 66.29 28.24
CA LYS G 62 41.00 67.50 28.50
C LYS G 62 41.65 67.39 29.87
N VAL G 63 42.92 67.75 29.94
CA VAL G 63 43.64 67.85 31.20
C VAL G 63 44.28 69.23 31.27
N SER G 64 44.72 69.59 32.47
CA SER G 64 45.43 70.85 32.66
C SER G 64 46.94 70.65 32.61
N THR G 65 47.46 69.66 33.33
CA THR G 65 48.88 69.37 33.26
C THR G 65 49.10 68.00 32.67
N PRO G 66 50.21 67.79 31.95
CA PRO G 66 50.48 66.49 31.35
C PRO G 66 50.64 65.40 32.40
N PRO G 67 49.95 64.28 32.23
CA PRO G 67 50.08 63.18 33.19
C PRO G 67 51.41 62.46 33.02
N PRO G 68 51.77 61.59 33.97
CA PRO G 68 53.07 60.93 33.92
C PRO G 68 53.18 60.04 32.70
N PRO G 69 54.39 59.60 32.34
CA PRO G 69 54.50 58.64 31.22
C PRO G 69 53.83 57.31 31.54
N GLY G 70 53.38 56.64 30.52
CA GLY G 70 52.70 55.36 30.70
C GLY G 70 51.22 55.44 30.92
N THR G 71 50.62 56.64 30.88
CA THR G 71 49.24 56.82 31.32
C THR G 71 48.24 56.32 30.27
N ALA G 72 47.12 55.82 30.75
CA ALA G 72 46.13 55.21 29.88
C ALA G 72 44.76 55.81 30.13
N ILE G 73 43.90 55.76 29.11
CA ILE G 73 42.47 56.03 29.23
C ILE G 73 41.72 54.73 29.05
N ARG G 74 40.84 54.41 30.01
CA ARG G 74 39.98 53.23 29.99
C ARG G 74 38.50 53.64 29.88
N ALA G 75 37.73 52.86 29.13
CA ALA G 75 36.28 52.98 29.07
C ALA G 75 35.70 51.67 29.60
N MET G 76 34.68 51.78 30.48
CA MET G 76 34.01 50.59 31.04
C MET G 76 32.52 50.88 31.24
N PRO G 77 31.63 50.03 30.76
CA PRO G 77 30.21 50.24 31.03
C PRO G 77 29.80 49.55 32.31
N VAL G 78 28.67 50.02 32.88
CA VAL G 78 28.12 49.39 34.07
C VAL G 78 26.67 49.82 34.16
N TYR G 79 25.85 48.99 34.80
CA TYR G 79 24.44 49.29 34.91
C TYR G 79 24.19 50.37 35.95
N LYS G 80 23.12 51.14 35.74
CA LYS G 80 22.83 52.28 36.62
C LYS G 80 22.17 51.82 37.92
N LYS G 81 20.94 51.27 37.84
CA LYS G 81 20.19 50.88 39.03
C LYS G 81 21.00 49.93 39.92
N ALA G 82 20.71 49.99 41.22
CA ALA G 82 21.49 49.21 42.17
C ALA G 82 21.25 47.73 42.03
N GLU G 83 20.04 47.34 41.64
CA GLU G 83 19.69 45.92 41.53
C GLU G 83 20.33 45.25 40.33
N HIS G 84 20.89 46.04 39.41
CA HIS G 84 21.56 45.49 38.25
C HIS G 84 23.07 45.64 38.30
N VAL G 85 23.61 46.45 39.22
CA VAL G 85 25.04 46.76 39.27
C VAL G 85 25.94 45.55 39.06
N THR G 86 25.65 44.44 39.73
CA THR G 86 26.59 43.33 39.60
C THR G 86 26.56 42.64 38.24
N ASP G 87 25.55 42.90 37.40
CA ASP G 87 25.48 42.37 36.04
C ASP G 87 26.51 43.04 35.12
N VAL G 88 27.46 42.25 34.60
CA VAL G 88 28.48 42.77 33.69
C VAL G 88 27.84 43.11 32.36
N VAL G 89 28.03 44.34 31.90
CA VAL G 89 27.41 44.76 30.64
C VAL G 89 28.16 44.13 29.47
N LYS G 90 27.51 43.19 28.78
CA LYS G 90 28.00 42.57 27.57
C LYS G 90 26.97 42.77 26.45
N ARG G 91 27.36 42.49 25.21
CA ARG G 91 26.34 42.52 24.16
C ARG G 91 25.37 41.36 24.33
N CYS G 92 24.17 41.54 23.75
CA CYS G 92 23.21 40.45 23.66
C CYS G 92 23.75 39.35 22.74
N PRO G 93 23.52 38.08 23.07
CA PRO G 93 24.21 37.00 22.34
C PRO G 93 23.98 37.01 20.83
N ASN G 94 22.95 37.71 20.33
CA ASN G 94 22.72 37.83 18.88
C ASN G 94 23.88 38.53 18.20
N HIS G 95 24.16 39.72 18.73
CA HIS G 95 25.22 40.56 18.22
C HIS G 95 26.59 39.92 18.51
N GLU G 96 26.71 39.13 19.58
CA GLU G 96 27.95 38.46 19.94
C GLU G 96 28.29 37.37 18.94
N LEU G 97 27.30 36.48 18.74
CA LEU G 97 27.37 35.25 17.92
C LEU G 97 27.04 35.52 16.45
N GLY G 98 26.59 36.73 16.09
CA GLY G 98 26.35 37.14 14.73
C GLY G 98 27.65 37.45 14.01
N ARG G 99 27.52 37.74 12.71
CA ARG G 99 28.63 38.20 11.88
C ARG G 99 28.63 39.70 11.67
N ASP G 100 27.48 40.37 11.84
CA ASP G 100 27.45 41.82 11.74
C ASP G 100 28.40 42.44 12.76
N PHE G 101 29.27 43.30 12.22
CA PHE G 101 30.31 44.08 12.93
C PHE G 101 31.28 43.16 13.67
N ASN G 102 31.40 41.92 13.22
CA ASN G 102 32.23 40.95 13.93
C ASN G 102 33.32 40.36 13.03
N GLU G 103 33.44 40.85 11.80
CA GLU G 103 34.28 40.21 10.80
C GLU G 103 35.70 40.77 10.90
N GLY G 104 36.69 39.93 11.21
CA GLY G 104 38.12 40.32 11.35
C GLY G 104 38.61 41.33 12.39
N GLN G 105 37.94 41.39 13.55
CA GLN G 105 38.19 42.44 14.59
C GLN G 105 39.00 41.98 15.81
N SER G 106 39.87 42.87 16.31
CA SER G 106 40.76 42.72 17.45
C SER G 106 40.06 42.91 18.77
N ALA G 107 38.86 43.39 18.77
CA ALA G 107 38.02 43.44 19.95
C ALA G 107 37.15 42.20 19.98
N PRO G 108 37.02 41.59 21.15
CA PRO G 108 36.12 40.44 21.28
C PRO G 108 34.68 40.80 20.91
N ALA G 109 33.94 39.79 20.48
CA ALA G 109 32.53 39.94 20.17
C ALA G 109 31.65 40.06 21.41
N SER G 110 32.19 39.78 22.60
CA SER G 110 31.45 39.97 23.86
C SER G 110 31.63 41.36 24.45
N HIS G 111 32.54 42.16 23.90
CA HIS G 111 32.76 43.52 24.39
C HIS G 111 31.73 44.47 23.78
N LEU G 112 31.28 45.42 24.59
CA LEU G 112 30.31 46.40 24.13
C LEU G 112 30.96 47.71 23.68
N ILE G 113 32.06 48.11 24.33
CA ILE G 113 32.77 49.35 23.99
C ILE G 113 33.99 48.99 23.15
N ARG G 114 34.08 49.58 21.95
CA ARG G 114 35.25 49.46 21.10
C ARG G 114 35.86 50.83 20.90
N VAL G 115 37.17 50.89 20.64
CA VAL G 115 37.82 52.15 20.36
C VAL G 115 38.26 52.09 18.92
N GLU G 116 37.89 53.10 18.16
CA GLU G 116 38.10 53.10 16.72
C GLU G 116 39.42 53.79 16.36
N GLY G 117 40.17 53.17 15.47
CA GLY G 117 41.44 53.74 15.10
C GLY G 117 42.44 53.96 16.21
N ASN G 118 42.72 52.92 16.99
CA ASN G 118 43.83 53.01 17.95
C ASN G 118 44.58 51.69 17.76
N ASN G 119 45.86 51.72 17.40
CA ASN G 119 46.58 50.50 17.10
C ASN G 119 47.07 49.78 18.34
N LEU G 120 47.22 50.48 19.47
CA LEU G 120 47.56 49.85 20.74
C LEU G 120 46.36 49.82 21.70
N SER G 121 45.16 49.63 21.17
CA SER G 121 43.97 49.55 22.01
C SER G 121 43.86 48.15 22.61
N GLN G 122 43.97 48.07 23.94
CA GLN G 122 43.92 46.82 24.68
C GLN G 122 42.50 46.54 25.17
N TYR G 123 42.06 45.30 25.02
CA TYR G 123 40.75 44.88 25.52
C TYR G 123 40.99 43.97 26.72
N VAL G 124 40.44 44.36 27.87
CA VAL G 124 40.73 43.72 29.15
C VAL G 124 39.51 42.92 29.54
N ASP G 125 39.72 41.65 29.84
CA ASP G 125 38.70 40.76 30.40
C ASP G 125 39.21 40.32 31.77
N ASP G 126 38.78 41.01 32.81
CA ASP G 126 39.31 40.75 34.13
C ASP G 126 39.12 39.29 34.54
N PRO G 127 40.18 38.60 34.97
CA PRO G 127 40.04 37.18 35.30
C PRO G 127 39.37 36.93 36.63
N VAL G 128 39.34 37.92 37.52
CA VAL G 128 38.68 37.78 38.81
C VAL G 128 37.30 38.42 38.80
N THR G 129 37.17 39.61 38.20
CA THR G 129 35.93 40.38 38.26
C THR G 129 35.06 40.20 37.02
N GLY G 130 35.58 39.60 35.96
CA GLY G 130 34.80 39.39 34.75
C GLY G 130 34.41 40.67 34.04
N ARG G 131 34.88 41.81 34.56
CA ARG G 131 34.55 43.09 33.96
C ARG G 131 35.32 43.31 32.68
N GLN G 132 34.64 43.86 31.69
CA GLN G 132 35.23 44.15 30.40
C GLN G 132 35.47 45.64 30.27
N SER G 133 36.48 45.99 29.50
CA SER G 133 36.83 47.39 29.30
C SER G 133 37.85 47.44 28.18
N VAL G 134 38.09 48.66 27.69
CA VAL G 134 39.07 48.90 26.64
C VAL G 134 39.95 50.08 27.04
N VAL G 135 41.26 49.90 26.91
CA VAL G 135 42.24 50.81 27.47
C VAL G 135 43.14 51.28 26.33
N VAL G 136 43.10 52.59 26.03
CA VAL G 136 44.00 53.16 25.02
C VAL G 136 45.04 54.02 25.74
N PRO G 137 46.28 54.07 25.24
CA PRO G 137 47.29 54.92 25.88
C PRO G 137 46.97 56.41 25.74
N TYR G 138 47.15 57.16 26.83
CA TYR G 138 46.97 58.60 26.77
C TYR G 138 47.89 59.25 25.74
N GLU G 139 47.30 60.07 24.87
CA GLU G 139 48.01 60.84 23.88
C GLU G 139 47.70 62.32 24.06
N PRO G 140 48.71 63.19 24.08
CA PRO G 140 48.45 64.62 24.14
C PRO G 140 47.51 65.06 23.03
N PRO G 141 46.84 66.19 23.18
CA PRO G 141 45.95 66.67 22.11
C PRO G 141 46.70 67.00 20.84
N GLN G 142 46.07 66.76 19.71
CA GLN G 142 46.65 67.04 18.42
C GLN G 142 46.96 68.53 18.26
N VAL G 143 47.75 68.84 17.24
CA VAL G 143 48.34 70.16 17.11
C VAL G 143 47.27 71.23 16.95
N GLY G 144 47.24 72.18 17.87
CA GLY G 144 46.34 73.31 17.79
C GLY G 144 44.96 73.08 18.38
N THR G 145 44.67 71.87 18.85
CA THR G 145 43.38 71.52 19.41
C THR G 145 43.45 71.57 20.94
N GLU G 146 42.28 71.74 21.56
CA GLU G 146 42.16 71.84 23.01
C GLU G 146 42.04 70.46 23.68
N PHE G 147 41.48 69.49 22.97
CA PHE G 147 41.12 68.20 23.53
C PHE G 147 41.86 67.08 22.80
N THR G 148 42.02 65.94 23.48
CA THR G 148 42.46 64.70 22.83
C THR G 148 41.21 63.86 22.60
N THR G 149 40.91 63.58 21.34
CA THR G 149 39.64 62.96 20.97
C THR G 149 39.79 61.45 20.79
N ILE G 150 38.89 60.70 21.42
CA ILE G 150 38.87 59.24 21.36
C ILE G 150 37.54 58.81 20.76
N LEU G 151 37.61 57.94 19.76
CA LEU G 151 36.42 57.46 19.08
C LEU G 151 35.98 56.17 19.74
N TYR G 152 34.73 56.12 20.19
CA TYR G 152 34.17 54.95 20.85
C TYR G 152 33.04 54.39 20.00
N ASN G 153 32.78 53.11 20.23
CA ASN G 153 31.78 52.36 19.54
C ASN G 153 31.04 51.41 20.47
N PHE G 154 29.73 51.55 20.55
CA PHE G 154 28.87 50.71 21.39
C PHE G 154 28.20 49.79 20.40
N MET G 155 28.22 48.47 20.65
CA MET G 155 27.82 47.50 19.64
C MET G 155 26.52 46.79 19.99
N CYS G 156 25.67 47.46 20.78
CA CYS G 156 24.42 46.85 21.19
C CYS G 156 23.47 47.94 21.67
N ASN G 157 22.20 47.83 21.29
CA ASN G 157 21.15 48.76 21.70
C ASN G 157 20.69 48.50 23.13
N SER G 158 20.21 49.54 23.80
CA SER G 158 19.84 49.38 25.20
C SER G 158 18.60 48.53 25.38
N SER G 159 17.77 48.41 24.35
CA SER G 159 16.52 47.65 24.38
C SER G 159 16.64 46.25 23.82
N CYS G 160 17.79 45.89 23.26
CA CYS G 160 18.03 44.52 22.82
C CYS G 160 17.79 43.58 23.98
N VAL G 161 16.91 42.60 23.80
CA VAL G 161 16.53 41.75 24.92
C VAL G 161 17.66 40.76 25.10
N GLY G 162 17.72 40.06 26.23
CA GLY G 162 18.83 39.14 26.47
C GLY G 162 20.19 39.78 26.66
N GLY G 163 20.33 41.08 26.46
CA GLY G 163 21.54 41.76 26.82
C GLY G 163 21.25 42.84 27.84
N MET G 164 21.18 44.09 27.40
CA MET G 164 20.84 45.16 28.32
C MET G 164 19.35 45.17 28.65
N ASN G 165 18.48 44.85 27.67
CA ASN G 165 17.04 44.67 27.91
C ASN G 165 16.45 45.83 28.69
N ARG G 166 16.55 47.02 28.09
CA ARG G 166 15.97 48.27 28.58
C ARG G 166 16.53 48.73 29.92
N ARG G 167 17.63 48.15 30.39
CA ARG G 167 18.20 48.58 31.66
C ARG G 167 19.25 49.66 31.40
N PRO G 168 19.11 50.85 31.97
CA PRO G 168 20.06 51.94 31.70
C PRO G 168 21.46 51.69 32.24
N ILE G 169 22.48 52.25 31.56
CA ILE G 169 23.85 52.07 31.98
C ILE G 169 24.58 53.39 32.07
N LEU G 170 25.76 53.31 32.63
CA LEU G 170 26.68 54.42 32.71
C LEU G 170 27.97 54.04 32.00
N ILE G 171 28.70 55.06 31.56
CA ILE G 171 29.99 54.88 30.92
C ILE G 171 31.06 55.48 31.83
N ILE G 172 32.03 54.67 32.24
CA ILE G 172 33.05 55.02 33.24
C ILE G 172 34.39 55.25 32.55
N ILE G 173 34.82 56.50 32.48
CA ILE G 173 36.01 56.84 31.73
C ILE G 173 37.08 57.15 32.76
N THR G 174 38.11 56.34 32.83
CA THR G 174 39.13 56.50 33.86
C THR G 174 40.46 56.80 33.21
N LEU G 175 41.15 57.77 33.79
CA LEU G 175 42.51 58.14 33.37
C LEU G 175 43.41 57.47 34.40
N GLU G 176 44.32 56.60 33.94
CA GLU G 176 45.16 55.91 34.93
C GLU G 176 46.60 55.75 34.45
N MET G 177 47.47 55.58 35.44
CA MET G 177 48.92 55.33 35.27
C MET G 177 49.10 53.86 34.91
N ARG G 178 50.27 53.53 34.41
CA ARG G 178 50.60 52.20 33.93
C ARG G 178 50.53 51.19 35.05
N ASP G 179 50.90 51.60 36.26
CA ASP G 179 50.73 50.77 37.44
C ASP G 179 49.27 50.38 37.65
N GLY G 180 48.35 51.23 37.21
CA GLY G 180 46.94 51.03 37.41
C GLY G 180 46.29 52.06 38.30
N GLN G 181 47.08 52.78 39.11
CA GLN G 181 46.56 53.84 39.97
C GLN G 181 45.82 54.88 39.15
N VAL G 182 44.60 55.18 39.56
CA VAL G 182 43.74 56.05 38.78
C VAL G 182 43.93 57.50 39.23
N LEU G 183 44.13 58.39 38.26
CA LEU G 183 44.32 59.80 38.57
C LEU G 183 43.21 60.63 37.97
N GLY G 184 42.16 60.00 37.47
CA GLY G 184 41.02 60.74 36.96
C GLY G 184 39.89 59.82 36.57
N ARG G 185 38.65 60.28 36.76
CA ARG G 185 37.48 59.43 36.45
C ARG G 185 36.24 60.31 36.29
N ARG G 186 35.51 60.12 35.20
CA ARG G 186 34.28 60.84 34.90
C ARG G 186 33.28 59.84 34.32
N SER G 187 31.99 60.03 34.59
CA SER G 187 30.98 59.19 33.95
C SER G 187 29.91 60.02 33.30
N PHE G 188 29.01 59.31 32.64
CA PHE G 188 27.80 59.84 32.07
C PHE G 188 26.95 58.64 31.68
N GLU G 189 25.63 58.77 31.87
CA GLU G 189 24.69 57.73 31.45
C GLU G 189 24.70 57.56 29.93
N GLY G 190 24.71 56.32 29.49
CA GLY G 190 24.70 55.99 28.07
C GLY G 190 23.37 55.40 27.64
N ARG G 191 22.91 55.78 26.46
CA ARG G 191 21.76 55.16 25.83
C ARG G 191 22.04 54.85 24.36
N ILE G 192 21.85 53.59 23.96
CA ILE G 192 22.00 53.16 22.58
C ILE G 192 20.60 53.00 22.02
N CYS G 193 20.15 54.04 21.35
CA CYS G 193 18.81 54.11 20.80
C CYS G 193 18.87 54.12 19.27
N ALA G 194 17.74 53.74 18.67
CA ALA G 194 17.59 53.87 17.23
C ALA G 194 17.44 55.35 16.83
N CYS G 195 16.63 56.12 17.56
CA CYS G 195 16.41 57.54 17.28
C CYS G 195 16.82 58.40 18.46
N PRO G 196 18.14 58.59 18.68
CA PRO G 196 18.61 59.33 19.86
C PRO G 196 18.01 60.73 20.03
N GLY G 197 17.59 61.38 18.95
CA GLY G 197 17.08 62.73 19.07
C GLY G 197 15.71 62.78 19.72
N ARG G 198 14.79 61.93 19.26
CA ARG G 198 13.48 61.82 19.89
C ARG G 198 13.61 61.52 21.38
N ASP G 199 14.35 60.47 21.71
CA ASP G 199 14.51 60.08 23.10
C ASP G 199 15.40 61.04 23.88
N ARG G 200 16.18 61.85 23.20
CA ARG G 200 16.92 62.88 23.95
C ARG G 200 15.90 63.97 24.21
N LYS G 201 15.19 64.37 23.15
CA LYS G 201 14.16 65.38 23.33
C LYS G 201 13.22 64.93 24.40
N ALA G 202 12.66 63.75 24.22
CA ALA G 202 11.69 63.18 25.17
C ALA G 202 12.12 63.29 26.64
N ASP G 203 13.31 62.78 26.97
CA ASP G 203 13.73 62.71 28.37
C ASP G 203 13.99 64.08 28.94
N GLU G 204 14.47 64.99 28.10
CA GLU G 204 14.54 66.38 28.52
C GLU G 204 13.14 66.99 28.72
N ASP G 205 12.10 66.41 28.13
CA ASP G 205 10.76 66.99 28.32
C ASP G 205 10.20 66.56 29.68
N HIS G 206 10.57 65.35 30.10
CA HIS G 206 10.17 64.74 31.34
C HIS G 206 10.90 65.30 32.54
N TYR G 207 12.14 65.75 32.36
CA TYR G 207 12.86 66.40 33.47
C TYR G 207 12.13 67.66 33.89
N ARG G 208 11.89 68.50 32.88
CA ARG G 208 11.17 69.78 33.05
C ARG G 208 9.71 69.49 33.36
N GLU G 209 9.19 68.32 32.98
CA GLU G 209 7.81 68.00 33.27
C GLU G 209 7.46 68.22 34.74
N GLN G 210 8.41 67.93 35.63
CA GLN G 210 8.24 68.16 37.07
C GLN G 210 8.87 69.49 37.47
N HIS H 10 15.67 22.84 3.47
CA HIS H 10 14.58 21.92 3.15
C HIS H 10 13.27 22.67 2.98
N GLU H 11 12.45 22.16 2.07
CA GLU H 11 11.19 22.77 1.65
C GLU H 11 10.01 21.84 1.97
N PHE H 12 9.74 21.59 3.26
CA PHE H 12 8.66 20.70 3.65
C PHE H 12 7.46 21.51 4.14
N ILE H 13 6.27 21.12 3.69
CA ILE H 13 5.07 21.82 4.13
C ILE H 13 4.24 20.82 4.93
N PRO H 14 4.15 20.96 6.24
CA PRO H 14 3.29 20.06 7.00
C PRO H 14 1.84 20.23 6.56
N SER H 15 1.11 19.12 6.50
CA SER H 15 -0.27 19.18 6.05
C SER H 15 -1.13 19.97 7.00
N ASN H 16 -2.22 20.58 6.52
CA ASN H 16 -3.02 21.46 7.37
C ASN H 16 -4.51 21.31 7.26
N THR H 17 -4.98 20.63 6.23
CA THR H 17 -6.41 20.52 6.01
C THR H 17 -7.22 20.03 7.19
N ASP H 18 -8.33 20.69 7.48
CA ASP H 18 -9.20 20.21 8.53
C ASP H 18 -9.57 18.75 8.26
N TYR H 19 -9.39 17.90 9.27
CA TYR H 19 -9.64 16.47 9.16
C TYR H 19 -10.33 16.03 10.45
N PRO H 20 -11.65 15.86 10.43
CA PRO H 20 -12.33 15.44 11.66
C PRO H 20 -12.02 13.99 12.03
N GLY H 21 -11.84 13.13 11.04
CA GLY H 21 -11.39 11.78 11.26
C GLY H 21 -12.48 10.87 11.78
N PRO H 22 -12.12 9.60 12.04
CA PRO H 22 -13.13 8.65 12.55
C PRO H 22 -13.69 8.99 13.93
N HIS H 23 -13.14 9.97 14.64
CA HIS H 23 -13.56 10.24 16.02
C HIS H 23 -14.08 11.66 16.22
N HIS H 24 -14.14 12.46 15.16
CA HIS H 24 -14.63 13.84 15.17
C HIS H 24 -13.81 14.70 16.14
N PHE H 25 -12.54 14.80 15.80
CA PHE H 25 -11.59 15.62 16.52
C PHE H 25 -11.98 17.09 16.47
N GLU H 26 -12.11 17.72 17.63
CA GLU H 26 -12.43 19.14 17.69
C GLU H 26 -11.50 19.86 18.65
N VAL H 27 -11.11 21.08 18.31
CA VAL H 27 -10.24 21.88 19.18
C VAL H 27 -10.96 23.20 19.46
N THR H 28 -11.56 23.30 20.64
CA THR H 28 -12.32 24.47 21.05
C THR H 28 -11.60 25.19 22.19
N PHE H 29 -12.18 26.33 22.58
CA PHE H 29 -11.66 27.16 23.66
C PHE H 29 -12.78 27.50 24.65
N GLN H 30 -12.40 27.53 25.91
CA GLN H 30 -13.33 27.98 26.92
C GLN H 30 -13.39 29.48 26.88
N GLN H 31 -14.35 30.06 27.58
CA GLN H 31 -14.53 31.50 27.65
C GLN H 31 -13.27 32.14 28.22
N SER H 32 -12.96 33.34 27.75
CA SER H 32 -11.70 33.98 28.07
C SER H 32 -11.95 35.39 28.59
N SER H 33 -10.95 35.92 29.28
CA SER H 33 -11.05 37.25 29.89
C SER H 33 -10.90 38.35 28.85
N THR H 34 -11.67 39.43 29.05
CA THR H 34 -11.74 40.51 28.07
C THR H 34 -10.61 41.53 28.23
N ALA H 35 -9.73 41.35 29.23
CA ALA H 35 -8.70 42.34 29.57
C ALA H 35 -7.81 42.66 28.37
N LYS H 36 -7.38 43.92 28.30
CA LYS H 36 -6.45 44.34 27.27
C LYS H 36 -5.19 43.49 27.30
N SER H 37 -4.65 43.26 28.48
CA SER H 37 -3.47 42.42 28.69
C SER H 37 -3.86 41.13 29.39
N ALA H 38 -4.94 40.50 28.93
CA ALA H 38 -5.27 39.15 29.37
C ALA H 38 -4.11 38.19 29.10
N THR H 39 -4.14 37.04 29.76
CA THR H 39 -3.11 36.06 29.39
C THR H 39 -3.39 35.51 28.00
N TRP H 40 -4.67 35.30 27.67
CA TRP H 40 -5.04 34.79 26.35
C TRP H 40 -6.53 35.04 26.09
N THR H 41 -6.89 34.97 24.81
CA THR H 41 -8.26 35.13 24.35
C THR H 41 -8.35 34.58 22.92
N TYR H 42 -9.51 34.03 22.58
CA TYR H 42 -9.72 33.40 21.29
C TYR H 42 -10.87 34.08 20.55
N SER H 43 -10.66 34.40 19.26
CA SER H 43 -11.68 35.02 18.44
C SER H 43 -12.36 33.96 17.59
N PRO H 44 -13.62 33.61 17.87
CA PRO H 44 -14.33 32.73 16.95
C PRO H 44 -14.55 33.36 15.58
N LEU H 45 -14.59 34.70 15.50
CA LEU H 45 -14.79 35.36 14.22
C LEU H 45 -13.61 35.16 13.29
N LEU H 46 -12.41 35.46 13.76
CA LEU H 46 -11.17 35.30 13.02
C LEU H 46 -10.54 33.92 13.15
N LYS H 47 -11.02 33.06 14.06
CA LYS H 47 -10.37 31.81 14.44
C LYS H 47 -8.90 32.04 14.76
N LYS H 48 -8.68 32.94 15.71
CA LYS H 48 -7.35 33.36 16.06
C LYS H 48 -7.16 33.30 17.57
N LEU H 49 -6.15 32.55 17.99
CA LEU H 49 -5.72 32.49 19.37
C LEU H 49 -4.82 33.68 19.67
N TYR H 50 -5.14 34.46 20.69
CA TYR H 50 -4.23 35.49 21.16
C TYR H 50 -3.64 35.13 22.53
N CYS H 51 -2.32 35.12 22.64
CA CYS H 51 -1.65 34.52 23.80
C CYS H 51 -0.40 35.32 24.15
N GLN H 52 -0.20 35.56 25.45
CA GLN H 52 1.01 36.21 25.93
C GLN H 52 2.16 35.23 26.00
N ILE H 53 3.36 35.73 25.71
CA ILE H 53 4.55 34.91 25.82
C ILE H 53 4.57 34.15 27.15
N ALA H 54 5.02 32.89 27.07
CA ALA H 54 5.37 32.07 28.23
C ALA H 54 4.22 31.91 29.25
N LYS H 55 2.99 32.24 28.91
CA LYS H 55 1.90 32.07 29.86
C LYS H 55 1.00 30.88 29.52
N THR H 56 0.28 30.40 30.52
CA THR H 56 -0.56 29.23 30.32
C THR H 56 -1.67 29.51 29.32
N CYS H 57 -1.79 28.64 28.34
CA CYS H 57 -2.85 28.73 27.36
C CYS H 57 -3.54 27.39 27.34
N PRO H 58 -4.80 27.31 27.76
CA PRO H 58 -5.50 26.03 27.79
C PRO H 58 -6.20 25.78 26.47
N ILE H 59 -6.10 24.56 26.00
CA ILE H 59 -6.74 24.19 24.75
C ILE H 59 -7.55 22.94 25.01
N GLN H 60 -8.85 22.99 24.64
CA GLN H 60 -9.78 21.91 24.88
C GLN H 60 -9.77 20.96 23.71
N ILE H 61 -9.63 19.65 23.99
CA ILE H 61 -9.65 18.61 22.96
C ILE H 61 -10.90 17.79 23.14
N LYS H 62 -11.66 17.66 22.06
CA LYS H 62 -12.90 16.92 22.03
C LYS H 62 -12.80 15.84 20.96
N VAL H 63 -13.26 14.63 21.31
CA VAL H 63 -13.55 13.56 20.36
C VAL H 63 -14.92 12.97 20.67
N SER H 64 -15.50 12.27 19.70
CA SER H 64 -16.74 11.54 20.02
C SER H 64 -16.51 10.09 20.40
N THR H 65 -15.51 9.46 19.84
CA THR H 65 -15.33 8.07 20.14
C THR H 65 -13.89 7.91 20.64
N PRO H 66 -13.64 7.13 21.69
CA PRO H 66 -12.27 7.02 22.21
C PRO H 66 -11.30 6.48 21.16
N PRO H 67 -10.23 7.21 20.90
CA PRO H 67 -9.21 6.72 19.94
C PRO H 67 -8.48 5.51 20.50
N PRO H 68 -7.73 4.78 19.67
CA PRO H 68 -7.05 3.54 20.15
C PRO H 68 -5.97 3.84 21.19
N PRO H 69 -5.50 2.84 21.93
CA PRO H 69 -4.33 3.07 22.78
C PRO H 69 -3.13 3.58 22.00
N GLY H 70 -2.23 4.23 22.72
CA GLY H 70 -1.02 4.77 22.13
C GLY H 70 -1.21 6.06 21.38
N THR H 71 -2.41 6.61 21.37
CA THR H 71 -2.70 7.79 20.56
C THR H 71 -2.05 9.01 21.20
N ALA H 72 -1.65 9.97 20.36
CA ALA H 72 -0.98 11.17 20.83
C ALA H 72 -1.64 12.42 20.27
N ILE H 73 -1.44 13.54 20.96
CA ILE H 73 -1.69 14.88 20.42
C ILE H 73 -0.34 15.54 20.24
N ARG H 74 -0.14 16.09 19.03
CA ARG H 74 1.10 16.81 18.68
C ARG H 74 0.74 18.20 18.18
N ALA H 75 1.43 19.22 18.70
CA ALA H 75 1.27 20.61 18.30
C ALA H 75 2.49 21.07 17.52
N MET H 76 2.27 21.65 16.33
CA MET H 76 3.34 22.21 15.53
C MET H 76 3.00 23.57 14.98
N PRO H 77 3.93 24.52 15.07
CA PRO H 77 3.73 25.82 14.44
C PRO H 77 4.24 25.81 12.99
N VAL H 78 3.45 26.43 12.14
CA VAL H 78 3.88 26.76 10.78
C VAL H 78 3.43 28.18 10.50
N TYR H 79 4.22 28.86 9.67
CA TYR H 79 3.88 30.20 9.22
C TYR H 79 2.68 30.19 8.27
N LYS H 80 1.79 31.16 8.41
CA LYS H 80 0.57 31.14 7.60
C LYS H 80 0.79 31.63 6.16
N LYS H 81 1.71 32.58 5.94
CA LYS H 81 1.86 33.22 4.63
C LYS H 81 2.63 32.30 3.72
N ALA H 82 2.21 32.22 2.45
CA ALA H 82 2.82 31.25 1.53
C ALA H 82 4.34 31.45 1.41
N GLU H 83 4.79 32.72 1.37
CA GLU H 83 6.21 32.99 1.22
C GLU H 83 7.06 32.27 2.27
N HIS H 84 6.68 32.37 3.54
CA HIS H 84 7.50 31.83 4.63
C HIS H 84 7.12 30.39 5.04
N VAL H 85 6.22 29.75 4.30
CA VAL H 85 5.61 28.53 4.81
C VAL H 85 6.64 27.41 4.98
N THR H 86 7.76 27.48 4.28
CA THR H 86 8.79 26.45 4.37
C THR H 86 9.83 26.75 5.46
N ASP H 87 9.81 27.93 6.06
CA ASP H 87 10.75 28.23 7.13
C ASP H 87 10.26 27.58 8.41
N VAL H 88 11.19 27.02 9.18
CA VAL H 88 10.79 26.32 10.39
C VAL H 88 10.51 27.34 11.50
N VAL H 89 9.41 27.16 12.19
CA VAL H 89 9.13 28.08 13.28
C VAL H 89 10.04 27.69 14.45
N LYS H 90 10.95 28.58 14.80
CA LYS H 90 11.78 28.32 15.97
C LYS H 90 11.67 29.51 16.91
N ARG H 91 12.57 29.52 17.90
CA ARG H 91 12.61 30.62 18.89
C ARG H 91 13.66 31.64 18.45
N CYS H 92 13.36 32.94 18.57
CA CYS H 92 14.37 33.98 18.22
C CYS H 92 15.61 33.78 19.09
N PRO H 93 16.84 33.89 18.53
CA PRO H 93 18.09 33.67 19.27
C PRO H 93 18.16 34.23 20.70
N ASN H 94 17.63 35.44 20.88
CA ASN H 94 17.62 36.09 22.18
C ASN H 94 17.03 35.17 23.24
N HIS H 95 15.78 34.76 23.07
CA HIS H 95 15.16 33.95 24.12
C HIS H 95 15.83 32.59 24.24
N GLU H 96 16.31 32.05 23.12
CA GLU H 96 16.93 30.75 23.14
C GLU H 96 18.20 30.76 23.97
N LEU H 97 19.06 31.75 23.74
CA LEU H 97 20.33 31.86 24.45
C LEU H 97 20.21 32.59 25.78
N GLY H 98 19.09 33.25 26.03
CA GLY H 98 18.89 33.97 27.26
C GLY H 98 18.64 33.02 28.42
N ARG H 99 18.33 33.58 29.59
CA ARG H 99 18.17 32.70 30.77
C ARG H 99 16.70 32.64 31.17
N ASP H 100 15.92 33.63 30.77
CA ASP H 100 14.51 33.67 31.22
C ASP H 100 13.78 32.46 30.65
N PHE H 101 13.04 31.73 31.50
CA PHE H 101 12.23 30.57 31.07
C PHE H 101 13.08 29.50 30.38
N ASN H 102 14.34 29.37 30.79
CA ASN H 102 15.25 28.35 30.21
C ASN H 102 16.28 27.96 31.28
N GLU H 103 15.84 27.68 32.50
CA GLU H 103 16.83 27.38 33.51
C GLU H 103 16.17 26.37 34.43
N GLY H 104 16.52 25.12 34.20
CA GLY H 104 15.94 23.99 34.90
C GLY H 104 14.70 23.49 34.20
N GLN H 105 14.80 23.16 32.91
CA GLN H 105 13.57 22.87 32.18
C GLN H 105 13.81 21.81 31.10
N SER H 106 12.85 20.89 31.02
CA SER H 106 12.96 19.72 30.16
C SER H 106 12.85 20.06 28.68
N ALA H 107 12.33 21.24 28.31
CA ALA H 107 12.19 21.50 26.88
C ALA H 107 13.47 22.11 26.28
N PRO H 108 13.75 21.80 25.03
CA PRO H 108 14.81 22.52 24.31
C PRO H 108 14.56 24.01 24.26
N ALA H 109 15.65 24.79 24.37
CA ALA H 109 15.51 26.24 24.32
C ALA H 109 14.96 26.74 22.97
N SER H 110 15.18 26.00 21.89
CA SER H 110 14.75 26.51 20.59
C SER H 110 13.27 26.29 20.31
N HIS H 111 12.59 25.43 21.04
CA HIS H 111 11.21 25.10 20.71
C HIS H 111 10.27 26.21 21.11
N LEU H 112 9.34 26.52 20.21
CA LEU H 112 8.44 27.64 20.35
C LEU H 112 7.34 27.26 21.29
N ILE H 113 6.77 26.07 21.07
CA ILE H 113 5.64 25.55 21.84
C ILE H 113 6.15 24.57 22.89
N ARG H 114 5.77 24.77 24.16
CA ARG H 114 5.99 23.82 25.24
C ARG H 114 4.66 23.37 25.80
N VAL H 115 4.65 22.22 26.47
CA VAL H 115 3.47 21.80 27.24
C VAL H 115 3.76 22.00 28.72
N GLU H 116 2.86 22.71 29.41
CA GLU H 116 2.94 22.91 30.85
C GLU H 116 2.18 21.84 31.60
N GLY H 117 2.79 21.32 32.67
CA GLY H 117 2.16 20.33 33.49
C GLY H 117 1.92 18.98 32.83
N ASN H 118 2.94 18.40 32.22
CA ASN H 118 2.83 17.02 31.75
C ASN H 118 4.22 16.43 31.63
N ASN H 119 4.56 15.48 32.48
CA ASN H 119 5.92 14.96 32.48
C ASN H 119 6.15 13.92 31.41
N LEU H 120 5.11 13.47 30.73
CA LEU H 120 5.32 12.50 29.67
C LEU H 120 5.66 13.17 28.37
N SER H 121 5.44 14.49 28.29
CA SER H 121 5.49 15.19 27.02
C SER H 121 6.90 15.10 26.44
N GLN H 122 6.97 14.83 25.13
CA GLN H 122 8.25 14.70 24.46
C GLN H 122 8.36 15.74 23.35
N TYR H 123 9.60 16.13 23.05
CA TYR H 123 9.89 17.25 22.17
C TYR H 123 10.67 16.77 20.97
N VAL H 124 10.16 17.08 19.79
CA VAL H 124 10.62 16.46 18.55
C VAL H 124 11.33 17.48 17.66
N ASP H 125 12.40 17.00 17.01
CA ASP H 125 13.21 17.72 16.03
C ASP H 125 13.28 16.66 14.94
N ASP H 126 12.42 16.73 13.93
CA ASP H 126 12.45 15.76 12.83
C ASP H 126 13.82 15.80 12.16
N PRO H 127 14.55 14.67 12.08
CA PRO H 127 15.83 14.69 11.36
C PRO H 127 15.72 15.06 9.90
N VAL H 128 14.64 14.69 9.21
CA VAL H 128 14.55 15.05 7.80
C VAL H 128 13.99 16.47 7.65
N THR H 129 12.78 16.71 8.17
CA THR H 129 12.07 17.97 7.88
C THR H 129 12.57 19.16 8.68
N GLY H 130 13.27 18.93 9.81
CA GLY H 130 13.69 20.01 10.69
C GLY H 130 12.59 20.61 11.53
N ARG H 131 11.34 20.17 11.33
CA ARG H 131 10.19 20.72 12.04
C ARG H 131 10.26 20.41 13.52
N GLN H 132 9.83 21.37 14.35
CA GLN H 132 9.79 21.18 15.79
C GLN H 132 8.34 21.05 16.23
N SER H 133 8.09 20.07 17.09
CA SER H 133 6.77 19.89 17.68
C SER H 133 6.92 19.37 19.11
N VAL H 134 5.85 19.52 19.88
CA VAL H 134 5.77 18.90 21.18
C VAL H 134 4.61 17.92 21.13
N VAL H 135 4.81 16.73 21.69
CA VAL H 135 3.82 15.66 21.66
C VAL H 135 3.50 15.20 23.08
N VAL H 136 2.21 14.94 23.32
CA VAL H 136 1.77 14.37 24.60
C VAL H 136 0.82 13.21 24.33
N PRO H 137 0.81 12.18 25.18
CA PRO H 137 -0.18 11.11 25.03
C PRO H 137 -1.60 11.62 25.25
N TYR H 138 -2.53 11.08 24.47
CA TYR H 138 -3.94 11.38 24.65
C TYR H 138 -4.45 10.78 25.94
N GLU H 139 -5.07 11.60 26.76
CA GLU H 139 -5.78 11.00 27.88
C GLU H 139 -7.26 11.28 27.75
N PRO H 140 -8.13 10.32 28.09
CA PRO H 140 -9.55 10.61 28.07
C PRO H 140 -9.91 11.52 29.24
N PRO H 141 -11.00 12.28 29.13
CA PRO H 141 -11.41 13.19 30.20
C PRO H 141 -11.90 12.47 31.42
N GLN H 142 -12.28 13.19 32.49
CA GLN H 142 -13.00 12.58 33.61
C GLN H 142 -14.34 12.01 33.13
N VAL H 143 -14.90 11.12 33.96
CA VAL H 143 -16.12 10.45 33.53
C VAL H 143 -17.19 11.49 33.19
N GLY H 144 -17.30 12.54 34.00
CA GLY H 144 -18.25 13.60 33.69
C GLY H 144 -17.77 14.70 32.75
N THR H 145 -16.46 14.84 32.55
CA THR H 145 -15.92 16.00 31.82
C THR H 145 -16.09 15.83 30.31
N GLU H 146 -16.44 16.94 29.65
CA GLU H 146 -16.70 16.88 28.21
C GLU H 146 -15.40 16.95 27.39
N PHE H 147 -14.42 17.76 27.79
CA PHE H 147 -13.22 17.97 26.99
C PHE H 147 -11.96 17.51 27.72
N THR H 148 -10.90 17.27 26.95
CA THR H 148 -9.57 16.95 27.45
C THR H 148 -8.68 18.19 27.31
N THR H 149 -8.23 18.76 28.43
CA THR H 149 -7.55 20.04 28.30
C THR H 149 -6.06 19.79 28.16
N ILE H 150 -5.44 20.57 27.29
CA ILE H 150 -3.99 20.57 27.16
C ILE H 150 -3.50 21.98 27.41
N LEU H 151 -2.43 22.07 28.19
CA LEU H 151 -1.87 23.37 28.54
C LEU H 151 -0.66 23.62 27.69
N TYR H 152 -0.66 24.74 26.98
CA TYR H 152 0.41 25.07 26.08
C TYR H 152 1.06 26.37 26.52
N ASN H 153 2.28 26.55 26.06
CA ASN H 153 3.09 27.72 26.35
C ASN H 153 3.89 28.08 25.11
N PHE H 154 3.82 29.35 24.73
CA PHE H 154 4.51 29.84 23.56
C PHE H 154 5.65 30.75 24.01
N MET H 155 6.85 30.35 23.70
CA MET H 155 8.03 31.03 24.16
C MET H 155 8.62 32.09 23.27
N CYS H 156 7.81 32.84 22.56
CA CYS H 156 8.40 33.86 21.69
C CYS H 156 7.30 34.72 21.06
N ASN H 157 7.30 36.02 21.33
CA ASN H 157 6.25 36.88 20.80
C ASN H 157 6.31 36.83 19.28
N SER H 158 5.11 36.84 18.65
CA SER H 158 5.02 37.02 17.21
C SER H 158 6.04 38.03 16.69
N SER H 159 6.17 39.18 17.36
CA SER H 159 6.98 40.27 16.86
C SER H 159 8.48 40.01 16.94
N CYS H 160 8.89 39.00 17.69
CA CYS H 160 10.31 38.71 17.94
C CYS H 160 11.04 38.93 16.61
N VAL H 161 12.00 39.87 16.56
CA VAL H 161 12.87 40.01 15.39
C VAL H 161 13.94 38.94 15.62
N GLY H 162 14.38 38.31 14.54
CA GLY H 162 15.30 37.19 14.62
C GLY H 162 14.65 35.82 14.66
N GLY H 163 13.34 35.77 14.90
CA GLY H 163 12.57 34.55 14.95
C GLY H 163 11.35 34.74 14.07
N MET H 164 10.17 34.64 14.67
CA MET H 164 8.94 34.85 13.90
C MET H 164 8.98 36.18 13.14
N ASN H 165 9.67 37.18 13.68
CA ASN H 165 9.75 38.53 13.10
C ASN H 165 8.39 39.01 12.61
N ARG H 166 7.39 39.02 13.49
CA ARG H 166 5.99 39.51 13.25
C ARG H 166 5.28 38.75 12.13
N ARG H 167 5.75 37.58 11.74
CA ARG H 167 5.10 36.77 10.71
C ARG H 167 4.02 35.88 11.33
N PRO H 168 2.76 35.96 10.88
CA PRO H 168 1.70 35.14 11.49
C PRO H 168 1.97 33.67 11.35
N ILE H 169 1.53 32.91 12.36
CA ILE H 169 1.62 31.46 12.33
C ILE H 169 0.25 30.81 12.43
N LEU H 170 0.25 29.55 12.03
CA LEU H 170 -0.89 28.69 12.15
C LEU H 170 -0.46 27.64 13.15
N ILE H 171 -1.30 27.26 14.08
CA ILE H 171 -0.95 26.17 14.97
C ILE H 171 -1.74 24.94 14.56
N ILE H 172 -1.01 23.83 14.34
CA ILE H 172 -1.59 22.59 13.83
C ILE H 172 -1.67 21.58 14.97
N ILE H 173 -2.89 21.25 15.38
CA ILE H 173 -3.17 20.23 16.39
C ILE H 173 -3.53 18.94 15.68
N THR H 174 -2.78 17.89 15.96
CA THR H 174 -2.90 16.61 15.27
C THR H 174 -3.19 15.49 16.26
N LEU H 175 -4.14 14.64 15.93
CA LEU H 175 -4.49 13.49 16.72
C LEU H 175 -3.86 12.35 15.98
N GLU H 176 -2.75 11.83 16.48
CA GLU H 176 -2.02 10.78 15.80
C GLU H 176 -1.95 9.46 16.50
N MET H 177 -1.54 8.43 15.79
CA MET H 177 -1.36 7.17 16.45
C MET H 177 0.08 7.05 16.90
N ARG H 178 0.38 5.96 17.63
CA ARG H 178 1.74 5.77 18.12
C ARG H 178 2.75 5.93 17.00
N ASP H 179 2.45 5.36 15.83
CA ASP H 179 3.35 5.40 14.67
C ASP H 179 3.41 6.77 13.99
N GLY H 180 2.49 7.71 14.33
CA GLY H 180 2.40 9.01 13.70
C GLY H 180 1.28 9.15 12.68
N GLN H 181 0.62 8.04 12.34
CA GLN H 181 -0.55 8.04 11.48
C GLN H 181 -1.63 9.03 11.92
N VAL H 182 -2.05 9.91 11.03
CA VAL H 182 -2.95 11.00 11.41
C VAL H 182 -4.40 10.52 11.47
N LEU H 183 -5.01 10.63 12.64
CA LEU H 183 -6.41 10.30 12.84
C LEU H 183 -7.30 11.53 12.89
N GLY H 184 -6.73 12.71 13.13
CA GLY H 184 -7.50 13.94 13.07
C GLY H 184 -6.57 15.13 13.03
N ARG H 185 -7.07 16.24 12.47
CA ARG H 185 -6.26 17.46 12.46
C ARG H 185 -7.18 18.69 12.50
N ARG H 186 -6.89 19.61 13.43
CA ARG H 186 -7.50 20.93 13.35
C ARG H 186 -6.39 21.96 13.44
N SER H 187 -6.73 23.20 13.12
CA SER H 187 -5.76 24.27 13.21
C SER H 187 -6.47 25.60 13.45
N PHE H 188 -5.69 26.58 13.88
CA PHE H 188 -6.17 27.94 14.05
C PHE H 188 -4.93 28.84 13.99
N GLU H 189 -5.15 30.11 13.66
CA GLU H 189 -4.06 31.06 13.63
C GLU H 189 -3.68 31.45 15.05
N GLY H 190 -2.43 31.83 15.25
CA GLY H 190 -1.96 32.20 16.56
C GLY H 190 -1.22 33.52 16.50
N ARG H 191 -1.35 34.29 17.58
CA ARG H 191 -0.58 35.52 17.75
C ARG H 191 -0.08 35.61 19.19
N ILE H 192 1.22 35.48 19.39
CA ILE H 192 1.80 35.67 20.73
C ILE H 192 2.17 37.15 20.87
N CYS H 193 1.50 37.83 21.77
CA CYS H 193 1.63 39.28 21.88
C CYS H 193 1.40 39.68 23.32
N ALA H 194 1.64 40.94 23.61
CA ALA H 194 1.64 41.33 25.01
C ALA H 194 0.27 41.71 25.50
N CYS H 195 -0.64 42.03 24.59
CA CYS H 195 -1.97 42.52 24.95
C CYS H 195 -2.95 41.78 24.06
N PRO H 196 -3.26 40.52 24.40
CA PRO H 196 -4.24 39.77 23.58
C PRO H 196 -5.60 40.44 23.44
N GLY H 197 -6.15 41.01 24.52
CA GLY H 197 -7.44 41.65 24.42
C GLY H 197 -7.47 42.81 23.44
N ARG H 198 -6.46 43.70 23.52
CA ARG H 198 -6.34 44.83 22.59
C ARG H 198 -6.24 44.37 21.15
N ASP H 199 -5.28 43.48 20.87
CA ASP H 199 -4.98 43.07 19.51
C ASP H 199 -6.16 42.32 18.90
N ARG H 200 -6.86 41.51 19.68
CA ARG H 200 -8.07 40.89 19.16
C ARG H 200 -9.13 41.94 18.86
N LYS H 201 -9.30 42.94 19.73
CA LYS H 201 -10.34 43.94 19.47
C LYS H 201 -10.11 44.65 18.14
N ALA H 202 -8.86 45.06 17.88
CA ALA H 202 -8.56 45.86 16.71
C ALA H 202 -8.62 45.03 15.43
N ASP H 203 -8.29 43.74 15.56
CA ASP H 203 -8.36 42.81 14.43
C ASP H 203 -9.80 42.57 14.02
N GLU H 204 -10.65 42.23 15.00
CA GLU H 204 -12.06 42.07 14.74
C GLU H 204 -12.68 43.38 14.26
N ASP H 205 -12.29 44.51 14.88
CA ASP H 205 -12.82 45.79 14.43
C ASP H 205 -12.51 46.03 12.96
N HIS H 206 -11.28 45.70 12.54
CA HIS H 206 -10.90 45.90 11.15
C HIS H 206 -11.74 45.03 10.21
N TYR H 207 -11.99 43.77 10.60
CA TYR H 207 -12.77 42.84 9.80
C TYR H 207 -14.22 43.30 9.58
N ARG H 208 -14.86 43.85 10.61
CA ARG H 208 -16.28 44.17 10.52
C ARG H 208 -16.56 45.49 9.80
N GLU H 209 -15.53 46.27 9.48
CA GLU H 209 -15.66 47.44 8.59
C GLU H 209 -14.62 47.27 7.50
N GLU I 11 1.30 -58.99 -39.61
CA GLU I 11 -0.09 -59.08 -39.10
C GLU I 11 -0.63 -57.67 -38.92
N PHE I 12 -0.31 -56.77 -39.85
CA PHE I 12 -0.93 -55.43 -39.76
C PHE I 12 -2.44 -55.62 -39.97
N ILE I 13 -2.82 -56.45 -40.94
CA ILE I 13 -4.26 -56.77 -41.11
C ILE I 13 -4.43 -58.24 -40.70
N PRO I 14 -4.94 -58.54 -39.50
CA PRO I 14 -5.18 -59.92 -39.10
C PRO I 14 -6.33 -60.55 -39.91
N SER I 15 -6.11 -61.73 -40.47
CA SER I 15 -7.13 -62.35 -41.31
C SER I 15 -8.31 -62.75 -40.43
N ASN I 16 -9.52 -62.57 -40.97
CA ASN I 16 -10.74 -63.00 -40.31
C ASN I 16 -11.47 -64.11 -41.09
N THR I 17 -10.85 -64.64 -42.15
CA THR I 17 -11.44 -65.76 -42.90
C THR I 17 -11.39 -67.02 -42.06
N ASP I 18 -12.55 -67.64 -41.83
CA ASP I 18 -12.58 -68.88 -41.06
C ASP I 18 -11.66 -69.93 -41.69
N TYR I 19 -10.91 -70.63 -40.83
CA TYR I 19 -9.95 -71.64 -41.26
C TYR I 19 -10.00 -72.79 -40.26
N PRO I 20 -10.69 -73.89 -40.59
CA PRO I 20 -10.83 -74.97 -39.60
C PRO I 20 -9.52 -75.71 -39.36
N GLY I 21 -8.71 -75.91 -40.40
CA GLY I 21 -7.41 -76.52 -40.23
C GLY I 21 -7.44 -78.04 -40.29
N PRO I 22 -6.41 -78.68 -39.70
CA PRO I 22 -6.34 -80.15 -39.71
C PRO I 22 -7.19 -80.76 -38.61
N HIS I 23 -7.38 -80.00 -37.54
CA HIS I 23 -8.10 -80.44 -36.35
C HIS I 23 -9.58 -80.06 -36.37
N HIS I 24 -10.06 -79.52 -37.49
CA HIS I 24 -11.49 -79.13 -37.63
C HIS I 24 -11.92 -78.26 -36.44
N PHE I 25 -11.37 -77.06 -36.37
CA PHE I 25 -11.54 -76.15 -35.26
C PHE I 25 -12.90 -75.46 -35.39
N GLU I 26 -13.69 -75.53 -34.31
CA GLU I 26 -15.03 -74.96 -34.26
C GLU I 26 -15.25 -74.14 -33.01
N VAL I 27 -15.95 -73.03 -33.15
CA VAL I 27 -16.24 -72.12 -32.05
C VAL I 27 -17.74 -71.93 -31.99
N THR I 28 -18.40 -72.55 -31.00
CA THR I 28 -19.85 -72.53 -30.85
C THR I 28 -20.19 -71.75 -29.59
N PHE I 29 -21.49 -71.46 -29.42
CA PHE I 29 -22.00 -70.77 -28.24
C PHE I 29 -23.16 -71.56 -27.65
N GLN I 30 -23.23 -71.60 -26.32
CA GLN I 30 -24.33 -72.30 -25.61
C GLN I 30 -25.56 -71.41 -25.52
N GLN I 31 -26.65 -71.98 -25.05
CA GLN I 31 -27.95 -71.37 -24.86
C GLN I 31 -27.88 -70.00 -24.22
N SER I 32 -28.50 -69.04 -24.88
CA SER I 32 -28.44 -67.65 -24.49
C SER I 32 -29.83 -67.19 -24.08
N SER I 33 -29.85 -66.25 -23.16
CA SER I 33 -31.07 -65.65 -22.64
C SER I 33 -31.82 -64.89 -23.74
N THR I 34 -33.14 -64.93 -23.74
CA THR I 34 -33.76 -64.03 -24.70
C THR I 34 -34.05 -62.66 -24.07
N ALA I 35 -33.75 -62.52 -22.77
CA ALA I 35 -34.06 -61.30 -22.03
C ALA I 35 -33.34 -60.09 -22.61
N LYS I 36 -34.08 -58.97 -22.69
CA LYS I 36 -33.60 -57.73 -23.31
C LYS I 36 -32.20 -57.36 -22.87
N SER I 37 -31.98 -57.31 -21.56
CA SER I 37 -30.73 -56.83 -20.97
C SER I 37 -29.96 -57.99 -20.33
N ALA I 38 -30.03 -59.15 -20.97
CA ALA I 38 -29.26 -60.33 -20.63
C ALA I 38 -27.74 -60.09 -20.64
N THR I 39 -27.00 -61.00 -20.02
CA THR I 39 -25.57 -60.80 -19.84
C THR I 39 -24.79 -61.05 -21.12
N TRP I 40 -25.25 -61.97 -21.95
CA TRP I 40 -24.75 -62.16 -23.32
C TRP I 40 -25.75 -62.99 -24.10
N THR I 41 -25.81 -62.74 -25.38
CA THR I 41 -26.49 -63.59 -26.33
C THR I 41 -25.63 -63.79 -27.56
N TYR I 42 -26.04 -64.77 -28.34
CA TYR I 42 -25.38 -65.05 -29.58
C TYR I 42 -26.46 -65.25 -30.63
N SER I 43 -26.20 -64.72 -31.83
CA SER I 43 -27.02 -64.99 -33.02
C SER I 43 -26.25 -65.86 -33.99
N PRO I 44 -26.60 -67.14 -34.14
CA PRO I 44 -25.98 -67.94 -35.19
C PRO I 44 -26.28 -67.38 -36.56
N LEU I 45 -27.43 -66.72 -36.69
CA LEU I 45 -27.85 -66.14 -37.97
C LEU I 45 -26.83 -65.14 -38.49
N LEU I 46 -26.38 -64.23 -37.63
CA LEU I 46 -25.44 -63.19 -38.03
C LEU I 46 -24.04 -63.45 -37.51
N LYS I 47 -23.80 -64.63 -36.92
CA LYS I 47 -22.52 -64.94 -36.30
C LYS I 47 -22.05 -63.79 -35.43
N LYS I 48 -22.98 -63.23 -34.64
CA LYS I 48 -22.72 -62.00 -33.90
C LYS I 48 -22.91 -62.22 -32.40
N LEU I 49 -21.86 -61.93 -31.62
CA LEU I 49 -21.87 -62.00 -30.16
C LEU I 49 -22.27 -60.68 -29.53
N TYR I 50 -23.43 -60.65 -28.88
CA TYR I 50 -23.90 -59.51 -28.11
C TYR I 50 -23.67 -59.79 -26.64
N CYS I 51 -22.89 -58.93 -25.97
CA CYS I 51 -22.64 -59.17 -24.55
C CYS I 51 -22.61 -57.85 -23.79
N GLN I 52 -22.61 -57.97 -22.47
CA GLN I 52 -22.49 -56.80 -21.62
C GLN I 52 -21.03 -56.59 -21.22
N ILE I 53 -20.74 -55.36 -20.85
CA ILE I 53 -19.39 -54.99 -20.42
C ILE I 53 -18.99 -55.73 -19.14
N ALA I 54 -17.75 -56.28 -19.16
CA ALA I 54 -17.09 -56.94 -18.01
C ALA I 54 -17.89 -58.13 -17.46
N LYS I 55 -18.59 -58.85 -18.33
CA LYS I 55 -19.51 -59.90 -17.93
C LYS I 55 -19.09 -61.21 -18.59
N THR I 56 -19.31 -62.32 -17.91
CA THR I 56 -18.75 -63.60 -18.35
C THR I 56 -19.43 -64.08 -19.64
N CYS I 57 -18.66 -64.18 -20.73
CA CYS I 57 -19.11 -64.81 -21.97
C CYS I 57 -18.41 -66.16 -22.17
N PRO I 58 -19.08 -67.28 -21.93
CA PRO I 58 -18.48 -68.56 -22.29
C PRO I 58 -18.43 -68.73 -23.80
N ILE I 59 -17.26 -69.11 -24.29
CA ILE I 59 -17.07 -69.55 -25.66
C ILE I 59 -16.59 -71.00 -25.63
N GLN I 60 -17.18 -71.84 -26.48
CA GLN I 60 -16.89 -73.26 -26.53
C GLN I 60 -15.91 -73.57 -27.66
N ILE I 61 -14.87 -74.32 -27.33
CA ILE I 61 -13.89 -74.84 -28.28
C ILE I 61 -14.14 -76.33 -28.48
N LYS I 62 -14.00 -76.78 -29.72
CA LYS I 62 -14.20 -78.17 -30.07
C LYS I 62 -13.29 -78.51 -31.23
N VAL I 63 -12.60 -79.64 -31.14
CA VAL I 63 -11.76 -80.12 -32.21
C VAL I 63 -12.12 -81.57 -32.45
N SER I 64 -11.97 -82.01 -33.69
CA SER I 64 -12.15 -83.43 -34.01
C SER I 64 -10.96 -84.25 -33.54
N THR I 65 -9.74 -83.80 -33.76
CA THR I 65 -8.67 -84.61 -33.29
C THR I 65 -7.98 -83.79 -32.28
N PRO I 66 -7.44 -84.40 -31.18
CA PRO I 66 -6.76 -83.49 -30.24
C PRO I 66 -5.56 -82.75 -30.82
N PRO I 67 -5.38 -81.47 -30.45
CA PRO I 67 -4.25 -80.66 -30.93
C PRO I 67 -2.89 -81.05 -30.36
N PRO I 68 -1.81 -80.71 -31.07
CA PRO I 68 -0.45 -81.06 -30.63
C PRO I 68 -0.04 -80.31 -29.37
N PRO I 69 0.92 -80.87 -28.61
CA PRO I 69 1.30 -80.24 -27.34
C PRO I 69 1.86 -78.83 -27.54
N GLY I 70 1.55 -77.93 -26.61
CA GLY I 70 1.98 -76.55 -26.75
C GLY I 70 1.02 -75.69 -27.54
N THR I 71 -0.14 -76.27 -27.88
CA THR I 71 -1.15 -75.50 -28.59
C THR I 71 -1.87 -74.54 -27.66
N ALA I 72 -2.13 -73.32 -28.12
CA ALA I 72 -2.80 -72.29 -27.31
C ALA I 72 -3.94 -71.66 -28.08
N ILE I 73 -4.73 -70.85 -27.38
CA ILE I 73 -5.92 -70.21 -27.95
C ILE I 73 -5.78 -68.70 -27.81
N ARG I 74 -5.78 -68.01 -28.94
CA ARG I 74 -5.52 -66.58 -29.01
C ARG I 74 -6.78 -65.85 -29.45
N ALA I 75 -7.16 -64.83 -28.68
CA ALA I 75 -8.35 -64.02 -28.92
C ALA I 75 -7.93 -62.57 -29.14
N MET I 76 -8.13 -62.05 -30.36
CA MET I 76 -7.72 -60.71 -30.73
C MET I 76 -8.87 -59.94 -31.38
N PRO I 77 -9.11 -58.68 -30.99
CA PRO I 77 -10.12 -57.88 -31.68
C PRO I 77 -9.53 -57.13 -32.86
N VAL I 78 -10.32 -57.04 -33.92
CA VAL I 78 -10.06 -56.16 -35.04
C VAL I 78 -11.36 -55.49 -35.44
N TYR I 79 -11.23 -54.39 -36.17
CA TYR I 79 -12.41 -53.70 -36.68
C TYR I 79 -12.91 -54.38 -37.94
N LYS I 80 -14.24 -54.40 -38.08
CA LYS I 80 -14.88 -55.07 -39.20
C LYS I 80 -14.74 -54.25 -40.49
N LYS I 81 -14.95 -52.93 -40.40
CA LYS I 81 -14.90 -52.08 -41.58
C LYS I 81 -13.46 -51.78 -41.97
N ALA I 82 -13.12 -52.09 -43.23
CA ALA I 82 -11.77 -51.84 -43.72
C ALA I 82 -11.31 -50.41 -43.46
N GLU I 83 -12.23 -49.46 -43.31
CA GLU I 83 -11.82 -48.08 -43.09
C GLU I 83 -11.08 -47.94 -41.76
N HIS I 84 -11.37 -48.82 -40.80
CA HIS I 84 -10.74 -48.74 -39.49
C HIS I 84 -9.85 -49.94 -39.17
N VAL I 85 -9.66 -50.87 -40.10
CA VAL I 85 -8.92 -52.09 -39.82
C VAL I 85 -7.48 -51.85 -39.36
N THR I 86 -6.88 -50.73 -39.73
CA THR I 86 -5.53 -50.49 -39.22
C THR I 86 -5.52 -50.10 -37.75
N ASP I 87 -6.60 -49.54 -37.20
CA ASP I 87 -6.56 -49.04 -35.84
C ASP I 87 -6.68 -50.20 -34.86
N VAL I 88 -5.68 -50.32 -33.98
CA VAL I 88 -5.71 -51.37 -32.96
C VAL I 88 -6.97 -51.16 -32.11
N VAL I 89 -7.50 -52.26 -31.60
CA VAL I 89 -8.66 -52.18 -30.73
C VAL I 89 -8.12 -52.22 -29.31
N LYS I 90 -8.38 -51.14 -28.56
CA LYS I 90 -7.97 -50.98 -27.18
C LYS I 90 -9.15 -50.51 -26.32
N ARG I 91 -8.92 -50.46 -25.02
CA ARG I 91 -9.96 -49.91 -24.16
C ARG I 91 -10.07 -48.39 -24.28
N CYS I 92 -11.22 -47.82 -23.87
CA CYS I 92 -11.31 -46.35 -24.05
C CYS I 92 -10.69 -45.65 -22.84
N PRO I 93 -10.13 -44.43 -22.99
CA PRO I 93 -9.55 -43.68 -21.88
C PRO I 93 -10.36 -43.74 -20.57
N ASN I 94 -11.68 -43.56 -20.63
CA ASN I 94 -12.45 -43.49 -19.39
C ASN I 94 -12.29 -44.77 -18.58
N HIS I 95 -12.47 -45.89 -19.26
CA HIS I 95 -12.40 -47.18 -18.57
C HIS I 95 -11.03 -47.56 -18.04
N GLU I 96 -9.97 -47.13 -18.72
CA GLU I 96 -8.62 -47.47 -18.29
C GLU I 96 -8.45 -46.80 -16.97
N LEU I 97 -9.08 -45.64 -16.80
CA LEU I 97 -9.04 -44.95 -15.52
C LEU I 97 -10.27 -45.33 -14.73
N GLY I 98 -10.45 -44.73 -13.56
CA GLY I 98 -11.64 -44.98 -12.78
C GLY I 98 -11.55 -46.24 -11.98
N ARG I 99 -10.42 -46.95 -12.10
CA ARG I 99 -10.21 -48.18 -11.34
C ARG I 99 -11.40 -49.12 -11.23
N ASP I 100 -12.31 -49.09 -12.20
CA ASP I 100 -13.41 -50.04 -12.15
C ASP I 100 -12.86 -51.22 -12.90
N PHE I 101 -12.89 -52.40 -12.28
CA PHE I 101 -12.30 -53.58 -12.91
C PHE I 101 -10.82 -53.38 -13.25
N ASN I 102 -10.20 -52.37 -12.62
CA ASN I 102 -8.75 -52.13 -12.84
C ASN I 102 -8.09 -52.22 -11.47
N GLU I 103 -8.72 -52.94 -10.54
CA GLU I 103 -8.19 -53.03 -9.17
C GLU I 103 -7.43 -54.35 -9.04
N GLY I 104 -6.15 -54.30 -8.70
CA GLY I 104 -5.34 -55.52 -8.59
C GLY I 104 -5.38 -56.28 -9.90
N GLN I 105 -5.38 -55.55 -11.01
CA GLN I 105 -5.54 -56.21 -12.32
C GLN I 105 -4.34 -57.10 -12.62
N SER I 106 -4.58 -58.31 -13.10
CA SER I 106 -3.46 -59.17 -13.55
C SER I 106 -3.45 -58.95 -15.06
N ALA I 107 -4.26 -57.99 -15.50
CA ALA I 107 -4.46 -57.75 -16.94
C ALA I 107 -4.25 -56.28 -17.27
N PRO I 108 -3.49 -55.86 -18.30
CA PRO I 108 -3.28 -54.42 -18.45
C PRO I 108 -4.60 -53.74 -18.77
N ALA I 109 -4.78 -52.52 -18.29
CA ALA I 109 -6.05 -51.83 -18.48
C ALA I 109 -6.26 -51.43 -19.93
N SER I 110 -5.24 -51.55 -20.75
CA SER I 110 -5.37 -51.24 -22.17
C SER I 110 -6.05 -52.33 -23.01
N HIS I 111 -5.95 -53.60 -22.60
CA HIS I 111 -6.50 -54.68 -23.42
C HIS I 111 -8.02 -54.69 -23.29
N LEU I 112 -8.72 -55.06 -24.36
CA LEU I 112 -10.16 -55.11 -24.27
C LEU I 112 -10.66 -56.46 -23.78
N ILE I 113 -10.18 -57.51 -24.41
CA ILE I 113 -10.58 -58.87 -24.07
C ILE I 113 -9.77 -59.47 -22.96
N ARG I 114 -10.44 -60.12 -22.02
CA ARG I 114 -9.77 -60.76 -20.91
C ARG I 114 -10.36 -62.14 -20.63
N VAL I 115 -9.49 -63.12 -20.36
CA VAL I 115 -9.90 -64.49 -19.98
C VAL I 115 -10.15 -64.49 -18.48
N GLU I 116 -11.28 -65.09 -18.08
CA GLU I 116 -11.64 -65.22 -16.68
C GLU I 116 -11.28 -66.62 -16.19
N GLY I 117 -10.62 -66.69 -15.03
CA GLY I 117 -10.37 -67.95 -14.32
C GLY I 117 -9.36 -68.86 -15.00
N ASN I 118 -8.14 -68.34 -15.19
CA ASN I 118 -7.04 -69.08 -15.81
C ASN I 118 -5.76 -68.30 -15.57
N ASN I 119 -4.95 -68.70 -14.59
CA ASN I 119 -3.72 -67.97 -14.29
C ASN I 119 -2.58 -68.26 -15.26
N LEU I 120 -2.81 -69.09 -16.27
CA LEU I 120 -1.83 -69.31 -17.32
C LEU I 120 -2.15 -68.42 -18.52
N SER I 121 -3.23 -67.66 -18.44
CA SER I 121 -3.59 -66.72 -19.49
C SER I 121 -2.62 -65.54 -19.46
N GLN I 122 -1.89 -65.36 -20.56
CA GLN I 122 -0.99 -64.23 -20.72
C GLN I 122 -1.53 -63.29 -21.79
N TYR I 123 -1.14 -62.02 -21.69
CA TYR I 123 -1.58 -60.97 -22.60
C TYR I 123 -0.39 -60.45 -23.38
N VAL I 124 -0.52 -60.39 -24.68
CA VAL I 124 0.52 -59.91 -25.55
C VAL I 124 0.27 -58.48 -26.02
N ASP I 125 1.35 -57.76 -26.27
CA ASP I 125 1.33 -56.40 -26.76
C ASP I 125 2.47 -56.51 -27.69
N ASP I 126 2.15 -56.95 -28.87
CA ASP I 126 3.20 -57.17 -29.89
C ASP I 126 3.91 -55.83 -30.11
N PRO I 127 5.21 -55.68 -29.75
CA PRO I 127 5.92 -54.40 -29.88
C PRO I 127 6.05 -53.92 -31.33
N VAL I 128 5.99 -54.86 -32.29
CA VAL I 128 6.13 -54.52 -33.70
C VAL I 128 4.81 -54.04 -34.28
N THR I 129 3.73 -54.85 -34.14
CA THR I 129 2.43 -54.52 -34.72
C THR I 129 1.50 -53.79 -33.77
N GLY I 130 1.86 -53.64 -32.51
CA GLY I 130 0.99 -52.95 -31.57
C GLY I 130 -0.28 -53.71 -31.18
N ARG I 131 -0.51 -54.89 -31.75
CA ARG I 131 -1.76 -55.59 -31.52
C ARG I 131 -1.89 -56.07 -30.08
N GLN I 132 -3.14 -56.17 -29.60
CA GLN I 132 -3.40 -56.59 -28.24
C GLN I 132 -4.25 -57.85 -28.22
N SER I 133 -3.66 -58.97 -27.80
CA SER I 133 -4.38 -60.23 -27.78
C SER I 133 -4.16 -60.92 -26.44
N VAL I 134 -5.03 -61.89 -26.15
CA VAL I 134 -4.95 -62.69 -24.95
C VAL I 134 -4.73 -64.13 -25.38
N VAL I 135 -3.98 -64.88 -24.58
CA VAL I 135 -3.59 -66.24 -24.96
C VAL I 135 -3.75 -67.19 -23.79
N VAL I 136 -4.31 -68.36 -24.08
CA VAL I 136 -4.57 -69.44 -23.13
C VAL I 136 -4.04 -70.75 -23.72
N PRO I 137 -3.46 -71.67 -22.89
CA PRO I 137 -3.06 -72.93 -23.53
C PRO I 137 -4.27 -73.85 -23.74
N TYR I 138 -4.09 -74.94 -24.47
CA TYR I 138 -5.25 -75.79 -24.75
C TYR I 138 -5.53 -76.83 -23.68
N GLU I 139 -6.47 -76.54 -22.79
CA GLU I 139 -6.88 -77.53 -21.83
C GLU I 139 -7.99 -78.25 -22.56
N PRO I 140 -7.86 -79.62 -22.72
CA PRO I 140 -8.96 -80.25 -23.48
C PRO I 140 -10.21 -80.19 -22.66
N PRO I 141 -11.31 -80.81 -23.14
CA PRO I 141 -12.45 -80.69 -22.23
C PRO I 141 -12.30 -81.67 -21.10
N GLN I 142 -13.20 -81.63 -20.13
CA GLN I 142 -13.17 -82.64 -19.10
C GLN I 142 -13.46 -83.90 -19.90
N VAL I 143 -13.00 -85.06 -19.45
CA VAL I 143 -13.18 -86.25 -20.26
C VAL I 143 -14.66 -86.48 -20.50
N GLY I 144 -15.48 -86.27 -19.48
CA GLY I 144 -16.91 -86.39 -19.65
C GLY I 144 -17.50 -85.37 -20.62
N THR I 145 -17.02 -84.14 -20.58
CA THR I 145 -17.61 -83.09 -21.42
C THR I 145 -17.18 -83.05 -22.88
N GLU I 146 -17.87 -82.25 -23.68
CA GLU I 146 -17.55 -82.16 -25.10
C GLU I 146 -16.75 -80.90 -25.47
N PHE I 147 -17.05 -79.77 -24.82
CA PHE I 147 -16.27 -78.56 -25.11
C PHE I 147 -15.25 -77.97 -24.15
N THR I 148 -14.17 -77.40 -24.69
CA THR I 148 -13.21 -76.67 -23.88
C THR I 148 -13.89 -75.34 -23.73
N THR I 149 -14.23 -74.95 -22.52
CA THR I 149 -14.95 -73.71 -22.26
C THR I 149 -14.01 -72.63 -21.75
N ILE I 150 -13.79 -71.60 -22.55
CA ILE I 150 -13.01 -70.44 -22.14
C ILE I 150 -13.97 -69.30 -21.85
N LEU I 151 -13.86 -68.76 -20.64
CA LEU I 151 -14.68 -67.63 -20.19
C LEU I 151 -14.00 -66.33 -20.59
N TYR I 152 -14.65 -65.55 -21.45
CA TYR I 152 -14.10 -64.27 -21.88
C TYR I 152 -14.87 -63.10 -21.28
N ASN I 153 -14.21 -61.98 -21.13
CA ASN I 153 -14.87 -60.78 -20.70
C ASN I 153 -14.43 -59.62 -21.57
N PHE I 154 -15.35 -58.74 -21.94
CA PHE I 154 -15.03 -57.61 -22.79
C PHE I 154 -15.26 -56.36 -22.00
N MET I 155 -14.23 -55.50 -21.93
CA MET I 155 -14.25 -54.33 -20.99
C MET I 155 -14.98 -53.06 -21.47
N CYS I 156 -15.09 -52.79 -22.78
CA CYS I 156 -15.70 -51.54 -23.17
C CYS I 156 -16.91 -51.81 -24.05
N ASN I 157 -17.92 -50.96 -23.89
CA ASN I 157 -19.05 -51.03 -24.81
C ASN I 157 -18.63 -50.61 -26.20
N SER I 158 -19.29 -51.20 -27.19
CA SER I 158 -18.99 -50.84 -28.57
C SER I 158 -19.06 -49.35 -28.80
N SER I 159 -19.79 -48.64 -27.95
CA SER I 159 -20.13 -47.26 -28.19
C SER I 159 -19.24 -46.29 -27.47
N CYS I 160 -18.31 -46.79 -26.62
CA CYS I 160 -17.44 -45.89 -25.86
C CYS I 160 -16.73 -44.92 -26.76
N VAL I 161 -16.95 -43.63 -26.53
CA VAL I 161 -16.22 -42.65 -27.30
C VAL I 161 -14.77 -42.65 -26.81
N GLY I 162 -13.85 -42.26 -27.69
CA GLY I 162 -12.43 -42.38 -27.40
C GLY I 162 -11.87 -43.77 -27.56
N GLY I 163 -12.74 -44.78 -27.64
CA GLY I 163 -12.35 -46.13 -27.97
C GLY I 163 -12.97 -46.54 -29.28
N MET I 164 -13.63 -47.69 -29.29
CA MET I 164 -14.24 -48.22 -30.52
C MET I 164 -15.16 -47.21 -31.19
N ASN I 165 -15.86 -46.40 -30.41
CA ASN I 165 -16.69 -45.31 -30.92
C ASN I 165 -17.66 -45.83 -31.98
N ARG I 166 -18.53 -46.75 -31.57
CA ARG I 166 -19.64 -47.22 -32.38
C ARG I 166 -19.19 -47.99 -33.60
N ARG I 167 -17.95 -48.48 -33.62
CA ARG I 167 -17.41 -49.10 -34.81
C ARG I 167 -17.47 -50.60 -34.63
N PRO I 168 -18.10 -51.35 -35.52
CA PRO I 168 -18.17 -52.80 -35.28
C PRO I 168 -16.78 -53.40 -35.23
N ILE I 169 -16.65 -54.46 -34.43
CA ILE I 169 -15.41 -55.23 -34.34
C ILE I 169 -15.68 -56.67 -34.75
N LEU I 170 -14.60 -57.41 -34.95
CA LEU I 170 -14.64 -58.85 -35.16
C LEU I 170 -13.71 -59.46 -34.14
N ILE I 171 -14.19 -60.48 -33.44
CA ILE I 171 -13.37 -61.23 -32.51
C ILE I 171 -12.79 -62.43 -33.25
N ILE I 172 -11.48 -62.50 -33.34
CA ILE I 172 -10.82 -63.58 -34.06
C ILE I 172 -10.20 -64.52 -33.03
N ILE I 173 -10.74 -65.73 -32.95
CA ILE I 173 -10.15 -66.79 -32.14
C ILE I 173 -9.23 -67.60 -33.04
N THR I 174 -8.00 -67.85 -32.55
CA THR I 174 -6.93 -68.41 -33.38
C THR I 174 -6.30 -69.63 -32.73
N LEU I 175 -6.28 -70.76 -33.46
CA LEU I 175 -5.70 -72.01 -32.97
C LEU I 175 -4.28 -72.14 -33.51
N GLU I 176 -3.36 -71.87 -32.60
CA GLU I 176 -1.96 -71.83 -32.96
C GLU I 176 -1.03 -72.62 -32.07
N MET I 177 0.08 -73.07 -32.65
CA MET I 177 1.10 -73.83 -31.86
C MET I 177 1.94 -72.88 -31.02
N ARG I 178 2.99 -73.41 -30.38
CA ARG I 178 3.89 -72.59 -29.53
C ARG I 178 4.56 -71.49 -30.36
N ASP I 179 5.00 -71.82 -31.57
CA ASP I 179 5.68 -70.84 -32.44
C ASP I 179 4.69 -69.85 -33.07
N GLY I 180 3.40 -69.99 -32.77
CA GLY I 180 2.36 -69.08 -33.32
C GLY I 180 1.85 -69.50 -34.69
N GLN I 181 2.31 -70.63 -35.23
CA GLN I 181 1.79 -71.13 -36.53
C GLN I 181 0.29 -71.38 -36.37
N VAL I 182 -0.51 -71.05 -37.37
CA VAL I 182 -1.94 -71.13 -37.22
C VAL I 182 -2.50 -72.48 -37.61
N LEU I 183 -3.12 -73.19 -36.68
CA LEU I 183 -3.70 -74.45 -37.09
C LEU I 183 -5.21 -74.35 -37.25
N GLY I 184 -5.79 -73.22 -36.94
CA GLY I 184 -7.22 -73.05 -37.08
C GLY I 184 -7.61 -71.66 -36.66
N ARG I 185 -8.64 -71.09 -37.28
CA ARG I 185 -9.08 -69.74 -36.97
C ARG I 185 -10.58 -69.63 -37.20
N ARG I 186 -11.30 -69.05 -36.23
CA ARG I 186 -12.70 -68.68 -36.43
C ARG I 186 -12.92 -67.25 -35.96
N SER I 187 -13.84 -66.55 -36.62
CA SER I 187 -14.14 -65.17 -36.28
C SER I 187 -15.66 -64.98 -36.21
N PHE I 188 -16.06 -63.91 -35.53
CA PHE I 188 -17.48 -63.57 -35.38
C PHE I 188 -17.58 -62.13 -34.89
N GLU I 189 -18.58 -61.41 -35.41
CA GLU I 189 -18.78 -60.02 -35.04
C GLU I 189 -19.10 -59.89 -33.56
N GLY I 190 -18.49 -58.90 -32.93
CA GLY I 190 -18.75 -58.60 -31.54
C GLY I 190 -19.46 -57.28 -31.33
N ARG I 191 -20.30 -57.23 -30.29
CA ARG I 191 -20.97 -56.03 -29.83
C ARG I 191 -21.12 -56.04 -28.33
N ILE I 192 -20.33 -55.21 -27.67
CA ILE I 192 -20.45 -55.03 -26.23
C ILE I 192 -21.41 -53.88 -26.02
N CYS I 193 -22.62 -54.17 -25.55
CA CYS I 193 -23.66 -53.16 -25.41
C CYS I 193 -24.36 -53.34 -24.08
N ALA I 194 -25.36 -52.49 -23.85
CA ALA I 194 -26.08 -52.52 -22.59
C ALA I 194 -27.23 -53.51 -22.59
N CYS I 195 -27.93 -53.60 -23.71
CA CYS I 195 -29.16 -54.38 -23.79
C CYS I 195 -29.02 -55.39 -24.93
N PRO I 196 -28.16 -56.39 -24.74
CA PRO I 196 -27.89 -57.34 -25.84
C PRO I 196 -29.16 -57.89 -26.48
N GLY I 197 -30.13 -58.33 -25.68
CA GLY I 197 -31.34 -58.91 -26.27
C GLY I 197 -32.10 -57.95 -27.15
N ARG I 198 -32.24 -56.70 -26.69
CA ARG I 198 -32.93 -55.69 -27.49
C ARG I 198 -32.17 -55.51 -28.79
N ASP I 199 -30.85 -55.46 -28.69
CA ASP I 199 -30.02 -55.23 -29.87
C ASP I 199 -30.07 -56.42 -30.82
N ARG I 200 -29.86 -57.62 -30.31
CA ARG I 200 -29.98 -58.80 -31.15
C ARG I 200 -31.32 -58.84 -31.86
N LYS I 201 -32.42 -58.63 -31.10
CA LYS I 201 -33.76 -58.67 -31.69
C LYS I 201 -33.88 -57.67 -32.84
N ALA I 202 -33.41 -56.45 -32.61
CA ALA I 202 -33.49 -55.41 -33.65
C ALA I 202 -32.63 -55.76 -34.85
N ASP I 203 -31.44 -56.30 -34.63
CA ASP I 203 -30.61 -56.62 -35.78
C ASP I 203 -31.25 -57.72 -36.59
N GLU I 204 -31.76 -58.75 -35.92
CA GLU I 204 -32.30 -59.90 -36.63
C GLU I 204 -33.57 -59.54 -37.38
N ASP I 205 -34.35 -58.60 -36.86
CA ASP I 205 -35.59 -58.24 -37.55
C ASP I 205 -35.29 -57.45 -38.82
N HIS I 206 -34.24 -56.63 -38.80
CA HIS I 206 -33.88 -55.82 -39.97
C HIS I 206 -33.37 -56.69 -41.12
N TYR I 207 -32.65 -57.77 -40.81
CA TYR I 207 -32.16 -58.66 -41.86
C TYR I 207 -33.27 -59.42 -42.57
N ARG I 208 -34.50 -59.36 -42.09
CA ARG I 208 -35.59 -60.14 -42.65
C ARG I 208 -36.59 -59.25 -43.40
N GLU I 209 -36.09 -58.21 -44.08
CA GLU I 209 -36.94 -57.26 -44.80
C GLU I 209 -36.51 -57.01 -46.25
N HIS J 10 -10.80 -28.17 0.46
CA HIS J 10 -11.10 -26.74 0.58
C HIS J 10 -12.02 -26.31 -0.52
N GLU J 11 -13.17 -25.76 -0.17
CA GLU J 11 -14.14 -25.39 -1.18
C GLU J 11 -14.26 -23.88 -1.27
N PHE J 12 -14.49 -23.35 -2.47
CA PHE J 12 -14.58 -21.91 -2.64
C PHE J 12 -15.96 -21.47 -2.97
N ILE J 13 -16.62 -22.20 -3.85
CA ILE J 13 -17.98 -21.84 -4.28
C ILE J 13 -17.96 -20.41 -4.83
N PRO J 14 -17.48 -20.21 -6.05
CA PRO J 14 -17.52 -18.85 -6.61
C PRO J 14 -18.95 -18.38 -6.77
N SER J 15 -19.23 -17.16 -6.31
CA SER J 15 -20.59 -16.65 -6.33
C SER J 15 -20.99 -16.27 -7.76
N ASN J 16 -22.27 -16.48 -8.10
CA ASN J 16 -22.78 -16.19 -9.43
C ASN J 16 -23.69 -15.00 -9.50
N THR J 17 -23.78 -14.24 -8.42
CA THR J 17 -24.74 -13.13 -8.38
C THR J 17 -24.41 -11.97 -9.30
N ASP J 18 -25.41 -11.48 -10.02
CA ASP J 18 -25.18 -10.40 -10.96
C ASP J 18 -24.70 -9.22 -10.17
N TYR J 19 -23.48 -8.80 -10.42
CA TYR J 19 -22.87 -7.67 -9.67
C TYR J 19 -22.39 -6.67 -10.72
N PRO J 20 -23.24 -5.83 -11.36
CA PRO J 20 -22.72 -4.87 -12.34
C PRO J 20 -21.43 -4.16 -11.90
N GLY J 21 -21.38 -3.66 -10.67
CA GLY J 21 -20.22 -2.93 -10.21
C GLY J 21 -20.11 -1.57 -10.87
N PRO J 22 -18.93 -0.91 -10.73
CA PRO J 22 -18.80 0.50 -11.15
C PRO J 22 -19.16 0.71 -12.60
N HIS J 23 -18.43 0.05 -13.48
CA HIS J 23 -18.68 0.13 -14.91
C HIS J 23 -19.88 -0.73 -15.28
N HIS J 24 -20.67 -0.27 -16.25
CA HIS J 24 -21.93 -0.93 -16.59
C HIS J 24 -21.63 -2.22 -17.36
N PHE J 25 -21.17 -3.23 -16.61
CA PHE J 25 -20.65 -4.47 -17.17
C PHE J 25 -21.82 -5.30 -17.69
N GLU J 26 -21.91 -5.42 -19.01
CA GLU J 26 -22.99 -6.14 -19.69
C GLU J 26 -22.40 -7.23 -20.59
N VAL J 27 -23.01 -8.41 -20.54
CA VAL J 27 -22.60 -9.56 -21.34
C VAL J 27 -23.83 -10.01 -22.09
N THR J 28 -23.83 -9.81 -23.41
CA THR J 28 -25.01 -10.09 -24.22
C THR J 28 -24.64 -11.07 -25.33
N PHE J 29 -25.57 -11.29 -26.25
CA PHE J 29 -25.38 -12.27 -27.31
C PHE J 29 -25.97 -11.78 -28.63
N GLN J 30 -25.17 -11.89 -29.70
CA GLN J 30 -25.63 -11.43 -31.00
C GLN J 30 -26.68 -12.38 -31.53
N GLN J 31 -27.09 -12.16 -32.77
CA GLN J 31 -28.25 -12.90 -33.21
C GLN J 31 -27.79 -14.28 -33.63
N SER J 32 -28.53 -15.28 -33.19
CA SER J 32 -28.14 -16.67 -33.35
C SER J 32 -29.00 -17.34 -34.43
N SER J 33 -28.52 -18.49 -34.88
CA SER J 33 -29.25 -19.27 -35.87
C SER J 33 -30.46 -19.95 -35.23
N THR J 34 -31.42 -20.31 -36.07
CA THR J 34 -32.59 -21.03 -35.59
C THR J 34 -32.49 -22.52 -35.84
N ALA J 35 -31.52 -22.98 -36.63
CA ALA J 35 -31.47 -24.37 -37.06
C ALA J 35 -31.29 -25.30 -35.87
N LYS J 36 -31.88 -26.49 -36.00
CA LYS J 36 -31.82 -27.48 -34.92
C LYS J 36 -30.39 -27.77 -34.50
N SER J 37 -29.52 -28.06 -35.45
CA SER J 37 -28.13 -28.31 -35.11
C SER J 37 -27.26 -27.10 -35.40
N ALA J 38 -27.77 -25.88 -35.17
CA ALA J 38 -26.92 -24.69 -35.22
C ALA J 38 -25.73 -24.84 -34.28
N THR J 39 -24.64 -24.11 -34.57
CA THR J 39 -23.46 -24.27 -33.72
C THR J 39 -23.70 -23.68 -32.34
N TRP J 40 -24.44 -22.57 -32.25
CA TRP J 40 -24.80 -21.99 -30.96
C TRP J 40 -26.08 -21.17 -31.07
N THR J 41 -26.83 -21.12 -29.97
CA THR J 41 -28.01 -20.27 -29.84
C THR J 41 -28.19 -19.89 -28.39
N TYR J 42 -28.94 -18.82 -28.16
CA TYR J 42 -29.11 -18.31 -26.81
C TYR J 42 -30.55 -17.88 -26.60
N SER J 43 -31.17 -18.35 -25.51
CA SER J 43 -32.54 -17.98 -25.18
C SER J 43 -32.55 -16.90 -24.12
N PRO J 44 -32.85 -15.64 -24.46
CA PRO J 44 -33.07 -14.64 -23.41
C PRO J 44 -34.18 -15.07 -22.46
N LEU J 45 -35.19 -15.77 -22.96
CA LEU J 45 -36.26 -16.29 -22.12
C LEU J 45 -35.69 -17.03 -20.91
N LEU J 46 -34.85 -18.05 -21.15
CA LEU J 46 -34.28 -18.88 -20.08
C LEU J 46 -32.93 -18.43 -19.51
N LYS J 47 -32.33 -17.37 -20.08
CA LYS J 47 -31.00 -16.92 -19.71
C LYS J 47 -30.17 -18.13 -19.87
N LYS J 48 -30.05 -18.61 -21.10
CA LYS J 48 -29.39 -19.89 -21.24
C LYS J 48 -28.66 -19.98 -22.56
N LEU J 49 -27.39 -20.41 -22.51
CA LEU J 49 -26.56 -20.56 -23.68
C LEU J 49 -26.57 -22.01 -24.15
N TYR J 50 -26.93 -22.22 -25.40
CA TYR J 50 -26.89 -23.53 -26.03
C TYR J 50 -25.78 -23.52 -27.06
N CYS J 51 -24.86 -24.49 -26.97
CA CYS J 51 -23.74 -24.48 -27.95
C CYS J 51 -23.17 -25.89 -28.15
N GLN J 52 -22.65 -26.14 -29.35
CA GLN J 52 -22.01 -27.39 -29.70
C GLN J 52 -20.61 -27.46 -29.11
N ILE J 53 -20.11 -28.68 -29.01
CA ILE J 53 -18.79 -28.90 -28.43
C ILE J 53 -17.73 -28.28 -29.31
N ALA J 54 -16.83 -27.50 -28.69
CA ALA J 54 -15.60 -26.97 -29.31
C ALA J 54 -15.86 -25.95 -30.42
N LYS J 55 -17.13 -25.66 -30.70
CA LYS J 55 -17.46 -24.64 -31.69
C LYS J 55 -17.22 -23.24 -31.13
N THR J 56 -17.28 -22.24 -32.00
CA THR J 56 -17.00 -20.86 -31.62
C THR J 56 -18.27 -20.20 -31.10
N CYS J 57 -18.22 -19.66 -29.88
CA CYS J 57 -19.32 -18.88 -29.30
C CYS J 57 -18.85 -17.45 -29.10
N PRO J 58 -19.42 -16.50 -29.83
CA PRO J 58 -19.05 -15.10 -29.64
C PRO J 58 -19.84 -14.54 -28.47
N ILE J 59 -19.13 -13.89 -27.57
CA ILE J 59 -19.69 -13.27 -26.40
C ILE J 59 -19.42 -11.78 -26.52
N GLN J 60 -20.45 -10.97 -26.35
CA GLN J 60 -20.31 -9.53 -26.48
C GLN J 60 -20.25 -8.91 -25.08
N ILE J 61 -19.15 -8.21 -24.80
CA ILE J 61 -18.97 -7.48 -23.54
C ILE J 61 -19.13 -5.99 -23.82
N LYS J 62 -19.92 -5.32 -22.98
CA LYS J 62 -20.17 -3.88 -23.06
C LYS J 62 -19.94 -3.25 -21.69
N VAL J 63 -19.21 -2.13 -21.67
CA VAL J 63 -19.01 -1.32 -20.48
C VAL J 63 -19.46 0.10 -20.77
N SER J 64 -19.51 0.90 -19.71
CA SER J 64 -19.81 2.32 -19.81
C SER J 64 -18.58 3.18 -19.61
N THR J 65 -17.76 2.88 -18.61
CA THR J 65 -16.52 3.59 -18.32
C THR J 65 -15.33 2.64 -18.45
N PRO J 66 -14.31 3.00 -19.22
CA PRO J 66 -13.14 2.11 -19.39
C PRO J 66 -12.50 1.78 -18.06
N PRO J 67 -12.38 0.48 -17.76
CA PRO J 67 -11.83 0.05 -16.45
C PRO J 67 -10.36 0.39 -16.30
N PRO J 68 -9.77 0.19 -15.11
CA PRO J 68 -8.35 0.52 -14.93
C PRO J 68 -7.47 -0.39 -15.78
N PRO J 69 -6.28 0.08 -16.17
CA PRO J 69 -5.30 -0.83 -16.79
C PRO J 69 -5.03 -2.02 -15.87
N GLY J 70 -4.62 -3.13 -16.50
CA GLY J 70 -4.42 -4.36 -15.79
C GLY J 70 -5.67 -5.19 -15.57
N THR J 71 -6.85 -4.68 -15.95
CA THR J 71 -8.11 -5.41 -15.78
C THR J 71 -8.24 -6.52 -16.82
N ALA J 72 -8.91 -7.60 -16.43
CA ALA J 72 -9.02 -8.80 -17.25
C ALA J 72 -10.41 -9.42 -17.09
N ILE J 73 -10.75 -10.34 -17.99
CA ILE J 73 -12.05 -11.02 -18.01
C ILE J 73 -11.83 -12.50 -17.74
N ARG J 74 -12.59 -13.04 -16.78
CA ARG J 74 -12.45 -14.42 -16.36
C ARG J 74 -13.77 -15.16 -16.56
N ALA J 75 -13.71 -16.24 -17.30
CA ALA J 75 -14.87 -17.07 -17.52
C ALA J 75 -14.57 -18.31 -16.75
N MET J 76 -15.48 -18.68 -15.84
CA MET J 76 -15.28 -19.87 -14.99
C MET J 76 -16.58 -20.66 -14.98
N PRO J 77 -16.54 -22.02 -15.01
CA PRO J 77 -17.74 -22.82 -15.00
C PRO J 77 -18.04 -23.50 -13.65
N VAL J 78 -19.24 -23.29 -13.14
CA VAL J 78 -19.69 -23.93 -11.90
C VAL J 78 -21.00 -24.65 -12.16
N TYR J 79 -21.25 -25.68 -11.36
CA TYR J 79 -22.49 -26.41 -11.45
C TYR J 79 -23.63 -25.61 -10.84
N LYS J 80 -24.83 -25.87 -11.35
CA LYS J 80 -26.00 -25.08 -10.99
C LYS J 80 -26.64 -25.58 -9.71
N LYS J 81 -26.84 -26.88 -9.56
CA LYS J 81 -27.39 -27.36 -8.26
C LYS J 81 -26.28 -27.32 -7.21
N ALA J 82 -26.61 -26.85 -6.01
CA ALA J 82 -25.61 -26.66 -4.93
C ALA J 82 -25.10 -27.99 -4.43
N GLU J 83 -25.79 -29.06 -4.80
CA GLU J 83 -25.32 -30.41 -4.42
C GLU J 83 -23.95 -30.58 -5.06
N HIS J 84 -23.77 -30.04 -6.27
CA HIS J 84 -22.51 -30.28 -7.01
C HIS J 84 -21.59 -29.05 -7.12
N VAL J 85 -22.00 -27.86 -6.67
CA VAL J 85 -21.09 -26.74 -6.86
C VAL J 85 -19.81 -26.89 -6.06
N THR J 86 -19.75 -27.91 -5.19
CA THR J 86 -18.52 -28.33 -4.53
C THR J 86 -17.57 -29.07 -5.48
N ASP J 87 -18.06 -29.60 -6.60
CA ASP J 87 -17.24 -30.35 -7.55
C ASP J 87 -16.73 -29.43 -8.64
N VAL J 88 -15.49 -29.63 -9.06
CA VAL J 88 -14.88 -28.73 -10.03
C VAL J 88 -15.33 -29.13 -11.44
N VAL J 89 -15.58 -28.15 -12.30
CA VAL J 89 -16.02 -28.46 -13.65
C VAL J 89 -14.77 -28.66 -14.49
N LYS J 90 -14.44 -29.92 -14.75
CA LYS J 90 -13.32 -30.27 -15.65
C LYS J 90 -13.83 -30.94 -16.92
N ARG J 91 -12.86 -31.24 -17.80
CA ARG J 91 -13.16 -32.03 -19.02
C ARG J 91 -13.19 -33.50 -18.58
N CYS J 92 -14.02 -34.29 -19.26
CA CYS J 92 -14.23 -35.70 -19.01
C CYS J 92 -12.97 -36.43 -19.43
N PRO J 93 -12.64 -37.52 -18.75
CA PRO J 93 -11.41 -38.22 -19.12
C PRO J 93 -11.36 -38.58 -20.59
N ASN J 94 -12.51 -38.80 -21.24
CA ASN J 94 -12.47 -39.12 -22.66
C ASN J 94 -11.91 -37.97 -23.47
N HIS J 95 -12.44 -36.77 -23.26
CA HIS J 95 -11.99 -35.66 -24.09
C HIS J 95 -10.62 -35.17 -23.67
N GLU J 96 -10.27 -35.34 -22.40
CA GLU J 96 -8.99 -34.83 -21.94
C GLU J 96 -7.87 -35.72 -22.44
N LEU J 97 -8.08 -37.04 -22.42
CA LEU J 97 -7.03 -37.89 -22.91
C LEU J 97 -7.03 -38.05 -24.43
N GLY J 98 -8.05 -37.56 -25.15
CA GLY J 98 -8.22 -37.89 -26.55
C GLY J 98 -7.39 -37.01 -27.48
N ARG J 99 -7.32 -37.42 -28.74
CA ARG J 99 -6.55 -36.64 -29.73
C ARG J 99 -7.36 -35.43 -30.19
N ASP J 100 -8.69 -35.51 -30.12
CA ASP J 100 -9.53 -34.45 -30.66
C ASP J 100 -9.35 -33.12 -29.93
N PHE J 101 -8.97 -32.10 -30.69
CA PHE J 101 -8.85 -30.71 -30.23
C PHE J 101 -7.80 -30.49 -29.16
N ASN J 102 -6.90 -31.45 -28.95
CA ASN J 102 -5.80 -31.31 -28.01
C ASN J 102 -4.46 -31.28 -28.73
N GLU J 103 -4.49 -31.11 -30.04
CA GLU J 103 -3.30 -31.17 -30.90
C GLU J 103 -2.64 -29.78 -30.92
N GLY J 104 -1.45 -29.67 -30.32
CA GLY J 104 -0.73 -28.40 -30.40
C GLY J 104 -1.35 -27.22 -29.66
N GLN J 105 -2.33 -27.48 -28.81
CA GLN J 105 -3.06 -26.41 -28.15
C GLN J 105 -2.22 -25.74 -27.08
N SER J 106 -2.38 -24.42 -26.95
CA SER J 106 -1.84 -23.71 -25.82
C SER J 106 -2.64 -23.96 -24.55
N ALA J 107 -3.90 -24.49 -24.66
CA ALA J 107 -4.74 -24.68 -23.50
C ALA J 107 -4.50 -26.04 -22.87
N PRO J 108 -4.71 -26.19 -21.55
CA PRO J 108 -4.57 -27.50 -20.93
C PRO J 108 -5.64 -28.46 -21.40
N ALA J 109 -5.30 -29.75 -21.39
CA ALA J 109 -6.23 -30.75 -21.87
C ALA J 109 -7.46 -30.86 -20.97
N SER J 110 -7.35 -30.45 -19.69
CA SER J 110 -8.34 -30.70 -18.67
C SER J 110 -9.31 -29.53 -18.48
N HIS J 111 -9.00 -28.33 -18.97
CA HIS J 111 -9.92 -27.20 -18.85
C HIS J 111 -11.10 -27.36 -19.79
N LEU J 112 -12.24 -26.81 -19.36
CA LEU J 112 -13.51 -26.91 -20.06
C LEU J 112 -13.71 -25.76 -21.03
N ILE J 113 -13.48 -24.54 -20.53
CA ILE J 113 -13.69 -23.30 -21.28
C ILE J 113 -12.37 -22.87 -21.89
N ARG J 114 -12.37 -22.63 -23.20
CA ARG J 114 -11.19 -22.09 -23.83
C ARG J 114 -11.56 -20.77 -24.48
N VAL J 115 -10.56 -19.92 -24.61
CA VAL J 115 -10.65 -18.74 -25.46
C VAL J 115 -10.00 -19.04 -26.81
N GLU J 116 -10.72 -18.71 -27.89
CA GLU J 116 -10.25 -18.87 -29.25
C GLU J 116 -9.73 -17.51 -29.73
N GLY J 117 -8.50 -17.51 -30.24
CA GLY J 117 -7.99 -16.36 -30.96
C GLY J 117 -7.46 -15.24 -30.11
N ASN J 118 -6.58 -15.56 -29.16
CA ASN J 118 -5.95 -14.59 -28.27
C ASN J 118 -4.86 -15.28 -27.45
N ASN J 119 -3.59 -14.94 -27.67
CA ASN J 119 -2.51 -15.64 -26.99
C ASN J 119 -2.16 -15.02 -25.65
N LEU J 120 -2.85 -13.96 -25.28
CA LEU J 120 -2.62 -13.36 -23.97
C LEU J 120 -3.53 -13.99 -22.90
N SER J 121 -4.38 -14.96 -23.26
CA SER J 121 -5.18 -15.59 -22.22
C SER J 121 -4.32 -16.51 -21.35
N GLN J 122 -4.73 -16.64 -20.08
CA GLN J 122 -4.08 -17.52 -19.14
C GLN J 122 -5.12 -18.45 -18.54
N TYR J 123 -4.81 -19.73 -18.57
CA TYR J 123 -5.69 -20.73 -18.07
C TYR J 123 -5.17 -20.94 -16.69
N VAL J 124 -6.06 -20.90 -15.72
CA VAL J 124 -5.64 -21.00 -14.35
C VAL J 124 -6.00 -22.20 -13.56
N ASP J 125 -5.01 -22.80 -12.94
CA ASP J 125 -5.28 -23.88 -12.01
C ASP J 125 -5.01 -23.38 -10.60
N ASP J 126 -6.07 -22.92 -9.92
CA ASP J 126 -6.02 -22.38 -8.56
C ASP J 126 -5.44 -23.38 -7.59
N PRO J 127 -4.25 -23.13 -7.04
CA PRO J 127 -3.60 -24.16 -6.23
C PRO J 127 -4.41 -24.57 -5.01
N VAL J 128 -4.99 -23.60 -4.30
CA VAL J 128 -5.78 -23.91 -3.11
C VAL J 128 -7.17 -24.41 -3.49
N THR J 129 -7.81 -23.78 -4.50
CA THR J 129 -9.21 -24.07 -4.79
C THR J 129 -9.39 -25.29 -5.67
N GLY J 130 -8.50 -25.49 -6.63
CA GLY J 130 -8.69 -26.44 -7.69
C GLY J 130 -9.59 -25.96 -8.81
N ARG J 131 -10.10 -24.73 -8.74
CA ARG J 131 -10.98 -24.25 -9.77
C ARG J 131 -10.19 -23.99 -11.05
N GLN J 132 -10.82 -24.27 -12.19
CA GLN J 132 -10.24 -23.92 -13.49
C GLN J 132 -11.05 -22.81 -14.12
N SER J 133 -10.34 -21.90 -14.76
CA SER J 133 -10.91 -20.68 -15.32
C SER J 133 -9.94 -20.17 -16.36
N VAL J 134 -10.47 -19.52 -17.40
CA VAL J 134 -9.61 -18.89 -18.41
C VAL J 134 -9.78 -17.38 -18.26
N VAL J 135 -8.68 -16.67 -18.35
CA VAL J 135 -8.69 -15.25 -18.06
C VAL J 135 -8.01 -14.56 -19.24
N VAL J 136 -8.67 -13.57 -19.80
CA VAL J 136 -8.05 -12.83 -20.89
C VAL J 136 -7.97 -11.38 -20.40
N PRO J 137 -6.96 -10.61 -20.82
CA PRO J 137 -6.97 -9.19 -20.48
C PRO J 137 -8.13 -8.47 -21.14
N TYR J 138 -8.59 -7.41 -20.48
CA TYR J 138 -9.68 -6.64 -21.05
C TYR J 138 -9.16 -5.79 -22.20
N GLU J 139 -9.83 -5.86 -23.34
CA GLU J 139 -9.48 -4.91 -24.39
C GLU J 139 -10.69 -4.05 -24.72
N PRO J 140 -10.49 -2.75 -24.93
CA PRO J 140 -11.62 -1.89 -25.27
C PRO J 140 -12.15 -2.24 -26.66
N PRO J 141 -13.45 -2.06 -26.88
CA PRO J 141 -13.99 -2.16 -28.25
C PRO J 141 -13.22 -1.29 -29.21
N GLN J 142 -12.97 -1.82 -30.40
CA GLN J 142 -12.35 -1.08 -31.47
C GLN J 142 -13.14 0.19 -31.79
N VAL J 143 -12.44 1.18 -32.38
CA VAL J 143 -13.06 2.45 -32.69
C VAL J 143 -14.34 2.23 -33.47
N GLY J 144 -15.41 2.92 -33.06
CA GLY J 144 -16.72 2.79 -33.69
C GLY J 144 -17.48 1.52 -33.40
N THR J 145 -16.88 0.58 -32.67
CA THR J 145 -17.55 -0.67 -32.35
C THR J 145 -18.29 -0.57 -31.03
N GLU J 146 -19.45 -1.23 -30.93
CA GLU J 146 -20.27 -1.11 -29.70
C GLU J 146 -19.67 -1.96 -28.59
N PHE J 147 -19.42 -3.24 -28.84
CA PHE J 147 -18.96 -4.13 -27.74
C PHE J 147 -17.63 -4.81 -28.12
N THR J 148 -16.89 -5.27 -27.11
CA THR J 148 -15.68 -6.09 -27.39
C THR J 148 -16.16 -7.53 -27.53
N THR J 149 -15.62 -8.29 -28.48
CA THR J 149 -16.07 -9.65 -28.77
C THR J 149 -15.07 -10.67 -28.22
N ILE J 150 -15.52 -11.62 -27.42
CA ILE J 150 -14.63 -12.65 -26.89
C ILE J 150 -15.12 -14.01 -27.33
N LEU J 151 -14.24 -14.77 -28.00
CA LEU J 151 -14.61 -16.05 -28.58
C LEU J 151 -14.32 -17.17 -27.58
N TYR J 152 -15.33 -17.95 -27.27
CA TYR J 152 -15.24 -19.01 -26.28
C TYR J 152 -15.53 -20.36 -26.92
N ASN J 153 -14.99 -21.38 -26.30
CA ASN J 153 -15.12 -22.76 -26.70
C ASN J 153 -15.34 -23.61 -25.49
N PHE J 154 -16.29 -24.53 -25.56
CA PHE J 154 -16.59 -25.42 -24.46
C PHE J 154 -16.23 -26.80 -24.92
N MET J 155 -15.28 -27.44 -24.22
CA MET J 155 -14.66 -28.72 -24.69
C MET J 155 -15.44 -30.03 -24.47
N CYS J 156 -16.51 -30.04 -23.68
CA CYS J 156 -17.33 -31.23 -23.49
C CYS J 156 -18.80 -30.89 -23.70
N ASN J 157 -19.59 -31.93 -23.97
CA ASN J 157 -21.03 -31.79 -23.92
C ASN J 157 -21.49 -31.82 -22.47
N SER J 158 -22.65 -31.20 -22.20
CA SER J 158 -23.24 -31.35 -20.88
C SER J 158 -23.54 -32.81 -20.57
N SER J 159 -23.74 -33.63 -21.59
CA SER J 159 -24.06 -35.02 -21.35
C SER J 159 -22.85 -35.90 -21.02
N CYS J 160 -21.62 -35.40 -21.10
CA CYS J 160 -20.46 -36.27 -20.95
C CYS J 160 -20.37 -36.99 -19.61
N VAL J 161 -20.51 -38.31 -19.64
CA VAL J 161 -20.31 -39.06 -18.42
C VAL J 161 -18.81 -39.01 -18.17
N GLY J 162 -18.38 -39.13 -16.92
CA GLY J 162 -16.97 -39.01 -16.62
C GLY J 162 -16.73 -37.55 -16.30
N GLY J 163 -17.53 -36.67 -16.90
CA GLY J 163 -17.44 -35.26 -16.60
C GLY J 163 -18.71 -34.70 -16.00
N MET J 164 -19.33 -33.77 -16.74
CA MET J 164 -20.51 -33.06 -16.23
C MET J 164 -21.65 -34.03 -15.95
N ASN J 165 -21.77 -35.08 -16.75
CA ASN J 165 -22.75 -36.14 -16.54
C ASN J 165 -24.16 -35.57 -16.47
N ARG J 166 -24.55 -34.90 -17.56
CA ARG J 166 -25.88 -34.30 -17.74
C ARG J 166 -26.18 -33.24 -16.68
N ARG J 167 -25.15 -32.74 -15.93
CA ARG J 167 -25.41 -31.75 -14.89
C ARG J 167 -25.45 -30.35 -15.50
N PRO J 168 -26.51 -29.57 -15.25
CA PRO J 168 -26.55 -28.19 -15.75
C PRO J 168 -25.51 -27.31 -15.08
N ILE J 169 -24.89 -26.45 -15.88
CA ILE J 169 -23.79 -25.59 -15.44
C ILE J 169 -24.17 -24.13 -15.58
N LEU J 170 -23.30 -23.31 -15.00
CA LEU J 170 -23.36 -21.86 -15.06
C LEU J 170 -22.00 -21.35 -15.48
N ILE J 171 -21.99 -20.32 -16.30
CA ILE J 171 -20.76 -19.72 -16.80
C ILE J 171 -20.62 -18.36 -16.14
N ILE J 172 -19.51 -18.15 -15.44
CA ILE J 172 -19.30 -16.95 -14.64
C ILE J 172 -18.29 -16.05 -15.35
N ILE J 173 -18.79 -15.00 -15.98
CA ILE J 173 -17.95 -13.97 -16.56
C ILE J 173 -17.69 -12.90 -15.49
N THR J 174 -16.45 -12.81 -15.06
CA THR J 174 -16.08 -11.88 -14.05
C THR J 174 -15.08 -10.91 -14.60
N LEU J 175 -15.40 -9.62 -14.50
CA LEU J 175 -14.42 -8.58 -14.86
C LEU J 175 -13.72 -8.30 -13.53
N GLU J 176 -12.41 -8.14 -13.56
CA GLU J 176 -11.68 -7.94 -12.33
C GLU J 176 -10.36 -7.24 -12.65
N MET J 177 -9.71 -6.77 -11.59
CA MET J 177 -8.45 -6.05 -11.77
C MET J 177 -7.27 -6.98 -11.75
N ARG J 178 -6.10 -6.41 -11.95
CA ARG J 178 -4.87 -7.20 -11.90
C ARG J 178 -4.65 -7.86 -10.54
N ASP J 179 -5.07 -7.18 -9.47
CA ASP J 179 -5.02 -7.78 -8.14
C ASP J 179 -6.00 -8.94 -8.05
N GLY J 180 -7.24 -8.71 -8.44
CA GLY J 180 -8.28 -9.72 -8.31
C GLY J 180 -9.58 -9.14 -7.80
N GLN J 181 -9.60 -7.85 -7.48
CA GLN J 181 -10.86 -7.22 -7.09
C GLN J 181 -11.88 -7.32 -8.22
N VAL J 182 -13.09 -7.75 -7.87
CA VAL J 182 -14.09 -8.09 -8.88
C VAL J 182 -14.81 -6.80 -9.23
N LEU J 183 -14.71 -6.36 -10.49
CA LEU J 183 -15.36 -5.08 -10.78
C LEU J 183 -16.69 -5.27 -11.48
N GLY J 184 -17.07 -6.52 -11.69
CA GLY J 184 -18.33 -6.83 -12.35
C GLY J 184 -18.46 -8.34 -12.44
N ARG J 185 -19.69 -8.76 -12.70
CA ARG J 185 -20.01 -10.18 -12.85
C ARG J 185 -21.35 -10.38 -13.54
N ARG J 186 -21.38 -11.34 -14.48
CA ARG J 186 -22.61 -11.70 -15.18
C ARG J 186 -22.53 -13.21 -15.34
N SER J 187 -23.65 -13.93 -15.21
CA SER J 187 -23.63 -15.36 -15.31
C SER J 187 -24.83 -15.78 -16.11
N PHE J 188 -24.77 -16.95 -16.69
CA PHE J 188 -25.86 -17.49 -17.49
C PHE J 188 -25.71 -18.99 -17.54
N GLU J 189 -26.82 -19.69 -17.70
CA GLU J 189 -26.77 -21.14 -17.75
C GLU J 189 -26.25 -21.60 -19.10
N GLY J 190 -25.52 -22.70 -19.07
CA GLY J 190 -24.95 -23.27 -20.27
C GLY J 190 -25.38 -24.70 -20.48
N ARG J 191 -25.45 -25.08 -21.76
CA ARG J 191 -25.76 -26.44 -22.15
C ARG J 191 -24.98 -26.73 -23.42
N ILE J 192 -24.09 -27.71 -23.35
CA ILE J 192 -23.30 -28.06 -24.50
C ILE J 192 -23.93 -29.34 -25.01
N CYS J 193 -24.38 -29.33 -26.27
CA CYS J 193 -25.22 -30.41 -26.79
C CYS J 193 -25.03 -30.51 -28.30
N ALA J 194 -25.67 -31.52 -28.90
CA ALA J 194 -25.45 -31.78 -30.31
C ALA J 194 -26.36 -30.96 -31.19
N CYS J 195 -27.53 -30.62 -30.67
CA CYS J 195 -28.63 -30.03 -31.44
C CYS J 195 -29.20 -28.89 -30.61
N PRO J 196 -28.46 -27.77 -30.51
CA PRO J 196 -28.92 -26.68 -29.64
C PRO J 196 -30.29 -26.13 -30.00
N GLY J 197 -30.58 -25.93 -31.29
CA GLY J 197 -31.92 -25.50 -31.70
C GLY J 197 -33.02 -26.39 -31.16
N ARG J 198 -32.92 -27.70 -31.40
CA ARG J 198 -33.89 -28.63 -30.83
C ARG J 198 -33.99 -28.50 -29.32
N ASP J 199 -32.85 -28.39 -28.63
CA ASP J 199 -32.90 -28.39 -27.16
C ASP J 199 -33.48 -27.08 -26.64
N ARG J 200 -33.31 -25.99 -27.37
CA ARG J 200 -33.85 -24.70 -26.92
C ARG J 200 -35.37 -24.64 -27.10
N LYS J 201 -35.88 -25.09 -28.27
CA LYS J 201 -37.34 -25.10 -28.46
C LYS J 201 -38.02 -25.96 -27.40
N ALA J 202 -37.45 -27.13 -27.10
CA ALA J 202 -38.01 -27.96 -26.05
C ALA J 202 -37.98 -27.25 -24.70
N ASP J 203 -36.83 -26.67 -24.35
CA ASP J 203 -36.71 -25.98 -23.07
C ASP J 203 -37.70 -24.82 -22.97
N GLU J 204 -37.87 -24.05 -24.04
CA GLU J 204 -38.80 -22.93 -24.04
C GLU J 204 -40.24 -23.43 -24.06
N ASP J 205 -40.51 -24.48 -24.82
CA ASP J 205 -41.84 -25.09 -24.83
C ASP J 205 -42.20 -25.64 -23.45
N HIS J 206 -41.22 -26.16 -22.69
CA HIS J 206 -41.54 -26.63 -21.35
C HIS J 206 -41.75 -25.48 -20.37
N TYR J 207 -41.41 -24.25 -20.76
CA TYR J 207 -41.52 -23.13 -19.77
C TYR J 207 -42.96 -22.61 -19.71
N ARG J 208 -43.72 -22.86 -20.78
CA ARG J 208 -45.10 -22.37 -20.92
C ARG J 208 -46.12 -23.51 -20.80
N HIS K 9 -1.68 -3.78 -28.86
CA HIS K 9 -2.94 -3.12 -29.30
C HIS K 9 -3.28 -3.60 -30.71
N HIS K 10 -2.70 -4.74 -31.10
CA HIS K 10 -2.95 -5.33 -32.41
C HIS K 10 -4.26 -6.13 -32.36
N GLU K 11 -5.16 -5.84 -33.30
CA GLU K 11 -6.55 -6.32 -33.27
C GLU K 11 -6.67 -7.62 -34.07
N PHE K 12 -6.75 -8.75 -33.37
CA PHE K 12 -6.79 -10.05 -34.04
C PHE K 12 -8.11 -10.27 -34.75
N ILE K 13 -9.22 -9.78 -34.17
CA ILE K 13 -10.51 -9.79 -34.86
C ILE K 13 -10.81 -8.37 -35.33
N PRO K 14 -10.53 -8.03 -36.59
CA PRO K 14 -10.85 -6.68 -37.06
C PRO K 14 -12.34 -6.40 -36.98
N SER K 15 -12.68 -5.19 -36.53
CA SER K 15 -14.09 -4.84 -36.48
C SER K 15 -14.64 -4.59 -37.88
N ASN K 16 -15.91 -4.93 -38.05
CA ASN K 16 -16.61 -4.76 -39.30
C ASN K 16 -17.80 -3.84 -39.15
N THR K 17 -18.03 -3.30 -37.95
CA THR K 17 -19.06 -2.29 -37.75
C THR K 17 -18.81 -1.05 -38.61
N ASP K 18 -19.90 -0.55 -39.22
CA ASP K 18 -19.85 0.71 -39.93
C ASP K 18 -19.68 1.87 -38.95
N TYR K 19 -18.84 2.86 -39.34
CA TYR K 19 -18.51 4.00 -38.50
C TYR K 19 -18.17 5.15 -39.43
N PRO K 20 -19.10 6.08 -39.66
CA PRO K 20 -18.82 7.16 -40.62
C PRO K 20 -17.69 8.08 -40.14
N GLY K 21 -17.64 8.37 -38.85
CA GLY K 21 -16.58 9.19 -38.32
C GLY K 21 -16.73 10.66 -38.62
N PRO K 22 -15.76 11.47 -38.15
CA PRO K 22 -15.86 12.92 -38.32
C PRO K 22 -16.05 13.37 -39.77
N HIS K 23 -15.64 12.55 -40.73
CA HIS K 23 -15.63 12.93 -42.13
C HIS K 23 -16.73 12.27 -42.94
N HIS K 24 -17.73 11.67 -42.28
CA HIS K 24 -18.85 10.99 -42.93
C HIS K 24 -18.34 10.10 -44.07
N PHE K 25 -17.49 9.16 -43.69
CA PHE K 25 -16.87 8.26 -44.66
C PHE K 25 -17.94 7.34 -45.25
N GLU K 26 -18.04 7.39 -46.58
CA GLU K 26 -19.06 6.62 -47.32
C GLU K 26 -18.44 5.89 -48.50
N VAL K 27 -18.83 4.64 -48.66
CA VAL K 27 -18.42 3.70 -49.69
C VAL K 27 -19.66 3.31 -50.47
N THR K 28 -19.61 3.56 -51.78
CA THR K 28 -20.71 3.31 -52.70
C THR K 28 -20.19 2.49 -53.88
N PHE K 29 -21.10 2.12 -54.78
CA PHE K 29 -20.71 1.51 -56.03
C PHE K 29 -21.50 2.10 -57.18
N GLN K 30 -20.84 2.19 -58.33
CA GLN K 30 -21.46 2.73 -59.55
C GLN K 30 -22.38 1.66 -60.12
N GLN K 31 -23.38 2.07 -60.89
CA GLN K 31 -24.42 1.20 -61.39
C GLN K 31 -23.76 0.10 -62.21
N SER K 32 -24.16 -1.15 -61.95
CA SER K 32 -23.47 -2.34 -62.43
C SER K 32 -24.23 -2.99 -63.58
N SER K 33 -23.51 -3.80 -64.37
CA SER K 33 -24.16 -4.50 -65.47
C SER K 33 -25.08 -5.60 -64.95
N THR K 34 -26.20 -5.76 -65.63
CA THR K 34 -27.19 -6.76 -65.26
C THR K 34 -26.90 -8.14 -65.85
N ALA K 35 -25.73 -8.31 -66.48
CA ALA K 35 -25.39 -9.57 -67.14
C ALA K 35 -25.20 -10.70 -66.13
N LYS K 36 -25.40 -11.93 -66.59
CA LYS K 36 -25.19 -13.09 -65.71
C LYS K 36 -23.71 -13.25 -65.34
N SER K 37 -22.80 -13.05 -66.30
CA SER K 37 -21.37 -13.16 -66.07
C SER K 37 -20.68 -11.80 -66.15
N ALA K 38 -21.38 -10.77 -65.63
CA ALA K 38 -20.88 -9.39 -65.56
C ALA K 38 -19.62 -9.37 -64.69
N THR K 39 -18.63 -8.56 -65.06
CA THR K 39 -17.37 -8.57 -64.33
C THR K 39 -17.56 -8.28 -62.84
N TRP K 40 -18.60 -7.54 -62.46
CA TRP K 40 -18.89 -7.29 -61.06
C TRP K 40 -20.30 -6.74 -60.91
N THR K 41 -20.95 -7.03 -59.78
CA THR K 41 -22.19 -6.37 -59.48
C THR K 41 -22.35 -6.25 -57.97
N TYR K 42 -23.24 -5.36 -57.57
CA TYR K 42 -23.46 -5.12 -56.14
C TYR K 42 -24.94 -5.07 -55.85
N SER K 43 -25.32 -5.61 -54.68
CA SER K 43 -26.71 -5.78 -54.26
C SER K 43 -27.05 -4.87 -53.09
N PRO K 44 -27.71 -3.72 -53.31
CA PRO K 44 -28.02 -2.84 -52.18
C PRO K 44 -28.94 -3.46 -51.14
N LEU K 45 -29.79 -4.43 -51.52
CA LEU K 45 -30.68 -5.10 -50.57
C LEU K 45 -29.95 -6.08 -49.67
N LEU K 46 -28.88 -6.70 -50.15
CA LEU K 46 -28.13 -7.68 -49.38
C LEU K 46 -26.79 -7.15 -48.93
N LYS K 47 -26.43 -5.95 -49.40
CA LYS K 47 -25.15 -5.30 -49.04
C LYS K 47 -24.01 -6.29 -49.24
N LYS K 48 -23.91 -6.85 -50.45
CA LYS K 48 -22.94 -7.84 -50.88
C LYS K 48 -22.40 -7.43 -52.24
N LEU K 49 -21.08 -7.56 -52.41
CA LEU K 49 -20.39 -7.35 -53.68
C LEU K 49 -20.11 -8.69 -54.35
N TYR K 50 -20.68 -8.90 -55.53
CA TYR K 50 -20.39 -10.05 -56.37
C TYR K 50 -19.34 -9.65 -57.40
N CYS K 51 -18.35 -10.51 -57.61
CA CYS K 51 -17.29 -10.15 -58.53
C CYS K 51 -16.58 -11.40 -59.07
N GLN K 52 -15.99 -11.25 -60.26
CA GLN K 52 -15.17 -12.29 -60.88
C GLN K 52 -13.73 -12.22 -60.38
N ILE K 53 -13.01 -13.30 -60.61
CA ILE K 53 -11.62 -13.35 -60.14
C ILE K 53 -10.79 -12.35 -60.92
N ALA K 54 -10.00 -11.56 -60.19
CA ALA K 54 -8.91 -10.74 -60.75
C ALA K 54 -9.38 -9.72 -61.80
N LYS K 55 -10.61 -9.22 -61.69
CA LYS K 55 -11.10 -8.25 -62.66
C LYS K 55 -11.34 -6.90 -62.00
N THR K 56 -11.47 -5.86 -62.83
CA THR K 56 -11.48 -4.49 -62.31
C THR K 56 -12.77 -4.22 -61.54
N CYS K 57 -12.64 -3.88 -60.26
CA CYS K 57 -13.78 -3.49 -59.41
C CYS K 57 -13.65 -2.06 -58.93
N PRO K 58 -14.40 -1.12 -59.52
CA PRO K 58 -14.38 0.25 -59.00
C PRO K 58 -15.23 0.33 -57.74
N ILE K 59 -14.67 0.97 -56.74
CA ILE K 59 -15.37 1.28 -55.50
C ILE K 59 -15.26 2.78 -55.29
N GLN K 60 -16.35 3.42 -54.90
CA GLN K 60 -16.36 4.88 -54.78
C GLN K 60 -16.33 5.33 -53.33
N ILE K 61 -15.40 6.24 -53.04
CA ILE K 61 -15.18 6.80 -51.73
C ILE K 61 -15.55 8.26 -51.78
N LYS K 62 -16.22 8.71 -50.73
CA LYS K 62 -16.60 10.10 -50.60
C LYS K 62 -16.57 10.45 -49.12
N VAL K 63 -16.16 11.70 -48.84
CA VAL K 63 -16.12 12.25 -47.49
C VAL K 63 -16.80 13.61 -47.58
N SER K 64 -17.25 14.10 -46.42
CA SER K 64 -17.81 15.45 -46.39
C SER K 64 -16.71 16.50 -46.25
N THR K 65 -15.81 16.33 -45.25
CA THR K 65 -14.71 17.26 -45.00
C THR K 65 -13.35 16.58 -45.25
N PRO K 66 -12.40 17.28 -45.90
CA PRO K 66 -11.06 16.70 -46.17
C PRO K 66 -10.36 16.18 -44.91
N PRO K 67 -9.85 14.96 -44.95
CA PRO K 67 -9.19 14.36 -43.76
C PRO K 67 -7.76 14.83 -43.63
N PRO K 68 -7.16 14.67 -42.45
CA PRO K 68 -5.82 15.21 -42.21
C PRO K 68 -4.84 14.65 -43.24
N PRO K 69 -3.64 15.22 -43.38
CA PRO K 69 -2.69 14.63 -44.32
C PRO K 69 -2.18 13.28 -43.82
N GLY K 70 -1.65 12.50 -44.77
CA GLY K 70 -1.19 11.15 -44.47
C GLY K 70 -2.27 10.16 -44.14
N THR K 71 -3.53 10.53 -44.36
CA THR K 71 -4.66 9.62 -44.19
C THR K 71 -4.58 8.53 -45.27
N ALA K 72 -5.00 7.30 -44.92
CA ALA K 72 -4.89 6.21 -45.87
C ALA K 72 -6.18 5.40 -45.91
N ILE K 73 -6.34 4.64 -47.00
CA ILE K 73 -7.50 3.76 -47.21
C ILE K 73 -7.04 2.31 -47.24
N ARG K 74 -7.47 1.54 -46.25
CA ARG K 74 -7.07 0.14 -46.11
C ARG K 74 -8.26 -0.75 -46.41
N ALA K 75 -8.04 -1.73 -47.28
CA ALA K 75 -9.00 -2.79 -47.54
C ALA K 75 -8.48 -4.05 -46.87
N MET K 76 -9.30 -4.67 -46.02
CA MET K 76 -8.93 -5.93 -45.41
C MET K 76 -10.06 -6.94 -45.54
N PRO K 77 -9.76 -8.18 -45.89
CA PRO K 77 -10.79 -9.21 -45.92
C PRO K 77 -10.80 -9.98 -44.60
N VAL K 78 -12.00 -10.35 -44.14
CA VAL K 78 -12.14 -11.14 -42.94
C VAL K 78 -13.33 -12.06 -43.19
N TYR K 79 -13.37 -13.19 -42.49
CA TYR K 79 -14.48 -14.12 -42.69
C TYR K 79 -15.72 -13.64 -41.94
N LYS K 80 -16.87 -13.85 -42.56
CA LYS K 80 -18.12 -13.37 -42.01
C LYS K 80 -18.55 -14.20 -40.79
N LYS K 81 -18.62 -15.52 -40.93
CA LYS K 81 -19.11 -16.39 -39.86
C LYS K 81 -18.10 -16.50 -38.72
N ALA K 82 -18.63 -16.54 -37.48
CA ALA K 82 -17.78 -16.53 -36.29
C ALA K 82 -16.80 -17.71 -36.26
N GLU K 83 -17.24 -18.88 -36.74
CA GLU K 83 -16.43 -20.09 -36.66
C GLU K 83 -15.09 -19.93 -37.36
N HIS K 84 -14.95 -18.93 -38.23
CA HIS K 84 -13.76 -18.80 -39.06
C HIS K 84 -13.03 -17.48 -38.89
N VAL K 85 -13.49 -16.58 -38.02
CA VAL K 85 -13.03 -15.19 -38.07
C VAL K 85 -11.53 -15.13 -37.80
N THR K 86 -11.04 -15.93 -36.85
CA THR K 86 -9.63 -15.90 -36.48
C THR K 86 -8.72 -16.36 -37.59
N ASP K 87 -9.27 -17.05 -38.61
CA ASP K 87 -8.49 -17.48 -39.76
C ASP K 87 -8.21 -16.31 -40.68
N VAL K 88 -6.98 -16.19 -41.10
CA VAL K 88 -6.63 -15.16 -42.04
C VAL K 88 -7.13 -15.56 -43.41
N VAL K 89 -7.54 -14.55 -44.19
CA VAL K 89 -8.05 -14.75 -45.53
C VAL K 89 -6.89 -14.56 -46.51
N LYS K 90 -6.41 -15.67 -47.08
CA LYS K 90 -5.26 -15.67 -47.97
C LYS K 90 -5.60 -16.45 -49.23
N ARG K 91 -4.92 -16.12 -50.34
CA ARG K 91 -5.17 -16.87 -51.57
C ARG K 91 -4.99 -18.35 -51.35
N CYS K 92 -5.68 -19.13 -52.17
CA CYS K 92 -5.58 -20.58 -52.14
C CYS K 92 -4.19 -20.96 -52.60
N PRO K 93 -3.70 -22.14 -52.21
CA PRO K 93 -2.38 -22.55 -52.72
C PRO K 93 -2.30 -22.55 -54.24
N ASN K 94 -3.41 -22.80 -54.95
CA ASN K 94 -3.25 -23.07 -56.37
C ASN K 94 -2.90 -21.76 -57.07
N HIS K 95 -3.66 -20.72 -56.76
CA HIS K 95 -3.44 -19.38 -57.31
C HIS K 95 -2.19 -18.72 -56.78
N GLU K 96 -1.78 -19.06 -55.56
CA GLU K 96 -0.63 -18.40 -54.98
C GLU K 96 0.66 -18.87 -55.63
N LEU K 97 0.75 -20.16 -55.91
CA LEU K 97 1.94 -20.67 -56.57
C LEU K 97 1.84 -20.62 -58.08
N GLY K 98 0.66 -20.26 -58.61
CA GLY K 98 0.44 -20.26 -60.04
C GLY K 98 1.37 -19.31 -60.80
N ARG K 99 1.37 -19.48 -62.11
CA ARG K 99 2.07 -18.51 -62.95
C ARG K 99 1.23 -17.25 -63.12
N ASP K 100 -0.08 -17.41 -63.26
CA ASP K 100 -0.97 -16.33 -63.67
C ASP K 100 -1.01 -15.20 -62.64
N PHE K 101 -0.80 -13.98 -63.10
CA PHE K 101 -0.90 -12.79 -62.28
C PHE K 101 0.14 -12.70 -61.17
N ASN K 102 1.19 -13.54 -61.15
CA ASN K 102 2.20 -13.35 -60.13
C ASN K 102 3.57 -13.01 -60.72
N GLU K 103 3.66 -13.03 -62.03
CA GLU K 103 4.84 -12.70 -62.78
C GLU K 103 5.13 -11.20 -62.71
N GLY K 104 6.31 -10.85 -62.21
CA GLY K 104 6.70 -9.46 -62.05
C GLY K 104 5.62 -8.59 -61.44
N GLN K 105 5.08 -9.02 -60.31
CA GLN K 105 4.04 -8.29 -59.59
C GLN K 105 4.61 -7.75 -58.28
N SER K 106 4.23 -6.52 -57.95
CA SER K 106 4.66 -5.90 -56.70
C SER K 106 3.82 -6.33 -55.50
N ALA K 107 2.65 -6.90 -55.72
CA ALA K 107 1.91 -7.48 -54.61
C ALA K 107 2.41 -8.88 -54.33
N PRO K 108 2.56 -9.26 -53.08
CA PRO K 108 2.77 -10.68 -52.74
C PRO K 108 1.69 -11.59 -53.34
N ALA K 109 2.08 -12.83 -53.61
CA ALA K 109 1.17 -13.79 -54.21
C ALA K 109 0.14 -14.34 -53.23
N SER K 110 0.25 -14.07 -51.94
CA SER K 110 -0.69 -14.63 -50.98
C SER K 110 -1.80 -13.65 -50.64
N HIS K 111 -1.67 -12.39 -51.04
CA HIS K 111 -2.72 -11.42 -50.77
C HIS K 111 -3.93 -11.64 -51.67
N LEU K 112 -5.10 -11.67 -51.04
CA LEU K 112 -6.39 -11.77 -51.70
C LEU K 112 -6.76 -10.50 -52.44
N ILE K 113 -6.62 -9.35 -51.77
CA ILE K 113 -7.11 -8.07 -52.29
C ILE K 113 -5.94 -7.27 -52.84
N ARG K 114 -6.05 -6.85 -54.10
CA ARG K 114 -5.04 -6.04 -54.74
C ARG K 114 -5.63 -4.70 -55.18
N VAL K 115 -4.75 -3.73 -55.35
CA VAL K 115 -5.12 -2.41 -55.85
C VAL K 115 -4.55 -2.24 -57.25
N GLU K 116 -5.44 -1.99 -58.21
CA GLU K 116 -5.06 -1.82 -59.61
C GLU K 116 -4.81 -0.34 -59.91
N GLY K 117 -3.73 -0.08 -60.63
CA GLY K 117 -3.37 1.25 -61.13
C GLY K 117 -2.80 2.24 -60.11
N ASN K 118 -2.10 1.76 -59.08
CA ASN K 118 -1.63 2.69 -58.05
C ASN K 118 -0.36 2.12 -57.42
N ASN K 119 0.77 2.52 -57.95
CA ASN K 119 2.02 2.00 -57.41
C ASN K 119 2.37 2.60 -56.06
N LEU K 120 1.60 3.58 -55.57
CA LEU K 120 1.69 4.00 -54.18
C LEU K 120 1.04 3.04 -53.19
N SER K 121 0.54 1.90 -53.63
CA SER K 121 -0.14 0.99 -52.72
C SER K 121 0.86 0.05 -52.11
N GLN K 122 0.86 -0.06 -50.78
CA GLN K 122 1.60 -1.12 -50.07
C GLN K 122 0.71 -2.19 -49.43
N TYR K 123 1.25 -3.41 -49.45
CA TYR K 123 0.61 -4.58 -48.88
C TYR K 123 1.16 -4.86 -47.50
N VAL K 124 0.26 -4.93 -46.51
CA VAL K 124 0.63 -5.06 -45.11
C VAL K 124 0.47 -6.49 -44.66
N ASP K 125 1.53 -7.02 -44.06
CA ASP K 125 1.64 -8.33 -43.45
C ASP K 125 1.99 -8.06 -42.00
N ASP K 126 0.98 -7.87 -41.18
CA ASP K 126 1.19 -7.51 -39.77
C ASP K 126 2.04 -8.55 -39.06
N PRO K 127 3.20 -8.19 -38.53
CA PRO K 127 4.11 -9.21 -38.00
C PRO K 127 3.56 -9.99 -36.84
N VAL K 128 2.63 -9.41 -36.08
CA VAL K 128 2.06 -10.06 -34.91
C VAL K 128 0.68 -10.67 -35.21
N THR K 129 -0.21 -9.96 -35.89
CA THR K 129 -1.52 -10.56 -36.13
C THR K 129 -1.61 -11.43 -37.38
N GLY K 130 -0.58 -11.46 -38.23
CA GLY K 130 -0.65 -12.14 -39.50
C GLY K 130 -1.60 -11.57 -40.55
N ARG K 131 -2.37 -10.51 -40.24
CA ARG K 131 -3.38 -10.08 -41.19
C ARG K 131 -2.77 -9.40 -42.42
N GLN K 132 -3.31 -9.72 -43.57
CA GLN K 132 -2.90 -9.08 -44.80
C GLN K 132 -3.97 -8.08 -45.20
N SER K 133 -3.52 -6.96 -45.73
CA SER K 133 -4.38 -5.87 -46.14
C SER K 133 -3.63 -5.12 -47.22
N VAL K 134 -4.35 -4.26 -47.94
CA VAL K 134 -3.67 -3.34 -48.85
C VAL K 134 -4.08 -1.90 -48.54
N VAL K 135 -3.13 -0.98 -48.68
CA VAL K 135 -3.31 0.42 -48.31
C VAL K 135 -2.80 1.32 -49.41
N VAL K 136 -3.57 2.37 -49.72
CA VAL K 136 -3.14 3.46 -50.57
C VAL K 136 -3.26 4.76 -49.78
N PRO K 137 -2.52 5.81 -50.14
CA PRO K 137 -2.83 7.13 -49.60
C PRO K 137 -4.18 7.61 -50.11
N TYR K 138 -4.84 8.38 -49.27
CA TYR K 138 -6.08 9.05 -49.66
C TYR K 138 -5.76 10.20 -50.59
N GLU K 139 -6.48 10.30 -51.71
CA GLU K 139 -6.22 11.39 -52.65
C GLU K 139 -7.57 12.03 -52.95
N PRO K 140 -7.70 13.34 -52.84
CA PRO K 140 -8.99 13.98 -52.99
C PRO K 140 -9.59 13.66 -54.40
N PRO K 141 -10.91 13.58 -54.48
CA PRO K 141 -11.53 13.36 -55.82
C PRO K 141 -11.04 14.36 -56.86
N GLN K 142 -11.03 13.93 -58.11
CA GLN K 142 -10.65 14.81 -59.21
C GLN K 142 -11.55 16.04 -59.24
N VAL K 143 -11.07 17.10 -59.88
CA VAL K 143 -11.80 18.36 -59.82
C VAL K 143 -13.15 18.15 -60.50
N GLY K 144 -14.23 18.55 -59.84
CA GLY K 144 -15.54 18.38 -60.40
C GLY K 144 -16.22 17.07 -60.08
N THR K 145 -15.46 16.03 -59.77
CA THR K 145 -16.05 14.74 -59.45
C THR K 145 -16.33 14.71 -57.96
N GLU K 146 -17.28 13.88 -57.53
CA GLU K 146 -17.51 13.77 -56.10
C GLU K 146 -16.94 12.51 -55.47
N PHE K 147 -16.67 11.47 -56.26
CA PHE K 147 -16.25 10.18 -55.72
C PHE K 147 -14.75 9.98 -55.91
N THR K 148 -14.08 9.58 -54.83
CA THR K 148 -12.71 9.07 -54.95
C THR K 148 -12.78 7.59 -55.34
N THR K 149 -12.30 7.24 -56.54
CA THR K 149 -12.48 5.91 -57.08
C THR K 149 -11.22 5.08 -56.85
N ILE K 150 -11.38 3.91 -56.26
CA ILE K 150 -10.30 2.96 -56.04
C ILE K 150 -10.66 1.66 -56.75
N LEU K 151 -9.75 1.19 -57.62
CA LEU K 151 -9.93 -0.07 -58.35
C LEU K 151 -9.31 -1.23 -57.58
N TYR K 152 -10.15 -2.18 -57.18
CA TYR K 152 -9.69 -3.37 -56.49
C TYR K 152 -9.73 -4.58 -57.42
N ASN K 153 -9.02 -5.61 -57.00
CA ASN K 153 -8.96 -6.89 -57.65
C ASN K 153 -9.04 -7.88 -56.53
N PHE K 154 -9.61 -9.04 -56.76
CA PHE K 154 -9.69 -10.06 -55.76
C PHE K 154 -9.14 -11.26 -56.47
N MET K 155 -8.12 -11.91 -55.90
CA MET K 155 -7.34 -12.94 -56.67
C MET K 155 -7.74 -14.41 -56.50
N CYS K 156 -8.79 -14.74 -55.73
CA CYS K 156 -9.30 -16.09 -55.60
C CYS K 156 -10.82 -16.06 -55.54
N ASN K 157 -11.44 -17.07 -56.12
CA ASN K 157 -12.88 -17.18 -55.94
C ASN K 157 -13.17 -17.51 -54.50
N SER K 158 -14.39 -17.15 -54.09
CA SER K 158 -14.85 -17.50 -52.77
C SER K 158 -14.93 -19.01 -52.56
N SER K 159 -14.74 -19.80 -53.61
CA SER K 159 -14.94 -21.25 -53.51
C SER K 159 -13.63 -22.03 -53.60
N CYS K 160 -12.48 -21.35 -53.69
CA CYS K 160 -11.20 -22.01 -53.87
C CYS K 160 -10.93 -22.93 -52.70
N VAL K 161 -10.78 -24.23 -52.97
CA VAL K 161 -10.25 -25.09 -51.91
C VAL K 161 -8.82 -24.71 -51.58
N GLY K 162 -8.43 -25.01 -50.34
CA GLY K 162 -7.14 -24.60 -49.84
C GLY K 162 -7.11 -23.17 -49.36
N GLY K 163 -8.09 -22.36 -49.79
CA GLY K 163 -8.16 -20.97 -49.38
C GLY K 163 -9.45 -20.62 -48.68
N MET K 164 -10.11 -19.58 -49.19
CA MET K 164 -11.46 -19.20 -48.74
C MET K 164 -12.39 -20.41 -48.60
N ASN K 165 -12.51 -21.23 -49.62
CA ASN K 165 -13.32 -22.47 -49.54
C ASN K 165 -14.77 -22.29 -49.16
N ARG K 166 -15.55 -21.67 -50.03
CA ARG K 166 -16.99 -21.48 -49.80
C ARG K 166 -17.40 -20.79 -48.51
N ARG K 167 -16.38 -20.29 -47.79
CA ARG K 167 -16.60 -19.52 -46.54
C ARG K 167 -16.83 -18.06 -46.95
N PRO K 168 -18.03 -17.49 -46.71
CA PRO K 168 -18.30 -16.10 -47.11
C PRO K 168 -17.46 -15.11 -46.28
N ILE K 169 -17.00 -14.04 -46.91
CA ILE K 169 -16.22 -13.03 -46.24
C ILE K 169 -16.78 -11.64 -46.34
N LEU K 170 -16.22 -10.77 -45.55
CA LEU K 170 -16.53 -9.36 -45.58
C LEU K 170 -15.29 -8.59 -46.01
N ILE K 171 -15.52 -7.54 -46.77
CA ILE K 171 -14.47 -6.63 -47.17
C ILE K 171 -14.64 -5.39 -46.33
N ILE K 172 -13.56 -4.94 -45.71
CA ILE K 172 -13.65 -3.85 -44.78
C ILE K 172 -12.73 -2.74 -45.27
N ILE K 173 -13.34 -1.65 -45.72
CA ILE K 173 -12.63 -0.43 -46.14
C ILE K 173 -12.43 0.43 -44.89
N THR K 174 -11.19 0.79 -44.60
CA THR K 174 -10.84 1.53 -43.39
C THR K 174 -10.17 2.84 -43.78
N LEU K 175 -10.77 3.97 -43.42
CA LEU K 175 -10.10 5.25 -43.48
C LEU K 175 -9.35 5.46 -42.18
N GLU K 176 -8.05 5.69 -42.26
CA GLU K 176 -7.24 5.80 -41.05
C GLU K 176 -6.10 6.74 -41.33
N MET K 177 -5.40 7.12 -40.27
CA MET K 177 -4.31 8.02 -40.42
C MET K 177 -2.95 7.39 -40.44
N ARG K 178 -1.93 8.22 -40.51
CA ARG K 178 -0.53 7.78 -40.49
C ARG K 178 -0.25 6.71 -39.46
N ASP K 179 -0.61 7.00 -38.21
CA ASP K 179 -0.34 6.06 -37.11
C ASP K 179 -1.21 4.83 -37.20
N GLY K 180 -2.37 4.92 -37.86
CA GLY K 180 -3.32 3.82 -37.93
C GLY K 180 -4.61 4.02 -37.15
N GLN K 181 -4.75 5.12 -36.40
CA GLN K 181 -5.99 5.42 -35.71
C GLN K 181 -7.15 5.53 -36.71
N VAL K 182 -8.28 4.92 -36.36
CA VAL K 182 -9.36 4.74 -37.32
C VAL K 182 -10.23 5.99 -37.36
N LEU K 183 -10.44 6.52 -38.58
CA LEU K 183 -11.34 7.65 -38.79
C LEU K 183 -12.66 7.23 -39.42
N GLY K 184 -12.71 6.07 -40.05
CA GLY K 184 -13.95 5.54 -40.56
C GLY K 184 -13.85 4.10 -41.02
N ARG K 185 -15.01 3.42 -41.10
CA ARG K 185 -14.99 2.01 -41.58
C ARG K 185 -16.35 1.55 -42.14
N ARG K 186 -16.40 1.22 -43.44
CA ARG K 186 -17.57 0.61 -44.05
C ARG K 186 -17.23 -0.84 -44.39
N SER K 187 -18.19 -1.74 -44.21
CA SER K 187 -17.99 -3.12 -44.59
C SER K 187 -19.14 -3.58 -45.46
N PHE K 188 -18.88 -4.63 -46.22
CA PHE K 188 -19.89 -5.26 -47.05
C PHE K 188 -19.46 -6.70 -47.29
N GLU K 189 -20.44 -7.59 -47.51
CA GLU K 189 -20.14 -8.97 -47.86
C GLU K 189 -19.57 -9.07 -49.28
N GLY K 190 -18.54 -9.89 -49.43
CA GLY K 190 -17.89 -10.09 -50.72
C GLY K 190 -17.97 -11.55 -51.14
N ARG K 191 -18.32 -11.77 -52.40
CA ARG K 191 -18.43 -13.11 -52.96
C ARG K 191 -17.78 -13.09 -54.33
N ILE K 192 -16.65 -13.79 -54.46
CA ILE K 192 -15.92 -13.89 -55.72
C ILE K 192 -16.35 -15.18 -56.39
N CYS K 193 -16.66 -15.12 -57.69
CA CYS K 193 -17.27 -16.24 -58.40
C CYS K 193 -17.17 -16.06 -59.92
N ALA K 194 -17.81 -16.97 -60.65
CA ALA K 194 -17.77 -16.91 -62.11
C ALA K 194 -18.91 -16.14 -62.72
N CYS K 195 -20.11 -16.22 -62.13
CA CYS K 195 -21.32 -15.62 -62.69
C CYS K 195 -21.98 -14.75 -61.64
N PRO K 196 -21.51 -13.51 -61.46
CA PRO K 196 -22.11 -12.64 -60.43
C PRO K 196 -23.60 -12.35 -60.62
N GLY K 197 -24.05 -12.12 -61.85
CA GLY K 197 -25.46 -11.85 -62.07
C GLY K 197 -26.36 -13.01 -61.66
N ARG K 198 -26.05 -14.21 -62.15
CA ARG K 198 -26.78 -15.40 -61.69
C ARG K 198 -26.82 -15.45 -60.17
N ASP K 199 -25.63 -15.44 -59.56
CA ASP K 199 -25.50 -15.64 -58.12
C ASP K 199 -26.21 -14.53 -57.34
N ARG K 200 -26.25 -13.30 -57.89
CA ARG K 200 -26.95 -12.20 -57.22
C ARG K 200 -28.46 -12.43 -57.20
N LYS K 201 -29.08 -12.59 -58.37
CA LYS K 201 -30.54 -12.76 -58.39
C LYS K 201 -30.96 -13.95 -57.55
N ALA K 202 -30.17 -15.04 -57.60
CA ALA K 202 -30.44 -16.18 -56.75
C ALA K 202 -30.56 -15.78 -55.29
N ASP K 203 -29.58 -15.04 -54.79
CA ASP K 203 -29.57 -14.65 -53.37
C ASP K 203 -30.61 -13.58 -53.07
N GLU K 204 -31.03 -12.81 -54.08
CA GLU K 204 -32.11 -11.84 -53.86
C GLU K 204 -33.46 -12.54 -53.79
N ASP K 205 -33.72 -13.45 -54.73
CA ASP K 205 -34.93 -14.25 -54.67
C ASP K 205 -35.02 -15.05 -53.38
N HIS K 206 -33.90 -15.63 -52.94
CA HIS K 206 -33.88 -16.35 -51.67
C HIS K 206 -34.26 -15.44 -50.50
N TYR K 207 -33.95 -14.15 -50.62
CA TYR K 207 -34.19 -13.22 -49.51
C TYR K 207 -35.65 -12.77 -49.45
N ARG K 208 -36.24 -12.43 -50.60
CA ARG K 208 -37.65 -12.02 -50.68
C ARG K 208 -38.58 -13.12 -50.15
N GLU L 11 10.85 -38.49 -71.92
CA GLU L 11 9.78 -39.10 -71.12
C GLU L 11 9.86 -40.63 -71.14
N PHE L 12 8.85 -41.28 -70.60
CA PHE L 12 8.66 -42.73 -70.70
C PHE L 12 7.22 -43.08 -70.35
N ILE L 13 6.64 -44.04 -71.07
CA ILE L 13 5.24 -44.41 -70.92
C ILE L 13 5.17 -45.83 -70.35
N PRO L 14 4.82 -46.00 -69.08
CA PRO L 14 4.68 -47.35 -68.52
C PRO L 14 3.47 -48.07 -69.12
N SER L 15 3.68 -49.30 -69.56
CA SER L 15 2.63 -49.99 -70.27
C SER L 15 1.47 -50.35 -69.34
N ASN L 16 0.27 -50.33 -69.91
CA ASN L 16 -0.93 -50.76 -69.22
C ASN L 16 -1.39 -52.13 -69.68
N THR L 17 -0.52 -52.89 -70.35
CA THR L 17 -0.91 -54.17 -70.94
C THR L 17 -1.05 -55.23 -69.85
N ASP L 18 -2.25 -55.78 -69.72
CA ASP L 18 -2.46 -56.88 -68.79
C ASP L 18 -1.57 -58.06 -69.15
N TYR L 19 -0.84 -58.56 -68.15
CA TYR L 19 0.11 -59.64 -68.35
C TYR L 19 0.02 -60.55 -67.12
N PRO L 20 -0.78 -61.63 -67.17
CA PRO L 20 -0.83 -62.54 -66.02
C PRO L 20 0.50 -63.18 -65.67
N GLY L 21 1.29 -63.59 -66.65
CA GLY L 21 2.65 -64.01 -66.37
C GLY L 21 2.83 -65.40 -65.81
N PRO L 22 4.06 -65.69 -65.35
CA PRO L 22 4.32 -67.02 -64.78
C PRO L 22 3.49 -67.31 -63.54
N HIS L 23 3.13 -66.31 -62.77
CA HIS L 23 2.44 -66.53 -61.53
C HIS L 23 0.96 -66.23 -61.63
N HIS L 24 0.48 -65.92 -62.83
CA HIS L 24 -0.91 -65.56 -63.08
C HIS L 24 -1.40 -64.49 -62.09
N PHE L 25 -0.78 -63.32 -62.22
CA PHE L 25 -1.14 -62.15 -61.42
C PHE L 25 -2.52 -61.64 -61.85
N GLU L 26 -3.32 -61.43 -60.81
CA GLU L 26 -4.75 -61.03 -60.89
C GLU L 26 -5.09 -60.13 -59.71
N VAL L 27 -5.81 -59.05 -59.99
CA VAL L 27 -6.29 -58.05 -59.04
C VAL L 27 -7.81 -58.09 -58.97
N THR L 28 -8.30 -58.20 -57.75
CA THR L 28 -9.68 -58.53 -57.46
C THR L 28 -10.25 -57.51 -56.50
N PHE L 29 -11.55 -57.24 -56.66
CA PHE L 29 -12.25 -56.29 -55.81
C PHE L 29 -13.26 -57.05 -54.97
N GLN L 30 -13.21 -56.83 -53.66
CA GLN L 30 -14.16 -57.47 -52.76
C GLN L 30 -15.52 -56.84 -53.02
N GLN L 31 -16.52 -57.26 -52.27
CA GLN L 31 -17.85 -56.80 -52.56
C GLN L 31 -18.01 -55.42 -51.93
N SER L 32 -18.68 -54.52 -52.66
CA SER L 32 -18.66 -53.10 -52.30
C SER L 32 -20.05 -52.59 -51.96
N SER L 33 -20.09 -51.36 -51.45
CA SER L 33 -21.35 -50.72 -51.08
C SER L 33 -22.04 -50.11 -52.30
N THR L 34 -23.36 -50.21 -52.34
CA THR L 34 -24.15 -49.50 -53.34
C THR L 34 -24.60 -48.10 -52.91
N ALA L 35 -24.21 -47.64 -51.72
CA ALA L 35 -24.59 -46.31 -51.27
C ALA L 35 -24.09 -45.26 -52.24
N LYS L 36 -24.78 -44.11 -52.29
CA LYS L 36 -24.35 -43.03 -53.19
C LYS L 36 -22.98 -42.49 -52.81
N SER L 37 -22.76 -42.27 -51.52
CA SER L 37 -21.51 -41.70 -51.04
C SER L 37 -20.72 -42.74 -50.25
N ALA L 38 -20.77 -43.99 -50.71
CA ALA L 38 -19.96 -45.02 -50.09
C ALA L 38 -18.49 -44.68 -50.24
N THR L 39 -17.67 -45.15 -49.29
CA THR L 39 -16.24 -44.81 -49.31
C THR L 39 -15.59 -45.25 -50.62
N TRP L 40 -15.95 -46.41 -51.14
CA TRP L 40 -15.52 -46.85 -52.46
C TRP L 40 -16.50 -47.86 -53.03
N THR L 41 -16.48 -48.00 -54.35
CA THR L 41 -17.21 -49.07 -55.02
C THR L 41 -16.42 -49.50 -56.25
N TYR L 42 -16.88 -50.57 -56.91
CA TYR L 42 -16.27 -51.01 -58.16
C TYR L 42 -17.34 -51.44 -59.16
N SER L 43 -17.10 -51.11 -60.44
CA SER L 43 -17.99 -51.44 -61.55
C SER L 43 -17.36 -52.49 -62.44
N PRO L 44 -17.82 -53.75 -62.38
CA PRO L 44 -17.32 -54.75 -63.35
C PRO L 44 -17.46 -54.32 -64.80
N LEU L 45 -18.68 -53.95 -65.23
CA LEU L 45 -18.97 -53.58 -66.62
C LEU L 45 -18.02 -52.50 -67.13
N LEU L 46 -17.52 -51.64 -66.26
CA LEU L 46 -16.63 -50.59 -66.66
C LEU L 46 -15.19 -50.84 -66.27
N LYS L 47 -14.92 -51.88 -65.48
CA LYS L 47 -13.58 -52.15 -64.92
C LYS L 47 -12.93 -50.85 -64.45
N LYS L 48 -13.72 -50.13 -63.67
CA LYS L 48 -13.46 -48.76 -63.23
C LYS L 48 -13.61 -48.74 -61.72
N LEU L 49 -12.58 -48.26 -61.02
CA LEU L 49 -12.65 -48.12 -59.57
C LEU L 49 -13.15 -46.73 -59.22
N TYR L 50 -14.13 -46.68 -58.33
CA TYR L 50 -14.64 -45.43 -57.79
C TYR L 50 -14.31 -45.39 -56.31
N CYS L 51 -13.74 -44.27 -55.86
CA CYS L 51 -13.48 -44.14 -54.44
C CYS L 51 -13.47 -42.68 -54.03
N GLN L 52 -13.43 -42.48 -52.71
CA GLN L 52 -13.35 -41.18 -52.07
C GLN L 52 -11.91 -40.82 -51.75
N ILE L 53 -11.66 -39.53 -51.64
CA ILE L 53 -10.32 -39.09 -51.27
C ILE L 53 -9.99 -39.62 -49.88
N ALA L 54 -8.79 -40.19 -49.74
CA ALA L 54 -8.16 -40.54 -48.47
C ALA L 54 -8.88 -41.65 -47.70
N LYS L 55 -9.87 -42.31 -48.29
CA LYS L 55 -10.49 -43.48 -47.68
C LYS L 55 -9.76 -44.75 -48.11
N THR L 56 -9.90 -45.78 -47.31
CA THR L 56 -9.19 -47.03 -47.51
C THR L 56 -9.85 -47.83 -48.63
N CYS L 57 -9.12 -48.04 -49.75
CA CYS L 57 -9.59 -48.94 -50.81
C CYS L 57 -8.85 -50.27 -50.70
N PRO L 58 -9.51 -51.35 -50.34
CA PRO L 58 -8.82 -52.64 -50.29
C PRO L 58 -8.69 -53.19 -51.71
N ILE L 59 -7.49 -53.64 -52.08
CA ILE L 59 -7.26 -54.30 -53.37
C ILE L 59 -6.80 -55.72 -53.12
N GLN L 60 -7.55 -56.68 -53.68
CA GLN L 60 -7.22 -58.10 -53.55
C GLN L 60 -6.40 -58.57 -54.77
N ILE L 61 -5.19 -59.04 -54.49
CA ILE L 61 -4.28 -59.59 -55.52
C ILE L 61 -4.19 -61.09 -55.29
N LYS L 62 -3.96 -61.85 -56.36
CA LYS L 62 -3.89 -63.31 -56.31
C LYS L 62 -2.75 -63.77 -57.23
N VAL L 63 -2.02 -64.78 -56.79
CA VAL L 63 -0.99 -65.45 -57.58
C VAL L 63 -1.21 -66.96 -57.46
N SER L 64 -0.95 -67.69 -58.54
CA SER L 64 -1.11 -69.14 -58.52
C SER L 64 0.02 -69.80 -57.73
N THR L 65 1.26 -69.39 -58.01
CA THR L 65 2.42 -70.01 -57.41
C THR L 65 3.14 -68.95 -56.57
N PRO L 66 3.84 -69.32 -55.51
CA PRO L 66 4.63 -68.30 -54.74
C PRO L 66 5.82 -67.75 -55.50
N PRO L 67 5.98 -66.44 -55.51
CA PRO L 67 7.09 -65.80 -56.33
C PRO L 67 8.40 -65.75 -55.57
N PRO L 68 9.50 -65.49 -56.27
CA PRO L 68 10.85 -65.51 -55.64
C PRO L 68 10.96 -64.54 -54.47
N PRO L 69 11.99 -64.68 -53.63
CA PRO L 69 12.19 -63.71 -52.54
C PRO L 69 12.52 -62.34 -53.08
N GLY L 70 12.22 -61.30 -52.30
CA GLY L 70 12.46 -59.93 -52.73
C GLY L 70 11.46 -59.42 -53.73
N THR L 71 10.46 -60.22 -54.07
CA THR L 71 9.42 -59.79 -55.03
C THR L 71 8.62 -58.64 -54.40
N ALA L 72 8.21 -57.68 -55.21
CA ALA L 72 7.52 -56.52 -54.66
C ALA L 72 6.29 -56.17 -55.49
N ILE L 73 5.46 -55.27 -54.97
CA ILE L 73 4.27 -54.82 -55.69
C ILE L 73 4.31 -53.30 -55.81
N ARG L 74 3.99 -52.84 -57.02
CA ARG L 74 4.07 -51.45 -57.40
C ARG L 74 2.70 -50.94 -57.81
N ALA L 75 2.37 -49.75 -57.34
CA ALA L 75 1.18 -49.07 -57.79
C ALA L 75 1.61 -47.76 -58.41
N MET L 76 1.25 -47.56 -59.69
CA MET L 76 1.53 -46.28 -60.34
C MET L 76 0.31 -45.80 -61.11
N PRO L 77 0.00 -44.51 -61.01
CA PRO L 77 -1.11 -43.96 -61.78
C PRO L 77 -0.63 -43.39 -63.10
N VAL L 78 -1.48 -43.53 -64.10
CA VAL L 78 -1.17 -43.05 -65.43
C VAL L 78 -2.46 -42.43 -65.95
N TYR L 79 -2.33 -41.43 -66.82
CA TYR L 79 -3.51 -40.83 -67.43
C TYR L 79 -4.04 -41.71 -68.57
N LYS L 80 -5.37 -41.68 -68.74
CA LYS L 80 -6.03 -42.59 -69.65
C LYS L 80 -5.90 -42.13 -71.10
N LYS L 81 -6.31 -40.88 -71.38
CA LYS L 81 -6.21 -40.28 -72.72
C LYS L 81 -4.78 -40.30 -73.24
N ALA L 82 -4.64 -40.58 -74.55
CA ALA L 82 -3.30 -40.60 -75.13
C ALA L 82 -2.68 -39.21 -75.20
N GLU L 83 -3.51 -38.16 -75.17
CA GLU L 83 -2.96 -36.81 -75.17
C GLU L 83 -2.25 -36.48 -73.87
N HIS L 84 -2.73 -36.99 -72.74
CA HIS L 84 -2.21 -36.60 -71.43
C HIS L 84 -1.29 -37.65 -70.81
N VAL L 85 -1.12 -38.80 -71.45
CA VAL L 85 -0.23 -39.85 -70.95
C VAL L 85 1.19 -39.34 -70.66
N THR L 86 1.66 -38.33 -71.39
CA THR L 86 3.05 -37.90 -71.22
C THR L 86 3.31 -37.25 -69.86
N ASP L 87 2.29 -36.69 -69.22
CA ASP L 87 2.42 -35.90 -68.00
C ASP L 87 2.37 -36.79 -66.76
N VAL L 88 3.29 -36.54 -65.81
CA VAL L 88 3.27 -37.27 -64.55
C VAL L 88 2.08 -36.83 -63.70
N VAL L 89 1.38 -37.81 -63.16
CA VAL L 89 0.23 -37.57 -62.31
C VAL L 89 0.63 -37.48 -60.83
N LYS L 90 0.43 -36.30 -60.23
CA LYS L 90 0.64 -36.03 -58.80
C LYS L 90 -0.59 -35.32 -58.24
N ARG L 91 -0.52 -34.98 -56.95
CA ARG L 91 -1.59 -34.26 -56.25
C ARG L 91 -1.61 -32.81 -56.66
N CYS L 92 -2.78 -32.20 -56.51
CA CYS L 92 -2.90 -30.79 -56.82
C CYS L 92 -2.13 -29.98 -55.79
N PRO L 93 -1.74 -28.77 -56.14
CA PRO L 93 -0.96 -27.96 -55.18
C PRO L 93 -1.69 -27.74 -53.88
N ASN L 94 -2.99 -27.48 -53.94
CA ASN L 94 -3.77 -27.25 -52.72
C ASN L 94 -3.65 -28.41 -51.76
N HIS L 95 -3.90 -29.66 -52.23
CA HIS L 95 -3.86 -30.81 -51.33
C HIS L 95 -2.42 -31.16 -50.93
N GLU L 96 -1.47 -30.93 -51.82
CA GLU L 96 -0.06 -31.14 -51.48
C GLU L 96 0.37 -30.25 -50.31
N LEU L 97 -0.06 -28.99 -50.31
CA LEU L 97 0.41 -28.07 -49.28
C LEU L 97 -0.52 -28.00 -48.08
N GLY L 98 -1.76 -28.44 -48.22
CA GLY L 98 -2.71 -28.37 -47.15
C GLY L 98 -2.29 -29.20 -45.96
N ARG L 99 -3.04 -29.07 -44.87
CA ARG L 99 -2.65 -29.74 -43.64
C ARG L 99 -3.31 -31.11 -43.51
N ASP L 100 -4.52 -31.25 -44.03
CA ASP L 100 -5.21 -32.53 -44.10
C ASP L 100 -4.31 -33.62 -44.71
N PHE L 101 -4.10 -34.68 -43.92
CA PHE L 101 -3.42 -35.91 -44.34
C PHE L 101 -1.95 -35.71 -44.67
N ASN L 102 -1.33 -34.64 -44.16
CA ASN L 102 0.06 -34.35 -44.45
C ASN L 102 0.95 -34.33 -43.21
N GLU L 103 0.40 -34.01 -42.04
CA GLU L 103 1.20 -33.89 -40.82
C GLU L 103 1.75 -35.24 -40.44
N GLY L 104 3.04 -35.26 -40.06
CA GLY L 104 3.69 -36.47 -39.60
C GLY L 104 3.43 -37.68 -40.48
N GLN L 105 3.70 -37.55 -41.77
CA GLN L 105 3.53 -38.64 -42.71
C GLN L 105 4.85 -38.99 -43.40
N SER L 106 5.11 -40.31 -43.51
CA SER L 106 6.25 -40.85 -44.25
C SER L 106 6.13 -40.65 -45.75
N ALA L 107 4.91 -40.69 -46.28
CA ALA L 107 4.68 -40.51 -47.71
C ALA L 107 4.99 -39.07 -48.14
N PRO L 108 5.62 -38.88 -49.28
CA PRO L 108 5.78 -37.51 -49.80
C PRO L 108 4.42 -36.90 -50.10
N ALA L 109 4.28 -35.62 -49.73
CA ALA L 109 2.97 -34.96 -49.89
C ALA L 109 2.51 -34.92 -51.34
N SER L 110 3.38 -35.17 -52.31
CA SER L 110 3.05 -35.01 -53.72
C SER L 110 2.49 -36.27 -54.37
N HIS L 111 2.63 -37.44 -53.74
CA HIS L 111 2.23 -38.68 -54.39
C HIS L 111 0.72 -38.87 -54.40
N LEU L 112 0.19 -39.38 -55.51
CA LEU L 112 -1.24 -39.60 -55.56
C LEU L 112 -1.63 -40.80 -54.70
N ILE L 113 -0.85 -41.88 -54.78
CA ILE L 113 -1.23 -43.18 -54.22
C ILE L 113 -0.44 -43.44 -52.96
N ARG L 114 -1.15 -43.81 -51.90
CA ARG L 114 -0.55 -44.21 -50.64
C ARG L 114 -0.96 -45.63 -50.30
N VAL L 115 -0.09 -46.32 -49.58
CA VAL L 115 -0.38 -47.61 -48.99
C VAL L 115 -0.64 -47.40 -47.51
N GLU L 116 -1.80 -47.83 -47.06
CA GLU L 116 -2.09 -47.65 -45.64
C GLU L 116 -1.69 -48.92 -44.90
N GLY L 117 -1.02 -48.73 -43.77
CA GLY L 117 -0.75 -49.82 -42.85
C GLY L 117 0.39 -50.73 -43.23
N ASN L 118 1.53 -50.14 -43.56
CA ASN L 118 2.70 -50.93 -43.91
C ASN L 118 3.92 -50.06 -43.66
N ASN L 119 4.88 -50.56 -42.88
CA ASN L 119 6.07 -49.77 -42.55
C ASN L 119 7.11 -49.93 -43.64
N LEU L 120 6.91 -50.90 -44.52
CA LEU L 120 7.87 -51.14 -45.59
C LEU L 120 7.50 -50.40 -46.86
N SER L 121 6.45 -49.59 -46.81
CA SER L 121 6.02 -48.82 -47.98
C SER L 121 7.15 -48.03 -48.59
N GLN L 122 7.53 -48.36 -49.83
CA GLN L 122 8.59 -47.64 -50.52
C GLN L 122 8.01 -46.68 -51.56
N TYR L 123 8.19 -45.38 -51.36
CA TYR L 123 7.72 -44.37 -52.30
C TYR L 123 8.84 -44.00 -53.27
N VAL L 124 8.54 -44.08 -54.58
CA VAL L 124 9.56 -43.98 -55.61
C VAL L 124 9.32 -42.72 -56.44
N ASP L 125 10.39 -41.96 -56.65
CA ASP L 125 10.45 -40.79 -57.50
C ASP L 125 11.58 -41.04 -58.50
N ASP L 126 11.21 -41.53 -59.68
CA ASP L 126 12.20 -41.95 -60.67
C ASP L 126 13.03 -40.78 -61.17
N PRO L 127 14.36 -40.82 -61.02
CA PRO L 127 15.17 -39.65 -61.42
C PRO L 127 15.16 -39.37 -62.91
N VAL L 128 15.13 -40.43 -63.70
CA VAL L 128 15.18 -40.26 -65.19
C VAL L 128 13.79 -39.99 -65.76
N THR L 129 12.74 -40.47 -65.11
CA THR L 129 11.42 -40.35 -65.70
C THR L 129 10.51 -39.39 -64.93
N GLY L 130 10.77 -39.18 -63.64
CA GLY L 130 9.90 -38.37 -62.83
C GLY L 130 8.60 -39.03 -62.40
N ARG L 131 8.44 -40.33 -62.68
CA ARG L 131 7.22 -41.02 -62.28
C ARG L 131 7.17 -41.16 -60.76
N GLN L 132 5.94 -41.30 -60.26
CA GLN L 132 5.70 -41.55 -58.85
C GLN L 132 4.89 -42.81 -58.72
N SER L 133 5.36 -43.71 -57.87
CA SER L 133 4.67 -44.96 -57.59
C SER L 133 5.07 -45.40 -56.19
N VAL L 134 4.18 -46.14 -55.53
CA VAL L 134 4.43 -46.68 -54.20
C VAL L 134 4.62 -48.18 -54.34
N VAL L 135 5.54 -48.73 -53.56
CA VAL L 135 5.93 -50.13 -53.68
C VAL L 135 5.96 -50.76 -52.30
N VAL L 136 5.37 -51.93 -52.17
CA VAL L 136 5.51 -52.73 -50.95
C VAL L 136 6.11 -54.08 -51.34
N PRO L 137 6.88 -54.72 -50.46
CA PRO L 137 7.26 -56.11 -50.72
C PRO L 137 6.03 -57.01 -50.67
N TYR L 138 6.07 -58.05 -51.50
CA TYR L 138 5.04 -59.07 -51.49
C TYR L 138 5.05 -59.84 -50.18
N GLU L 139 3.87 -60.08 -49.63
CA GLU L 139 3.70 -61.07 -48.57
C GLU L 139 2.69 -62.12 -49.01
N PRO L 140 2.92 -63.39 -48.68
CA PRO L 140 1.94 -64.43 -49.02
C PRO L 140 0.61 -64.15 -48.34
N PRO L 141 -0.50 -64.66 -48.87
CA PRO L 141 -1.76 -64.55 -48.14
C PRO L 141 -1.64 -65.15 -46.75
N GLN L 142 -2.51 -64.72 -45.85
CA GLN L 142 -2.57 -65.38 -44.57
C GLN L 142 -3.21 -66.75 -44.74
N VAL L 143 -2.72 -67.70 -43.96
CA VAL L 143 -3.23 -69.07 -44.00
C VAL L 143 -4.76 -69.04 -44.04
N GLY L 144 -5.34 -69.76 -45.00
CA GLY L 144 -6.81 -69.75 -45.13
C GLY L 144 -7.29 -68.76 -46.16
N THR L 145 -6.68 -67.56 -46.21
CA THR L 145 -7.16 -66.53 -47.15
C THR L 145 -6.77 -66.87 -48.58
N GLU L 146 -7.61 -66.48 -49.54
CA GLU L 146 -7.30 -66.77 -50.95
C GLU L 146 -6.60 -65.56 -51.54
N PHE L 147 -6.44 -64.50 -50.76
CA PHE L 147 -5.86 -63.27 -51.36
C PHE L 147 -5.01 -62.41 -50.44
N THR L 148 -4.04 -61.74 -51.06
CA THR L 148 -3.24 -60.76 -50.31
C THR L 148 -3.97 -59.44 -50.49
N THR L 149 -4.08 -58.67 -49.44
CA THR L 149 -4.85 -57.44 -49.39
C THR L 149 -3.88 -56.27 -49.25
N ILE L 150 -3.93 -55.36 -50.21
CA ILE L 150 -3.15 -54.12 -50.19
C ILE L 150 -4.13 -52.99 -50.02
N LEU L 151 -3.94 -52.17 -48.98
CA LEU L 151 -4.82 -51.04 -48.75
C LEU L 151 -4.22 -49.82 -49.42
N TYR L 152 -5.00 -49.15 -50.24
CA TYR L 152 -4.50 -48.00 -50.95
C TYR L 152 -5.36 -46.79 -50.62
N ASN L 153 -4.71 -45.63 -50.54
CA ASN L 153 -5.39 -44.35 -50.46
C ASN L 153 -5.06 -43.52 -51.69
N PHE L 154 -5.99 -42.72 -52.14
CA PHE L 154 -5.80 -41.85 -53.27
C PHE L 154 -5.96 -40.44 -52.74
N MET L 155 -4.95 -39.60 -52.88
CA MET L 155 -5.02 -38.31 -52.21
C MET L 155 -5.51 -37.09 -52.94
N CYS L 156 -6.02 -37.27 -54.15
CA CYS L 156 -6.62 -36.14 -54.83
C CYS L 156 -7.85 -36.57 -55.57
N ASN L 157 -8.84 -35.71 -55.63
CA ASN L 157 -10.03 -36.03 -56.38
C ASN L 157 -9.69 -35.90 -57.84
N SER L 158 -10.15 -36.85 -58.65
CA SER L 158 -9.93 -36.76 -60.08
C SER L 158 -10.25 -35.38 -60.59
N SER L 159 -11.27 -34.72 -60.02
CA SER L 159 -11.66 -33.39 -60.55
C SER L 159 -10.78 -32.23 -60.07
N CYS L 160 -9.80 -32.48 -59.19
CA CYS L 160 -8.96 -31.38 -58.71
C CYS L 160 -8.29 -30.59 -59.82
N VAL L 161 -8.70 -29.34 -60.00
CA VAL L 161 -7.88 -28.39 -60.74
C VAL L 161 -6.51 -28.25 -60.10
N GLY L 162 -5.51 -27.94 -60.95
CA GLY L 162 -4.13 -27.94 -60.53
C GLY L 162 -3.53 -29.32 -60.44
N GLY L 163 -4.37 -30.35 -60.35
CA GLY L 163 -3.91 -31.71 -60.43
C GLY L 163 -4.45 -32.42 -61.65
N MET L 164 -5.15 -33.52 -61.41
CA MET L 164 -5.64 -34.31 -62.52
C MET L 164 -6.63 -33.53 -63.39
N ASN L 165 -7.29 -32.52 -62.83
CA ASN L 165 -8.20 -31.64 -63.56
C ASN L 165 -9.15 -32.45 -64.45
N ARG L 166 -10.03 -33.18 -63.75
CA ARG L 166 -11.08 -34.03 -64.31
C ARG L 166 -10.56 -35.06 -65.33
N ARG L 167 -9.25 -35.30 -65.40
CA ARG L 167 -8.70 -36.17 -66.45
C ARG L 167 -8.71 -37.63 -65.99
N PRO L 168 -9.35 -38.54 -66.72
CA PRO L 168 -9.37 -39.94 -66.27
C PRO L 168 -7.97 -40.56 -66.32
N ILE L 169 -7.72 -41.41 -65.33
CA ILE L 169 -6.42 -42.04 -65.12
C ILE L 169 -6.61 -43.56 -65.02
N LEU L 170 -5.51 -44.28 -65.21
CA LEU L 170 -5.43 -45.71 -64.97
C LEU L 170 -4.46 -46.00 -63.84
N ILE L 171 -4.91 -46.83 -62.91
CA ILE L 171 -4.03 -47.37 -61.89
C ILE L 171 -3.45 -48.66 -62.41
N ILE L 172 -2.12 -48.75 -62.46
CA ILE L 172 -1.44 -49.97 -62.87
C ILE L 172 -0.79 -50.63 -61.67
N ILE L 173 -1.24 -51.85 -61.37
CA ILE L 173 -0.65 -52.72 -60.36
C ILE L 173 0.26 -53.69 -61.07
N THR L 174 1.54 -53.69 -60.73
CA THR L 174 2.51 -54.60 -61.34
C THR L 174 3.17 -55.44 -60.27
N LEU L 175 3.24 -56.76 -60.50
CA LEU L 175 4.03 -57.66 -59.66
C LEU L 175 5.44 -57.71 -60.23
N GLU L 176 6.46 -57.44 -59.41
CA GLU L 176 7.81 -57.43 -59.96
C GLU L 176 8.86 -57.91 -58.96
N MET L 177 10.02 -58.29 -59.53
CA MET L 177 11.22 -58.78 -58.89
C MET L 177 12.09 -57.63 -58.39
N ARG L 178 12.89 -57.90 -57.34
CA ARG L 178 13.74 -56.86 -56.77
C ARG L 178 14.61 -56.20 -57.83
N ASP L 179 15.00 -56.91 -58.88
CA ASP L 179 15.84 -56.32 -59.91
C ASP L 179 15.07 -55.29 -60.75
N GLY L 180 13.76 -55.44 -60.84
CA GLY L 180 12.94 -54.64 -61.72
C GLY L 180 12.13 -55.46 -62.70
N GLN L 181 12.50 -56.72 -62.92
CA GLN L 181 11.84 -57.55 -63.91
C GLN L 181 10.39 -57.78 -63.52
N VAL L 182 9.50 -57.58 -64.47
CA VAL L 182 8.06 -57.64 -64.24
C VAL L 182 7.58 -59.09 -64.32
N LEU L 183 6.83 -59.52 -63.30
CA LEU L 183 6.26 -60.86 -63.23
C LEU L 183 4.79 -60.91 -63.61
N GLY L 184 4.15 -59.76 -63.69
CA GLY L 184 2.72 -59.66 -63.89
C GLY L 184 2.26 -58.24 -63.73
N ARG L 185 1.17 -57.89 -64.41
CA ARG L 185 0.72 -56.51 -64.45
C ARG L 185 -0.77 -56.44 -64.77
N ARG L 186 -1.50 -55.72 -63.93
CA ARG L 186 -2.94 -55.46 -64.12
C ARG L 186 -3.21 -53.97 -64.01
N SER L 187 -4.19 -53.50 -64.76
CA SER L 187 -4.56 -52.08 -64.73
C SER L 187 -6.08 -51.96 -64.71
N PHE L 188 -6.55 -50.85 -64.16
CA PHE L 188 -7.97 -50.53 -64.08
C PHE L 188 -8.15 -49.01 -63.98
N GLU L 189 -9.18 -48.47 -64.63
CA GLU L 189 -9.40 -47.04 -64.59
C GLU L 189 -9.85 -46.62 -63.19
N GLY L 190 -9.38 -45.45 -62.76
CA GLY L 190 -9.75 -44.90 -61.47
C GLY L 190 -10.51 -43.59 -61.57
N ARG L 191 -11.46 -43.40 -60.66
CA ARG L 191 -12.13 -42.12 -60.48
C ARG L 191 -12.26 -41.84 -59.00
N ILE L 192 -11.54 -40.83 -58.54
CA ILE L 192 -11.63 -40.42 -57.14
C ILE L 192 -12.62 -39.27 -57.07
N CYS L 193 -13.68 -39.44 -56.30
CA CYS L 193 -14.73 -38.42 -56.28
C CYS L 193 -15.42 -38.37 -54.91
N ALA L 194 -16.48 -37.57 -54.83
CA ALA L 194 -17.22 -37.34 -53.58
C ALA L 194 -18.33 -38.35 -53.34
N CYS L 195 -19.00 -38.82 -54.40
CA CYS L 195 -20.08 -39.79 -54.29
C CYS L 195 -19.87 -40.92 -55.28
N PRO L 196 -18.96 -41.85 -54.97
CA PRO L 196 -18.68 -42.97 -55.92
C PRO L 196 -19.91 -43.73 -56.42
N GLY L 197 -20.90 -43.96 -55.55
CA GLY L 197 -22.13 -44.63 -55.95
C GLY L 197 -22.84 -43.91 -57.07
N ARG L 198 -23.11 -42.62 -56.90
CA ARG L 198 -23.81 -41.88 -57.99
C ARG L 198 -23.01 -41.92 -59.29
N ASP L 199 -21.71 -41.71 -59.22
CA ASP L 199 -20.92 -41.54 -60.42
C ASP L 199 -20.81 -42.85 -61.20
N ARG L 200 -20.79 -43.98 -60.49
CA ARG L 200 -20.80 -45.27 -61.17
C ARG L 200 -22.14 -45.50 -61.87
N LYS L 201 -23.25 -45.30 -61.17
CA LYS L 201 -24.56 -45.36 -61.82
C LYS L 201 -24.61 -44.53 -63.09
N ALA L 202 -24.26 -43.24 -62.96
CA ALA L 202 -24.27 -42.38 -64.12
C ALA L 202 -23.32 -42.89 -65.17
N ASP L 203 -22.26 -43.58 -64.78
CA ASP L 203 -21.36 -44.07 -65.80
C ASP L 203 -21.96 -45.26 -66.52
N GLU L 204 -22.62 -46.15 -65.78
CA GLU L 204 -23.18 -47.35 -66.39
C GLU L 204 -24.42 -47.04 -67.22
N ASP L 205 -25.24 -46.07 -66.81
CA ASP L 205 -26.42 -45.78 -67.63
C ASP L 205 -26.03 -45.12 -68.93
N HIS L 206 -24.90 -44.44 -68.92
CA HIS L 206 -24.46 -43.71 -70.14
C HIS L 206 -23.60 -44.62 -71.00
N TYR L 207 -23.34 -45.85 -70.55
CA TYR L 207 -22.59 -46.76 -71.39
C TYR L 207 -23.46 -47.40 -72.46
N ARG L 208 -24.79 -47.31 -72.32
CA ARG L 208 -25.75 -47.85 -73.28
C ARG L 208 -25.47 -47.30 -74.70
N HIS M 10 18.65 -35.22 -34.39
CA HIS M 10 19.71 -34.32 -33.98
C HIS M 10 19.88 -33.13 -34.91
N GLU M 11 18.99 -32.14 -34.79
CA GLU M 11 19.04 -30.91 -35.60
C GLU M 11 20.03 -29.92 -34.96
N PHE M 12 20.31 -28.81 -35.68
CA PHE M 12 21.30 -27.81 -35.22
C PHE M 12 20.65 -26.81 -34.27
N ILE M 13 19.83 -25.91 -34.80
CA ILE M 13 19.24 -24.87 -33.95
C ILE M 13 18.18 -25.50 -33.06
N PRO M 14 18.39 -25.50 -31.75
CA PRO M 14 17.45 -26.18 -30.84
C PRO M 14 16.06 -25.58 -30.97
N SER M 15 15.08 -26.44 -31.25
CA SER M 15 13.77 -25.93 -31.61
C SER M 15 13.04 -25.48 -30.36
N ASN M 16 12.30 -24.39 -30.49
CA ASN M 16 11.67 -23.73 -29.37
C ASN M 16 10.14 -23.76 -29.44
N THR M 17 9.57 -24.33 -30.49
CA THR M 17 8.13 -24.40 -30.60
C THR M 17 7.55 -25.31 -29.52
N ASP M 18 6.42 -24.92 -28.97
CA ASP M 18 5.78 -25.80 -28.02
C ASP M 18 5.24 -27.05 -28.71
N TYR M 19 5.12 -28.13 -27.95
CA TYR M 19 4.70 -29.43 -28.45
C TYR M 19 4.14 -30.29 -27.31
N PRO M 20 2.82 -30.33 -27.15
CA PRO M 20 2.21 -31.19 -26.11
C PRO M 20 2.46 -32.67 -26.31
N GLY M 21 2.32 -33.16 -27.54
CA GLY M 21 2.55 -34.55 -27.85
C GLY M 21 1.51 -35.48 -27.24
N PRO M 22 1.80 -36.79 -27.33
CA PRO M 22 0.80 -37.80 -26.91
C PRO M 22 0.47 -37.76 -25.43
N HIS M 23 1.22 -37.03 -24.61
CA HIS M 23 1.01 -37.01 -23.18
C HIS M 23 0.50 -35.66 -22.69
N HIS M 24 0.15 -34.75 -23.60
CA HIS M 24 -0.26 -33.40 -23.29
C HIS M 24 0.64 -32.80 -22.19
N PHE M 25 1.93 -32.79 -22.47
CA PHE M 25 2.88 -32.15 -21.58
C PHE M 25 2.57 -30.67 -21.47
N GLU M 26 2.27 -30.23 -20.25
CA GLU M 26 2.05 -28.82 -19.95
C GLU M 26 3.07 -28.34 -18.93
N VAL M 27 3.57 -27.12 -19.10
CA VAL M 27 4.45 -26.51 -18.12
C VAL M 27 3.83 -25.22 -17.64
N THR M 28 3.66 -25.13 -16.33
CA THR M 28 2.89 -24.06 -15.70
C THR M 28 3.61 -23.61 -14.42
N PHE M 29 3.20 -22.44 -13.92
CA PHE M 29 3.79 -21.81 -12.74
C PHE M 29 2.74 -21.57 -11.66
N GLN M 30 3.12 -21.74 -10.40
CA GLN M 30 2.21 -21.42 -9.30
C GLN M 30 2.07 -19.91 -9.13
N GLN M 31 1.15 -19.54 -8.25
CA GLN M 31 0.90 -18.12 -7.91
C GLN M 31 2.23 -17.50 -7.45
N SER M 32 2.49 -16.30 -7.95
CA SER M 32 3.74 -15.64 -7.61
C SER M 32 3.54 -14.29 -6.99
N SER M 33 4.40 -13.97 -6.04
CA SER M 33 4.35 -12.66 -5.33
C SER M 33 4.77 -11.52 -6.26
N THR M 34 3.93 -10.48 -6.37
CA THR M 34 4.26 -9.31 -7.16
C THR M 34 5.15 -8.31 -6.41
N ALA M 35 5.85 -8.76 -5.35
CA ALA M 35 6.72 -7.87 -4.58
C ALA M 35 7.90 -7.41 -5.42
N LYS M 36 8.36 -6.20 -5.20
CA LYS M 36 9.46 -5.67 -6.01
C LYS M 36 10.65 -6.61 -6.04
N SER M 37 11.04 -7.14 -4.90
CA SER M 37 12.18 -8.02 -4.83
C SER M 37 11.73 -9.44 -4.56
N ALA M 38 10.54 -9.80 -5.02
CA ALA M 38 10.04 -11.16 -4.89
C ALA M 38 10.98 -12.15 -5.56
N THR M 39 11.25 -13.26 -4.88
CA THR M 39 12.23 -14.23 -5.39
C THR M 39 11.99 -14.58 -6.87
N TRP M 40 10.75 -14.76 -7.28
CA TRP M 40 10.47 -14.93 -8.70
C TRP M 40 9.06 -14.48 -9.00
N THR M 41 8.75 -14.31 -10.29
CA THR M 41 7.37 -14.06 -10.72
C THR M 41 7.25 -14.38 -12.21
N TYR M 42 6.04 -14.74 -12.63
CA TYR M 42 5.77 -15.16 -14.00
C TYR M 42 4.69 -14.29 -14.60
N SER M 43 4.88 -13.90 -15.86
CA SER M 43 3.94 -13.01 -16.56
C SER M 43 3.15 -13.73 -17.65
N PRO M 44 1.86 -14.01 -17.45
CA PRO M 44 1.10 -14.65 -18.51
C PRO M 44 0.98 -13.77 -19.72
N LEU M 45 0.73 -12.48 -19.49
CA LEU M 45 0.68 -11.51 -20.57
C LEU M 45 1.89 -11.66 -21.48
N LEU M 46 3.09 -11.75 -20.89
CA LEU M 46 4.29 -11.79 -21.70
C LEU M 46 4.89 -13.18 -21.86
N LYS M 47 4.36 -14.19 -21.17
CA LYS M 47 4.95 -15.54 -21.17
C LYS M 47 6.42 -15.47 -20.80
N LYS M 48 6.69 -14.78 -19.70
CA LYS M 48 8.05 -14.41 -19.32
C LYS M 48 8.24 -14.64 -17.82
N LEU M 49 9.35 -15.26 -17.47
CA LEU M 49 9.66 -15.67 -16.10
C LEU M 49 10.78 -14.78 -15.58
N TYR M 50 10.56 -14.11 -14.47
CA TYR M 50 11.58 -13.31 -13.81
C TYR M 50 11.97 -14.01 -12.52
N CYS M 51 13.27 -14.23 -12.30
CA CYS M 51 13.72 -14.70 -10.98
C CYS M 51 15.12 -14.23 -10.68
N GLN M 52 15.43 -14.21 -9.40
CA GLN M 52 16.73 -13.72 -8.91
C GLN M 52 17.79 -14.78 -9.10
N ILE M 53 19.03 -14.32 -9.14
CA ILE M 53 20.14 -15.23 -9.31
C ILE M 53 20.21 -16.17 -8.12
N ALA M 54 20.31 -17.48 -8.41
CA ALA M 54 20.52 -18.52 -7.41
C ALA M 54 19.36 -18.69 -6.43
N LYS M 55 18.16 -18.25 -6.76
CA LYS M 55 17.01 -18.49 -5.91
C LYS M 55 16.17 -19.65 -6.44
N THR M 56 15.42 -20.26 -5.53
CA THR M 56 14.54 -21.39 -5.81
C THR M 56 13.40 -20.98 -6.72
N CYS M 57 13.36 -21.50 -7.95
CA CYS M 57 12.29 -21.16 -8.87
C CYS M 57 11.48 -22.41 -9.25
N PRO M 58 10.33 -22.65 -8.64
CA PRO M 58 9.62 -23.91 -8.88
C PRO M 58 8.84 -23.87 -10.20
N ILE M 59 8.94 -24.98 -10.93
CA ILE M 59 8.25 -25.18 -12.19
C ILE M 59 7.35 -26.40 -12.08
N GLN M 60 6.17 -26.32 -12.65
CA GLN M 60 5.19 -27.39 -12.50
C GLN M 60 5.06 -28.10 -13.84
N ILE M 61 5.34 -29.40 -13.83
CA ILE M 61 5.13 -30.30 -14.95
C ILE M 61 3.76 -30.95 -14.78
N LYS M 62 2.99 -31.03 -15.86
CA LYS M 62 1.79 -31.86 -15.81
C LYS M 62 1.75 -32.71 -17.07
N VAL M 63 1.15 -33.89 -16.94
CA VAL M 63 0.89 -34.77 -18.08
C VAL M 63 -0.46 -35.43 -17.86
N SER M 64 -1.12 -35.80 -18.95
CA SER M 64 -2.43 -36.44 -18.79
C SER M 64 -2.35 -37.96 -18.73
N THR M 65 -1.30 -38.55 -19.32
CA THR M 65 -1.06 -39.98 -19.39
C THR M 65 0.40 -40.21 -19.04
N PRO M 66 0.69 -41.18 -18.18
CA PRO M 66 2.07 -41.33 -17.65
C PRO M 66 3.01 -41.69 -18.76
N PRO M 67 4.20 -41.07 -18.81
CA PRO M 67 5.15 -41.33 -19.90
C PRO M 67 5.93 -42.62 -19.67
N PRO M 68 6.50 -43.23 -20.72
CA PRO M 68 7.17 -44.54 -20.57
C PRO M 68 8.28 -44.48 -19.55
N PRO M 69 8.67 -45.60 -18.93
CA PRO M 69 9.78 -45.58 -17.99
C PRO M 69 11.04 -45.11 -18.69
N GLY M 70 11.96 -44.54 -17.92
CA GLY M 70 13.17 -43.98 -18.49
C GLY M 70 12.99 -42.62 -19.10
N THR M 71 11.88 -41.96 -18.76
CA THR M 71 11.60 -40.62 -19.32
C THR M 71 12.34 -39.58 -18.49
N ALA M 72 12.79 -38.51 -19.12
CA ALA M 72 13.55 -37.50 -18.40
C ALA M 72 13.11 -36.12 -18.86
N ILE M 73 13.38 -35.11 -18.03
CA ILE M 73 13.05 -33.74 -18.39
C ILE M 73 14.30 -32.90 -18.40
N ARG M 74 14.47 -32.17 -19.49
CA ARG M 74 15.67 -31.41 -19.84
C ARG M 74 15.31 -29.94 -19.94
N ALA M 75 16.04 -29.13 -19.21
CA ALA M 75 15.94 -27.70 -19.28
C ALA M 75 17.23 -27.19 -19.91
N MET M 76 17.09 -26.44 -21.00
CA MET M 76 18.19 -25.81 -21.71
C MET M 76 17.88 -24.37 -22.05
N PRO M 77 18.79 -23.44 -21.77
CA PRO M 77 18.57 -22.04 -22.15
C PRO M 77 19.02 -21.79 -23.58
N VAL M 78 18.25 -20.98 -24.28
CA VAL M 78 18.57 -20.60 -25.65
C VAL M 78 18.29 -19.11 -25.81
N TYR M 79 19.22 -18.41 -26.43
CA TYR M 79 19.00 -17.01 -26.79
C TYR M 79 17.79 -16.88 -27.71
N LYS M 80 17.09 -15.75 -27.56
CA LYS M 80 15.80 -15.53 -28.21
C LYS M 80 15.97 -14.91 -29.61
N LYS M 81 16.81 -13.88 -29.73
CA LYS M 81 16.97 -13.21 -31.01
C LYS M 81 17.71 -14.11 -31.99
N ALA M 82 17.24 -14.10 -33.23
CA ALA M 82 17.89 -14.81 -34.33
C ALA M 82 19.37 -14.45 -34.49
N GLU M 83 19.78 -13.26 -34.04
CA GLU M 83 21.17 -12.81 -34.17
C GLU M 83 22.12 -13.66 -33.34
N HIS M 84 21.62 -14.20 -32.22
CA HIS M 84 22.45 -14.81 -31.20
C HIS M 84 22.17 -16.29 -30.99
N VAL M 85 21.31 -16.90 -31.80
CA VAL M 85 20.80 -18.23 -31.49
C VAL M 85 21.94 -19.24 -31.46
N THR M 86 22.90 -19.06 -32.35
CA THR M 86 24.06 -19.96 -32.46
C THR M 86 24.99 -19.84 -31.26
N ASP M 87 24.84 -18.81 -30.43
CA ASP M 87 25.71 -18.62 -29.27
C ASP M 87 25.19 -19.47 -28.11
N VAL M 88 26.04 -20.36 -27.60
CA VAL M 88 25.63 -21.22 -26.49
C VAL M 88 25.56 -20.39 -25.20
N VAL M 89 24.53 -20.62 -24.41
CA VAL M 89 24.36 -19.82 -23.22
C VAL M 89 25.11 -20.40 -22.08
N LYS M 90 25.97 -19.61 -21.47
CA LYS M 90 26.76 -20.10 -20.37
C LYS M 90 26.88 -19.01 -19.38
N ARG M 91 27.47 -19.33 -18.25
CA ARG M 91 27.63 -18.31 -17.23
C ARG M 91 28.71 -17.33 -17.62
N CYS M 92 28.66 -16.16 -17.00
CA CYS M 92 29.69 -15.14 -17.21
C CYS M 92 31.01 -15.57 -16.57
N PRO M 93 32.15 -15.17 -17.16
CA PRO M 93 33.44 -15.40 -16.50
C PRO M 93 33.49 -14.93 -15.05
N ASN M 94 32.77 -13.88 -14.71
CA ASN M 94 32.72 -13.44 -13.31
C ASN M 94 32.17 -14.54 -12.42
N HIS M 95 30.92 -14.94 -12.66
CA HIS M 95 30.29 -15.93 -11.79
C HIS M 95 30.88 -17.32 -11.96
N GLU M 96 31.33 -17.67 -13.17
CA GLU M 96 31.92 -18.98 -13.40
C GLU M 96 33.13 -19.21 -12.51
N LEU M 97 33.95 -18.19 -12.29
CA LEU M 97 35.19 -18.32 -11.52
C LEU M 97 35.10 -17.75 -10.11
N GLY M 98 34.02 -17.06 -9.76
CA GLY M 98 33.88 -16.44 -8.47
C GLY M 98 33.73 -17.44 -7.34
N ARG M 99 33.50 -16.91 -6.15
CA ARG M 99 33.40 -17.73 -4.96
C ARG M 99 31.98 -18.10 -4.61
N ASP M 100 31.06 -17.20 -4.87
CA ASP M 100 29.67 -17.44 -4.53
C ASP M 100 29.14 -18.65 -5.28
N PHE M 101 28.47 -19.49 -4.49
CA PHE M 101 27.80 -20.76 -4.87
C PHE M 101 28.71 -21.63 -5.73
N ASN M 102 30.01 -21.66 -5.44
CA ASN M 102 30.91 -22.51 -6.25
C ASN M 102 31.78 -23.32 -5.30
N GLU M 103 31.21 -23.71 -4.16
CA GLU M 103 31.98 -24.50 -3.17
C GLU M 103 31.30 -25.85 -2.92
N GLY M 104 31.60 -26.83 -3.78
CA GLY M 104 31.06 -28.19 -3.59
C GLY M 104 29.77 -28.46 -4.35
N GLN M 105 29.34 -27.62 -5.31
CA GLN M 105 28.11 -28.04 -5.97
C GLN M 105 28.41 -29.16 -6.96
N SER M 106 27.36 -29.90 -7.30
CA SER M 106 27.58 -30.94 -8.29
C SER M 106 27.55 -30.39 -9.70
N ALA M 107 27.20 -29.12 -9.87
CA ALA M 107 27.09 -28.59 -11.23
C ALA M 107 28.38 -27.92 -11.67
N PRO M 108 28.76 -28.08 -12.93
CA PRO M 108 29.90 -27.33 -13.45
C PRO M 108 29.71 -25.84 -13.24
N ALA M 109 30.82 -25.14 -13.06
CA ALA M 109 30.72 -23.70 -12.88
C ALA M 109 30.33 -22.96 -14.17
N SER M 110 30.40 -23.60 -15.33
CA SER M 110 30.08 -22.93 -16.58
C SER M 110 28.60 -23.01 -16.96
N HIS M 111 27.80 -23.82 -16.29
CA HIS M 111 26.42 -24.05 -16.68
C HIS M 111 25.50 -22.99 -16.08
N LEU M 112 24.50 -22.58 -16.87
CA LEU M 112 23.60 -21.50 -16.45
C LEU M 112 22.47 -22.00 -15.56
N ILE M 113 21.76 -23.06 -15.99
CA ILE M 113 20.60 -23.61 -15.29
C ILE M 113 21.06 -24.74 -14.36
N ARG M 114 20.47 -24.82 -13.17
CA ARG M 114 20.77 -25.87 -12.19
C ARG M 114 19.47 -26.34 -11.59
N VAL M 115 19.49 -27.55 -11.02
CA VAL M 115 18.34 -28.04 -10.27
C VAL M 115 18.72 -28.09 -8.80
N GLU M 116 17.73 -27.79 -7.96
CA GLU M 116 17.88 -27.72 -6.52
C GLU M 116 17.06 -28.84 -5.91
N GLY M 117 17.71 -29.70 -5.13
CA GLY M 117 17.00 -30.78 -4.48
C GLY M 117 16.88 -32.06 -5.25
N ASN M 118 17.87 -32.40 -6.08
CA ASN M 118 17.85 -33.65 -6.83
C ASN M 118 19.28 -34.11 -7.05
N ASN M 119 19.66 -35.22 -6.42
CA ASN M 119 20.99 -35.78 -6.59
C ASN M 119 21.11 -36.66 -7.84
N LEU M 120 19.99 -36.90 -8.52
CA LEU M 120 19.98 -37.79 -9.67
C LEU M 120 20.18 -37.04 -10.96
N SER M 121 20.39 -35.73 -10.90
CA SER M 121 20.44 -34.93 -12.12
C SER M 121 21.83 -35.02 -12.72
N GLN M 122 21.88 -34.93 -14.05
CA GLN M 122 23.15 -34.91 -14.78
C GLN M 122 23.18 -33.68 -15.70
N TYR M 123 24.37 -33.05 -15.79
CA TYR M 123 24.59 -31.84 -16.58
C TYR M 123 25.41 -32.21 -17.80
N VAL M 124 24.86 -31.96 -18.99
CA VAL M 124 25.35 -32.55 -20.24
C VAL M 124 26.06 -31.46 -21.04
N ASP M 125 27.31 -31.74 -21.47
CA ASP M 125 28.00 -30.87 -22.45
C ASP M 125 28.14 -31.63 -23.78
N ASP M 126 27.22 -31.38 -24.69
CA ASP M 126 27.28 -31.93 -26.03
C ASP M 126 28.64 -31.68 -26.66
N PRO M 127 29.33 -32.70 -27.15
CA PRO M 127 30.66 -32.45 -27.73
C PRO M 127 30.58 -31.83 -29.12
N VAL M 128 29.46 -32.11 -29.79
CA VAL M 128 29.24 -31.56 -31.15
C VAL M 128 28.58 -30.18 -31.06
N THR M 129 27.38 -30.08 -30.50
CA THR M 129 26.73 -28.77 -30.47
C THR M 129 27.33 -27.84 -29.41
N GLY M 130 28.18 -28.35 -28.52
CA GLY M 130 28.68 -27.57 -27.41
C GLY M 130 27.64 -27.12 -26.40
N ARG M 131 26.36 -27.44 -26.64
CA ARG M 131 25.25 -26.95 -25.83
C ARG M 131 25.31 -27.49 -24.41
N GLN M 132 24.76 -26.71 -23.47
CA GLN M 132 24.79 -27.02 -22.05
C GLN M 132 23.37 -27.11 -21.49
N SER M 133 23.03 -28.26 -20.90
CA SER M 133 21.65 -28.52 -20.48
C SER M 133 21.66 -29.32 -19.19
N VAL M 134 20.51 -29.37 -18.52
CA VAL M 134 20.39 -30.10 -17.26
C VAL M 134 19.20 -31.03 -17.39
N VAL M 135 19.34 -32.26 -16.89
CA VAL M 135 18.34 -33.30 -17.12
C VAL M 135 18.04 -34.00 -15.80
N VAL M 136 16.78 -34.25 -15.54
CA VAL M 136 16.42 -35.03 -14.36
C VAL M 136 15.55 -36.19 -14.83
N PRO M 137 15.62 -37.36 -14.18
CA PRO M 137 14.65 -38.40 -14.51
C PRO M 137 13.27 -37.99 -14.05
N TYR M 138 12.27 -38.26 -14.89
CA TYR M 138 10.91 -37.82 -14.64
C TYR M 138 10.28 -38.60 -13.51
N GLU M 139 9.65 -37.88 -12.59
CA GLU M 139 8.94 -38.52 -11.50
C GLU M 139 7.46 -38.16 -11.59
N PRO M 140 6.57 -39.15 -11.48
CA PRO M 140 5.14 -38.86 -11.39
C PRO M 140 4.85 -37.94 -10.23
N PRO M 141 3.71 -37.25 -10.23
CA PRO M 141 3.43 -36.32 -9.14
C PRO M 141 3.14 -37.07 -7.85
N GLN M 142 3.38 -36.38 -6.74
CA GLN M 142 3.13 -36.94 -5.42
C GLN M 142 1.63 -37.10 -5.21
N VAL M 143 1.23 -38.08 -4.38
CA VAL M 143 -0.20 -38.37 -4.22
C VAL M 143 -0.93 -37.13 -3.73
N GLY M 144 -2.07 -36.82 -4.37
CA GLY M 144 -2.87 -35.68 -4.05
C GLY M 144 -2.53 -34.43 -4.83
N THR M 145 -1.26 -34.25 -5.17
CA THR M 145 -0.89 -33.17 -6.09
C THR M 145 -1.29 -33.56 -7.52
N GLU M 146 -1.49 -32.54 -8.36
CA GLU M 146 -1.67 -32.74 -9.81
C GLU M 146 -0.38 -32.62 -10.60
N PHE M 147 0.64 -31.97 -10.08
CA PHE M 147 1.80 -31.61 -10.87
C PHE M 147 3.03 -32.26 -10.29
N THR M 148 4.05 -32.39 -11.13
CA THR M 148 5.40 -32.68 -10.69
C THR M 148 6.14 -31.34 -10.64
N THR M 149 6.74 -31.04 -9.50
CA THR M 149 7.48 -29.80 -9.33
C THR M 149 8.96 -30.09 -9.46
N ILE M 150 9.63 -29.34 -10.34
CA ILE M 150 11.08 -29.35 -10.47
C ILE M 150 11.59 -28.02 -9.95
N LEU M 151 12.67 -28.03 -9.19
CA LEU M 151 13.19 -26.80 -8.59
C LEU M 151 14.41 -26.37 -9.41
N TYR M 152 14.38 -25.18 -10.00
CA TYR M 152 15.53 -24.71 -10.81
C TYR M 152 16.27 -23.58 -10.13
N ASN M 153 17.47 -23.35 -10.64
CA ASN M 153 18.29 -22.24 -10.23
C ASN M 153 18.97 -21.64 -11.44
N PHE M 154 19.06 -20.33 -11.48
CA PHE M 154 19.69 -19.67 -12.61
C PHE M 154 20.90 -18.88 -12.13
N MET M 155 22.09 -19.27 -12.60
CA MET M 155 23.37 -18.77 -12.01
C MET M 155 23.94 -17.43 -12.50
N CYS M 156 23.39 -16.80 -13.54
CA CYS M 156 23.80 -15.47 -13.99
C CYS M 156 22.59 -14.61 -14.27
N ASN M 157 22.73 -13.32 -13.95
CA ASN M 157 21.72 -12.35 -14.31
C ASN M 157 21.78 -12.12 -15.81
N SER M 158 20.61 -12.01 -16.46
CA SER M 158 20.59 -11.79 -17.91
C SER M 158 21.46 -10.58 -18.26
N SER M 159 21.47 -9.58 -17.39
CA SER M 159 22.25 -8.33 -17.60
C SER M 159 23.76 -8.55 -17.58
N CYS M 160 24.25 -9.49 -16.77
CA CYS M 160 25.72 -9.57 -16.59
C CYS M 160 26.47 -9.69 -17.90
N VAL M 161 27.51 -8.85 -18.06
CA VAL M 161 28.34 -8.82 -19.29
C VAL M 161 29.30 -10.01 -19.25
N GLY M 162 29.77 -10.44 -20.42
CA GLY M 162 30.69 -11.59 -20.51
C GLY M 162 29.86 -12.85 -20.60
N GLY M 163 28.58 -12.72 -20.27
CA GLY M 163 27.68 -13.87 -20.41
C GLY M 163 26.59 -13.55 -21.41
N MET M 164 25.41 -13.22 -20.93
CA MET M 164 24.26 -12.99 -21.82
C MET M 164 24.22 -11.53 -22.28
N ASN M 165 25.14 -10.68 -21.85
CA ASN M 165 25.07 -9.26 -22.15
C ASN M 165 23.73 -8.82 -21.70
N ARG M 166 22.82 -8.46 -22.56
CA ARG M 166 21.50 -8.12 -22.07
C ARG M 166 20.57 -8.83 -22.99
N ARG M 167 21.11 -9.79 -23.69
CA ARG M 167 20.32 -10.58 -24.66
C ARG M 167 19.24 -11.39 -23.95
N PRO M 168 18.00 -11.42 -24.48
CA PRO M 168 16.94 -12.20 -23.90
C PRO M 168 17.15 -13.70 -24.11
N ILE M 169 16.71 -14.56 -23.19
CA ILE M 169 16.83 -15.99 -23.44
C ILE M 169 15.46 -16.64 -23.35
N LEU M 170 15.41 -17.86 -23.85
CA LEU M 170 14.30 -18.76 -23.65
C LEU M 170 14.75 -19.93 -22.79
N ILE M 171 13.87 -20.35 -21.89
CA ILE M 171 14.03 -21.60 -21.16
C ILE M 171 13.23 -22.64 -21.91
N ILE M 172 13.89 -23.70 -22.38
CA ILE M 172 13.19 -24.74 -23.13
C ILE M 172 13.19 -26.02 -22.30
N ILE M 173 11.99 -26.45 -21.91
CA ILE M 173 11.77 -27.68 -21.12
C ILE M 173 11.28 -28.76 -22.08
N THR M 174 11.92 -29.91 -22.04
CA THR M 174 11.61 -30.97 -22.99
C THR M 174 11.48 -32.29 -22.25
N LEU M 175 10.41 -33.01 -22.57
CA LEU M 175 10.14 -34.33 -22.06
C LEU M 175 10.65 -35.32 -23.10
N GLU M 176 11.74 -36.02 -22.79
CA GLU M 176 12.38 -36.88 -23.77
C GLU M 176 12.41 -38.32 -23.28
N MET M 177 12.65 -39.26 -24.22
CA MET M 177 12.86 -40.64 -23.81
C MET M 177 14.34 -40.84 -23.46
N ARG M 178 14.67 -42.05 -23.02
CA ARG M 178 16.05 -42.36 -22.68
C ARG M 178 16.96 -42.17 -23.89
N ASP M 179 16.42 -42.43 -25.10
CA ASP M 179 17.18 -42.24 -26.33
C ASP M 179 17.36 -40.77 -26.67
N GLY M 180 16.53 -39.89 -26.13
CA GLY M 180 16.54 -38.50 -26.50
C GLY M 180 15.39 -38.10 -27.42
N GLN M 181 14.64 -39.06 -27.96
CA GLN M 181 13.41 -38.74 -28.65
C GLN M 181 12.54 -37.78 -27.85
N VAL M 182 12.05 -36.72 -28.50
CA VAL M 182 11.29 -35.68 -27.81
C VAL M 182 9.83 -36.10 -27.69
N LEU M 183 9.33 -36.11 -26.44
CA LEU M 183 7.94 -36.48 -26.19
C LEU M 183 7.03 -35.29 -25.94
N GLY M 184 7.58 -34.18 -25.43
CA GLY M 184 6.85 -32.93 -25.30
C GLY M 184 7.82 -31.80 -25.14
N ARG M 185 7.48 -30.59 -25.61
CA ARG M 185 8.35 -29.45 -25.42
C ARG M 185 7.51 -28.23 -25.04
N ARG M 186 8.01 -27.45 -24.10
CA ARG M 186 7.38 -26.21 -23.70
C ARG M 186 8.51 -25.23 -23.52
N SER M 187 8.27 -23.99 -23.93
CA SER M 187 9.24 -22.91 -23.80
C SER M 187 8.56 -21.70 -23.16
N PHE M 188 9.38 -20.72 -22.78
CA PHE M 188 8.92 -19.46 -22.22
C PHE M 188 10.15 -18.56 -22.07
N GLU M 189 9.94 -17.25 -22.18
CA GLU M 189 11.05 -16.32 -22.08
C GLU M 189 11.47 -16.18 -20.64
N GLY M 190 12.78 -16.09 -20.42
CA GLY M 190 13.35 -15.96 -19.09
C GLY M 190 14.18 -14.71 -18.93
N ARG M 191 14.13 -14.10 -17.74
CA ARG M 191 15.00 -12.98 -17.38
C ARG M 191 15.45 -13.12 -15.93
N ILE M 192 16.78 -13.14 -15.73
CA ILE M 192 17.37 -13.27 -14.40
C ILE M 192 17.75 -11.89 -13.97
N CYS M 193 17.20 -11.41 -12.86
CA CYS M 193 17.47 -10.04 -12.49
C CYS M 193 17.33 -9.90 -10.98
N ALA M 194 17.64 -8.70 -10.51
CA ALA M 194 17.66 -8.44 -9.08
C ALA M 194 16.26 -8.21 -8.53
N CYS M 195 15.37 -7.67 -9.33
CA CYS M 195 14.07 -7.22 -8.83
C CYS M 195 12.99 -7.69 -9.79
N PRO M 196 12.66 -8.98 -9.78
CA PRO M 196 11.66 -9.49 -10.72
C PRO M 196 10.37 -8.68 -10.72
N GLY M 197 9.85 -8.33 -9.54
CA GLY M 197 8.59 -7.63 -9.50
C GLY M 197 8.66 -6.28 -10.16
N ARG M 198 9.77 -5.57 -9.96
CA ARG M 198 9.94 -4.26 -10.58
C ARG M 198 9.96 -4.36 -12.09
N ASP M 199 10.61 -5.40 -12.60
CA ASP M 199 10.83 -5.55 -14.01
C ASP M 199 9.64 -6.17 -14.69
N ARG M 200 8.89 -7.00 -13.97
CA ARG M 200 7.64 -7.49 -14.53
C ARG M 200 6.67 -6.33 -14.77
N LYS M 201 6.49 -5.43 -13.80
CA LYS M 201 5.52 -4.36 -14.05
C LYS M 201 6.06 -3.36 -15.07
N ALA M 202 7.35 -3.03 -14.98
CA ALA M 202 8.03 -2.32 -16.06
C ALA M 202 7.60 -2.83 -17.43
N ASP M 203 7.87 -4.12 -17.68
CA ASP M 203 7.66 -4.70 -19.00
C ASP M 203 6.19 -4.74 -19.38
N GLU M 204 5.33 -5.10 -18.45
CA GLU M 204 3.90 -5.13 -18.76
C GLU M 204 3.38 -3.71 -19.03
N ASP M 205 3.85 -2.73 -18.27
CA ASP M 205 3.39 -1.37 -18.54
C ASP M 205 3.90 -0.89 -19.88
N HIS M 206 5.03 -1.38 -20.34
CA HIS M 206 5.49 -1.02 -21.65
C HIS M 206 4.57 -1.61 -22.70
N TYR M 207 4.16 -2.87 -22.51
CA TYR M 207 3.27 -3.49 -23.48
C TYR M 207 2.05 -2.64 -23.78
N ARG M 208 1.27 -2.34 -22.75
CA ARG M 208 -0.03 -1.64 -22.96
C ARG M 208 0.17 -0.17 -23.36
N GLU M 209 1.41 0.26 -23.53
CA GLU M 209 1.68 1.66 -23.96
C GLU M 209 1.86 1.71 -25.48
N GLN M 210 2.72 0.85 -26.03
CA GLN M 210 2.87 0.76 -27.48
C GLN M 210 3.07 -0.72 -27.91
N PRO N 14 52.56 -2.09 -0.26
CA PRO N 14 52.93 -0.96 -1.12
C PRO N 14 52.89 0.35 -0.35
N SER N 15 53.78 1.29 -0.69
CA SER N 15 53.92 2.55 0.04
C SER N 15 53.09 3.64 -0.61
N ASN N 16 52.49 4.49 0.21
CA ASN N 16 51.69 5.60 -0.25
C ASN N 16 52.32 6.94 0.08
N THR N 17 53.46 6.95 0.77
CA THR N 17 53.99 8.18 1.33
C THR N 17 54.47 9.11 0.22
N ASP N 18 53.87 10.31 0.14
CA ASP N 18 54.31 11.36 -0.75
C ASP N 18 55.73 11.81 -0.41
N TYR N 19 56.70 11.46 -1.25
CA TYR N 19 58.12 11.74 -0.98
C TYR N 19 58.80 12.15 -2.28
N PRO N 20 58.80 13.46 -2.62
CA PRO N 20 59.60 13.91 -3.77
C PRO N 20 61.10 13.65 -3.78
N GLY N 21 61.77 13.95 -2.68
CA GLY N 21 63.18 13.66 -2.64
C GLY N 21 64.01 14.66 -3.41
N PRO N 22 65.13 14.23 -4.05
CA PRO N 22 65.94 15.27 -4.70
C PRO N 22 65.19 16.06 -5.78
N HIS N 23 64.64 15.38 -6.77
CA HIS N 23 63.96 16.07 -7.86
C HIS N 23 62.53 16.40 -7.47
N HIS N 24 61.96 17.46 -8.07
CA HIS N 24 60.60 17.87 -7.72
C HIS N 24 59.49 16.87 -8.01
N PHE N 25 59.60 16.12 -9.12
CA PHE N 25 58.59 15.13 -9.51
C PHE N 25 57.17 15.64 -9.30
N GLU N 26 56.81 16.71 -10.01
CA GLU N 26 55.46 17.26 -9.91
C GLU N 26 54.54 16.61 -10.93
N VAL N 27 53.45 15.99 -10.46
CA VAL N 27 52.54 15.30 -11.37
C VAL N 27 51.36 16.21 -11.60
N THR N 28 51.12 16.60 -12.85
CA THR N 28 50.09 17.58 -13.12
C THR N 28 49.22 17.03 -14.25
N PHE N 29 47.98 17.47 -14.41
CA PHE N 29 47.15 17.06 -15.56
C PHE N 29 46.85 18.35 -16.33
N GLN N 30 46.76 18.34 -17.67
CA GLN N 30 46.40 19.53 -18.42
C GLN N 30 44.90 19.79 -18.28
N GLN N 31 44.50 20.98 -18.72
CA GLN N 31 43.09 21.35 -18.69
C GLN N 31 42.27 20.26 -19.33
N SER N 32 41.21 19.88 -18.65
CA SER N 32 40.38 18.76 -19.06
C SER N 32 38.99 19.26 -19.43
N SER N 33 38.30 18.48 -20.25
CA SER N 33 36.95 18.79 -20.70
C SER N 33 35.93 18.54 -19.59
N THR N 34 34.80 19.23 -19.63
CA THR N 34 33.84 19.02 -18.52
C THR N 34 32.55 18.37 -19.03
N ALA N 35 32.59 17.77 -20.21
CA ALA N 35 31.42 17.05 -20.72
C ALA N 35 31.08 15.84 -19.87
N LYS N 36 29.79 15.47 -19.87
CA LYS N 36 29.30 14.42 -19.00
C LYS N 36 30.02 13.10 -19.25
N SER N 37 30.01 12.61 -20.49
CA SER N 37 30.87 11.46 -20.84
C SER N 37 32.15 11.91 -21.56
N ALA N 38 32.89 12.85 -20.99
CA ALA N 38 34.25 13.09 -21.45
C ALA N 38 35.06 11.80 -21.35
N THR N 39 36.20 11.77 -22.03
CA THR N 39 37.06 10.61 -21.83
C THR N 39 37.64 10.62 -20.42
N TRP N 40 38.11 11.80 -19.97
CA TRP N 40 38.68 11.93 -18.63
C TRP N 40 38.59 13.39 -18.20
N THR N 41 38.86 13.61 -16.91
CA THR N 41 38.76 14.92 -16.26
C THR N 41 39.38 14.77 -14.88
N TYR N 42 39.95 15.86 -14.39
CA TYR N 42 40.62 15.86 -13.10
C TYR N 42 39.95 16.87 -12.18
N SER N 43 39.99 16.59 -10.88
CA SER N 43 39.49 17.49 -9.83
C SER N 43 40.65 17.75 -8.87
N PRO N 44 41.32 18.90 -8.97
CA PRO N 44 42.36 19.20 -7.98
C PRO N 44 41.78 19.53 -6.63
N LEU N 45 40.48 19.89 -6.58
CA LEU N 45 39.79 20.07 -5.31
C LEU N 45 39.74 18.76 -4.51
N LEU N 46 39.48 17.66 -5.20
CA LEU N 46 39.44 16.34 -4.55
C LEU N 46 40.70 15.52 -4.78
N LYS N 47 41.63 16.02 -5.60
CA LYS N 47 42.76 15.25 -6.14
C LYS N 47 42.32 13.86 -6.61
N LYS N 48 41.22 13.82 -7.38
CA LYS N 48 40.66 12.58 -7.95
C LYS N 48 40.65 12.65 -9.48
N LEU N 49 41.03 11.56 -10.12
CA LEU N 49 41.03 11.48 -11.58
C LEU N 49 39.89 10.65 -12.14
N TYR N 50 38.86 11.26 -12.70
CA TYR N 50 37.71 10.54 -13.25
C TYR N 50 38.03 10.11 -14.65
N CYS N 51 37.90 8.84 -14.99
CA CYS N 51 38.30 8.39 -16.32
C CYS N 51 37.55 7.24 -16.96
N GLN N 52 37.42 7.23 -18.27
CA GLN N 52 36.75 6.14 -18.94
C GLN N 52 37.67 4.93 -19.12
N ILE N 53 37.03 3.76 -19.22
CA ILE N 53 37.76 2.53 -19.47
C ILE N 53 38.44 2.58 -20.83
N ALA N 54 39.72 2.19 -20.87
CA ALA N 54 40.47 1.99 -22.11
C ALA N 54 40.53 3.25 -22.97
N LYS N 55 40.59 4.42 -22.35
CA LYS N 55 40.72 5.67 -23.07
C LYS N 55 42.04 6.32 -22.68
N THR N 56 42.60 7.09 -23.60
CA THR N 56 43.93 7.67 -23.41
C THR N 56 43.92 8.68 -22.27
N CYS N 57 44.76 8.46 -21.27
CA CYS N 57 44.76 9.38 -20.14
C CYS N 57 46.13 10.01 -19.93
N PRO N 58 46.32 11.26 -20.31
CA PRO N 58 47.65 11.88 -20.23
C PRO N 58 48.01 12.29 -18.82
N ILE N 59 49.26 12.03 -18.44
CA ILE N 59 49.80 12.40 -17.14
C ILE N 59 51.10 13.15 -17.38
N GLN N 60 51.16 14.40 -16.92
CA GLN N 60 52.32 15.27 -17.05
C GLN N 60 53.30 15.05 -15.90
N ILE N 61 54.58 15.25 -16.20
CA ILE N 61 55.64 15.10 -15.20
C ILE N 61 56.66 16.22 -15.39
N LYS N 62 56.77 17.10 -14.39
CA LYS N 62 57.72 18.21 -14.38
C LYS N 62 58.77 17.92 -13.33
N VAL N 63 60.03 17.98 -13.75
CA VAL N 63 61.21 17.69 -12.88
C VAL N 63 62.24 18.81 -13.15
N SER N 64 63.07 19.13 -12.17
CA SER N 64 64.10 20.15 -12.31
C SER N 64 65.47 19.60 -12.70
N THR N 65 65.87 18.44 -12.14
CA THR N 65 67.16 17.85 -12.47
C THR N 65 67.01 16.40 -12.92
N PRO N 66 67.81 15.97 -13.87
CA PRO N 66 67.67 14.63 -14.43
C PRO N 66 68.34 13.59 -13.53
N PRO N 67 67.81 12.35 -13.49
CA PRO N 67 68.31 11.32 -12.58
C PRO N 67 69.56 10.70 -13.15
N PRO N 68 70.08 9.62 -12.57
CA PRO N 68 71.06 8.80 -13.30
C PRO N 68 70.42 8.00 -14.41
N PRO N 69 71.21 7.55 -15.37
CA PRO N 69 70.71 6.71 -16.47
C PRO N 69 70.30 5.32 -16.01
N GLY N 70 69.18 4.83 -16.52
CA GLY N 70 68.67 3.53 -16.14
C GLY N 70 67.45 3.74 -15.28
N THR N 71 67.18 4.99 -14.94
CA THR N 71 66.04 5.36 -14.10
C THR N 71 64.72 4.98 -14.79
N ALA N 72 63.78 4.45 -14.00
CA ALA N 72 62.45 4.07 -14.52
C ALA N 72 61.34 4.73 -13.68
N ILE N 73 60.18 4.92 -14.32
CA ILE N 73 58.94 5.45 -13.67
C ILE N 73 57.95 4.29 -13.63
N ARG N 74 57.38 4.05 -12.45
CA ARG N 74 56.42 2.94 -12.23
C ARG N 74 55.11 3.51 -11.74
N ALA N 75 54.02 3.02 -12.33
CA ALA N 75 52.66 3.41 -11.97
C ALA N 75 51.91 2.16 -11.51
N MET N 76 51.47 2.14 -10.26
CA MET N 76 50.97 0.96 -9.58
C MET N 76 49.64 1.26 -8.90
N PRO N 77 48.67 0.39 -9.02
CA PRO N 77 47.37 0.70 -8.45
C PRO N 77 47.18 0.07 -7.09
N VAL N 78 46.53 0.78 -6.17
CA VAL N 78 46.40 0.36 -4.79
C VAL N 78 45.07 0.84 -4.25
N TYR N 79 44.38 -0.05 -3.52
CA TYR N 79 43.11 0.27 -2.90
C TYR N 79 43.28 1.36 -1.83
N LYS N 80 42.33 2.28 -1.80
CA LYS N 80 42.43 3.45 -0.93
C LYS N 80 42.13 3.09 0.51
N LYS N 81 41.10 2.26 0.71
CA LYS N 81 40.65 1.92 2.08
C LYS N 81 41.48 0.79 2.67
N ALA N 82 41.95 0.98 3.91
CA ALA N 82 42.70 -0.04 4.62
C ALA N 82 42.11 -1.44 4.65
N GLU N 83 40.80 -1.53 4.55
CA GLU N 83 40.16 -2.83 4.64
C GLU N 83 40.54 -3.74 3.49
N HIS N 84 41.24 -3.22 2.47
CA HIS N 84 41.53 -4.07 1.28
C HIS N 84 42.93 -3.77 0.75
N VAL N 85 43.77 -3.11 1.53
CA VAL N 85 45.06 -2.71 0.96
C VAL N 85 45.90 -3.95 0.69
N THR N 86 45.69 -4.99 1.48
CA THR N 86 46.23 -6.33 1.29
C THR N 86 45.75 -7.01 0.00
N ASP N 87 44.73 -6.50 -0.66
CA ASP N 87 44.29 -7.07 -1.93
C ASP N 87 45.01 -6.35 -3.07
N VAL N 88 45.63 -7.17 -3.93
CA VAL N 88 46.26 -6.61 -5.15
C VAL N 88 45.12 -6.26 -6.09
N VAL N 89 45.27 -5.20 -6.86
CA VAL N 89 44.20 -4.71 -7.72
C VAL N 89 44.46 -5.19 -9.14
N LYS N 90 43.54 -6.01 -9.62
CA LYS N 90 43.71 -6.59 -10.98
C LYS N 90 42.46 -6.24 -11.78
N ARG N 91 42.24 -6.98 -12.86
CA ARG N 91 41.10 -6.69 -13.77
C ARG N 91 39.92 -7.60 -13.45
N CYS N 92 38.73 -7.00 -13.39
CA CYS N 92 37.54 -7.83 -13.17
C CYS N 92 37.61 -8.95 -14.18
N PRO N 93 37.08 -10.14 -13.87
CA PRO N 93 37.24 -11.29 -14.78
C PRO N 93 36.56 -11.09 -16.12
N ASN N 94 35.39 -10.47 -16.13
CA ASN N 94 34.77 -10.17 -17.41
C ASN N 94 35.75 -9.40 -18.32
N HIS N 95 36.69 -8.65 -17.75
CA HIS N 95 37.58 -7.87 -18.62
C HIS N 95 38.87 -8.61 -18.91
N GLU N 96 39.28 -9.52 -18.02
CA GLU N 96 40.49 -10.27 -18.25
C GLU N 96 40.33 -11.25 -19.40
N LEU N 97 39.17 -11.92 -19.47
CA LEU N 97 38.99 -13.00 -20.42
C LEU N 97 38.37 -12.56 -21.74
N GLY N 98 37.79 -11.35 -21.81
CA GLY N 98 37.12 -10.92 -23.02
C GLY N 98 38.10 -10.65 -24.15
N ARG N 99 37.55 -10.42 -25.35
CA ARG N 99 38.40 -10.05 -26.48
C ARG N 99 38.60 -8.54 -26.57
N ASP N 100 37.77 -7.76 -25.89
CA ASP N 100 37.90 -6.31 -25.97
C ASP N 100 39.21 -5.86 -25.35
N PHE N 101 40.05 -5.21 -26.17
CA PHE N 101 41.33 -4.61 -25.77
C PHE N 101 42.38 -5.66 -25.41
N ASN N 102 42.29 -6.85 -26.02
CA ASN N 102 43.15 -7.97 -25.67
C ASN N 102 43.82 -8.59 -26.89
N GLU N 103 43.84 -7.84 -27.98
CA GLU N 103 44.44 -8.37 -29.22
C GLU N 103 45.81 -7.73 -29.45
N GLY N 104 46.75 -8.52 -29.96
CA GLY N 104 48.08 -8.00 -30.25
C GLY N 104 48.74 -7.29 -29.10
N GLN N 105 48.37 -7.64 -27.88
CA GLN N 105 48.62 -6.84 -26.69
C GLN N 105 49.87 -7.33 -25.94
N SER N 106 50.89 -6.48 -25.85
CA SER N 106 52.12 -6.80 -25.14
C SER N 106 52.00 -6.62 -23.62
N ALA N 107 50.83 -6.25 -23.12
CA ALA N 107 50.41 -6.10 -21.74
C ALA N 107 49.58 -7.30 -21.31
N PRO N 108 49.78 -7.79 -20.10
CA PRO N 108 48.96 -8.91 -19.64
C PRO N 108 47.53 -8.47 -19.38
N ALA N 109 46.59 -9.35 -19.75
CA ALA N 109 45.16 -9.06 -19.63
C ALA N 109 44.79 -8.74 -18.19
N SER N 110 45.47 -9.36 -17.24
CA SER N 110 45.18 -9.16 -15.84
C SER N 110 45.56 -7.77 -15.33
N HIS N 111 46.47 -7.07 -16.00
CA HIS N 111 46.89 -5.76 -15.51
C HIS N 111 45.79 -4.72 -15.68
N LEU N 112 45.52 -3.96 -14.61
CA LEU N 112 44.54 -2.88 -14.70
C LEU N 112 45.09 -1.69 -15.46
N ILE N 113 46.34 -1.30 -15.14
CA ILE N 113 46.96 -0.11 -15.71
C ILE N 113 47.97 -0.49 -16.80
N ARG N 114 47.78 0.10 -17.98
CA ARG N 114 48.70 -0.05 -19.10
C ARG N 114 49.36 1.29 -19.39
N VAL N 115 50.38 1.21 -20.25
CA VAL N 115 51.00 2.37 -20.87
C VAL N 115 50.77 2.25 -22.36
N GLU N 116 50.43 3.39 -22.98
CA GLU N 116 50.07 3.44 -24.40
C GLU N 116 51.12 4.23 -25.15
N GLY N 117 51.56 3.69 -26.28
CA GLY N 117 52.59 4.38 -27.07
C GLY N 117 54.01 4.25 -26.54
N ASN N 118 54.40 3.06 -26.09
CA ASN N 118 55.76 2.86 -25.61
C ASN N 118 56.10 1.37 -25.59
N ASN N 119 56.83 0.91 -26.60
CA ASN N 119 57.23 -0.52 -26.72
C ASN N 119 58.32 -0.89 -25.70
N LEU N 120 59.10 0.08 -25.22
CA LEU N 120 60.12 -0.19 -24.25
C LEU N 120 59.59 -0.52 -22.86
N SER N 121 58.40 -0.08 -22.50
CA SER N 121 57.84 -0.37 -21.18
C SER N 121 57.65 -1.86 -20.98
N GLN N 122 57.58 -2.27 -19.72
CA GLN N 122 57.49 -3.68 -19.34
C GLN N 122 56.65 -3.81 -18.07
N TYR N 123 55.95 -4.94 -17.98
CA TYR N 123 54.90 -5.15 -16.99
C TYR N 123 55.42 -6.11 -15.91
N VAL N 124 55.67 -5.59 -14.73
CA VAL N 124 56.27 -6.36 -13.65
C VAL N 124 55.20 -7.10 -12.86
N ASP N 125 55.38 -8.41 -12.72
CA ASP N 125 54.60 -9.28 -11.85
C ASP N 125 55.56 -9.80 -10.80
N ASP N 126 55.63 -9.07 -9.69
CA ASP N 126 56.50 -9.43 -8.59
C ASP N 126 56.19 -10.87 -8.15
N PRO N 127 57.20 -11.75 -8.10
CA PRO N 127 56.94 -13.15 -7.74
C PRO N 127 56.55 -13.35 -6.29
N VAL N 128 57.02 -12.48 -5.38
CA VAL N 128 56.79 -12.64 -3.95
C VAL N 128 55.56 -11.86 -3.46
N THR N 129 55.40 -10.57 -3.82
CA THR N 129 54.28 -9.81 -3.22
C THR N 129 52.99 -10.03 -3.99
N GLY N 130 53.08 -10.40 -5.26
CA GLY N 130 51.90 -10.50 -6.11
C GLY N 130 51.42 -9.21 -6.74
N ARG N 131 52.08 -8.08 -6.43
CA ARG N 131 51.70 -6.77 -6.96
C ARG N 131 52.03 -6.62 -8.44
N GLN N 132 51.13 -5.95 -9.17
CA GLN N 132 51.26 -5.73 -10.59
C GLN N 132 51.48 -4.25 -10.87
N SER N 133 52.45 -3.92 -11.74
CA SER N 133 52.62 -2.52 -12.10
C SER N 133 53.32 -2.41 -13.45
N VAL N 134 53.42 -1.16 -13.94
CA VAL N 134 53.97 -0.86 -15.27
C VAL N 134 55.10 0.14 -15.20
N VAL N 135 56.20 -0.21 -15.83
CA VAL N 135 57.48 0.43 -15.62
C VAL N 135 57.84 1.01 -16.97
N VAL N 136 58.02 2.33 -17.05
CA VAL N 136 58.59 2.91 -18.27
C VAL N 136 59.95 3.53 -17.96
N PRO N 137 60.88 3.52 -18.90
CA PRO N 137 62.18 4.14 -18.65
C PRO N 137 62.06 5.67 -18.76
N TYR N 138 62.69 6.39 -17.86
CA TYR N 138 62.59 7.84 -17.89
C TYR N 138 63.04 8.49 -19.18
N GLU N 139 62.55 9.69 -19.43
CA GLU N 139 62.92 10.42 -20.63
C GLU N 139 62.68 11.88 -20.40
N PRO N 140 63.81 12.67 -20.46
CA PRO N 140 63.58 14.09 -20.22
C PRO N 140 62.64 14.63 -21.21
N PRO N 141 62.14 15.80 -20.88
CA PRO N 141 61.21 16.51 -21.77
C PRO N 141 61.94 16.92 -23.04
N GLN N 142 61.24 16.79 -24.16
CA GLN N 142 61.76 17.29 -25.42
C GLN N 142 62.09 18.77 -25.31
N VAL N 143 63.17 19.18 -25.99
CA VAL N 143 63.64 20.56 -25.93
C VAL N 143 62.47 21.52 -26.17
N GLY N 144 62.35 22.52 -25.29
CA GLY N 144 61.25 23.46 -25.35
C GLY N 144 60.02 23.09 -24.53
N THR N 145 59.95 21.87 -24.02
CA THR N 145 58.73 21.39 -23.36
C THR N 145 59.01 21.21 -21.86
N GLU N 146 58.09 21.73 -21.03
CA GLU N 146 58.27 21.55 -19.60
C GLU N 146 57.82 20.18 -19.16
N PHE N 147 56.77 19.65 -19.83
CA PHE N 147 56.02 18.49 -19.38
C PHE N 147 56.51 17.24 -20.09
N THR N 148 56.93 16.24 -19.29
CA THR N 148 57.22 14.87 -19.73
C THR N 148 55.95 14.03 -19.62
N THR N 149 55.32 13.73 -20.75
CA THR N 149 53.96 13.20 -20.74
C THR N 149 53.93 11.69 -21.02
N ILE N 150 53.25 10.96 -20.15
CA ILE N 150 53.05 9.54 -20.27
C ILE N 150 51.57 9.28 -20.48
N LEU N 151 51.26 8.43 -21.45
CA LEU N 151 49.89 8.01 -21.73
C LEU N 151 49.60 6.64 -21.12
N TYR N 152 48.67 6.62 -20.18
CA TYR N 152 48.19 5.40 -19.54
C TYR N 152 46.78 5.07 -20.02
N ASN N 153 46.39 3.82 -19.79
CA ASN N 153 45.02 3.38 -19.92
C ASN N 153 44.71 2.54 -18.69
N PHE N 154 43.45 2.59 -18.24
CA PHE N 154 42.97 1.83 -17.09
C PHE N 154 41.91 0.87 -17.57
N MET N 155 42.07 -0.41 -17.29
CA MET N 155 41.37 -1.40 -18.10
C MET N 155 40.07 -1.95 -17.45
N CYS N 156 39.72 -1.51 -16.24
CA CYS N 156 38.43 -1.79 -15.60
C CYS N 156 37.81 -0.57 -14.98
N ASN N 157 36.48 -0.56 -14.99
CA ASN N 157 35.72 0.44 -14.28
C ASN N 157 35.86 0.20 -12.79
N SER N 158 35.78 1.29 -12.04
CA SER N 158 35.81 1.15 -10.60
C SER N 158 34.67 0.29 -10.10
N SER N 159 33.57 0.21 -10.84
CA SER N 159 32.43 -0.61 -10.44
C SER N 159 32.53 -2.07 -10.86
N CYS N 160 33.47 -2.45 -11.74
CA CYS N 160 33.57 -3.84 -12.19
C CYS N 160 33.47 -4.84 -11.06
N VAL N 161 32.36 -5.58 -11.09
CA VAL N 161 32.14 -6.61 -10.10
C VAL N 161 33.21 -7.67 -10.32
N GLY N 162 33.74 -8.23 -9.23
CA GLY N 162 34.76 -9.24 -9.36
C GLY N 162 36.17 -8.72 -9.51
N GLY N 163 36.34 -7.43 -9.80
CA GLY N 163 37.66 -6.84 -9.76
C GLY N 163 37.73 -5.79 -8.67
N MET N 164 37.72 -4.53 -9.06
CA MET N 164 37.78 -3.45 -8.05
C MET N 164 36.48 -3.48 -7.23
N ASN N 165 35.38 -3.88 -7.87
CA ASN N 165 34.10 -4.02 -7.18
C ASN N 165 33.75 -2.77 -6.40
N ARG N 166 33.65 -1.62 -7.05
CA ARG N 166 33.18 -0.37 -6.39
C ARG N 166 34.10 0.10 -5.28
N ARG N 167 35.30 -0.46 -5.19
CA ARG N 167 36.26 -0.06 -4.15
C ARG N 167 37.20 1.02 -4.67
N PRO N 168 37.33 2.17 -3.99
CA PRO N 168 38.19 3.23 -4.51
C PRO N 168 39.66 2.87 -4.47
N ILE N 169 40.35 3.24 -5.53
CA ILE N 169 41.80 3.04 -5.62
C ILE N 169 42.54 4.34 -5.49
N LEU N 170 43.85 4.18 -5.35
CA LEU N 170 44.78 5.28 -5.35
C LEU N 170 45.77 4.89 -6.45
N ILE N 171 46.11 5.83 -7.32
CA ILE N 171 47.17 5.56 -8.29
C ILE N 171 48.49 6.12 -7.74
N ILE N 172 49.49 5.26 -7.61
CA ILE N 172 50.85 5.65 -7.22
C ILE N 172 51.82 5.58 -8.38
N ILE N 173 52.52 6.69 -8.61
CA ILE N 173 53.60 6.82 -9.59
C ILE N 173 54.92 6.98 -8.81
N THR N 174 55.87 6.05 -9.03
CA THR N 174 57.21 6.15 -8.43
C THR N 174 58.29 6.09 -9.51
N LEU N 175 59.27 7.00 -9.45
CA LEU N 175 60.45 6.89 -10.29
C LEU N 175 61.63 6.42 -9.46
N GLU N 176 62.40 5.49 -10.01
CA GLU N 176 63.41 4.80 -9.22
C GLU N 176 64.57 4.37 -10.13
N MET N 177 65.62 3.85 -9.49
CA MET N 177 66.75 3.28 -10.20
C MET N 177 66.53 1.79 -10.41
N ARG N 178 67.27 1.23 -11.38
CA ARG N 178 67.19 -0.21 -11.75
C ARG N 178 67.27 -1.10 -10.50
N ASP N 179 68.03 -0.66 -9.50
CA ASP N 179 68.10 -1.39 -8.24
C ASP N 179 66.70 -1.56 -7.63
N GLY N 180 65.94 -0.47 -7.60
CA GLY N 180 64.69 -0.40 -6.85
C GLY N 180 64.66 0.72 -5.85
N GLN N 181 65.77 1.44 -5.68
CA GLN N 181 65.80 2.62 -4.84
C GLN N 181 64.85 3.70 -5.34
N VAL N 182 64.05 4.25 -4.42
CA VAL N 182 62.98 5.17 -4.75
C VAL N 182 63.57 6.59 -4.81
N LEU N 183 63.36 7.28 -5.92
CA LEU N 183 63.84 8.65 -6.06
C LEU N 183 62.75 9.71 -6.11
N GLY N 184 61.48 9.29 -6.14
CA GLY N 184 60.37 10.24 -6.19
C GLY N 184 59.05 9.48 -6.17
N ARG N 185 57.99 10.17 -5.74
CA ARG N 185 56.67 9.50 -5.59
C ARG N 185 55.58 10.55 -5.39
N ARG N 186 54.52 10.50 -6.20
CA ARG N 186 53.36 11.40 -5.98
C ARG N 186 52.10 10.56 -6.16
N SER N 187 50.97 10.95 -5.57
CA SER N 187 49.79 10.08 -5.65
C SER N 187 48.49 10.85 -5.84
N PHE N 188 47.53 10.17 -6.49
CA PHE N 188 46.21 10.77 -6.74
C PHE N 188 45.16 9.66 -6.76
N GLU N 189 43.99 9.95 -6.20
CA GLU N 189 42.85 9.02 -6.23
C GLU N 189 42.33 8.89 -7.66
N GLY N 190 41.79 7.72 -7.97
CA GLY N 190 41.26 7.52 -9.30
C GLY N 190 39.91 6.84 -9.33
N ARG N 191 39.08 7.24 -10.29
CA ARG N 191 37.73 6.63 -10.48
C ARG N 191 37.54 6.33 -11.97
N ILE N 192 37.31 5.07 -12.30
CA ILE N 192 37.14 4.64 -13.68
C ILE N 192 35.66 4.40 -13.88
N CYS N 193 35.07 5.11 -14.82
CA CYS N 193 33.62 5.14 -14.97
C CYS N 193 33.25 5.64 -16.36
N ALA N 194 31.95 5.53 -16.66
CA ALA N 194 31.44 5.82 -17.99
C ALA N 194 31.05 7.27 -18.19
N CYS N 195 30.77 7.99 -17.11
CA CYS N 195 30.34 9.38 -17.17
C CYS N 195 31.18 10.20 -16.20
N PRO N 196 32.47 10.38 -16.50
CA PRO N 196 33.34 11.10 -15.56
C PRO N 196 32.89 12.52 -15.27
N GLY N 197 32.17 13.14 -16.19
CA GLY N 197 31.80 14.52 -16.00
C GLY N 197 30.64 14.66 -15.05
N ARG N 198 29.67 13.75 -15.18
CA ARG N 198 28.60 13.63 -14.20
C ARG N 198 29.15 13.28 -12.84
N ASP N 199 29.91 12.18 -12.76
CA ASP N 199 30.39 11.73 -11.47
C ASP N 199 31.37 12.71 -10.84
N ARG N 200 31.96 13.60 -11.64
CA ARG N 200 32.80 14.62 -11.01
C ARG N 200 31.94 15.71 -10.36
N LYS N 201 30.93 16.20 -11.09
CA LYS N 201 30.03 17.20 -10.52
C LYS N 201 29.33 16.67 -9.28
N ALA N 202 29.04 15.37 -9.22
CA ALA N 202 28.34 14.82 -8.08
C ALA N 202 29.27 14.65 -6.87
N ASP N 203 30.52 14.23 -7.10
CA ASP N 203 31.44 14.10 -5.98
C ASP N 203 31.82 15.47 -5.46
N GLU N 204 31.85 16.48 -6.36
CA GLU N 204 32.28 17.82 -5.96
C GLU N 204 31.19 18.55 -5.20
N ASP N 205 29.93 18.32 -5.59
CA ASP N 205 28.83 18.96 -4.90
C ASP N 205 28.75 18.47 -3.46
N HIS N 206 28.75 17.14 -3.28
CA HIS N 206 28.74 16.56 -1.94
C HIS N 206 29.85 17.15 -1.08
N TYR N 207 31.03 17.37 -1.66
CA TYR N 207 32.15 17.84 -0.84
C TYR N 207 31.96 19.26 -0.38
N ARG N 208 31.20 20.06 -1.13
CA ARG N 208 31.01 21.46 -0.78
C ARG N 208 30.06 21.66 0.39
N GLU N 209 29.55 20.57 0.96
CA GLU N 209 28.58 20.65 2.06
C GLU N 209 28.86 19.61 3.15
N HIS O 5 76.65 17.28 -22.31
CA HIS O 5 76.73 15.99 -23.05
C HIS O 5 75.40 15.75 -23.78
N HIS O 6 75.39 14.89 -24.80
CA HIS O 6 74.12 14.62 -25.49
C HIS O 6 73.95 13.13 -25.69
N HIS O 7 72.92 12.57 -25.07
CA HIS O 7 72.56 11.18 -25.30
C HIS O 7 71.32 11.13 -26.17
N HIS O 8 71.12 9.99 -26.83
CA HIS O 8 69.95 9.79 -27.67
C HIS O 8 68.84 9.07 -26.90
N HIS O 9 67.63 9.61 -27.00
CA HIS O 9 66.45 9.04 -26.35
C HIS O 9 65.32 8.89 -27.38
N HIS O 10 64.43 7.94 -27.06
CA HIS O 10 63.31 7.61 -27.98
C HIS O 10 62.12 8.51 -27.69
N GLU O 11 61.70 9.29 -28.68
CA GLU O 11 60.61 10.26 -28.55
C GLU O 11 59.34 9.71 -29.23
N PHE O 12 58.52 8.99 -28.46
CA PHE O 12 57.37 8.28 -29.04
C PHE O 12 56.26 9.25 -29.48
N ILE O 13 55.82 10.12 -28.59
CA ILE O 13 54.97 11.24 -28.95
C ILE O 13 55.88 12.41 -29.28
N PRO O 14 55.89 12.91 -30.51
CA PRO O 14 56.70 14.09 -30.83
C PRO O 14 56.05 15.38 -30.36
N SER O 15 56.88 16.27 -29.82
CA SER O 15 56.38 17.57 -29.42
C SER O 15 55.93 18.36 -30.64
N ASN O 16 54.84 19.09 -30.47
CA ASN O 16 54.35 20.05 -31.44
C ASN O 16 54.56 21.48 -30.99
N THR O 17 55.35 21.69 -29.93
CA THR O 17 55.44 22.99 -29.28
C THR O 17 56.46 23.85 -29.99
N ASP O 18 55.99 24.95 -30.59
CA ASP O 18 56.92 25.91 -31.18
C ASP O 18 58.01 26.25 -30.19
N TYR O 19 59.24 26.35 -30.70
CA TYR O 19 60.43 26.67 -29.93
C TYR O 19 61.48 27.23 -30.88
N PRO O 20 61.72 28.54 -30.85
CA PRO O 20 62.71 29.10 -31.78
C PRO O 20 64.14 28.67 -31.50
N GLY O 21 64.57 28.67 -30.24
CA GLY O 21 65.94 28.29 -29.94
C GLY O 21 66.94 29.33 -30.40
N PRO O 22 68.23 29.02 -30.20
CA PRO O 22 69.28 30.08 -30.34
C PRO O 22 69.15 30.91 -31.61
N HIS O 23 68.96 30.22 -32.72
CA HIS O 23 68.69 30.84 -34.00
C HIS O 23 67.18 30.95 -34.13
N HIS O 24 66.68 32.08 -34.61
CA HIS O 24 65.24 32.32 -34.62
C HIS O 24 64.58 31.55 -35.75
N PHE O 25 64.31 30.28 -35.47
CA PHE O 25 63.76 29.37 -36.47
C PHE O 25 62.30 29.74 -36.76
N GLU O 26 62.03 30.11 -38.02
CA GLU O 26 60.69 30.53 -38.44
C GLU O 26 60.26 29.78 -39.69
N VAL O 27 59.07 29.20 -39.66
CA VAL O 27 58.48 28.58 -40.83
C VAL O 27 57.35 29.45 -41.33
N THR O 28 57.45 29.87 -42.60
CA THR O 28 56.53 30.79 -43.26
C THR O 28 56.09 30.18 -44.58
N PHE O 29 55.07 30.79 -45.18
CA PHE O 29 54.55 30.39 -46.47
C PHE O 29 54.30 31.66 -47.27
N GLN O 30 54.70 31.66 -48.54
CA GLN O 30 54.55 32.85 -49.36
C GLN O 30 53.07 33.10 -49.65
N GLN O 31 52.81 34.13 -50.45
CA GLN O 31 51.47 34.37 -50.97
C GLN O 31 51.01 33.19 -51.81
N SER O 32 49.88 32.58 -51.41
CA SER O 32 49.32 31.44 -52.12
C SER O 32 48.08 31.84 -52.90
N SER O 33 47.66 30.94 -53.79
CA SER O 33 46.51 31.16 -54.64
C SER O 33 45.21 31.23 -53.82
N THR O 34 44.17 31.73 -54.47
CA THR O 34 42.84 31.87 -53.82
C THR O 34 41.83 31.01 -54.58
N ALA O 35 42.30 30.24 -55.55
CA ALA O 35 41.41 29.37 -56.36
C ALA O 35 40.87 28.24 -55.48
N LYS O 36 39.69 27.74 -55.80
CA LYS O 36 39.08 26.68 -55.02
C LYS O 36 39.91 25.40 -55.08
N SER O 37 40.32 25.02 -56.29
CA SER O 37 41.19 23.85 -56.47
C SER O 37 42.65 24.25 -56.70
N ALA O 38 43.11 25.35 -56.10
CA ALA O 38 44.52 25.73 -56.15
C ALA O 38 45.38 24.59 -55.60
N THR O 39 46.65 24.51 -56.02
CA THR O 39 47.43 23.35 -55.57
C THR O 39 47.64 23.36 -54.05
N TRP O 40 47.72 24.54 -53.44
CA TRP O 40 47.86 24.64 -51.99
C TRP O 40 47.54 26.06 -51.54
N THR O 41 47.34 26.22 -50.24
CA THR O 41 47.05 27.53 -49.65
C THR O 41 47.21 27.45 -48.13
N TYR O 42 47.71 28.53 -47.54
CA TYR O 42 48.03 28.56 -46.13
C TYR O 42 47.21 29.65 -45.43
N SER O 43 46.54 29.27 -44.34
CA SER O 43 45.79 30.21 -43.53
C SER O 43 46.64 30.62 -42.33
N PRO O 44 47.24 31.81 -42.31
CA PRO O 44 47.92 32.26 -41.09
C PRO O 44 46.95 32.41 -39.92
N LEU O 45 45.65 32.45 -40.21
CA LEU O 45 44.68 32.63 -39.13
C LEU O 45 44.56 31.37 -38.28
N LEU O 46 44.24 30.24 -38.92
CA LEU O 46 44.20 28.94 -38.27
C LEU O 46 45.55 28.26 -38.23
N LYS O 47 46.59 28.89 -38.78
CA LYS O 47 47.94 28.33 -38.80
C LYS O 47 47.92 26.86 -39.30
N LYS O 48 47.39 26.71 -40.53
CA LYS O 48 46.99 25.44 -41.10
C LYS O 48 47.29 25.45 -42.61
N LEU O 49 47.85 24.36 -43.11
CA LEU O 49 48.20 24.25 -44.53
C LEU O 49 47.21 23.38 -45.28
N TYR O 50 46.79 23.87 -46.44
CA TYR O 50 45.78 23.29 -47.29
C TYR O 50 46.48 22.95 -48.59
N CYS O 51 46.52 21.67 -48.99
CA CYS O 51 47.19 21.35 -50.25
C CYS O 51 46.59 20.10 -50.86
N GLN O 52 47.01 19.83 -52.11
CA GLN O 52 46.56 18.68 -52.88
C GLN O 52 47.54 17.52 -52.77
N ILE O 53 47.00 16.32 -52.95
CA ILE O 53 47.83 15.14 -52.94
C ILE O 53 48.91 15.24 -53.99
N ALA O 54 50.13 14.82 -53.63
CA ALA O 54 51.27 14.72 -54.52
C ALA O 54 51.65 16.04 -55.18
N LYS O 55 51.15 17.16 -54.69
CA LYS O 55 51.53 18.44 -55.25
C LYS O 55 52.66 19.09 -54.45
N THR O 56 53.29 20.07 -55.06
CA THR O 56 54.47 20.66 -54.47
C THR O 56 54.09 21.72 -53.45
N CYS O 57 54.56 21.58 -52.21
CA CYS O 57 54.36 22.63 -51.20
C CYS O 57 55.68 23.29 -50.86
N PRO O 58 55.92 24.51 -51.29
CA PRO O 58 57.14 25.24 -50.91
C PRO O 58 57.03 25.75 -49.49
N ILE O 59 57.83 25.17 -48.60
CA ILE O 59 57.95 25.67 -47.23
C ILE O 59 59.19 26.54 -47.15
N GLN O 60 59.03 27.74 -46.64
CA GLN O 60 60.12 28.68 -46.44
C GLN O 60 60.54 28.64 -44.99
N ILE O 61 61.84 28.45 -44.72
CA ILE O 61 62.26 28.59 -43.32
C ILE O 61 63.18 29.81 -43.22
N LYS O 62 63.07 30.52 -42.11
CA LYS O 62 63.94 31.66 -41.84
C LYS O 62 64.77 31.41 -40.59
N VAL O 63 65.92 32.06 -40.53
CA VAL O 63 66.87 31.93 -39.44
C VAL O 63 67.50 33.30 -39.19
N SER O 64 67.79 33.60 -37.93
CA SER O 64 68.57 34.80 -37.66
C SER O 64 70.06 34.50 -37.69
N THR O 65 70.51 33.48 -36.96
CA THR O 65 71.92 33.17 -36.86
C THR O 65 72.23 31.84 -37.52
N PRO O 66 73.20 31.77 -38.43
CA PRO O 66 73.48 30.49 -39.14
C PRO O 66 73.78 29.35 -38.19
N PRO O 67 73.03 28.26 -38.30
CA PRO O 67 73.22 27.10 -37.41
C PRO O 67 74.58 26.46 -37.58
N PRO O 68 75.00 25.61 -36.64
CA PRO O 68 76.30 24.94 -36.75
C PRO O 68 76.37 24.11 -38.02
N PRO O 69 77.56 23.79 -38.49
CA PRO O 69 77.65 22.91 -39.65
C PRO O 69 77.06 21.55 -39.31
N GLY O 70 76.55 20.86 -40.33
CA GLY O 70 75.93 19.57 -40.17
C GLY O 70 74.44 19.61 -39.88
N THR O 71 73.92 20.75 -39.43
CA THR O 71 72.52 20.90 -39.08
C THR O 71 71.58 20.36 -40.18
N ALA O 72 70.49 19.73 -39.74
CA ALA O 72 69.48 19.17 -40.65
C ALA O 72 68.11 19.79 -40.39
N ILE O 73 67.19 19.55 -41.34
CA ILE O 73 65.78 19.88 -41.14
C ILE O 73 64.98 18.60 -41.31
N ARG O 74 64.03 18.37 -40.41
CA ARG O 74 63.18 17.19 -40.47
C ARG O 74 61.71 17.61 -40.54
N ALA O 75 60.94 16.87 -41.33
CA ALA O 75 59.49 16.97 -41.41
C ALA O 75 58.87 15.67 -40.88
N MET O 76 57.97 15.80 -39.92
CA MET O 76 57.29 14.62 -39.35
C MET O 76 55.81 14.86 -39.12
N PRO O 77 54.98 13.88 -39.41
CA PRO O 77 53.55 14.06 -39.20
C PRO O 77 53.02 13.35 -37.95
N VAL O 78 52.14 14.04 -37.24
CA VAL O 78 51.45 13.47 -36.11
C VAL O 78 49.98 13.80 -36.24
N TYR O 79 49.17 12.96 -35.61
CA TYR O 79 47.76 13.24 -35.49
C TYR O 79 47.54 14.34 -34.46
N LYS O 80 46.58 15.22 -34.75
CA LYS O 80 46.29 16.35 -33.89
C LYS O 80 45.67 15.89 -32.57
N LYS O 81 44.52 15.22 -32.65
CA LYS O 81 43.74 14.81 -31.44
C LYS O 81 44.49 13.81 -30.56
N ALA O 82 44.31 13.92 -29.25
CA ALA O 82 44.97 13.07 -28.27
C ALA O 82 44.47 11.62 -28.33
N GLU O 83 43.26 11.39 -28.80
CA GLU O 83 42.82 10.00 -28.93
C GLU O 83 43.53 9.28 -30.06
N HIS O 84 44.13 10.02 -31.00
CA HIS O 84 44.80 9.40 -32.12
C HIS O 84 46.30 9.60 -32.09
N VAL O 85 46.82 10.35 -31.12
CA VAL O 85 48.21 10.81 -31.20
C VAL O 85 49.21 9.68 -31.18
N THR O 86 48.84 8.52 -30.62
CA THR O 86 49.76 7.39 -30.63
C THR O 86 49.91 6.74 -31.99
N ASP O 87 48.93 6.90 -32.90
CA ASP O 87 48.96 6.26 -34.21
C ASP O 87 49.97 6.92 -35.13
N VAL O 88 50.97 6.16 -35.60
CA VAL O 88 51.96 6.70 -36.54
C VAL O 88 51.29 7.03 -37.86
N VAL O 89 51.47 8.26 -38.33
CA VAL O 89 50.84 8.67 -39.57
C VAL O 89 51.58 8.01 -40.75
N LYS O 90 50.87 7.23 -41.56
CA LYS O 90 51.42 6.59 -42.74
C LYS O 90 50.53 6.87 -43.95
N ARG O 91 50.99 6.46 -45.12
CA ARG O 91 50.13 6.42 -46.28
C ARG O 91 49.12 5.30 -46.13
N CYS O 92 47.86 5.57 -46.47
CA CYS O 92 46.87 4.48 -46.52
C CYS O 92 47.40 3.30 -47.37
N PRO O 93 46.92 2.08 -47.14
CA PRO O 93 47.46 0.95 -47.93
C PRO O 93 47.03 0.99 -49.40
N ASN O 94 45.94 1.66 -49.75
CA ASN O 94 45.62 1.72 -51.17
C ASN O 94 46.69 2.49 -51.96
N HIS O 95 47.08 3.67 -51.45
CA HIS O 95 48.09 4.47 -52.15
C HIS O 95 49.49 3.89 -51.99
N GLU O 96 49.78 3.26 -50.85
CA GLU O 96 51.09 2.65 -50.60
C GLU O 96 51.39 1.50 -51.55
N LEU O 97 50.37 0.72 -51.97
CA LEU O 97 50.66 -0.44 -52.81
C LEU O 97 50.25 -0.19 -54.26
N GLY O 98 49.68 0.97 -54.57
CA GLY O 98 49.50 1.38 -55.94
C GLY O 98 50.84 1.73 -56.55
N ARG O 99 50.78 2.43 -57.69
CA ARG O 99 52.01 2.83 -58.40
C ARG O 99 51.83 4.25 -58.95
N ASP O 100 50.74 4.93 -58.59
CA ASP O 100 50.46 6.28 -59.06
C ASP O 100 51.65 7.20 -58.88
N PHE O 101 52.27 7.20 -57.70
CA PHE O 101 53.40 8.06 -57.44
C PHE O 101 54.51 7.22 -56.82
N ASN O 102 54.62 5.98 -57.24
CA ASN O 102 55.43 4.98 -56.55
C ASN O 102 56.42 4.31 -57.50
N GLU O 103 56.82 5.01 -58.55
CA GLU O 103 57.72 4.42 -59.55
C GLU O 103 59.18 4.78 -59.34
N GLY O 104 59.97 3.82 -58.85
CA GLY O 104 61.38 4.05 -58.65
C GLY O 104 61.72 5.24 -57.77
N GLN O 105 60.97 5.40 -56.68
CA GLN O 105 61.18 6.56 -55.81
C GLN O 105 62.03 6.20 -54.60
N SER O 106 63.04 7.02 -54.32
CA SER O 106 63.91 6.77 -53.17
C SER O 106 63.12 6.85 -51.88
N ALA O 107 61.92 7.41 -51.95
CA ALA O 107 61.08 7.52 -50.78
C ALA O 107 60.27 6.26 -50.61
N PRO O 108 60.30 5.63 -49.43
CA PRO O 108 59.40 4.50 -49.18
C PRO O 108 57.95 4.85 -49.52
N ALA O 109 57.25 3.87 -50.10
CA ALA O 109 55.83 4.07 -50.43
C ALA O 109 54.98 4.29 -49.18
N SER O 110 55.42 3.82 -48.01
CA SER O 110 54.69 4.06 -46.78
C SER O 110 54.79 5.50 -46.23
N HIS O 111 55.84 6.26 -46.55
CA HIS O 111 56.00 7.56 -45.90
C HIS O 111 54.97 8.55 -46.43
N LEU O 112 54.50 9.44 -45.57
CA LEU O 112 53.50 10.42 -46.02
C LEU O 112 54.14 11.66 -46.65
N ILE O 113 55.25 12.15 -46.10
CA ILE O 113 55.89 13.40 -46.54
C ILE O 113 57.13 13.07 -47.35
N ARG O 114 57.23 13.63 -48.55
CA ARG O 114 58.47 13.54 -49.31
C ARG O 114 59.13 14.91 -49.41
N VAL O 115 60.44 14.90 -49.67
CA VAL O 115 61.14 16.08 -50.17
C VAL O 115 61.34 15.93 -51.66
N GLU O 116 61.06 17.02 -52.39
CA GLU O 116 61.26 17.09 -53.82
C GLU O 116 62.56 17.85 -54.10
N GLY O 117 63.39 17.29 -54.98
CA GLY O 117 64.54 18.03 -55.43
C GLY O 117 65.75 18.09 -54.51
N ASN O 118 65.96 17.07 -53.66
CA ASN O 118 67.16 16.99 -52.81
C ASN O 118 67.81 15.61 -52.94
N ASN O 119 69.13 15.60 -53.09
CA ASN O 119 69.85 14.37 -53.37
C ASN O 119 70.51 13.76 -52.15
N LEU O 120 70.52 14.49 -51.05
CA LEU O 120 70.97 13.94 -49.78
C LEU O 120 69.84 13.84 -48.77
N SER O 121 68.60 13.70 -49.27
CA SER O 121 67.43 13.56 -48.38
C SER O 121 67.42 12.17 -47.75
N GLN O 122 67.21 12.11 -46.42
CA GLN O 122 67.12 10.87 -45.65
C GLN O 122 65.70 10.57 -45.20
N TYR O 123 65.19 9.37 -45.48
CA TYR O 123 63.90 8.92 -44.96
C TYR O 123 64.17 8.01 -43.79
N VAL O 124 63.56 8.34 -42.64
CA VAL O 124 63.89 7.69 -41.38
C VAL O 124 62.71 6.84 -40.95
N ASP O 125 62.99 5.61 -40.54
CA ASP O 125 62.01 4.68 -40.00
C ASP O 125 62.60 4.24 -38.68
N ASP O 126 62.23 4.91 -37.60
CA ASP O 126 62.75 4.60 -36.27
C ASP O 126 62.47 3.14 -35.88
N PRO O 127 63.50 2.33 -35.62
CA PRO O 127 63.27 0.89 -35.35
C PRO O 127 62.58 0.61 -34.02
N VAL O 128 62.64 1.53 -33.07
CA VAL O 128 61.95 1.42 -31.80
C VAL O 128 60.69 2.27 -31.77
N THR O 129 60.84 3.53 -32.13
CA THR O 129 59.70 4.43 -32.13
C THR O 129 58.74 4.13 -33.27
N GLY O 130 59.25 3.79 -34.44
CA GLY O 130 58.40 3.50 -35.57
C GLY O 130 57.88 4.72 -36.28
N ARG O 131 58.28 5.90 -35.87
CA ARG O 131 57.78 7.08 -36.54
C ARG O 131 58.55 7.29 -37.83
N GLN O 132 57.81 7.75 -38.83
CA GLN O 132 58.36 8.03 -40.14
C GLN O 132 58.59 9.52 -40.27
N SER O 133 59.71 9.87 -40.89
CA SER O 133 60.20 11.23 -40.99
C SER O 133 61.17 11.31 -42.16
N VAL O 134 61.13 12.45 -42.86
CA VAL O 134 62.13 12.81 -43.86
C VAL O 134 62.98 13.98 -43.35
N VAL O 135 64.27 13.83 -43.51
CA VAL O 135 65.24 14.81 -43.05
C VAL O 135 66.21 15.14 -44.19
N VAL O 136 66.41 16.44 -44.42
CA VAL O 136 67.34 16.98 -45.42
C VAL O 136 68.35 17.87 -44.69
N PRO O 137 69.58 18.01 -45.23
CA PRO O 137 70.58 18.89 -44.58
C PRO O 137 70.24 20.37 -44.70
N TYR O 138 70.46 21.10 -43.59
CA TYR O 138 70.31 22.56 -43.61
C TYR O 138 71.17 23.19 -44.67
N GLU O 139 70.57 24.04 -45.50
CA GLU O 139 71.29 24.82 -46.49
C GLU O 139 71.02 26.30 -46.26
N PRO O 140 72.04 27.15 -46.39
CA PRO O 140 71.83 28.60 -46.26
C PRO O 140 70.90 29.13 -47.33
N PRO O 141 70.37 30.36 -47.15
CA PRO O 141 69.50 30.77 -48.24
C PRO O 141 70.33 31.31 -49.38
N GLN O 142 69.71 31.56 -50.52
CA GLN O 142 70.45 32.19 -51.59
C GLN O 142 70.75 33.57 -51.05
N VAL O 143 71.90 34.14 -51.41
CA VAL O 143 72.28 35.43 -50.83
C VAL O 143 71.22 36.45 -51.17
N GLY O 144 70.72 36.41 -52.39
CA GLY O 144 69.65 37.31 -52.78
C GLY O 144 68.40 37.09 -51.96
N THR O 145 68.12 35.84 -51.56
CA THR O 145 66.87 35.54 -50.81
C THR O 145 67.11 35.55 -49.29
N GLU O 146 66.04 35.54 -48.49
CA GLU O 146 66.18 35.55 -47.01
C GLU O 146 65.72 34.23 -46.41
N PHE O 147 65.10 33.38 -47.22
CA PHE O 147 64.54 32.12 -46.67
C PHE O 147 65.06 30.89 -47.40
N THR O 148 65.40 29.83 -46.66
CA THR O 148 65.77 28.56 -47.31
C THR O 148 64.45 27.85 -47.65
N THR O 149 64.24 27.49 -48.90
CA THR O 149 62.98 26.88 -49.34
C THR O 149 63.14 25.36 -49.51
N ILE O 150 62.32 24.60 -48.79
CA ILE O 150 62.24 23.16 -48.95
C ILE O 150 60.96 22.80 -49.67
N LEU O 151 61.05 21.80 -50.54
CA LEU O 151 59.94 21.33 -51.36
C LEU O 151 59.33 20.06 -50.75
N TYR O 152 58.15 20.17 -50.15
CA TYR O 152 57.49 19.01 -49.56
C TYR O 152 56.37 18.51 -50.46
N ASN O 153 56.11 17.21 -50.37
CA ASN O 153 55.02 16.56 -51.03
C ASN O 153 54.28 15.72 -50.01
N PHE O 154 52.95 15.73 -50.06
CA PHE O 154 52.09 14.99 -49.14
C PHE O 154 51.46 13.95 -50.03
N MET O 155 51.65 12.68 -49.71
CA MET O 155 51.33 11.62 -50.66
C MET O 155 50.00 10.94 -50.39
N CYS O 156 49.22 11.46 -49.46
CA CYS O 156 47.88 10.86 -49.19
C CYS O 156 46.92 11.97 -48.81
N ASN O 157 45.66 11.84 -49.23
CA ASN O 157 44.65 12.83 -48.83
C ASN O 157 44.19 12.60 -47.40
N SER O 158 43.98 13.69 -46.67
CA SER O 158 43.54 13.57 -45.28
C SER O 158 42.33 12.66 -45.14
N SER O 159 41.53 12.47 -46.19
CA SER O 159 40.30 11.69 -46.09
C SER O 159 40.49 10.22 -46.40
N CYS O 160 41.71 9.78 -46.70
CA CYS O 160 41.90 8.41 -47.16
C CYS O 160 41.50 7.45 -46.05
N VAL O 161 40.39 6.72 -46.26
CA VAL O 161 40.05 5.62 -45.35
C VAL O 161 41.17 4.60 -45.43
N GLY O 162 41.38 3.87 -44.33
CA GLY O 162 42.54 3.01 -44.19
C GLY O 162 43.81 3.72 -43.80
N GLY O 163 43.91 5.02 -44.08
CA GLY O 163 45.05 5.81 -43.66
C GLY O 163 44.66 6.84 -42.63
N MET O 164 44.71 8.12 -42.98
CA MET O 164 44.34 9.14 -42.02
C MET O 164 42.87 9.07 -41.61
N ASN O 165 41.99 8.69 -42.55
CA ASN O 165 40.58 8.45 -42.26
C ASN O 165 39.90 9.68 -41.64
N ARG O 166 40.12 10.84 -42.27
CA ARG O 166 39.52 12.14 -41.92
C ARG O 166 40.10 12.74 -40.64
N ARG O 167 41.05 12.09 -40.01
CA ARG O 167 41.64 12.63 -38.78
C ARG O 167 42.64 13.75 -39.09
N PRO O 168 42.56 14.89 -38.41
CA PRO O 168 43.48 16.00 -38.68
C PRO O 168 44.91 15.68 -38.27
N ILE O 169 45.87 16.29 -38.97
CA ILE O 169 47.27 16.07 -38.64
C ILE O 169 47.97 17.41 -38.49
N LEU O 170 49.10 17.36 -37.80
CA LEU O 170 50.01 18.48 -37.68
C LEU O 170 51.29 18.12 -38.41
N ILE O 171 51.97 19.11 -38.96
CA ILE O 171 53.31 18.90 -39.52
C ILE O 171 54.33 19.50 -38.59
N ILE O 172 55.23 18.67 -38.06
CA ILE O 172 56.34 19.11 -37.20
C ILE O 172 57.60 19.32 -38.04
N ILE O 173 58.03 20.58 -38.20
CA ILE O 173 59.33 20.90 -38.78
C ILE O 173 60.33 21.18 -37.67
N THR O 174 61.43 20.43 -37.67
CA THR O 174 62.44 20.61 -36.63
C THR O 174 63.81 20.92 -37.23
N LEU O 175 64.56 21.77 -36.52
CA LEU O 175 65.93 22.14 -36.88
C LEU O 175 66.86 21.34 -35.97
N GLU O 176 67.64 20.47 -36.57
CA GLU O 176 68.36 19.44 -35.83
C GLU O 176 69.85 19.51 -36.14
N MET O 177 70.65 19.19 -35.14
CA MET O 177 72.08 19.04 -35.32
C MET O 177 72.40 17.62 -35.80
N ARG O 178 73.67 17.42 -36.17
CA ARG O 178 74.14 16.11 -36.63
C ARG O 178 73.69 15.00 -35.70
N ASP O 179 73.83 15.24 -34.39
CA ASP O 179 73.59 14.24 -33.36
C ASP O 179 72.10 13.99 -33.13
N GLY O 180 71.30 15.05 -33.15
CA GLY O 180 69.89 14.93 -32.84
C GLY O 180 69.33 16.14 -32.13
N GLN O 181 70.20 16.91 -31.47
CA GLN O 181 69.74 17.94 -30.55
C GLN O 181 68.92 19.00 -31.30
N VAL O 182 67.73 19.25 -30.79
CA VAL O 182 66.80 20.19 -31.43
C VAL O 182 67.27 21.61 -31.14
N LEU O 183 67.44 22.39 -32.20
CA LEU O 183 67.80 23.79 -32.15
C LEU O 183 66.67 24.71 -32.59
N GLY O 184 65.51 24.15 -32.91
CA GLY O 184 64.33 24.88 -33.35
C GLY O 184 63.20 23.90 -33.67
N ARG O 185 61.95 24.33 -33.50
CA ARG O 185 60.79 23.53 -33.88
C ARG O 185 59.57 24.43 -34.03
N ARG O 186 58.88 24.23 -35.17
CA ARG O 186 57.62 24.96 -35.44
C ARG O 186 56.69 23.97 -36.13
N SER O 187 55.40 23.97 -35.79
CA SER O 187 54.42 23.07 -36.39
C SER O 187 53.30 23.87 -37.01
N PHE O 188 52.41 23.15 -37.68
CA PHE O 188 51.18 23.69 -38.25
C PHE O 188 50.27 22.54 -38.67
N GLU O 189 48.97 22.67 -38.40
CA GLU O 189 48.01 21.68 -38.88
C GLU O 189 48.08 21.58 -40.39
N GLY O 190 48.19 20.36 -40.91
CA GLY O 190 48.14 20.11 -42.33
C GLY O 190 46.84 19.44 -42.75
N ARG O 191 46.44 19.66 -43.99
CA ARG O 191 45.28 18.93 -44.50
C ARG O 191 45.32 18.83 -46.01
N ILE O 192 45.40 17.60 -46.50
CA ILE O 192 45.50 17.31 -47.92
C ILE O 192 44.10 17.01 -48.42
N CYS O 193 43.61 17.84 -49.34
CA CYS O 193 42.27 17.65 -49.86
C CYS O 193 42.24 18.04 -51.33
N ALA O 194 41.07 17.87 -51.92
CA ALA O 194 40.90 18.09 -53.35
C ALA O 194 40.72 19.56 -53.69
N CYS O 195 40.15 20.35 -52.79
CA CYS O 195 39.78 21.74 -53.06
C CYS O 195 40.21 22.61 -51.90
N PRO O 196 41.52 22.82 -51.73
CA PRO O 196 42.00 23.55 -50.55
C PRO O 196 41.47 24.95 -50.44
N GLY O 197 41.09 25.59 -51.55
CA GLY O 197 40.50 26.92 -51.47
C GLY O 197 39.13 26.91 -50.83
N ARG O 198 38.24 26.03 -51.29
CA ARG O 198 36.93 25.92 -50.67
C ARG O 198 37.08 25.63 -49.19
N ASP O 199 37.93 24.66 -48.87
CA ASP O 199 38.02 24.17 -47.50
C ASP O 199 38.75 25.17 -46.60
N ARG O 200 39.62 25.99 -47.16
CA ARG O 200 40.16 27.08 -46.37
C ARG O 200 39.07 28.11 -46.07
N LYS O 201 38.46 28.70 -47.12
CA LYS O 201 37.37 29.64 -46.90
C LYS O 201 36.31 29.09 -45.98
N ALA O 202 35.94 27.82 -46.16
CA ALA O 202 34.99 27.19 -45.24
C ALA O 202 35.48 27.28 -43.80
N ASP O 203 36.67 26.74 -43.51
CA ASP O 203 37.17 26.73 -42.13
C ASP O 203 37.35 28.12 -41.57
N GLU O 204 37.62 29.11 -42.43
CA GLU O 204 37.81 30.48 -41.95
C GLU O 204 36.49 31.16 -41.64
N ASP O 205 35.52 31.07 -42.57
CA ASP O 205 34.18 31.55 -42.28
C ASP O 205 33.60 30.85 -41.06
N HIS O 206 34.05 29.63 -40.78
CA HIS O 206 33.41 28.83 -39.75
C HIS O 206 34.00 29.18 -38.40
N TYR O 207 35.08 29.98 -38.42
CA TYR O 207 35.83 30.54 -37.30
C TYR O 207 35.42 31.97 -36.98
N ARG O 208 35.17 32.79 -38.01
CA ARG O 208 34.73 34.16 -37.78
C ARG O 208 33.33 34.20 -37.16
N GLU O 209 32.51 33.19 -37.44
CA GLU O 209 31.18 33.12 -36.85
C GLU O 209 31.24 32.70 -35.39
N GLN O 210 32.27 31.94 -35.00
CA GLN O 210 32.41 31.50 -33.61
C GLN O 210 33.50 32.32 -32.89
N HIS P 10 38.92 -13.30 -66.95
CA HIS P 10 37.87 -14.23 -67.34
C HIS P 10 36.52 -13.51 -67.52
N GLU P 11 35.72 -14.03 -68.46
CA GLU P 11 34.48 -13.41 -68.89
C GLU P 11 33.23 -14.24 -68.59
N PHE P 12 33.00 -14.58 -67.32
CA PHE P 12 31.88 -15.40 -66.91
C PHE P 12 30.75 -14.54 -66.39
N ILE P 13 29.53 -14.84 -66.82
CA ILE P 13 28.34 -14.12 -66.34
C ILE P 13 27.53 -15.14 -65.55
N PRO P 14 27.49 -15.04 -64.22
CA PRO P 14 26.63 -15.93 -63.43
C PRO P 14 25.18 -15.77 -63.86
N SER P 15 24.43 -16.86 -63.84
CA SER P 15 23.04 -16.75 -64.35
C SER P 15 22.22 -15.94 -63.36
N ASN P 16 21.08 -15.42 -63.79
CA ASN P 16 20.30 -14.51 -62.90
C ASN P 16 18.82 -14.69 -63.12
N THR P 17 18.43 -15.45 -64.15
CA THR P 17 17.01 -15.51 -64.47
C THR P 17 16.20 -16.06 -63.31
N ASP P 18 15.05 -15.45 -63.06
CA ASP P 18 14.19 -15.92 -61.97
C ASP P 18 13.80 -17.36 -62.19
N TYR P 19 13.85 -18.17 -61.14
CA TYR P 19 13.58 -19.58 -61.29
C TYR P 19 12.96 -20.01 -59.98
N PRO P 20 11.66 -20.16 -59.92
CA PRO P 20 11.04 -20.74 -58.73
C PRO P 20 11.48 -22.17 -58.50
N GLY P 21 11.41 -23.01 -59.52
CA GLY P 21 11.86 -24.38 -59.39
C GLY P 21 10.88 -25.23 -58.62
N PRO P 22 11.19 -26.52 -58.49
CA PRO P 22 10.25 -27.44 -57.83
C PRO P 22 9.78 -26.97 -56.47
N HIS P 23 10.64 -26.30 -55.73
CA HIS P 23 10.26 -25.80 -54.42
C HIS P 23 10.21 -24.34 -54.70
N HIS P 24 9.01 -23.76 -54.67
CA HIS P 24 8.93 -22.37 -55.07
C HIS P 24 9.86 -21.66 -54.14
N PHE P 25 10.78 -20.90 -54.70
CA PHE P 25 11.80 -20.28 -53.88
C PHE P 25 11.47 -18.82 -53.81
N GLU P 26 11.07 -18.33 -52.64
CA GLU P 26 10.84 -16.90 -52.58
C GLU P 26 11.87 -16.25 -51.68
N VAL P 27 12.22 -15.01 -52.00
CA VAL P 27 13.14 -14.24 -51.18
C VAL P 27 12.45 -12.92 -50.85
N THR P 28 11.90 -12.82 -49.66
CA THR P 28 11.25 -11.60 -49.23
C THR P 28 12.00 -10.95 -48.08
N PHE P 29 11.48 -9.79 -47.70
CA PHE P 29 12.02 -8.94 -46.65
C PHE P 29 10.93 -8.65 -45.63
N GLN P 30 11.33 -8.46 -44.38
CA GLN P 30 10.38 -8.11 -43.34
C GLN P 30 10.06 -6.62 -43.41
N GLN P 31 9.24 -6.16 -42.49
CA GLN P 31 9.03 -4.72 -42.32
C GLN P 31 10.35 -3.99 -42.09
N SER P 32 10.43 -2.75 -42.57
CA SER P 32 11.68 -2.02 -42.50
C SER P 32 11.46 -0.65 -41.84
N SER P 33 12.57 -0.04 -41.42
CA SER P 33 12.55 1.29 -40.80
C SER P 33 12.58 2.38 -41.88
N THR P 34 11.89 3.49 -41.59
CA THR P 34 11.78 4.61 -42.56
C THR P 34 12.92 5.59 -42.32
N ALA P 35 13.70 5.35 -41.26
CA ALA P 35 14.76 6.28 -40.89
C ALA P 35 15.71 6.58 -42.05
N LYS P 36 16.02 7.87 -42.21
CA LYS P 36 17.01 8.27 -43.19
C LYS P 36 18.32 7.47 -43.08
N SER P 37 18.80 7.22 -41.85
CA SER P 37 19.99 6.42 -41.64
C SER P 37 19.66 5.09 -40.95
N ALA P 38 18.56 4.45 -41.37
CA ALA P 38 18.23 3.09 -40.98
C ALA P 38 19.35 2.13 -41.35
N THR P 39 19.35 0.95 -40.73
CA THR P 39 20.42 0.03 -41.07
C THR P 39 20.16 -0.62 -42.43
N TRP P 40 18.90 -0.83 -42.79
CA TRP P 40 18.53 -1.34 -44.11
C TRP P 40 17.07 -1.06 -44.43
N THR P 41 16.78 -0.99 -45.72
CA THR P 41 15.39 -0.90 -46.16
C THR P 41 15.27 -1.46 -47.58
N TYR P 42 14.07 -1.91 -47.93
CA TYR P 42 13.82 -2.51 -49.24
C TYR P 42 12.62 -1.86 -49.95
N SER P 43 12.77 -1.59 -51.26
CA SER P 43 11.72 -0.99 -52.08
C SER P 43 11.08 -2.03 -52.99
N PRO P 44 9.91 -2.55 -52.68
CA PRO P 44 9.23 -3.41 -53.65
C PRO P 44 9.00 -2.73 -55.00
N LEU P 45 8.70 -1.43 -55.02
CA LEU P 45 8.50 -0.74 -56.29
C LEU P 45 9.72 -0.85 -57.18
N LEU P 46 10.89 -0.58 -56.59
CA LEU P 46 12.15 -0.68 -57.30
C LEU P 46 12.75 -2.07 -57.22
N LYS P 47 12.25 -2.92 -56.32
CA LYS P 47 12.79 -4.25 -56.10
C LYS P 47 14.33 -4.17 -55.90
N LYS P 48 14.72 -3.34 -54.93
CA LYS P 48 16.08 -2.87 -54.69
C LYS P 48 16.24 -2.79 -53.17
N LEU P 49 17.42 -3.20 -52.69
CA LEU P 49 17.77 -3.29 -51.27
C LEU P 49 18.74 -2.18 -50.97
N TYR P 50 18.51 -1.46 -49.89
CA TYR P 50 19.40 -0.40 -49.48
C TYR P 50 19.95 -0.79 -48.12
N CYS P 51 21.28 -0.93 -48.02
CA CYS P 51 21.81 -1.43 -46.77
C CYS P 51 23.04 -0.62 -46.37
N GLN P 52 23.34 -0.65 -45.09
CA GLN P 52 24.50 0.02 -44.58
C GLN P 52 25.60 -0.97 -44.56
N ILE P 53 26.81 -0.48 -44.40
CA ILE P 53 27.96 -1.35 -44.40
C ILE P 53 28.09 -2.04 -43.09
N ALA P 54 28.56 -3.26 -43.11
CA ALA P 54 28.80 -4.03 -41.91
C ALA P 54 27.68 -4.21 -40.93
N LYS P 55 26.45 -3.90 -41.32
CA LYS P 55 25.32 -4.02 -40.40
C LYS P 55 24.45 -5.22 -40.77
N THR P 56 23.63 -5.62 -39.82
CA THR P 56 22.94 -6.90 -39.94
C THR P 56 21.83 -6.83 -40.96
N CYS P 57 21.92 -7.60 -42.02
CA CYS P 57 20.88 -7.47 -43.02
C CYS P 57 20.08 -8.77 -43.11
N PRO P 58 18.81 -8.79 -42.62
CA PRO P 58 18.05 -10.06 -42.58
C PRO P 58 17.37 -10.36 -43.89
N ILE P 59 17.60 -11.53 -44.48
CA ILE P 59 16.90 -11.98 -45.67
C ILE P 59 15.99 -13.11 -45.25
N GLN P 60 14.77 -13.12 -45.78
CA GLN P 60 13.83 -14.17 -45.48
C GLN P 60 13.82 -15.09 -46.70
N ILE P 61 13.79 -16.40 -46.45
CA ILE P 61 13.76 -17.40 -47.50
C ILE P 61 12.54 -18.26 -47.27
N LYS P 62 11.63 -18.32 -48.24
CA LYS P 62 10.50 -19.22 -48.16
C LYS P 62 10.51 -20.19 -49.34
N VAL P 63 10.30 -21.47 -49.02
CA VAL P 63 10.10 -22.54 -49.99
C VAL P 63 8.80 -23.23 -49.62
N SER P 64 8.03 -23.65 -50.64
CA SER P 64 6.72 -24.28 -50.43
C SER P 64 6.82 -25.73 -49.96
N THR P 65 7.89 -26.42 -50.34
CA THR P 65 8.15 -27.79 -49.96
C THR P 65 9.61 -27.91 -49.58
N PRO P 66 9.91 -28.62 -48.50
CA PRO P 66 11.30 -28.74 -48.09
C PRO P 66 12.12 -29.32 -49.21
N PRO P 67 13.33 -28.82 -49.39
CA PRO P 67 14.23 -29.32 -50.42
C PRO P 67 15.00 -30.52 -49.91
N PRO P 68 15.78 -31.21 -50.75
CA PRO P 68 16.45 -32.46 -50.31
C PRO P 68 17.48 -32.19 -49.24
N PRO P 69 17.98 -33.24 -48.56
CA PRO P 69 19.08 -33.03 -47.60
C PRO P 69 20.33 -32.56 -48.33
N GLY P 70 21.17 -31.83 -47.61
CA GLY P 70 22.34 -31.23 -48.22
C GLY P 70 22.10 -30.00 -49.07
N THR P 71 20.88 -29.49 -49.13
CA THR P 71 20.59 -28.29 -49.90
C THR P 71 21.24 -27.10 -49.24
N ALA P 72 21.68 -26.14 -50.06
CA ALA P 72 22.42 -25.00 -49.57
C ALA P 72 21.88 -23.72 -50.20
N ILE P 73 22.22 -22.61 -49.57
CA ILE P 73 21.82 -21.30 -50.05
C ILE P 73 23.09 -20.48 -50.25
N ARG P 74 23.26 -20.01 -51.47
CA ARG P 74 24.45 -19.21 -51.78
C ARG P 74 24.02 -17.82 -52.25
N ALA P 75 24.73 -16.81 -51.78
CA ALA P 75 24.56 -15.44 -52.22
C ALA P 75 25.81 -15.02 -52.97
N MET P 76 25.63 -14.44 -54.16
CA MET P 76 26.77 -13.94 -54.92
C MET P 76 26.50 -12.52 -55.37
N PRO P 77 27.50 -11.63 -55.31
CA PRO P 77 27.34 -10.30 -55.94
C PRO P 77 27.80 -10.26 -57.39
N VAL P 78 26.98 -9.72 -58.28
CA VAL P 78 27.40 -9.40 -59.63
C VAL P 78 26.94 -7.97 -59.96
N TYR P 79 27.69 -7.31 -60.84
CA TYR P 79 27.35 -5.96 -61.26
C TYR P 79 26.23 -5.97 -62.29
N LYS P 80 25.37 -4.96 -62.21
CA LYS P 80 24.15 -4.90 -63.01
C LYS P 80 24.38 -4.40 -64.43
N LYS P 81 25.10 -3.29 -64.60
CA LYS P 81 25.25 -2.73 -65.93
C LYS P 81 26.13 -3.64 -66.77
N ALA P 82 25.72 -3.89 -68.02
CA ALA P 82 26.43 -4.85 -68.87
C ALA P 82 27.92 -4.62 -69.05
N GLU P 83 28.33 -3.36 -69.13
CA GLU P 83 29.72 -3.09 -69.36
C GLU P 83 30.56 -3.50 -68.18
N HIS P 84 29.93 -4.12 -67.19
CA HIS P 84 30.66 -4.46 -65.96
C HIS P 84 30.42 -5.88 -65.48
N VAL P 85 29.45 -6.61 -66.02
CA VAL P 85 29.10 -7.94 -65.53
C VAL P 85 30.30 -8.86 -65.53
N THR P 86 31.34 -8.54 -66.27
CA THR P 86 32.48 -9.44 -66.28
C THR P 86 33.50 -9.17 -65.17
N ASP P 87 33.26 -8.16 -64.33
CA ASP P 87 34.21 -7.82 -63.27
C ASP P 87 33.76 -8.42 -61.95
N VAL P 88 34.69 -9.01 -61.23
CA VAL P 88 34.29 -9.81 -60.07
C VAL P 88 34.03 -8.86 -58.91
N VAL P 89 32.88 -9.01 -58.27
CA VAL P 89 32.57 -7.99 -57.27
C VAL P 89 33.38 -8.38 -56.05
N LYS P 90 34.45 -7.67 -55.83
CA LYS P 90 35.23 -8.00 -54.64
C LYS P 90 35.20 -6.76 -53.75
N ARG P 91 36.08 -6.72 -52.77
CA ARG P 91 36.08 -5.63 -51.81
C ARG P 91 37.17 -4.63 -52.17
N CYS P 92 37.00 -3.39 -51.71
CA CYS P 92 38.01 -2.35 -52.00
C CYS P 92 39.30 -2.61 -51.26
N PRO P 93 40.45 -2.21 -51.82
CA PRO P 93 41.72 -2.45 -51.13
C PRO P 93 41.80 -1.71 -49.82
N ASN P 94 41.13 -0.56 -49.76
CA ASN P 94 41.11 0.25 -48.56
C ASN P 94 40.58 -0.53 -47.36
N HIS P 95 39.42 -1.19 -47.52
CA HIS P 95 38.81 -1.97 -46.44
C HIS P 95 39.31 -3.40 -46.35
N GLU P 96 39.86 -3.91 -47.44
CA GLU P 96 40.48 -5.23 -47.40
C GLU P 96 41.76 -5.22 -46.55
N LEU P 97 42.59 -4.18 -46.69
CA LEU P 97 43.84 -4.15 -45.97
C LEU P 97 43.73 -3.37 -44.67
N GLY P 98 42.52 -2.87 -44.35
CA GLY P 98 42.29 -2.13 -43.13
C GLY P 98 41.98 -3.04 -41.98
N ARG P 99 41.99 -2.47 -40.79
CA ARG P 99 41.92 -3.26 -39.57
C ARG P 99 40.61 -2.97 -38.83
N ASP P 100 39.50 -2.93 -39.54
CA ASP P 100 38.24 -2.54 -38.91
C ASP P 100 37.37 -3.75 -38.58
N PHE P 101 36.79 -4.35 -39.61
CA PHE P 101 36.06 -5.59 -39.41
C PHE P 101 36.89 -6.80 -39.83
N ASN P 102 38.22 -6.75 -39.65
CA ASN P 102 39.09 -7.80 -40.16
C ASN P 102 39.78 -8.63 -39.09
N GLU P 103 39.80 -8.14 -37.85
CA GLU P 103 40.52 -8.83 -36.74
C GLU P 103 39.60 -9.75 -35.95
N GLY P 104 39.68 -11.06 -36.18
CA GLY P 104 38.90 -12.04 -35.45
C GLY P 104 37.82 -12.71 -36.24
N GLN P 105 37.71 -12.44 -37.54
CA GLN P 105 36.68 -13.01 -38.39
C GLN P 105 37.14 -14.30 -39.07
N SER P 106 36.15 -15.09 -39.47
CA SER P 106 36.34 -16.29 -40.26
C SER P 106 36.07 -16.08 -41.75
N ALA P 107 35.89 -14.85 -42.18
CA ALA P 107 35.63 -14.54 -43.57
C ALA P 107 36.86 -13.88 -44.21
N PRO P 108 37.16 -14.23 -45.45
CA PRO P 108 38.25 -13.56 -46.16
C PRO P 108 38.00 -12.06 -46.27
N ALA P 109 39.08 -11.29 -46.18
CA ALA P 109 38.97 -9.85 -46.20
C ALA P 109 38.73 -9.27 -47.59
N SER P 110 38.68 -10.07 -48.65
CA SER P 110 38.20 -9.49 -49.91
C SER P 110 36.73 -9.74 -50.18
N HIS P 111 36.06 -10.60 -49.41
CA HIS P 111 34.66 -10.90 -49.71
C HIS P 111 33.77 -9.69 -49.45
N LEU P 112 32.87 -9.46 -50.37
CA LEU P 112 31.89 -8.41 -50.12
C LEU P 112 30.78 -8.90 -49.22
N ILE P 113 30.31 -10.12 -49.43
CA ILE P 113 29.09 -10.59 -48.79
C ILE P 113 29.48 -11.49 -47.63
N ARG P 114 28.88 -11.29 -46.47
CA ARG P 114 29.16 -12.15 -45.32
C ARG P 114 27.86 -12.63 -44.72
N VAL P 115 27.91 -13.84 -44.15
CA VAL P 115 26.82 -14.37 -43.35
C VAL P 115 27.15 -14.17 -41.88
N GLU P 116 26.18 -13.62 -41.14
CA GLU P 116 26.30 -13.34 -39.72
C GLU P 116 25.60 -14.42 -38.92
N GLY P 117 26.29 -14.93 -37.91
CA GLY P 117 25.68 -15.86 -36.98
C GLY P 117 25.54 -17.29 -37.45
N ASN P 118 26.58 -17.84 -38.10
CA ASN P 118 26.49 -19.21 -38.59
C ASN P 118 27.89 -19.71 -38.88
N ASN P 119 28.39 -20.59 -38.02
CA ASN P 119 29.75 -21.13 -38.16
C ASN P 119 29.88 -22.10 -39.31
N LEU P 120 28.78 -22.56 -39.90
CA LEU P 120 28.84 -23.47 -41.03
C LEU P 120 29.00 -22.75 -42.36
N SER P 121 28.77 -21.44 -42.38
CA SER P 121 28.87 -20.67 -43.62
C SER P 121 30.24 -20.83 -44.22
N GLN P 122 30.26 -21.02 -45.53
CA GLN P 122 31.48 -21.26 -46.27
C GLN P 122 31.77 -20.18 -47.29
N TYR P 123 32.99 -19.65 -47.33
CA TYR P 123 33.33 -18.60 -48.29
C TYR P 123 34.04 -19.24 -49.44
N VAL P 124 33.57 -18.97 -50.64
CA VAL P 124 33.95 -19.66 -51.85
C VAL P 124 34.69 -18.71 -52.78
N ASP P 125 35.74 -19.24 -53.42
CA ASP P 125 36.57 -18.58 -54.45
C ASP P 125 36.77 -19.58 -55.58
N ASP P 126 35.83 -19.60 -56.52
CA ASP P 126 35.87 -20.51 -57.65
C ASP P 126 37.21 -20.40 -58.36
N PRO P 127 37.98 -21.49 -58.51
CA PRO P 127 39.27 -21.38 -59.18
C PRO P 127 39.16 -21.06 -60.66
N VAL P 128 38.09 -21.49 -61.33
CA VAL P 128 37.93 -21.17 -62.74
C VAL P 128 37.45 -19.75 -62.92
N THR P 129 36.27 -19.41 -62.36
CA THR P 129 35.65 -18.13 -62.66
C THR P 129 36.27 -16.98 -61.88
N GLY P 130 36.95 -17.26 -60.78
CA GLY P 130 37.47 -16.23 -59.91
C GLY P 130 36.44 -15.54 -59.04
N ARG P 131 35.17 -15.96 -59.07
CA ARG P 131 34.10 -15.28 -58.37
C ARG P 131 34.14 -15.60 -56.88
N GLN P 132 33.55 -14.71 -56.08
CA GLN P 132 33.38 -14.96 -54.65
C GLN P 132 31.90 -15.03 -54.29
N SER P 133 31.58 -15.97 -53.39
CA SER P 133 30.23 -16.15 -52.90
C SER P 133 30.25 -16.61 -51.44
N VAL P 134 29.08 -16.59 -50.79
CA VAL P 134 28.98 -17.19 -49.47
C VAL P 134 27.80 -18.13 -49.49
N VAL P 135 27.94 -19.24 -48.77
CA VAL P 135 26.97 -20.33 -48.79
C VAL P 135 26.78 -20.81 -47.37
N VAL P 136 25.52 -21.13 -47.03
CA VAL P 136 25.17 -21.76 -45.76
C VAL P 136 24.30 -22.96 -46.08
N PRO P 137 24.24 -23.93 -45.16
CA PRO P 137 23.24 -24.99 -45.34
C PRO P 137 21.85 -24.46 -45.07
N TYR P 138 20.89 -25.00 -45.81
CA TYR P 138 19.48 -24.66 -45.65
C TYR P 138 18.95 -25.23 -44.35
N GLU P 139 18.47 -24.37 -43.47
CA GLU P 139 17.78 -24.84 -42.29
C GLU P 139 16.28 -24.60 -42.44
N PRO P 140 15.43 -25.60 -42.20
CA PRO P 140 14.00 -25.34 -42.23
C PRO P 140 13.62 -24.38 -41.11
N PRO P 141 12.58 -23.58 -41.29
CA PRO P 141 12.17 -22.66 -40.24
C PRO P 141 11.66 -23.42 -39.03
N GLN P 142 11.60 -22.71 -37.90
CA GLN P 142 11.01 -23.27 -36.70
C GLN P 142 9.57 -23.64 -37.00
N VAL P 143 9.13 -24.76 -36.42
CA VAL P 143 7.76 -25.19 -36.67
C VAL P 143 6.83 -24.01 -36.45
N GLY P 144 6.09 -23.61 -37.49
CA GLY P 144 5.16 -22.51 -37.38
C GLY P 144 5.67 -21.19 -37.89
N THR P 145 6.94 -21.11 -38.24
CA THR P 145 7.52 -19.93 -38.87
C THR P 145 7.36 -20.02 -40.39
N GLU P 146 7.20 -18.88 -41.05
CA GLU P 146 6.94 -18.92 -42.51
C GLU P 146 8.25 -18.84 -43.27
N PHE P 147 9.28 -18.27 -42.67
CA PHE P 147 10.52 -18.01 -43.46
C PHE P 147 11.81 -18.40 -42.76
N THR P 148 12.82 -18.76 -43.55
CA THR P 148 14.16 -19.01 -43.02
C THR P 148 14.97 -17.73 -43.17
N THR P 149 15.37 -17.15 -42.05
CA THR P 149 16.00 -15.85 -42.08
C THR P 149 17.50 -16.11 -42.12
N ILE P 150 18.20 -15.44 -43.03
CA ILE P 150 19.65 -15.53 -43.16
C ILE P 150 20.22 -14.14 -42.93
N LEU P 151 21.25 -14.05 -42.10
CA LEU P 151 21.81 -12.74 -41.73
C LEU P 151 22.98 -12.39 -42.64
N TYR P 152 22.84 -11.30 -43.39
CA TYR P 152 23.89 -10.94 -44.33
C TYR P 152 24.61 -9.68 -43.88
N ASN P 153 25.89 -9.60 -44.27
CA ASN P 153 26.74 -8.45 -44.03
C ASN P 153 27.38 -8.02 -45.34
N PHE P 154 27.29 -6.73 -45.64
CA PHE P 154 27.94 -6.18 -46.81
C PHE P 154 29.06 -5.24 -46.37
N MET P 155 30.28 -5.56 -46.77
CA MET P 155 31.48 -5.03 -46.11
C MET P 155 32.11 -3.84 -46.82
N CYS P 156 31.40 -3.24 -47.78
CA CYS P 156 32.05 -2.19 -48.60
C CYS P 156 30.91 -1.37 -49.19
N ASN P 157 30.95 -0.03 -49.07
CA ASN P 157 29.80 0.68 -49.59
C ASN P 157 29.88 0.71 -51.11
N SER P 158 28.70 0.87 -51.73
CA SER P 158 28.63 0.88 -53.20
C SER P 158 29.51 1.95 -53.79
N SER P 159 29.77 3.03 -53.06
CA SER P 159 30.56 4.16 -53.51
C SER P 159 32.07 4.01 -53.30
N CYS P 160 32.53 2.93 -52.66
CA CYS P 160 33.96 2.75 -52.39
C CYS P 160 34.83 2.91 -53.63
N VAL P 161 35.64 3.96 -53.71
CA VAL P 161 36.59 4.00 -54.82
C VAL P 161 37.54 2.81 -54.67
N GLY P 162 37.94 2.26 -55.80
CA GLY P 162 38.77 1.08 -55.81
C GLY P 162 38.03 -0.24 -55.63
N GLY P 163 36.72 -0.20 -55.40
CA GLY P 163 35.93 -1.42 -55.40
C GLY P 163 34.77 -1.34 -56.37
N MET P 164 33.55 -1.40 -55.84
CA MET P 164 32.35 -1.18 -56.66
C MET P 164 32.35 0.21 -57.33
N ASN P 165 32.94 1.21 -56.67
CA ASN P 165 33.14 2.55 -57.24
C ASN P 165 31.86 3.08 -57.87
N ARG P 166 30.76 3.05 -57.11
CA ARG P 166 29.45 3.60 -57.47
C ARG P 166 28.69 2.77 -58.50
N ARG P 167 29.11 1.48 -58.73
CA ARG P 167 28.47 0.56 -59.67
C ARG P 167 27.38 -0.25 -58.98
N PRO P 168 26.13 -0.21 -59.48
CA PRO P 168 25.08 -1.01 -58.84
C PRO P 168 25.31 -2.49 -59.08
N ILE P 169 24.91 -3.27 -58.08
CA ILE P 169 25.08 -4.71 -58.10
C ILE P 169 23.73 -5.38 -57.92
N LEU P 170 23.71 -6.60 -58.42
CA LEU P 170 22.59 -7.53 -58.27
C LEU P 170 23.04 -8.57 -57.26
N ILE P 171 22.14 -8.98 -56.39
CA ILE P 171 22.41 -10.02 -55.42
C ILE P 171 21.61 -11.24 -55.83
N ILE P 172 22.35 -12.27 -56.23
CA ILE P 172 21.79 -13.54 -56.68
C ILE P 172 21.71 -14.46 -55.47
N ILE P 173 20.49 -14.79 -55.08
CA ILE P 173 20.27 -15.83 -54.09
C ILE P 173 19.92 -17.09 -54.85
N THR P 174 20.65 -18.18 -54.61
CA THR P 174 20.36 -19.45 -55.27
C THR P 174 20.20 -20.53 -54.22
N LEU P 175 19.05 -21.20 -54.26
CA LEU P 175 18.84 -22.46 -53.58
C LEU P 175 19.47 -23.57 -54.41
N GLU P 176 20.28 -24.41 -53.79
CA GLU P 176 20.97 -25.39 -54.60
C GLU P 176 21.33 -26.62 -53.79
N MET P 177 21.60 -27.69 -54.54
CA MET P 177 21.96 -28.99 -53.99
C MET P 177 23.45 -29.04 -53.63
N ARG P 178 23.85 -30.18 -53.08
CA ARG P 178 25.23 -30.37 -52.58
C ARG P 178 26.25 -30.14 -53.68
N ASP P 179 25.99 -30.67 -54.86
CA ASP P 179 26.85 -30.55 -56.03
C ASP P 179 26.63 -29.26 -56.80
N GLY P 180 25.92 -28.29 -56.21
CA GLY P 180 25.69 -27.00 -56.83
C GLY P 180 24.59 -26.94 -57.87
N GLN P 181 23.96 -28.05 -58.19
CA GLN P 181 22.80 -28.04 -59.07
C GLN P 181 21.70 -27.11 -58.52
N VAL P 182 21.19 -26.25 -59.39
CA VAL P 182 20.37 -25.11 -58.96
C VAL P 182 18.90 -25.52 -58.83
N LEU P 183 18.32 -25.29 -57.66
CA LEU P 183 16.93 -25.65 -57.43
C LEU P 183 16.01 -24.44 -57.35
N GLY P 184 16.57 -23.25 -57.44
CA GLY P 184 15.83 -22.01 -57.32
C GLY P 184 16.78 -20.83 -57.44
N ARG P 185 16.34 -19.74 -58.03
CA ARG P 185 17.17 -18.56 -58.09
C ARG P 185 16.27 -17.33 -57.97
N ARG P 186 16.61 -16.42 -57.06
CA ARG P 186 15.96 -15.11 -56.99
C ARG P 186 17.05 -14.05 -56.92
N SER P 187 16.69 -12.82 -57.31
CA SER P 187 17.66 -11.74 -57.28
C SER P 187 16.98 -10.42 -56.97
N PHE P 188 17.74 -9.49 -56.42
CA PHE P 188 17.27 -8.12 -56.23
C PHE P 188 18.47 -7.21 -56.39
N GLU P 189 18.22 -5.95 -56.77
CA GLU P 189 19.29 -4.97 -56.90
C GLU P 189 19.80 -4.55 -55.53
N GLY P 190 21.12 -4.55 -55.35
CA GLY P 190 21.73 -4.21 -54.06
C GLY P 190 22.44 -2.87 -54.11
N ARG P 191 22.22 -2.05 -53.06
CA ARG P 191 22.95 -0.79 -52.90
C ARG P 191 23.35 -0.63 -51.44
N ILE P 192 24.67 -0.57 -51.20
CA ILE P 192 25.24 -0.35 -49.87
C ILE P 192 25.44 1.16 -49.69
N CYS P 193 24.80 1.77 -48.70
CA CYS P 193 24.94 3.22 -48.58
C CYS P 193 24.72 3.68 -47.15
N ALA P 194 25.30 4.84 -46.83
CA ALA P 194 25.26 5.32 -45.46
C ALA P 194 23.83 5.56 -44.99
N CYS P 195 22.99 6.12 -45.85
CA CYS P 195 21.63 6.50 -45.48
C CYS P 195 20.62 5.77 -46.35
N PRO P 196 20.34 4.50 -46.07
CA PRO P 196 19.37 3.78 -46.90
C PRO P 196 18.02 4.45 -47.01
N GLY P 197 17.55 5.08 -45.93
CA GLY P 197 16.27 5.78 -46.00
C GLY P 197 16.27 6.90 -47.02
N ARG P 198 17.29 7.76 -46.98
CA ARG P 198 17.35 8.87 -47.92
C ARG P 198 17.43 8.38 -49.35
N ASP P 199 18.29 7.40 -49.60
CA ASP P 199 18.54 6.99 -50.96
C ASP P 199 17.34 6.26 -51.56
N ARG P 200 16.68 5.40 -50.77
CA ARG P 200 15.46 4.79 -51.27
C ARG P 200 14.38 5.84 -51.61
N LYS P 201 14.30 6.91 -50.84
CA LYS P 201 13.25 7.90 -51.05
C LYS P 201 13.49 8.69 -52.34
N ALA P 202 14.75 9.05 -52.59
CA ALA P 202 15.07 9.80 -53.81
C ALA P 202 14.87 8.92 -55.04
N ASP P 203 15.15 7.62 -54.90
CA ASP P 203 15.05 6.71 -56.03
C ASP P 203 13.60 6.49 -56.41
N GLU P 204 12.72 6.29 -55.42
CA GLU P 204 11.31 6.11 -55.68
C GLU P 204 10.67 7.39 -56.19
N ASP P 205 11.08 8.54 -55.64
CA ASP P 205 10.57 9.80 -56.14
C ASP P 205 10.92 9.99 -57.62
N HIS P 206 12.16 9.67 -58.00
CA HIS P 206 12.54 9.82 -59.40
C HIS P 206 11.78 8.85 -60.28
N TYR P 207 11.50 7.66 -59.76
CA TYR P 207 10.84 6.63 -60.54
C TYR P 207 9.42 7.02 -60.94
N ARG P 208 8.70 7.71 -60.05
CA ARG P 208 7.33 8.08 -60.32
C ARG P 208 7.19 9.40 -61.06
N GLU P 209 8.13 9.73 -61.94
CA GLU P 209 8.07 10.98 -62.70
C GLU P 209 8.95 10.95 -63.96
ZN ZN GA . -38.01 -12.00 47.44
ZN ZN HA . -39.84 1.16 47.96
ZN ZN IA . -31.19 16.54 15.22
ZN ZN JA . -29.58 3.83 15.19
ZN ZN KA . 3.51 22.00 55.64
ZN ZN LA . 13.02 30.81 54.66
ZN ZN MA . 21.92 44.02 20.73
ZN ZN NA . 11.70 35.58 21.04
ZN ZN OA . -14.78 -47.70 -22.77
ZN ZN PA . -16.52 -34.68 -22.45
ZN ZN QA . -7.73 -19.49 -55.31
ZN ZN RA . -6.15 -32.29 -55.18
ZN ZN SA . 26.88 -13.60 -14.43
ZN ZN TA . 36.51 -5.08 -15.51
ZN ZN UA . 45.80 7.65 -49.40
ZN ZN VA . 35.27 -0.67 -49.19
#